data_6QS8
#
_entry.id   6QS8
#
_cell.length_a   1.00
_cell.length_b   1.00
_cell.length_c   1.00
_cell.angle_alpha   90.00
_cell.angle_beta   90.00
_cell.angle_gamma   90.00
#
_symmetry.space_group_name_H-M   'P 1'
#
loop_
_entity.id
_entity.type
_entity.pdbx_description
1 polymer 'Chaperone protein ClpB'
2 polymer casein
3 non-polymer 'PHOSPHOTHIOPHOSPHORIC ACID-ADENYLATE ESTER'
4 non-polymer 'MAGNESIUM ION'
5 non-polymer "ADENOSINE-5'-DIPHOSPHATE"
#
loop_
_entity_poly.entity_id
_entity_poly.type
_entity_poly.pdbx_seq_one_letter_code
_entity_poly.pdbx_strand_id
1 'polypeptide(L)'
;MRLDRLTNKFQLALADAQSLALGHDNQFIEPLHLMSALLNQEGGSVSPLLTSAGINAGQLRTDINQALNRLPQVEGTGGD
VQPSQDLVRVLNLCDKLAQKRGDNFISSELFVLAALESRGTLADILKAAGATTANITQAIEQMRGGESVNDQGAEDQRQA
LKKYTIDLTERAEQGKLDPVIGRDEEIRRTIQVLQRRTKNNPVLIGEPGVGKTAIVEGLAQRIINGEVPEGLKGRRVLAL
DMGALVAGAKYRGEFEERLKGVLNDLAKQEGNVILFIDALHTMVGAGKADGAMDAGNMLKPALARGELHCVGATTLDEYR
QYIEKDAALERRFQKVFVAEPSVEDTIAILRGLKERYELHHHVQITDPAIVAAATLSHRYIADRQLPDKAIDLIDEAASS
IRMQIDSKPEELDRLDRRIIQLKLEQQALMKESDEASKKRLDMLNEELSDKERQYSELEEEWKAEKASLSGTQTICAELE
QAKIAIEQARRVGDLARMSELQYGKIPELEKQLEAATQLEGKTMRLLRNKVTDAEIAEVLARWTGIPVSRMMESEREKLL
RMEQELHHRVIGQNEAVDAVSNAIRRSRAGLADPNRPIGSFLFLGPTGVGKTELCKALANFMFDSDEAMVRIDMSEFMEK
HSVSRLVGAPPGYVGYEEGGYLTEAVRRRPYSVILLDAVEKAHPDVFNILLQVLDDGRLTDGQGRTVDFRNTVVIMTSNL
GSDLIQERFGELDYAHMKELVLGVVSHNFRPEFINRIDEVVVFHPLGEQHIASIAQIQLKRLYKRLEERGYEIHISDEAL
KLLSENGYDPVYGARPLKRAIQQQIENPLAQQILSGELVPGKVIRLEVNEDRIVAVQH
;
A,B,C,D,E,F
2 'polypeptide(L)'
;(UNK)(UNK)(UNK)(UNK)(UNK)(UNK)(UNK)(UNK)(UNK)(UNK)(UNK)(UNK)(UNK)(UNK)(UNK)(UNK)
(UNK)(UNK)(UNK)(UNK)(UNK)(UNK)(UNK)(UNK)
;
S
#
# COMPACT_ATOMS: atom_id res chain seq x y z
N GLN A 159 24.88 -36.60 -7.51
CA GLN A 159 23.87 -35.91 -8.30
C GLN A 159 23.22 -34.80 -7.50
N ALA A 160 22.20 -34.17 -8.10
CA ALA A 160 21.40 -33.19 -7.41
C ALA A 160 20.09 -33.75 -6.89
N LEU A 161 19.63 -34.88 -7.45
CA LEU A 161 18.45 -35.54 -6.91
C LEU A 161 18.72 -36.13 -5.54
N LYS A 162 19.95 -36.59 -5.30
CA LYS A 162 20.29 -37.15 -4.02
C LYS A 162 20.36 -36.07 -2.94
N LYS A 163 20.66 -34.85 -3.33
CA LYS A 163 20.75 -33.76 -2.37
C LYS A 163 19.38 -33.33 -1.89
N TYR A 164 18.42 -33.18 -2.80
CA TYR A 164 17.20 -32.45 -2.48
C TYR A 164 15.92 -33.28 -2.48
N THR A 165 15.94 -34.51 -2.96
CA THR A 165 14.72 -35.30 -3.06
C THR A 165 14.75 -36.48 -2.11
N ILE A 166 13.55 -36.96 -1.78
CA ILE A 166 13.35 -38.12 -0.92
C ILE A 166 12.62 -39.16 -1.75
N ASP A 167 13.20 -40.35 -1.87
CA ASP A 167 12.61 -41.39 -2.70
C ASP A 167 11.47 -42.04 -1.92
N LEU A 168 10.23 -41.72 -2.29
CA LEU A 168 9.10 -42.30 -1.59
C LEU A 168 8.85 -43.75 -1.95
N THR A 169 9.19 -44.18 -3.17
CA THR A 169 9.01 -45.58 -3.49
C THR A 169 10.07 -46.45 -2.84
N GLU A 170 11.25 -45.89 -2.56
CA GLU A 170 12.22 -46.62 -1.76
C GLU A 170 11.73 -46.76 -0.32
N ARG A 171 11.07 -45.74 0.21
CA ARG A 171 10.51 -45.84 1.55
C ARG A 171 9.34 -46.80 1.61
N ALA A 172 8.54 -46.85 0.54
CA ALA A 172 7.47 -47.84 0.47
C ALA A 172 8.01 -49.24 0.31
N GLU A 173 9.13 -49.39 -0.41
CA GLU A 173 9.81 -50.67 -0.53
C GLU A 173 10.37 -51.13 0.80
N GLN A 174 10.81 -50.19 1.63
CA GLN A 174 11.24 -50.51 2.98
C GLN A 174 10.08 -50.61 3.96
N GLY A 175 8.86 -50.34 3.51
CA GLY A 175 7.70 -50.49 4.35
C GLY A 175 7.55 -49.43 5.42
N LYS A 176 8.23 -48.30 5.27
CA LYS A 176 8.17 -47.27 6.29
C LYS A 176 6.95 -46.37 6.15
N LEU A 177 6.17 -46.50 5.08
CA LEU A 177 5.03 -45.62 4.90
C LEU A 177 3.80 -46.19 5.61
N ASP A 178 2.71 -45.57 5.41
CA ASP A 178 1.48 -45.94 6.08
C ASP A 178 0.60 -46.82 5.20
N PRO A 179 -0.17 -47.71 5.79
CA PRO A 179 -1.15 -48.47 5.00
C PRO A 179 -2.31 -47.60 4.59
N VAL A 180 -2.17 -46.90 3.46
CA VAL A 180 -3.17 -45.94 3.02
C VAL A 180 -4.40 -46.69 2.54
N ILE A 181 -5.45 -46.68 3.36
CA ILE A 181 -6.68 -47.41 3.09
C ILE A 181 -7.77 -46.40 2.85
N GLY A 182 -8.43 -46.49 1.70
CA GLY A 182 -9.36 -45.50 1.24
C GLY A 182 -8.81 -44.78 0.03
N ARG A 183 -9.44 -43.64 -0.28
CA ARG A 183 -8.95 -42.65 -1.25
C ARG A 183 -8.76 -43.21 -2.65
N ASP A 184 -9.53 -44.24 -3.02
CA ASP A 184 -9.23 -44.97 -4.25
C ASP A 184 -9.62 -44.18 -5.49
N GLU A 185 -10.70 -43.40 -5.41
CA GLU A 185 -11.11 -42.56 -6.54
C GLU A 185 -10.06 -41.50 -6.83
N GLU A 186 -9.44 -40.92 -5.79
CA GLU A 186 -8.47 -39.87 -6.04
C GLU A 186 -7.17 -40.41 -6.59
N ILE A 187 -6.78 -41.63 -6.22
CA ILE A 187 -5.60 -42.22 -6.83
C ILE A 187 -5.89 -42.60 -8.27
N ARG A 188 -7.12 -43.04 -8.56
CA ARG A 188 -7.51 -43.31 -9.94
C ARG A 188 -7.51 -42.02 -10.76
N ARG A 189 -7.92 -40.91 -10.15
CA ARG A 189 -7.94 -39.64 -10.86
C ARG A 189 -6.54 -39.11 -11.10
N THR A 190 -5.64 -39.26 -10.11
CA THR A 190 -4.24 -38.89 -10.30
C THR A 190 -3.58 -39.72 -11.38
N ILE A 191 -3.89 -41.00 -11.45
CA ILE A 191 -3.34 -41.81 -12.53
C ILE A 191 -4.00 -41.46 -13.87
N GLN A 192 -5.23 -40.93 -13.86
CA GLN A 192 -5.76 -40.38 -15.11
C GLN A 192 -5.03 -39.13 -15.52
N VAL A 193 -4.54 -38.34 -14.56
CA VAL A 193 -3.82 -37.12 -14.96
C VAL A 193 -2.37 -37.44 -15.27
N LEU A 194 -1.74 -38.34 -14.53
CA LEU A 194 -0.33 -38.63 -14.77
C LEU A 194 -0.07 -39.43 -16.03
N GLN A 195 -1.09 -39.78 -16.82
CA GLN A 195 -0.87 -40.53 -18.05
C GLN A 195 -1.34 -39.77 -19.28
N ARG A 196 -1.31 -38.45 -19.21
CA ARG A 196 -1.65 -37.66 -20.39
C ARG A 196 -0.41 -37.53 -21.27
N ARG A 197 -0.52 -36.81 -22.38
CA ARG A 197 0.70 -36.60 -23.14
C ARG A 197 1.34 -35.27 -22.80
N THR A 198 0.54 -34.22 -22.71
CA THR A 198 0.98 -32.95 -22.18
C THR A 198 0.14 -32.63 -20.95
N LYS A 199 0.72 -31.81 -20.06
CA LYS A 199 0.16 -31.44 -18.77
C LYS A 199 -0.13 -32.68 -17.92
N ASN A 200 0.94 -33.37 -17.53
CA ASN A 200 0.86 -34.57 -16.72
C ASN A 200 0.91 -34.28 -15.25
N ASN A 201 0.35 -33.17 -14.81
CA ASN A 201 0.74 -32.56 -13.56
C ASN A 201 -0.48 -32.37 -12.69
N PRO A 202 -0.86 -33.36 -11.90
CA PRO A 202 -1.99 -33.17 -10.99
C PRO A 202 -1.59 -32.39 -9.77
N VAL A 203 -2.39 -31.41 -9.41
CA VAL A 203 -2.25 -30.73 -8.13
C VAL A 203 -3.35 -31.24 -7.22
N LEU A 204 -2.97 -31.76 -6.06
CA LEU A 204 -3.93 -32.23 -5.10
C LEU A 204 -4.39 -31.06 -4.25
N ILE A 205 -5.70 -30.91 -4.08
CA ILE A 205 -6.26 -29.70 -3.51
C ILE A 205 -7.28 -30.08 -2.45
N GLY A 206 -7.07 -29.57 -1.23
CA GLY A 206 -8.03 -29.72 -0.16
C GLY A 206 -7.53 -28.96 1.04
N GLU A 207 -8.44 -28.71 1.98
CA GLU A 207 -8.10 -28.06 3.23
C GLU A 207 -7.14 -28.94 4.05
N PRO A 208 -6.30 -28.35 4.90
CA PRO A 208 -5.20 -29.13 5.48
C PRO A 208 -5.66 -30.17 6.47
N GLY A 209 -5.05 -31.35 6.38
CA GLY A 209 -5.37 -32.47 7.23
C GLY A 209 -6.08 -33.60 6.53
N VAL A 210 -6.54 -33.39 5.28
CA VAL A 210 -7.35 -34.40 4.61
C VAL A 210 -6.52 -35.47 3.95
N GLY A 211 -5.20 -35.44 4.10
CA GLY A 211 -4.38 -36.57 3.67
C GLY A 211 -4.07 -36.63 2.19
N LYS A 212 -3.31 -35.65 1.71
CA LYS A 212 -2.88 -35.57 0.32
C LYS A 212 -1.51 -36.22 0.14
N THR A 213 -0.63 -36.00 1.10
CA THR A 213 0.61 -36.78 1.20
C THR A 213 0.29 -38.26 1.38
N ALA A 214 -0.82 -38.57 2.05
CA ALA A 214 -1.29 -39.95 2.16
C ALA A 214 -1.66 -40.52 0.80
N ILE A 215 -2.26 -39.71 -0.07
CA ILE A 215 -2.60 -40.16 -1.41
C ILE A 215 -1.35 -40.43 -2.22
N VAL A 216 -0.32 -39.59 -2.08
CA VAL A 216 0.89 -39.84 -2.84
C VAL A 216 1.67 -41.03 -2.27
N GLU A 217 1.58 -41.26 -0.95
CA GLU A 217 2.18 -42.45 -0.37
C GLU A 217 1.45 -43.72 -0.81
N GLY A 218 0.13 -43.64 -0.94
CA GLY A 218 -0.61 -44.76 -1.50
C GLY A 218 -0.29 -45.00 -2.95
N LEU A 219 -0.03 -43.93 -3.70
CA LEU A 219 0.39 -44.07 -5.09
C LEU A 219 1.75 -44.74 -5.18
N ALA A 220 2.65 -44.41 -4.27
CA ALA A 220 3.96 -45.04 -4.26
C ALA A 220 3.87 -46.51 -3.88
N GLN A 221 2.99 -46.84 -2.93
CA GLN A 221 2.79 -48.25 -2.59
C GLN A 221 2.14 -49.03 -3.72
N ARG A 222 1.26 -48.39 -4.50
CA ARG A 222 0.70 -49.10 -5.64
C ARG A 222 1.71 -49.28 -6.76
N ILE A 223 2.65 -48.34 -6.90
CA ILE A 223 3.73 -48.54 -7.87
C ILE A 223 4.63 -49.69 -7.43
N ILE A 224 4.85 -49.81 -6.12
CA ILE A 224 5.65 -50.92 -5.60
C ILE A 224 4.93 -52.26 -5.82
N ASN A 225 3.67 -52.34 -5.43
CA ASN A 225 2.95 -53.61 -5.54
C ASN A 225 2.63 -53.95 -6.98
N GLY A 226 2.17 -52.97 -7.75
CA GLY A 226 1.86 -53.21 -9.15
C GLY A 226 0.39 -53.03 -9.46
N GLU A 227 -0.29 -52.20 -8.69
CA GLU A 227 -1.69 -51.89 -8.92
C GLU A 227 -1.88 -50.68 -9.82
N VAL A 228 -0.89 -50.37 -10.65
CA VAL A 228 -0.94 -49.23 -11.57
C VAL A 228 -0.97 -49.78 -12.98
N PRO A 229 -1.36 -49.00 -14.00
CA PRO A 229 -1.30 -49.50 -15.38
C PRO A 229 0.10 -49.71 -15.93
N GLU A 230 0.19 -50.08 -17.20
CA GLU A 230 1.48 -50.35 -17.84
C GLU A 230 2.11 -49.09 -18.39
N GLY A 231 2.15 -48.04 -17.58
CA GLY A 231 2.82 -46.81 -17.94
C GLY A 231 3.43 -46.25 -16.69
N LEU A 232 3.23 -46.97 -15.60
CA LEU A 232 3.70 -46.53 -14.30
C LEU A 232 4.47 -47.60 -13.54
N LYS A 233 4.62 -48.79 -14.09
CA LYS A 233 5.40 -49.83 -13.42
C LYS A 233 6.87 -49.48 -13.49
N GLY A 234 7.54 -49.49 -12.34
CA GLY A 234 8.94 -49.17 -12.28
C GLY A 234 9.24 -47.70 -12.11
N ARG A 235 8.23 -46.86 -11.94
CA ARG A 235 8.47 -45.45 -11.70
C ARG A 235 9.05 -45.23 -10.31
N ARG A 236 9.54 -44.02 -10.09
CA ARG A 236 10.06 -43.59 -8.82
C ARG A 236 9.37 -42.29 -8.46
N VAL A 237 8.82 -42.22 -7.26
CA VAL A 237 8.18 -40.99 -6.77
C VAL A 237 9.19 -40.29 -5.88
N LEU A 238 9.65 -39.13 -6.32
CA LEU A 238 10.69 -38.37 -5.63
C LEU A 238 10.08 -37.11 -5.06
N ALA A 239 10.10 -36.98 -3.75
CA ALA A 239 9.50 -35.83 -3.07
C ALA A 239 10.49 -34.68 -3.11
N LEU A 240 10.27 -33.71 -3.99
CA LEU A 240 11.13 -32.56 -4.06
C LEU A 240 10.82 -31.62 -2.90
N ASP A 241 11.84 -30.92 -2.42
CA ASP A 241 11.71 -30.01 -1.28
C ASP A 241 11.94 -28.58 -1.77
N MET A 242 10.85 -27.82 -1.92
CA MET A 242 10.97 -26.40 -2.23
C MET A 242 11.60 -25.61 -1.11
N GLY A 243 11.50 -26.08 0.14
CA GLY A 243 12.15 -25.37 1.23
C GLY A 243 13.64 -25.56 1.28
N ALA A 244 14.17 -26.55 0.57
CA ALA A 244 15.60 -26.85 0.59
C ALA A 244 16.35 -26.31 -0.60
N LEU A 245 15.65 -25.76 -1.59
CA LEU A 245 16.33 -25.13 -2.71
C LEU A 245 16.52 -23.64 -2.52
N VAL A 246 15.75 -23.02 -1.63
CA VAL A 246 15.79 -21.57 -1.45
C VAL A 246 16.54 -21.34 -0.14
N ALA A 247 17.45 -22.27 0.19
CA ALA A 247 18.17 -22.18 1.44
C ALA A 247 19.27 -21.12 1.38
N GLY A 248 20.26 -21.33 0.53
CA GLY A 248 21.32 -20.35 0.36
C GLY A 248 20.98 -19.33 -0.71
N ALA A 249 20.02 -18.46 -0.41
CA ALA A 249 19.57 -17.46 -1.37
C ALA A 249 20.34 -16.16 -1.21
N LYS A 250 21.67 -16.26 -1.23
CA LYS A 250 22.52 -15.09 -1.07
C LYS A 250 22.85 -14.45 -2.40
N TYR A 251 23.45 -15.23 -3.30
CA TYR A 251 24.12 -14.71 -4.47
C TYR A 251 23.23 -14.82 -5.69
N ARG A 252 23.56 -14.05 -6.72
CA ARG A 252 22.85 -14.14 -8.00
C ARG A 252 23.10 -15.48 -8.65
N GLY A 253 22.03 -16.17 -9.02
CA GLY A 253 22.17 -17.43 -9.70
C GLY A 253 22.73 -18.45 -8.73
N GLU A 254 21.97 -18.76 -7.69
CA GLU A 254 22.40 -19.80 -6.79
C GLU A 254 21.21 -20.73 -6.64
N PHE A 255 20.02 -20.16 -6.75
CA PHE A 255 18.81 -20.97 -6.81
C PHE A 255 18.64 -21.61 -8.17
N GLU A 256 19.01 -20.89 -9.23
CA GLU A 256 18.81 -21.41 -10.57
C GLU A 256 19.74 -22.55 -10.88
N GLU A 257 20.92 -22.60 -10.26
CA GLU A 257 21.82 -23.72 -10.51
C GLU A 257 21.30 -24.98 -9.83
N ARG A 258 20.75 -24.84 -8.62
CA ARG A 258 20.12 -25.95 -7.93
C ARG A 258 18.94 -26.49 -8.72
N LEU A 259 18.07 -25.59 -9.16
CA LEU A 259 16.85 -26.00 -9.85
C LEU A 259 17.16 -26.59 -11.22
N LYS A 260 18.14 -26.01 -11.92
CA LYS A 260 18.54 -26.55 -13.20
C LYS A 260 19.23 -27.89 -13.03
N GLY A 261 19.92 -28.10 -11.91
CA GLY A 261 20.51 -29.40 -11.66
C GLY A 261 19.47 -30.47 -11.43
N VAL A 262 18.40 -30.13 -10.70
CA VAL A 262 17.32 -31.10 -10.49
C VAL A 262 16.59 -31.39 -11.79
N LEU A 263 16.37 -30.37 -12.63
CA LEU A 263 15.70 -30.60 -13.91
C LEU A 263 16.56 -31.41 -14.87
N ASN A 264 17.87 -31.18 -14.89
CA ASN A 264 18.74 -31.98 -15.75
C ASN A 264 18.84 -33.42 -15.27
N ASP A 265 18.80 -33.65 -13.96
CA ASP A 265 18.85 -35.04 -13.50
C ASP A 265 17.51 -35.74 -13.71
N LEU A 266 16.39 -35.04 -13.60
CA LEU A 266 15.10 -35.63 -13.95
C LEU A 266 15.00 -35.88 -15.45
N ALA A 267 15.66 -35.05 -16.26
CA ALA A 267 15.69 -35.32 -17.69
C ALA A 267 16.65 -36.45 -18.03
N LYS A 268 17.63 -36.73 -17.17
CA LYS A 268 18.55 -37.82 -17.46
C LYS A 268 17.89 -39.19 -17.23
N GLN A 269 16.85 -39.25 -16.41
CA GLN A 269 16.19 -40.51 -16.07
C GLN A 269 15.19 -40.99 -17.12
N GLU A 270 15.01 -40.23 -18.20
CA GLU A 270 14.15 -40.57 -19.34
C GLU A 270 12.68 -40.75 -18.92
N GLY A 271 12.17 -39.76 -18.18
CA GLY A 271 10.75 -39.73 -17.87
C GLY A 271 10.28 -40.82 -16.95
N ASN A 272 11.17 -41.37 -16.14
CA ASN A 272 10.87 -42.50 -15.28
C ASN A 272 10.65 -42.07 -13.84
N VAL A 273 10.63 -40.76 -13.58
CA VAL A 273 10.52 -40.25 -12.22
C VAL A 273 9.32 -39.33 -12.12
N ILE A 274 8.36 -39.70 -11.29
CA ILE A 274 7.32 -38.78 -10.89
C ILE A 274 7.87 -37.87 -9.81
N LEU A 275 7.69 -36.57 -9.96
CA LEU A 275 8.13 -35.62 -8.96
C LEU A 275 6.93 -35.24 -8.10
N PHE A 276 7.18 -34.97 -6.83
CA PHE A 276 6.13 -34.57 -5.90
C PHE A 276 6.56 -33.32 -5.14
N ILE A 277 5.84 -32.24 -5.34
CA ILE A 277 6.10 -30.98 -4.66
C ILE A 277 4.93 -30.71 -3.73
N ASP A 278 5.11 -30.91 -2.45
CA ASP A 278 4.08 -30.47 -1.53
C ASP A 278 4.30 -29.01 -1.19
N ALA A 279 3.22 -28.35 -0.78
CA ALA A 279 3.12 -26.90 -0.68
C ALA A 279 3.58 -26.27 -1.98
N LEU A 280 2.80 -26.54 -3.03
CA LEU A 280 3.15 -26.12 -4.39
C LEU A 280 3.17 -24.61 -4.55
N HIS A 281 2.49 -23.89 -3.68
CA HIS A 281 2.54 -22.43 -3.68
C HIS A 281 3.90 -21.86 -3.31
N THR A 282 4.84 -22.69 -2.84
CA THR A 282 6.19 -22.23 -2.60
C THR A 282 6.95 -22.04 -3.91
N MET A 283 6.47 -22.64 -4.98
CA MET A 283 7.06 -22.45 -6.31
C MET A 283 6.83 -21.04 -6.84
N VAL A 284 5.73 -20.40 -6.48
CA VAL A 284 5.42 -19.09 -7.04
C VAL A 284 6.30 -18.01 -6.41
N GLY A 285 6.39 -17.99 -5.09
CA GLY A 285 7.31 -17.08 -4.46
C GLY A 285 8.65 -17.72 -4.16
N ALA A 286 9.62 -17.55 -5.04
CA ALA A 286 10.97 -18.08 -4.82
C ALA A 286 12.04 -17.12 -5.30
N GLY A 287 11.77 -15.82 -5.27
CA GLY A 287 12.70 -14.82 -5.75
C GLY A 287 12.03 -13.54 -6.23
N MET A 293 11.23 -15.63 -13.75
CA MET A 293 12.12 -15.30 -12.65
C MET A 293 12.63 -16.55 -11.93
N ASP A 294 11.80 -17.14 -11.06
CA ASP A 294 12.39 -18.01 -10.06
C ASP A 294 12.27 -19.53 -10.24
N ALA A 295 11.08 -20.09 -10.07
CA ALA A 295 10.92 -21.53 -9.93
C ALA A 295 9.78 -21.98 -10.81
N GLY A 296 8.80 -21.09 -11.00
CA GLY A 296 7.80 -21.34 -11.99
C GLY A 296 8.33 -21.20 -13.40
N ASN A 297 9.18 -20.21 -13.63
CA ASN A 297 9.59 -19.91 -14.98
C ASN A 297 10.66 -20.84 -15.52
N MET A 298 11.23 -21.70 -14.69
CA MET A 298 12.14 -22.72 -15.17
C MET A 298 11.48 -24.08 -15.30
N LEU A 299 10.58 -24.40 -14.37
CA LEU A 299 9.81 -25.63 -14.48
C LEU A 299 8.80 -25.56 -15.60
N LYS A 300 8.27 -24.38 -15.86
CA LYS A 300 7.10 -24.12 -16.69
C LYS A 300 7.19 -24.61 -18.15
N PRO A 301 8.32 -24.49 -18.87
CA PRO A 301 8.39 -25.16 -20.16
C PRO A 301 8.42 -26.68 -20.09
N ALA A 302 9.06 -27.25 -19.08
CA ALA A 302 9.05 -28.70 -18.96
C ALA A 302 7.71 -29.21 -18.48
N LEU A 303 6.98 -28.40 -17.71
CA LEU A 303 5.63 -28.79 -17.32
C LEU A 303 4.66 -28.74 -18.48
N ALA A 304 4.83 -27.78 -19.40
CA ALA A 304 3.89 -27.64 -20.50
C ALA A 304 3.96 -28.83 -21.46
N ARG A 305 5.16 -29.32 -21.73
CA ARG A 305 5.35 -30.35 -22.75
C ARG A 305 5.28 -31.75 -22.17
N GLY A 306 4.88 -31.89 -20.92
CA GLY A 306 4.70 -33.21 -20.35
C GLY A 306 5.98 -33.97 -20.11
N GLU A 307 7.11 -33.28 -20.06
CA GLU A 307 8.39 -33.91 -19.81
C GLU A 307 8.68 -34.07 -18.33
N LEU A 308 7.88 -33.43 -17.50
CA LEU A 308 7.98 -33.52 -16.05
C LEU A 308 6.60 -33.88 -15.51
N HIS A 309 6.58 -34.76 -14.52
CA HIS A 309 5.32 -35.37 -14.10
C HIS A 309 4.96 -34.92 -12.70
N CYS A 310 5.07 -33.62 -12.45
CA CYS A 310 5.02 -33.03 -11.13
C CYS A 310 3.68 -33.17 -10.44
N VAL A 311 3.56 -34.08 -9.48
CA VAL A 311 2.35 -34.19 -8.67
C VAL A 311 2.43 -33.10 -7.62
N GLY A 312 1.73 -32.03 -7.81
CA GLY A 312 1.73 -31.00 -6.80
C GLY A 312 0.77 -31.35 -5.70
N ALA A 313 0.85 -30.59 -4.61
CA ALA A 313 -0.07 -30.76 -3.50
C ALA A 313 -0.11 -29.44 -2.77
N THR A 314 -1.30 -28.85 -2.63
CA THR A 314 -1.41 -27.57 -1.97
C THR A 314 -2.82 -27.42 -1.41
N THR A 315 -2.94 -26.55 -0.44
CA THR A 315 -4.23 -26.22 0.14
C THR A 315 -5.06 -25.44 -0.88
N LEU A 316 -6.38 -25.60 -0.80
CA LEU A 316 -7.32 -24.91 -1.69
C LEU A 316 -7.17 -23.39 -1.61
N ASP A 317 -7.07 -22.84 -0.41
CA ASP A 317 -7.02 -21.39 -0.27
C ASP A 317 -5.66 -20.85 -0.72
N GLU A 318 -4.58 -21.57 -0.44
CA GLU A 318 -3.29 -21.22 -0.99
C GLU A 318 -3.25 -21.40 -2.49
N TYR A 319 -4.00 -22.36 -3.04
CA TYR A 319 -4.05 -22.53 -4.48
C TYR A 319 -4.72 -21.35 -5.16
N ARG A 320 -5.91 -21.00 -4.71
CA ARG A 320 -6.58 -19.86 -5.31
C ARG A 320 -5.96 -18.52 -4.93
N GLN A 321 -5.06 -18.50 -3.95
CA GLN A 321 -4.36 -17.25 -3.65
C GLN A 321 -3.08 -17.08 -4.46
N TYR A 322 -2.38 -18.17 -4.77
CA TYR A 322 -1.08 -18.07 -5.40
C TYR A 322 -1.01 -18.61 -6.81
N ILE A 323 -1.67 -19.73 -7.11
CA ILE A 323 -1.47 -20.40 -8.40
C ILE A 323 -2.52 -20.00 -9.42
N GLU A 324 -3.78 -19.82 -9.01
CA GLU A 324 -4.77 -19.32 -9.96
C GLU A 324 -4.56 -17.87 -10.32
N LYS A 325 -3.82 -17.13 -9.50
CA LYS A 325 -3.43 -15.78 -9.84
C LYS A 325 -2.56 -15.75 -11.10
N ASP A 326 -1.77 -16.79 -11.32
CA ASP A 326 -0.86 -16.87 -12.44
C ASP A 326 -1.41 -17.85 -13.46
N ALA A 327 -1.97 -17.32 -14.55
CA ALA A 327 -2.76 -18.12 -15.47
C ALA A 327 -1.94 -19.13 -16.26
N ALA A 328 -0.65 -18.88 -16.45
CA ALA A 328 0.19 -19.84 -17.16
C ALA A 328 0.48 -21.06 -16.30
N LEU A 329 0.93 -20.84 -15.08
CA LEU A 329 1.23 -21.94 -14.18
C LEU A 329 -0.04 -22.66 -13.77
N GLU A 330 -1.17 -21.94 -13.73
CA GLU A 330 -2.46 -22.57 -13.51
C GLU A 330 -2.85 -23.45 -14.69
N ARG A 331 -2.45 -23.05 -15.90
CA ARG A 331 -2.73 -23.89 -17.06
C ARG A 331 -1.91 -25.18 -17.01
N ARG A 332 -0.69 -25.12 -16.49
CA ARG A 332 0.16 -26.32 -16.49
C ARG A 332 -0.26 -27.39 -15.48
N PHE A 333 -1.25 -27.14 -14.62
CA PHE A 333 -1.66 -28.09 -13.60
C PHE A 333 -3.14 -28.44 -13.69
N GLN A 334 -3.47 -29.63 -13.21
CA GLN A 334 -4.83 -30.15 -13.25
C GLN A 334 -5.29 -30.43 -11.84
N LYS A 335 -6.48 -29.96 -11.49
CA LYS A 335 -6.96 -30.04 -10.12
C LYS A 335 -7.52 -31.42 -9.84
N VAL A 336 -6.98 -32.09 -8.84
CA VAL A 336 -7.53 -33.33 -8.32
C VAL A 336 -8.03 -33.01 -6.92
N PHE A 337 -9.32 -32.74 -6.81
CA PHE A 337 -9.89 -32.18 -5.59
C PHE A 337 -9.96 -33.26 -4.53
N VAL A 338 -9.18 -33.10 -3.47
CA VAL A 338 -9.18 -34.05 -2.36
C VAL A 338 -10.21 -33.56 -1.35
N ALA A 339 -11.37 -34.20 -1.35
CA ALA A 339 -12.44 -33.80 -0.45
C ALA A 339 -12.26 -34.45 0.92
N GLU A 340 -12.71 -33.73 1.92
CA GLU A 340 -12.55 -34.15 3.31
C GLU A 340 -13.42 -35.38 3.58
N PRO A 341 -12.89 -36.40 4.25
CA PRO A 341 -13.63 -37.67 4.35
C PRO A 341 -14.78 -37.58 5.34
N SER A 342 -15.64 -38.58 5.26
CA SER A 342 -16.81 -38.66 6.12
C SER A 342 -16.41 -39.28 7.46
N VAL A 343 -17.40 -39.61 8.28
CA VAL A 343 -17.11 -40.15 9.60
C VAL A 343 -16.77 -41.63 9.51
N GLU A 344 -17.50 -42.39 8.69
CA GLU A 344 -17.23 -43.82 8.52
C GLU A 344 -15.87 -44.05 7.88
N ASP A 345 -15.46 -43.17 6.98
CA ASP A 345 -14.16 -43.30 6.33
C ASP A 345 -13.03 -43.10 7.33
N THR A 346 -13.23 -42.18 8.28
CA THR A 346 -12.27 -41.98 9.35
C THR A 346 -12.17 -43.22 10.23
N ILE A 347 -13.31 -43.88 10.46
CA ILE A 347 -13.34 -45.12 11.23
C ILE A 347 -12.58 -46.22 10.50
N ALA A 348 -12.74 -46.29 9.18
CA ALA A 348 -12.02 -47.31 8.40
C ALA A 348 -10.53 -47.04 8.38
N ILE A 349 -10.15 -45.76 8.32
CA ILE A 349 -8.73 -45.39 8.37
C ILE A 349 -8.13 -45.77 9.71
N LEU A 350 -8.83 -45.45 10.80
CA LEU A 350 -8.31 -45.74 12.13
C LEU A 350 -8.28 -47.23 12.41
N ARG A 351 -9.21 -48.00 11.83
CA ARG A 351 -9.10 -49.45 11.95
C ARG A 351 -7.98 -49.99 11.08
N GLY A 352 -7.61 -49.25 10.03
CA GLY A 352 -6.44 -49.64 9.26
C GLY A 352 -5.14 -49.28 9.95
N LEU A 353 -5.15 -48.20 10.73
CA LEU A 353 -3.95 -47.72 11.41
C LEU A 353 -3.90 -48.12 12.88
N LYS A 354 -4.80 -49.01 13.31
CA LYS A 354 -4.83 -49.41 14.72
C LYS A 354 -3.64 -50.29 15.06
N GLU A 355 -3.24 -51.16 14.14
CA GLU A 355 -2.16 -52.12 14.42
C GLU A 355 -0.82 -51.42 14.54
N ARG A 356 -0.61 -50.34 13.80
CA ARG A 356 0.65 -49.61 13.87
C ARG A 356 0.80 -48.92 15.22
N TYR A 357 -0.29 -48.35 15.73
CA TYR A 357 -0.24 -47.70 17.04
C TYR A 357 -0.15 -48.73 18.16
N GLU A 358 -0.83 -49.86 18.02
CA GLU A 358 -0.75 -50.89 19.05
C GLU A 358 0.58 -51.61 19.05
N LEU A 359 1.33 -51.59 17.95
CA LEU A 359 2.68 -52.12 17.98
C LEU A 359 3.74 -51.05 18.17
N HIS A 360 3.36 -49.77 18.21
CA HIS A 360 4.30 -48.74 18.62
C HIS A 360 4.20 -48.45 20.11
N HIS A 361 3.01 -48.04 20.57
CA HIS A 361 2.80 -47.76 22.00
C HIS A 361 2.76 -49.02 22.85
N HIS A 362 2.60 -50.20 22.22
CA HIS A 362 2.44 -51.49 22.90
C HIS A 362 1.26 -51.50 23.86
N VAL A 363 0.17 -50.84 23.46
CA VAL A 363 -1.07 -50.85 24.23
C VAL A 363 -2.16 -51.42 23.35
N GLN A 364 -3.39 -51.47 23.87
CA GLN A 364 -4.54 -51.91 23.09
C GLN A 364 -5.48 -50.75 22.87
N ILE A 365 -6.22 -50.80 21.77
CA ILE A 365 -7.17 -49.77 21.40
C ILE A 365 -8.52 -50.43 21.18
N THR A 366 -9.56 -49.88 21.82
CA THR A 366 -10.91 -50.44 21.78
C THR A 366 -11.71 -49.68 20.74
N ASP A 367 -12.51 -50.41 19.96
CA ASP A 367 -13.20 -49.81 18.82
C ASP A 367 -14.27 -48.77 19.18
N PRO A 368 -15.04 -48.87 20.29
CA PRO A 368 -15.85 -47.71 20.69
C PRO A 368 -15.07 -46.44 20.96
N ALA A 369 -13.82 -46.54 21.43
CA ALA A 369 -12.99 -45.34 21.54
C ALA A 369 -12.66 -44.77 20.18
N ILE A 370 -12.50 -45.63 19.17
CA ILE A 370 -12.20 -45.16 17.82
C ILE A 370 -13.40 -44.42 17.22
N VAL A 371 -14.60 -45.04 17.32
CA VAL A 371 -15.77 -44.39 16.75
C VAL A 371 -16.15 -43.14 17.55
N ALA A 372 -15.84 -43.12 18.85
CA ALA A 372 -16.08 -41.92 19.64
C ALA A 372 -15.10 -40.82 19.29
N ALA A 373 -13.86 -41.19 18.97
CA ALA A 373 -12.87 -40.19 18.55
C ALA A 373 -13.27 -39.56 17.24
N ALA A 374 -13.67 -40.37 16.27
CA ALA A 374 -14.11 -39.86 14.97
C ALA A 374 -15.36 -38.98 15.11
N THR A 375 -16.34 -39.45 15.87
CA THR A 375 -17.61 -38.73 16.00
C THR A 375 -17.44 -37.44 16.79
N LEU A 376 -16.72 -37.49 17.91
CA LEU A 376 -16.59 -36.30 18.75
C LEU A 376 -15.65 -35.27 18.13
N SER A 377 -14.60 -35.70 17.43
CA SER A 377 -13.77 -34.74 16.73
C SER A 377 -14.51 -34.14 15.54
N HIS A 378 -15.38 -34.92 14.90
CA HIS A 378 -16.19 -34.38 13.82
C HIS A 378 -17.24 -33.41 14.33
N ARG A 379 -17.66 -33.58 15.59
CA ARG A 379 -18.79 -32.80 16.10
C ARG A 379 -18.34 -31.56 16.87
N TYR A 380 -17.21 -31.63 17.58
CA TYR A 380 -16.87 -30.62 18.58
C TYR A 380 -15.60 -29.83 18.27
N ILE A 381 -14.97 -30.05 17.11
CA ILE A 381 -13.77 -29.30 16.73
C ILE A 381 -14.02 -28.67 15.37
N ALA A 382 -13.91 -27.35 15.29
CA ALA A 382 -14.08 -26.63 14.03
C ALA A 382 -12.77 -26.19 13.41
N ASP A 383 -11.66 -26.25 14.16
CA ASP A 383 -10.37 -25.85 13.61
C ASP A 383 -9.83 -26.91 12.66
N ARG A 384 -9.55 -28.09 13.18
CA ARG A 384 -8.91 -29.13 12.40
C ARG A 384 -9.92 -29.82 11.49
N GLN A 385 -9.44 -30.77 10.69
CA GLN A 385 -10.29 -31.59 9.84
C GLN A 385 -9.89 -33.05 9.90
N LEU A 386 -10.87 -33.92 9.64
CA LEU A 386 -10.63 -35.36 9.68
C LEU A 386 -9.77 -35.79 8.50
N PRO A 387 -8.94 -36.83 8.66
CA PRO A 387 -8.68 -37.63 9.85
C PRO A 387 -7.44 -37.18 10.61
N ASP A 388 -7.16 -35.88 10.59
CA ASP A 388 -6.01 -35.39 11.34
C ASP A 388 -6.29 -35.34 12.83
N LYS A 389 -7.42 -34.72 13.20
CA LYS A 389 -7.76 -34.56 14.60
C LYS A 389 -8.11 -35.88 15.27
N ALA A 390 -8.69 -36.82 14.54
CA ALA A 390 -9.02 -38.12 15.12
C ALA A 390 -7.75 -38.91 15.45
N ILE A 391 -6.78 -38.91 14.53
CA ILE A 391 -5.49 -39.53 14.78
C ILE A 391 -4.76 -38.83 15.92
N ASP A 392 -4.92 -37.50 16.03
CA ASP A 392 -4.34 -36.78 17.17
C ASP A 392 -4.93 -37.25 18.49
N LEU A 393 -6.26 -37.42 18.54
CA LEU A 393 -6.92 -37.88 19.77
C LEU A 393 -6.46 -39.28 20.15
N ILE A 394 -6.40 -40.19 19.17
CA ILE A 394 -6.00 -41.57 19.42
C ILE A 394 -4.55 -41.64 19.88
N ASP A 395 -3.67 -40.88 19.25
CA ASP A 395 -2.25 -40.97 19.58
C ASP A 395 -1.97 -40.32 20.93
N GLU A 396 -2.64 -39.20 21.23
CA GLU A 396 -2.41 -38.53 22.51
C GLU A 396 -2.99 -39.33 23.66
N ALA A 397 -4.14 -39.99 23.44
CA ALA A 397 -4.71 -40.86 24.46
C ALA A 397 -3.85 -42.10 24.67
N ALA A 398 -3.30 -42.66 23.60
CA ALA A 398 -2.42 -43.81 23.74
C ALA A 398 -1.14 -43.45 24.48
N SER A 399 -0.64 -42.24 24.25
CA SER A 399 0.54 -41.81 25.00
C SER A 399 0.22 -41.53 26.46
N SER A 400 -0.98 -41.01 26.75
CA SER A 400 -1.37 -40.78 28.14
C SER A 400 -1.55 -42.10 28.89
N ILE A 401 -2.13 -43.11 28.24
CA ILE A 401 -2.24 -44.44 28.84
C ILE A 401 -0.85 -45.07 28.98
N ARG A 402 0.05 -44.80 28.03
CA ARG A 402 1.42 -45.31 28.11
C ARG A 402 2.16 -44.73 29.31
N MET A 403 1.96 -43.44 29.59
CA MET A 403 2.60 -42.87 30.77
C MET A 403 1.87 -43.24 32.07
N GLN A 404 0.57 -43.54 32.02
CA GLN A 404 -0.07 -44.06 33.23
C GLN A 404 0.39 -45.46 33.57
N ILE A 405 0.73 -46.26 32.54
CA ILE A 405 1.30 -47.58 32.82
C ILE A 405 2.75 -47.45 33.27
N ASP A 406 3.57 -46.75 32.49
CA ASP A 406 5.02 -46.85 32.63
C ASP A 406 5.56 -45.98 33.76
N SER A 407 4.71 -45.30 34.52
CA SER A 407 5.20 -44.52 35.66
C SER A 407 5.21 -45.34 36.94
N LYS A 408 4.06 -45.92 37.30
CA LYS A 408 3.96 -46.67 38.53
C LYS A 408 2.92 -47.78 38.42
N LEU A 527 -4.79 -49.73 36.45
CA LEU A 527 -3.80 -49.65 35.38
C LEU A 527 -4.29 -50.38 34.13
N ARG A 528 -4.93 -49.64 33.25
CA ARG A 528 -5.45 -50.17 32.00
C ARG A 528 -4.46 -49.93 30.87
N ASN A 529 -4.60 -50.74 29.81
CA ASN A 529 -3.95 -50.45 28.55
C ASN A 529 -4.93 -50.17 27.42
N LYS A 530 -6.20 -50.51 27.58
CA LYS A 530 -7.19 -50.28 26.55
C LYS A 530 -7.65 -48.83 26.58
N VAL A 531 -7.51 -48.16 25.44
CA VAL A 531 -8.01 -46.80 25.32
C VAL A 531 -9.53 -46.82 25.28
N THR A 532 -10.16 -46.04 26.15
CA THR A 532 -11.60 -46.00 26.25
C THR A 532 -12.11 -44.65 25.78
N ASP A 533 -13.43 -44.57 25.60
CA ASP A 533 -14.05 -43.32 25.20
C ASP A 533 -14.00 -42.26 26.30
N ALA A 534 -13.81 -42.68 27.56
CA ALA A 534 -13.57 -41.71 28.63
C ALA A 534 -12.24 -40.99 28.43
N GLU A 535 -11.22 -41.71 27.96
CA GLU A 535 -9.95 -41.07 27.63
C GLU A 535 -10.11 -40.09 26.48
N ILE A 536 -10.95 -40.44 25.51
CA ILE A 536 -11.21 -39.56 24.38
C ILE A 536 -11.95 -38.31 24.83
N ALA A 537 -12.88 -38.45 25.77
CA ALA A 537 -13.58 -37.29 26.30
C ALA A 537 -12.63 -36.41 27.12
N GLU A 538 -11.68 -37.03 27.83
CA GLU A 538 -10.69 -36.25 28.57
C GLU A 538 -9.80 -35.45 27.64
N VAL A 539 -9.32 -36.08 26.57
CA VAL A 539 -8.44 -35.40 25.63
C VAL A 539 -9.21 -34.34 24.85
N LEU A 540 -10.49 -34.57 24.54
CA LEU A 540 -11.26 -33.56 23.83
C LEU A 540 -11.58 -32.37 24.72
N ALA A 541 -11.97 -32.61 25.98
CA ALA A 541 -12.35 -31.51 26.85
C ALA A 541 -11.13 -30.72 27.31
N ARG A 542 -10.05 -31.40 27.66
CA ARG A 542 -8.82 -30.71 28.06
C ARG A 542 -8.16 -30.04 26.87
N TRP A 543 -7.73 -30.84 25.89
CA TRP A 543 -7.08 -30.34 24.71
C TRP A 543 -8.09 -30.03 23.61
N GLU A 553 -22.68 -40.30 30.57
CA GLU A 553 -23.73 -39.41 30.11
C GLU A 553 -24.77 -39.20 31.21
N SER A 554 -24.33 -38.68 32.35
CA SER A 554 -25.21 -38.29 33.44
C SER A 554 -25.94 -36.98 33.17
N GLU A 555 -25.62 -36.31 32.07
CA GLU A 555 -26.35 -35.12 31.66
C GLU A 555 -27.80 -35.45 31.30
N ARG A 556 -28.06 -36.70 30.90
CA ARG A 556 -29.44 -37.16 30.70
C ARG A 556 -30.23 -37.09 32.01
N GLU A 557 -29.65 -37.61 33.08
CA GLU A 557 -30.29 -37.56 34.39
C GLU A 557 -30.35 -36.14 34.93
N LYS A 558 -29.42 -35.29 34.52
CA LYS A 558 -29.50 -33.88 34.89
C LYS A 558 -30.64 -33.17 34.17
N LEU A 559 -30.82 -33.48 32.88
CA LEU A 559 -31.87 -32.86 32.07
C LEU A 559 -33.25 -33.42 32.37
N LEU A 560 -33.34 -34.58 33.01
CA LEU A 560 -34.64 -35.01 33.53
C LEU A 560 -35.11 -34.10 34.65
N ARG A 561 -34.18 -33.56 35.42
CA ARG A 561 -34.47 -32.59 36.47
C ARG A 561 -33.99 -31.19 36.09
N MET A 562 -34.10 -30.86 34.80
CA MET A 562 -33.71 -29.52 34.33
C MET A 562 -34.67 -28.47 34.86
N GLU A 563 -35.94 -28.84 35.05
CA GLU A 563 -36.91 -27.93 35.64
C GLU A 563 -36.54 -27.60 37.09
N GLN A 564 -36.09 -28.61 37.83
CA GLN A 564 -35.60 -28.38 39.18
C GLN A 564 -34.37 -27.49 39.19
N GLU A 565 -33.49 -27.67 38.21
CA GLU A 565 -32.28 -26.85 38.15
C GLU A 565 -32.60 -25.40 37.80
N LEU A 566 -33.59 -25.18 36.94
CA LEU A 566 -33.98 -23.82 36.60
C LEU A 566 -34.76 -23.17 37.74
N HIS A 567 -35.46 -23.95 38.55
CA HIS A 567 -36.10 -23.39 39.73
C HIS A 567 -35.20 -23.38 40.95
N HIS A 568 -33.94 -23.81 40.81
CA HIS A 568 -32.95 -23.58 41.86
C HIS A 568 -32.62 -22.09 41.99
N ARG A 569 -32.73 -21.33 40.90
CA ARG A 569 -32.33 -19.93 40.91
C ARG A 569 -33.45 -18.95 40.62
N VAL A 570 -34.50 -19.36 39.89
CA VAL A 570 -35.65 -18.50 39.62
C VAL A 570 -36.88 -19.23 40.10
N ILE A 571 -37.55 -18.69 41.10
CA ILE A 571 -38.79 -19.25 41.62
C ILE A 571 -39.95 -18.68 40.83
N GLY A 572 -41.00 -19.48 40.68
CA GLY A 572 -42.15 -19.07 39.90
C GLY A 572 -41.90 -19.23 38.41
N GLN A 573 -42.93 -18.86 37.64
CA GLN A 573 -42.95 -18.92 36.17
C GLN A 573 -42.66 -20.34 35.66
N ASN A 574 -43.57 -21.25 36.01
CA ASN A 574 -43.37 -22.66 35.68
C ASN A 574 -43.49 -22.93 34.19
N GLU A 575 -44.31 -22.13 33.50
CA GLU A 575 -44.61 -22.41 32.10
C GLU A 575 -43.41 -22.17 31.19
N ALA A 576 -42.68 -21.07 31.45
CA ALA A 576 -41.49 -20.77 30.66
C ALA A 576 -40.39 -21.81 30.90
N VAL A 577 -40.27 -22.27 32.16
CA VAL A 577 -39.29 -23.30 32.49
C VAL A 577 -39.64 -24.61 31.80
N ASP A 578 -40.94 -24.95 31.76
CA ASP A 578 -41.39 -26.15 31.07
C ASP A 578 -41.13 -26.07 29.58
N ALA A 579 -41.40 -24.91 28.97
CA ALA A 579 -41.20 -24.75 27.53
C ALA A 579 -39.73 -24.79 27.14
N VAL A 580 -38.88 -24.11 27.92
CA VAL A 580 -37.45 -24.11 27.63
C VAL A 580 -36.84 -25.49 27.86
N SER A 581 -37.27 -26.18 28.92
CA SER A 581 -36.75 -27.52 29.16
C SER A 581 -37.27 -28.51 28.13
N ASN A 582 -38.47 -28.29 27.59
CA ASN A 582 -38.92 -29.10 26.45
C ASN A 582 -38.07 -28.86 25.22
N ALA A 583 -37.67 -27.61 24.98
CA ALA A 583 -36.79 -27.34 23.85
C ALA A 583 -35.43 -28.00 24.02
N ILE A 584 -34.89 -27.95 25.24
CA ILE A 584 -33.59 -28.57 25.50
C ILE A 584 -33.67 -30.08 25.38
N ARG A 585 -34.77 -30.68 25.87
CA ARG A 585 -34.92 -32.12 25.76
C ARG A 585 -35.11 -32.56 24.31
N ARG A 586 -35.85 -31.78 23.53
CA ARG A 586 -36.00 -32.11 22.12
C ARG A 586 -34.69 -31.94 21.35
N SER A 587 -33.86 -30.98 21.75
CA SER A 587 -32.60 -30.79 21.05
C SER A 587 -31.59 -31.87 21.42
N ARG A 588 -31.48 -32.19 22.70
CA ARG A 588 -30.50 -33.17 23.15
C ARG A 588 -30.91 -34.60 22.85
N ALA A 589 -32.21 -34.86 22.73
CA ALA A 589 -32.65 -36.22 22.40
C ALA A 589 -32.48 -36.54 20.92
N GLY A 590 -32.20 -35.54 20.09
CA GLY A 590 -31.96 -35.78 18.68
C GLY A 590 -33.20 -35.76 17.81
N LEU A 591 -34.25 -35.09 18.25
CA LEU A 591 -35.51 -35.07 17.51
C LEU A 591 -35.75 -33.78 16.77
N ALA A 592 -35.10 -32.70 17.17
CA ALA A 592 -35.39 -31.39 16.61
C ALA A 592 -34.78 -31.24 15.23
N ASP A 593 -35.19 -30.17 14.56
CA ASP A 593 -34.72 -29.87 13.22
C ASP A 593 -33.26 -29.43 13.29
N PRO A 594 -32.34 -30.09 12.58
CA PRO A 594 -30.94 -29.66 12.62
C PRO A 594 -30.63 -28.42 11.81
N ASN A 595 -31.63 -27.82 11.15
CA ASN A 595 -31.45 -26.60 10.39
C ASN A 595 -32.17 -25.43 11.05
N ARG A 596 -32.40 -25.49 12.35
CA ARG A 596 -33.03 -24.44 13.11
C ARG A 596 -32.28 -24.32 14.42
N PRO A 597 -32.27 -23.15 15.06
CA PRO A 597 -31.64 -23.05 16.38
C PRO A 597 -32.45 -23.78 17.42
N ILE A 598 -31.82 -23.93 18.59
CA ILE A 598 -32.42 -24.72 19.66
C ILE A 598 -33.63 -23.99 20.23
N GLY A 599 -33.41 -22.80 20.76
CA GLY A 599 -34.45 -22.03 21.41
C GLY A 599 -34.78 -20.79 20.58
N SER A 600 -36.06 -20.67 20.23
CA SER A 600 -36.56 -19.51 19.49
C SER A 600 -37.85 -19.07 20.17
N PHE A 601 -37.73 -18.19 21.16
CA PHE A 601 -38.84 -17.88 22.04
C PHE A 601 -39.06 -16.38 22.13
N LEU A 602 -40.29 -16.00 22.47
CA LEU A 602 -40.69 -14.61 22.64
C LEU A 602 -41.15 -14.43 24.09
N PHE A 603 -40.32 -13.77 24.89
CA PHE A 603 -40.69 -13.46 26.27
C PHE A 603 -41.49 -12.16 26.29
N LEU A 604 -42.59 -12.16 27.04
CA LEU A 604 -43.48 -11.01 27.14
C LEU A 604 -43.54 -10.53 28.58
N GLY A 605 -44.48 -9.63 28.85
CA GLY A 605 -44.78 -9.23 30.21
C GLY A 605 -43.92 -8.06 30.68
N PRO A 606 -44.12 -7.65 31.93
CA PRO A 606 -43.35 -6.54 32.47
C PRO A 606 -41.93 -6.95 32.82
N THR A 607 -41.06 -5.96 32.87
CA THR A 607 -39.64 -6.19 33.09
C THR A 607 -39.37 -6.54 34.55
N GLY A 608 -38.23 -7.18 34.77
CA GLY A 608 -37.78 -7.48 36.12
C GLY A 608 -38.53 -8.58 36.82
N VAL A 609 -39.31 -9.39 36.10
CA VAL A 609 -40.10 -10.43 36.73
C VAL A 609 -39.34 -11.75 36.68
N GLY A 610 -38.07 -11.69 36.27
CA GLY A 610 -37.26 -12.89 36.16
C GLY A 610 -36.97 -13.26 34.72
N LYS A 611 -36.81 -12.25 33.86
CA LYS A 611 -36.48 -12.52 32.47
C LYS A 611 -35.02 -12.91 32.32
N THR A 612 -34.11 -11.98 32.67
CA THR A 612 -32.70 -12.21 32.46
C THR A 612 -32.09 -13.12 33.51
N GLU A 613 -32.71 -13.24 34.69
CA GLU A 613 -32.24 -14.19 35.69
C GLU A 613 -32.41 -15.62 35.18
N LEU A 614 -33.57 -15.90 34.57
CA LEU A 614 -33.83 -17.19 33.93
C LEU A 614 -32.85 -17.47 32.81
N CYS A 615 -32.54 -16.45 32.01
CA CYS A 615 -31.65 -16.64 30.87
C CYS A 615 -30.20 -16.84 31.30
N LYS A 616 -29.77 -16.15 32.35
CA LYS A 616 -28.43 -16.36 32.87
C LYS A 616 -28.29 -17.74 33.50
N ALA A 617 -29.33 -18.17 34.24
CA ALA A 617 -29.30 -19.53 34.78
C ALA A 617 -29.37 -20.57 33.67
N LEU A 618 -30.06 -20.26 32.58
CA LEU A 618 -30.15 -21.16 31.44
C LEU A 618 -28.81 -21.30 30.74
N ALA A 619 -28.09 -20.20 30.56
CA ALA A 619 -26.76 -20.28 29.98
C ALA A 619 -25.77 -20.94 30.94
N ASN A 620 -26.02 -20.82 32.24
CA ASN A 620 -25.14 -21.47 33.21
C ASN A 620 -25.31 -22.98 33.18
N PHE A 621 -26.55 -23.45 33.20
CA PHE A 621 -26.83 -24.87 33.29
C PHE A 621 -26.95 -25.53 31.93
N MET A 622 -26.87 -24.76 30.84
CA MET A 622 -26.85 -25.36 29.51
C MET A 622 -25.44 -25.79 29.12
N PHE A 623 -24.53 -24.82 28.97
CA PHE A 623 -23.17 -25.17 28.59
C PHE A 623 -22.14 -24.75 29.64
N ASP A 624 -21.96 -23.45 29.91
CA ASP A 624 -20.93 -23.10 30.88
C ASP A 624 -21.37 -22.25 32.07
N SER A 625 -21.88 -21.05 31.81
CA SER A 625 -21.68 -19.98 32.78
C SER A 625 -22.78 -18.95 32.69
N ASP A 626 -22.83 -18.09 33.72
CA ASP A 626 -23.83 -17.04 33.80
C ASP A 626 -23.62 -16.00 32.71
N GLU A 627 -22.38 -15.56 32.52
CA GLU A 627 -22.05 -14.56 31.52
C GLU A 627 -21.31 -15.16 30.32
N ALA A 628 -21.54 -16.43 30.03
CA ALA A 628 -21.16 -17.00 28.74
C ALA A 628 -22.32 -16.91 27.75
N MET A 629 -22.82 -15.69 27.60
CA MET A 629 -23.98 -15.40 26.77
C MET A 629 -23.76 -14.07 26.09
N VAL A 630 -24.71 -13.68 25.26
CA VAL A 630 -24.63 -12.43 24.52
C VAL A 630 -25.91 -11.64 24.79
N ARG A 631 -25.77 -10.45 25.36
CA ARG A 631 -26.88 -9.54 25.59
C ARG A 631 -26.75 -8.39 24.63
N ILE A 632 -27.85 -8.04 23.95
CA ILE A 632 -27.87 -6.97 22.98
C ILE A 632 -29.02 -6.04 23.33
N ASP A 633 -28.70 -4.85 23.82
CA ASP A 633 -29.71 -3.87 24.18
C ASP A 633 -30.37 -3.34 22.91
N MET A 634 -31.57 -3.80 22.63
CA MET A 634 -32.26 -3.45 21.39
C MET A 634 -32.93 -2.10 21.43
N SER A 635 -32.76 -1.34 22.51
CA SER A 635 -33.15 0.06 22.49
C SER A 635 -32.16 0.92 21.72
N GLU A 636 -30.94 0.41 21.52
CA GLU A 636 -29.94 1.14 20.76
C GLU A 636 -30.30 1.21 19.29
N PHE A 637 -31.03 0.23 18.79
CA PHE A 637 -31.20 0.03 17.36
C PHE A 637 -32.56 0.57 16.92
N MET A 638 -32.58 1.83 16.45
CA MET A 638 -33.81 2.41 15.96
C MET A 638 -33.67 3.07 14.59
N GLU A 639 -32.67 2.70 13.80
CA GLU A 639 -32.41 3.33 12.51
C GLU A 639 -32.12 2.26 11.46
N LYS A 640 -31.79 2.71 10.26
CA LYS A 640 -31.38 1.80 9.19
C LYS A 640 -29.93 1.36 9.38
N HIS A 641 -29.06 2.33 9.69
CA HIS A 641 -27.68 2.00 9.99
C HIS A 641 -27.55 1.22 11.29
N SER A 642 -28.59 1.21 12.13
CA SER A 642 -28.66 0.30 13.25
C SER A 642 -28.67 -1.15 12.79
N VAL A 643 -29.46 -1.46 11.77
CA VAL A 643 -29.49 -2.81 11.21
C VAL A 643 -28.16 -3.14 10.55
N SER A 644 -27.59 -2.17 9.84
CA SER A 644 -26.26 -2.38 9.28
C SER A 644 -25.19 -2.52 10.36
N ARG A 645 -25.42 -2.00 11.57
CA ARG A 645 -24.52 -2.30 12.67
C ARG A 645 -24.69 -3.73 13.15
N LEU A 646 -25.92 -4.19 13.29
CA LEU A 646 -26.07 -5.49 13.93
C LEU A 646 -25.90 -6.64 12.96
N VAL A 647 -25.73 -6.39 11.67
CA VAL A 647 -25.35 -7.42 10.71
C VAL A 647 -23.92 -7.22 10.22
N GLY A 648 -23.60 -6.01 9.81
CA GLY A 648 -22.28 -5.71 9.29
C GLY A 648 -22.39 -4.83 8.07
N ALA A 649 -21.54 -3.83 7.95
CA ALA A 649 -21.57 -2.95 6.81
C ALA A 649 -21.06 -3.69 5.58
N PRO A 650 -21.56 -3.36 4.39
CA PRO A 650 -21.17 -4.11 3.21
C PRO A 650 -19.78 -3.73 2.74
N PRO A 651 -19.23 -4.42 1.73
CA PRO A 651 -17.92 -4.05 1.20
C PRO A 651 -17.83 -2.63 0.70
N GLY A 652 -16.80 -1.95 1.16
CA GLY A 652 -16.47 -0.63 0.72
C GLY A 652 -16.94 0.49 1.61
N TYR A 653 -17.51 0.18 2.76
CA TYR A 653 -18.08 1.20 3.61
C TYR A 653 -17.38 1.16 4.96
N VAL A 654 -17.90 1.93 5.92
CA VAL A 654 -17.10 2.29 7.09
C VAL A 654 -16.92 1.10 8.02
N GLY A 655 -18.01 0.48 8.44
CA GLY A 655 -17.88 -0.59 9.40
C GLY A 655 -17.61 -1.95 8.80
N TYR A 656 -16.78 -2.04 7.77
CA TYR A 656 -16.62 -3.31 7.08
C TYR A 656 -15.68 -4.24 7.82
N GLU A 657 -14.45 -3.78 8.07
CA GLU A 657 -13.46 -4.63 8.73
C GLU A 657 -13.81 -4.89 10.18
N GLU A 658 -14.64 -4.04 10.78
CA GLU A 658 -15.03 -4.10 12.17
C GLU A 658 -16.01 -5.23 12.48
N GLY A 659 -16.39 -6.02 11.47
CA GLY A 659 -17.34 -7.10 11.69
C GLY A 659 -18.74 -6.58 11.85
N GLY A 660 -19.66 -7.51 12.11
CA GLY A 660 -20.99 -7.16 12.54
C GLY A 660 -21.04 -6.94 14.03
N TYR A 661 -22.25 -6.90 14.56
CA TYR A 661 -22.41 -6.89 16.02
C TYR A 661 -22.96 -8.21 16.53
N LEU A 662 -24.07 -8.69 15.96
CA LEU A 662 -24.56 -10.01 16.32
C LEU A 662 -23.66 -11.10 15.77
N THR A 663 -23.24 -10.96 14.51
CA THR A 663 -22.53 -12.02 13.82
C THR A 663 -21.17 -12.27 14.42
N GLU A 664 -20.51 -11.22 14.90
CA GLU A 664 -19.22 -11.42 15.56
C GLU A 664 -19.41 -12.10 16.91
N ALA A 665 -20.46 -11.72 17.64
CA ALA A 665 -20.71 -12.32 18.94
C ALA A 665 -21.07 -13.80 18.84
N VAL A 666 -21.66 -14.21 17.73
CA VAL A 666 -21.94 -15.64 17.60
C VAL A 666 -20.79 -16.39 16.93
N ARG A 667 -20.00 -15.72 16.08
CA ARG A 667 -18.86 -16.38 15.48
C ARG A 667 -17.74 -16.59 16.49
N ARG A 668 -17.67 -15.75 17.53
CA ARG A 668 -16.73 -16.01 18.60
C ARG A 668 -17.22 -17.11 19.55
N ARG A 669 -18.52 -17.13 19.83
CA ARG A 669 -19.12 -18.05 20.79
C ARG A 669 -20.20 -18.87 20.08
N PRO A 670 -19.83 -19.93 19.37
CA PRO A 670 -20.83 -20.71 18.63
C PRO A 670 -21.73 -21.53 19.53
N TYR A 671 -21.37 -21.71 20.78
CA TYR A 671 -22.18 -22.42 21.76
C TYR A 671 -22.47 -21.41 22.87
N SER A 672 -23.53 -20.63 22.69
CA SER A 672 -23.85 -19.55 23.62
C SER A 672 -25.34 -19.29 23.55
N VAL A 673 -25.79 -18.31 24.33
CA VAL A 673 -27.20 -17.94 24.40
C VAL A 673 -27.31 -16.47 24.07
N ILE A 674 -28.23 -16.14 23.16
CA ILE A 674 -28.38 -14.79 22.66
C ILE A 674 -29.59 -14.17 23.34
N LEU A 675 -29.43 -12.95 23.83
CA LEU A 675 -30.49 -12.25 24.53
C LEU A 675 -30.76 -10.92 23.83
N LEU A 676 -31.94 -10.80 23.23
CA LEU A 676 -32.37 -9.58 22.56
C LEU A 676 -33.17 -8.77 23.57
N ASP A 677 -32.45 -7.94 24.32
CA ASP A 677 -33.03 -7.19 25.42
C ASP A 677 -33.95 -6.10 24.88
N ALA A 678 -35.24 -6.19 25.21
CA ALA A 678 -36.29 -5.23 24.85
C ALA A 678 -36.41 -5.07 23.34
N VAL A 679 -36.86 -6.17 22.71
CA VAL A 679 -36.96 -6.24 21.25
C VAL A 679 -38.09 -5.37 20.69
N GLU A 680 -38.96 -4.84 21.53
CA GLU A 680 -40.03 -3.97 21.05
C GLU A 680 -39.50 -2.61 20.61
N LYS A 681 -38.31 -2.22 21.08
CA LYS A 681 -37.76 -0.91 20.77
C LYS A 681 -37.04 -0.88 19.43
N ALA A 682 -36.89 -2.02 18.78
CA ALA A 682 -36.11 -2.09 17.56
C ALA A 682 -36.84 -1.43 16.39
N HIS A 683 -36.06 -0.97 15.43
CA HIS A 683 -36.61 -0.50 14.17
C HIS A 683 -37.29 -1.68 13.48
N PRO A 684 -38.44 -1.48 12.82
CA PRO A 684 -39.25 -2.62 12.36
C PRO A 684 -38.63 -3.50 11.28
N ASP A 685 -37.39 -3.26 10.86
CA ASP A 685 -36.72 -4.12 9.91
C ASP A 685 -35.57 -4.92 10.53
N VAL A 686 -35.43 -4.88 11.86
CA VAL A 686 -34.54 -5.82 12.52
C VAL A 686 -35.17 -7.21 12.51
N PHE A 687 -36.49 -7.27 12.54
CA PHE A 687 -37.18 -8.55 12.58
C PHE A 687 -37.06 -9.33 11.28
N ASN A 688 -36.60 -8.71 10.20
CA ASN A 688 -36.32 -9.47 8.98
C ASN A 688 -35.01 -10.26 9.11
N ILE A 689 -34.00 -9.61 9.69
CA ILE A 689 -32.79 -10.31 10.11
C ILE A 689 -33.16 -11.44 11.06
N LEU A 690 -34.08 -11.18 11.98
CA LEU A 690 -34.52 -12.23 12.89
C LEU A 690 -35.34 -13.31 12.19
N LEU A 691 -35.99 -13.00 11.07
CA LEU A 691 -36.66 -14.03 10.27
C LEU A 691 -35.65 -15.06 9.79
N GLN A 692 -34.54 -14.57 9.24
CA GLN A 692 -33.48 -15.48 8.79
C GLN A 692 -32.89 -16.27 9.94
N VAL A 693 -32.72 -15.59 11.08
CA VAL A 693 -32.19 -16.22 12.29
C VAL A 693 -33.09 -17.37 12.76
N LEU A 694 -34.38 -17.09 12.92
CA LEU A 694 -35.28 -18.03 13.58
C LEU A 694 -35.79 -19.11 12.64
N ASP A 695 -35.68 -18.92 11.33
CA ASP A 695 -36.07 -20.03 10.48
C ASP A 695 -34.87 -20.89 10.10
N ASP A 696 -33.75 -20.28 9.73
CA ASP A 696 -32.67 -21.05 9.13
C ASP A 696 -31.50 -21.31 10.05
N GLY A 697 -31.31 -20.50 11.08
CA GLY A 697 -30.11 -20.65 11.86
C GLY A 697 -28.87 -20.17 11.17
N ARG A 698 -29.02 -19.38 10.11
CA ARG A 698 -27.88 -18.85 9.38
C ARG A 698 -28.13 -17.38 9.12
N LEU A 699 -27.03 -16.63 9.04
CA LEU A 699 -27.09 -15.19 8.88
C LEU A 699 -25.76 -14.77 8.27
N THR A 700 -25.81 -14.22 7.07
CA THR A 700 -24.59 -13.83 6.37
C THR A 700 -24.29 -12.37 6.65
N ASP A 701 -23.08 -12.09 7.14
CA ASP A 701 -22.74 -10.74 7.53
C ASP A 701 -22.32 -9.89 6.34
N GLY A 702 -21.71 -8.74 6.60
CA GLY A 702 -21.27 -7.88 5.52
C GLY A 702 -20.10 -8.44 4.76
N GLN A 703 -19.23 -9.18 5.43
CA GLN A 703 -18.04 -9.69 4.79
C GLN A 703 -18.28 -11.02 4.10
N GLY A 704 -19.54 -11.40 3.90
CA GLY A 704 -19.88 -12.54 3.08
C GLY A 704 -19.55 -13.91 3.65
N ARG A 705 -19.66 -14.07 4.96
CA ARG A 705 -19.45 -15.37 5.56
C ARG A 705 -20.64 -15.75 6.44
N THR A 706 -21.06 -17.01 6.33
CA THR A 706 -22.25 -17.45 7.04
C THR A 706 -21.93 -17.69 8.50
N VAL A 707 -22.87 -17.36 9.37
CA VAL A 707 -22.76 -17.58 10.81
C VAL A 707 -23.80 -18.59 11.22
N ASP A 708 -23.36 -19.67 11.86
CA ASP A 708 -24.22 -20.82 12.13
C ASP A 708 -24.87 -20.62 13.49
N PHE A 709 -26.19 -20.52 13.53
CA PHE A 709 -26.91 -20.34 14.78
C PHE A 709 -27.52 -21.63 15.30
N ARG A 710 -27.13 -22.78 14.75
CA ARG A 710 -27.83 -24.02 15.03
C ARG A 710 -27.33 -24.70 16.29
N ASN A 711 -26.56 -24.01 17.12
CA ASN A 711 -26.11 -24.53 18.41
C ASN A 711 -26.36 -23.52 19.52
N THR A 712 -27.21 -22.53 19.29
CA THR A 712 -27.46 -21.46 20.23
C THR A 712 -28.94 -21.41 20.58
N VAL A 713 -29.29 -20.45 21.43
CA VAL A 713 -30.67 -20.23 21.85
C VAL A 713 -30.96 -18.74 21.73
N VAL A 714 -31.96 -18.40 20.93
CA VAL A 714 -32.36 -17.01 20.71
C VAL A 714 -33.53 -16.70 21.62
N ILE A 715 -33.42 -15.64 22.40
CA ILE A 715 -34.43 -15.24 23.37
C ILE A 715 -34.73 -13.76 23.19
N MET A 716 -36.02 -13.44 22.99
CA MET A 716 -36.46 -12.07 22.79
C MET A 716 -37.41 -11.68 23.91
N THR A 717 -37.02 -10.69 24.69
CA THR A 717 -37.85 -10.14 25.76
C THR A 717 -38.55 -8.89 25.25
N SER A 718 -39.82 -8.73 25.63
CA SER A 718 -40.61 -7.59 25.22
C SER A 718 -41.53 -7.18 26.36
N ASN A 719 -42.28 -6.09 26.14
CA ASN A 719 -43.27 -5.66 27.12
C ASN A 719 -44.55 -5.14 26.46
N LEU A 720 -44.92 -5.71 25.31
CA LEU A 720 -46.06 -5.22 24.52
C LEU A 720 -47.41 -5.46 25.17
N GLY A 721 -47.48 -6.26 26.24
CA GLY A 721 -48.76 -6.50 26.88
C GLY A 721 -48.68 -6.41 28.39
N SER A 722 -47.83 -5.51 28.90
CA SER A 722 -47.57 -5.47 30.34
C SER A 722 -48.79 -4.98 31.11
N ASP A 723 -49.42 -3.89 30.65
CA ASP A 723 -50.60 -3.38 31.33
C ASP A 723 -51.79 -4.33 31.22
N LEU A 724 -51.91 -5.01 30.08
CA LEU A 724 -53.05 -5.90 29.86
C LEU A 724 -52.96 -7.15 30.73
N ILE A 725 -51.76 -7.65 30.98
CA ILE A 725 -51.62 -8.83 31.83
C ILE A 725 -51.57 -8.45 33.31
N GLN A 726 -50.99 -7.29 33.66
CA GLN A 726 -51.00 -6.84 35.05
C GLN A 726 -52.42 -6.49 35.51
N GLU A 727 -53.22 -5.87 34.65
CA GLU A 727 -54.57 -5.53 35.04
C GLU A 727 -55.53 -6.71 34.96
N ARG A 728 -55.10 -7.85 34.40
CA ARG A 728 -55.95 -9.02 34.29
C ARG A 728 -55.26 -10.29 34.77
N PHE A 729 -54.25 -10.16 35.63
CA PHE A 729 -53.62 -11.33 36.23
C PHE A 729 -54.56 -12.06 37.18
N GLY A 730 -55.47 -11.34 37.82
CA GLY A 730 -56.34 -11.92 38.82
C GLY A 730 -57.36 -12.92 38.30
N GLU A 731 -57.13 -14.20 38.65
CA GLU A 731 -58.06 -15.31 38.38
C GLU A 731 -58.37 -15.49 36.90
N LEU A 732 -57.39 -15.26 36.04
CA LEU A 732 -57.49 -15.63 34.64
C LEU A 732 -56.41 -16.65 34.31
N ASP A 733 -56.75 -17.59 33.44
CA ASP A 733 -55.91 -18.75 33.19
C ASP A 733 -54.73 -18.40 32.28
N TYR A 734 -54.00 -19.43 31.84
CA TYR A 734 -52.80 -19.23 31.05
C TYR A 734 -53.08 -19.24 29.56
N ALA A 735 -54.01 -20.10 29.12
CA ALA A 735 -54.23 -20.27 27.68
C ALA A 735 -54.96 -19.07 27.09
N HIS A 736 -56.01 -18.59 27.76
CA HIS A 736 -56.74 -17.44 27.23
C HIS A 736 -55.93 -16.15 27.35
N MET A 737 -55.09 -16.04 28.38
CA MET A 737 -54.17 -14.92 28.48
C MET A 737 -53.15 -14.96 27.35
N LYS A 738 -52.66 -16.16 27.02
CA LYS A 738 -51.77 -16.31 25.87
C LYS A 738 -52.46 -15.93 24.58
N GLU A 739 -53.73 -16.30 24.43
CA GLU A 739 -54.49 -15.95 23.24
C GLU A 739 -54.68 -14.45 23.11
N LEU A 740 -54.99 -13.78 24.21
CA LEU A 740 -55.22 -12.34 24.18
C LEU A 740 -53.92 -11.57 23.91
N VAL A 741 -52.84 -11.94 24.60
CA VAL A 741 -51.59 -11.22 24.37
C VAL A 741 -50.99 -11.59 23.02
N LEU A 742 -51.30 -12.77 22.48
CA LEU A 742 -50.87 -13.12 21.14
C LEU A 742 -51.63 -12.34 20.09
N GLY A 743 -52.92 -12.07 20.35
CA GLY A 743 -53.66 -11.18 19.47
C GLY A 743 -53.11 -9.76 19.48
N VAL A 744 -52.73 -9.27 20.65
CA VAL A 744 -52.16 -7.92 20.76
C VAL A 744 -50.82 -7.83 20.03
N VAL A 745 -49.96 -8.84 20.25
CA VAL A 745 -48.66 -8.90 19.58
C VAL A 745 -48.81 -9.08 18.08
N SER A 746 -49.83 -9.82 17.63
CA SER A 746 -50.12 -9.94 16.21
C SER A 746 -50.61 -8.63 15.62
N HIS A 747 -51.30 -7.80 16.42
CA HIS A 747 -51.55 -6.44 15.99
C HIS A 747 -50.29 -5.58 15.97
N ASN A 748 -49.28 -5.93 16.77
CA ASN A 748 -48.01 -5.21 16.74
C ASN A 748 -47.08 -5.70 15.64
N PHE A 749 -46.80 -7.00 15.60
CA PHE A 749 -45.75 -7.53 14.76
C PHE A 749 -46.27 -7.95 13.38
N ARG A 750 -45.32 -8.32 12.51
CA ARG A 750 -45.57 -8.76 11.15
C ARG A 750 -46.02 -10.22 11.14
N PRO A 751 -46.82 -10.64 10.15
CA PRO A 751 -47.32 -12.02 10.15
C PRO A 751 -46.28 -13.07 9.83
N GLU A 752 -45.18 -12.70 9.16
CA GLU A 752 -44.13 -13.67 8.88
C GLU A 752 -43.35 -14.00 10.12
N PHE A 753 -43.12 -13.01 10.99
CA PHE A 753 -42.20 -13.16 12.11
C PHE A 753 -42.78 -13.98 13.23
N ILE A 754 -44.04 -13.73 13.60
CA ILE A 754 -44.71 -14.52 14.61
C ILE A 754 -45.03 -15.93 14.14
N ASN A 755 -44.94 -16.15 12.83
CA ASN A 755 -45.06 -17.48 12.25
C ASN A 755 -43.78 -18.29 12.40
N ARG A 756 -42.67 -17.66 12.75
CA ARG A 756 -41.40 -18.34 12.90
C ARG A 756 -41.11 -18.76 14.34
N ILE A 757 -41.75 -18.12 15.31
CA ILE A 757 -41.46 -18.36 16.71
C ILE A 757 -41.92 -19.77 17.09
N ASP A 758 -41.14 -20.44 17.94
CA ASP A 758 -41.53 -21.78 18.34
C ASP A 758 -42.68 -21.74 19.35
N GLU A 759 -42.53 -20.94 20.40
CA GLU A 759 -43.56 -20.83 21.42
C GLU A 759 -43.45 -19.47 22.09
N VAL A 760 -44.60 -18.85 22.35
CA VAL A 760 -44.68 -17.52 22.94
C VAL A 760 -45.21 -17.68 24.35
N VAL A 761 -44.33 -17.54 25.34
CA VAL A 761 -44.74 -17.64 26.74
C VAL A 761 -45.31 -16.29 27.18
N VAL A 762 -45.92 -16.25 28.35
CA VAL A 762 -46.71 -15.09 28.78
C VAL A 762 -45.96 -14.21 29.77
N PHE A 763 -45.29 -14.81 30.76
CA PHE A 763 -44.69 -14.12 31.91
C PHE A 763 -45.73 -13.30 32.69
N HIS A 764 -46.61 -14.05 33.35
CA HIS A 764 -47.56 -13.49 34.30
C HIS A 764 -46.82 -12.76 35.42
N PRO A 765 -47.41 -11.68 35.96
CA PRO A 765 -46.77 -10.96 37.06
C PRO A 765 -46.75 -11.79 38.34
N LEU A 766 -45.72 -11.57 39.14
CA LEU A 766 -45.54 -12.31 40.37
C LEU A 766 -46.28 -11.64 41.52
N GLY A 767 -46.70 -12.46 42.47
CA GLY A 767 -47.42 -11.97 43.64
C GLY A 767 -46.43 -11.48 44.68
N GLU A 768 -46.92 -11.22 45.90
CA GLU A 768 -46.06 -10.69 46.94
C GLU A 768 -45.13 -11.78 47.51
N GLN A 769 -45.65 -12.99 47.65
CA GLN A 769 -44.83 -14.08 48.20
C GLN A 769 -43.77 -14.56 47.22
N HIS A 770 -44.03 -14.43 45.92
CA HIS A 770 -43.05 -14.82 44.92
C HIS A 770 -41.85 -13.87 44.95
N ILE A 771 -42.11 -12.57 44.98
CA ILE A 771 -41.04 -11.59 45.01
C ILE A 771 -40.38 -11.56 46.39
N ALA A 772 -41.11 -11.93 47.44
CA ALA A 772 -40.50 -12.11 48.75
C ALA A 772 -39.53 -13.29 48.76
N SER A 773 -39.90 -14.40 48.10
CA SER A 773 -38.98 -15.53 47.99
C SER A 773 -37.80 -15.20 47.10
N ILE A 774 -38.00 -14.37 46.07
CA ILE A 774 -36.88 -13.87 45.27
C ILE A 774 -35.92 -13.06 46.13
N ALA A 775 -36.47 -12.20 47.00
CA ALA A 775 -35.64 -11.44 47.94
C ALA A 775 -34.91 -12.35 48.92
N GLN A 776 -35.54 -13.46 49.32
CA GLN A 776 -34.88 -14.45 50.16
C GLN A 776 -33.71 -15.10 49.45
N ILE A 777 -33.89 -15.46 48.17
CA ILE A 777 -32.80 -16.05 47.40
C ILE A 777 -31.69 -15.04 47.17
N GLN A 778 -32.04 -13.76 47.00
CA GLN A 778 -31.03 -12.71 46.88
C GLN A 778 -30.28 -12.51 48.19
N LEU A 779 -30.96 -12.67 49.33
CA LEU A 779 -30.27 -12.63 50.61
C LEU A 779 -29.34 -13.82 50.78
N LYS A 780 -29.73 -14.99 50.24
CA LYS A 780 -28.87 -16.17 50.32
C LYS A 780 -27.62 -16.00 49.47
N ARG A 781 -27.76 -15.47 48.25
CA ARG A 781 -26.57 -15.24 47.44
C ARG A 781 -25.75 -14.06 47.95
N LEU A 782 -26.39 -13.12 48.66
CA LEU A 782 -25.64 -12.07 49.33
C LEU A 782 -24.83 -12.63 50.49
N TYR A 783 -25.39 -13.61 51.20
CA TYR A 783 -24.64 -14.28 52.26
C TYR A 783 -23.49 -15.09 51.69
N LYS A 784 -23.70 -15.67 50.49
CA LYS A 784 -22.61 -16.33 49.79
C LYS A 784 -21.51 -15.36 49.41
N ARG A 785 -21.89 -14.16 48.94
CA ARG A 785 -20.89 -13.15 48.59
C ARG A 785 -20.18 -12.61 49.83
N LEU A 786 -20.87 -12.56 50.97
CA LEU A 786 -20.21 -12.15 52.21
C LEU A 786 -19.27 -13.23 52.72
N GLU A 787 -19.61 -14.50 52.51
CA GLU A 787 -18.70 -15.59 52.82
C GLU A 787 -17.48 -15.56 51.91
N GLU A 788 -17.67 -15.16 50.66
CA GLU A 788 -16.54 -14.92 49.76
C GLU A 788 -15.69 -13.75 50.25
N ARG A 789 -16.34 -12.70 50.76
CA ARG A 789 -15.61 -11.64 51.44
C ARG A 789 -15.07 -12.12 52.78
N GLY A 790 -15.75 -13.06 53.43
CA GLY A 790 -15.25 -13.64 54.66
C GLY A 790 -15.92 -13.14 55.92
N TYR A 791 -17.24 -13.06 55.91
CA TYR A 791 -18.01 -12.60 57.06
C TYR A 791 -19.23 -13.47 57.26
N GLU A 792 -19.71 -13.50 58.51
CA GLU A 792 -20.89 -14.26 58.91
C GLU A 792 -21.86 -13.28 59.56
N ILE A 793 -22.90 -12.89 58.82
CA ILE A 793 -23.83 -11.84 59.22
C ILE A 793 -25.24 -12.41 59.22
N HIS A 794 -25.94 -12.26 60.35
CA HIS A 794 -27.31 -12.71 60.49
C HIS A 794 -28.28 -11.54 60.35
N ILE A 795 -29.58 -11.87 60.34
CA ILE A 795 -30.63 -10.89 60.12
C ILE A 795 -31.82 -11.26 61.01
N SER A 796 -32.65 -10.26 61.30
CA SER A 796 -33.94 -10.48 61.91
C SER A 796 -35.02 -10.54 60.83
N ASP A 797 -36.16 -11.15 61.19
CA ASP A 797 -37.25 -11.28 60.23
C ASP A 797 -37.96 -9.96 59.99
N GLU A 798 -37.93 -9.05 60.98
CA GLU A 798 -38.48 -7.72 60.78
C GLU A 798 -37.65 -6.94 59.79
N ALA A 799 -36.31 -7.09 59.85
CA ALA A 799 -35.44 -6.49 58.84
C ALA A 799 -35.68 -7.11 57.46
N LEU A 800 -36.01 -8.41 57.42
CA LEU A 800 -36.36 -9.04 56.14
C LEU A 800 -37.65 -8.47 55.58
N LYS A 801 -38.64 -8.20 56.44
CA LYS A 801 -39.89 -7.63 55.95
C LYS A 801 -39.72 -6.19 55.50
N LEU A 802 -38.91 -5.40 56.22
CA LEU A 802 -38.63 -4.04 55.79
C LEU A 802 -37.84 -4.00 54.48
N LEU A 803 -36.89 -4.92 54.31
CA LEU A 803 -36.16 -5.00 53.04
C LEU A 803 -37.07 -5.45 51.91
N SER A 804 -38.00 -6.36 52.19
CA SER A 804 -38.96 -6.78 51.17
C SER A 804 -39.97 -5.69 50.85
N GLU A 805 -40.19 -4.75 51.77
CA GLU A 805 -41.16 -3.67 51.55
C GLU A 805 -40.51 -2.31 51.33
N ASN A 806 -39.21 -2.26 51.04
CA ASN A 806 -38.60 -0.99 50.66
C ASN A 806 -39.09 -0.50 49.30
N GLY A 807 -38.80 -1.25 48.26
CA GLY A 807 -39.10 -0.83 46.91
C GLY A 807 -39.95 -1.81 46.12
N TYR A 808 -40.94 -2.39 46.78
CA TYR A 808 -41.82 -3.36 46.13
C TYR A 808 -42.79 -2.63 45.21
N ASP A 809 -42.77 -3.00 43.93
CA ASP A 809 -43.69 -2.43 42.94
C ASP A 809 -43.92 -3.43 41.81
N PRO A 810 -45.16 -3.88 41.61
CA PRO A 810 -45.43 -4.85 40.52
C PRO A 810 -45.34 -4.24 39.13
N VAL A 811 -45.46 -2.92 39.01
CA VAL A 811 -45.42 -2.30 37.69
C VAL A 811 -44.00 -2.12 37.17
N TYR A 812 -43.00 -2.19 38.05
CA TYR A 812 -41.61 -2.05 37.65
C TYR A 812 -40.77 -3.30 37.90
N GLY A 813 -41.32 -4.31 38.56
CA GLY A 813 -40.61 -5.55 38.78
C GLY A 813 -39.89 -5.57 40.12
N ALA A 814 -39.17 -6.67 40.34
CA ALA A 814 -38.42 -6.85 41.57
C ALA A 814 -37.07 -6.15 41.56
N ARG A 815 -36.59 -5.73 40.40
CA ARG A 815 -35.30 -5.06 40.27
C ARG A 815 -35.21 -3.70 40.97
N PRO A 816 -36.28 -2.86 41.02
CA PRO A 816 -36.25 -1.74 41.98
C PRO A 816 -36.14 -2.19 43.42
N LEU A 817 -36.84 -3.26 43.80
CA LEU A 817 -36.70 -3.82 45.14
C LEU A 817 -35.29 -4.38 45.36
N LYS A 818 -34.73 -5.00 44.32
CA LYS A 818 -33.38 -5.56 44.40
C LYS A 818 -32.33 -4.49 44.60
N ARG A 819 -32.40 -3.41 43.81
CA ARG A 819 -31.43 -2.34 43.97
C ARG A 819 -31.68 -1.53 45.23
N ALA A 820 -32.92 -1.49 45.74
CA ALA A 820 -33.19 -0.84 47.01
C ALA A 820 -32.55 -1.60 48.16
N ILE A 821 -32.71 -2.93 48.17
CA ILE A 821 -32.05 -3.77 49.17
C ILE A 821 -30.53 -3.68 49.04
N GLN A 822 -30.04 -3.66 47.80
CA GLN A 822 -28.60 -3.64 47.57
C GLN A 822 -27.97 -2.32 48.00
N GLN A 823 -28.63 -1.19 47.74
CA GLN A 823 -28.13 0.09 48.21
C GLN A 823 -28.22 0.21 49.72
N GLN A 824 -29.38 -0.13 50.30
CA GLN A 824 -29.55 0.03 51.75
C GLN A 824 -28.80 -1.01 52.57
N ILE A 825 -28.18 -2.00 51.95
CA ILE A 825 -27.22 -2.86 52.63
C ILE A 825 -25.79 -2.45 52.34
N GLU A 826 -25.43 -2.23 51.07
CA GLU A 826 -24.04 -1.96 50.73
C GLU A 826 -23.57 -0.57 51.12
N ASN A 827 -24.48 0.37 51.40
CA ASN A 827 -23.96 1.64 51.91
C ASN A 827 -23.60 1.54 53.40
N PRO A 828 -24.54 1.22 54.37
CA PRO A 828 -24.13 1.34 55.78
C PRO A 828 -23.21 0.22 56.26
N LEU A 829 -23.43 -1.00 55.76
CA LEU A 829 -22.63 -2.14 56.22
C LEU A 829 -21.20 -2.05 55.72
N ALA A 830 -21.02 -1.81 54.41
CA ALA A 830 -19.67 -1.63 53.88
C ALA A 830 -19.07 -0.29 54.27
N GLN A 831 -19.88 0.68 54.71
CA GLN A 831 -19.31 1.87 55.33
C GLN A 831 -18.74 1.54 56.71
N GLN A 832 -19.42 0.71 57.47
CA GLN A 832 -18.89 0.25 58.75
C GLN A 832 -17.71 -0.71 58.57
N ILE A 833 -17.61 -1.37 57.42
CA ILE A 833 -16.40 -2.13 57.10
C ILE A 833 -15.21 -1.19 56.93
N LEU A 834 -15.41 -0.11 56.17
CA LEU A 834 -14.36 0.89 56.01
C LEU A 834 -14.15 1.73 57.26
N SER A 835 -15.13 1.75 58.16
CA SER A 835 -14.98 2.44 59.44
C SER A 835 -14.17 1.64 60.45
N GLY A 836 -13.88 0.37 60.17
CA GLY A 836 -13.11 -0.44 61.09
C GLY A 836 -13.94 -0.99 62.24
N GLU A 837 -15.07 -1.60 61.90
CA GLU A 837 -15.96 -2.18 62.90
C GLU A 837 -16.16 -3.67 62.74
N LEU A 838 -16.35 -4.15 61.51
CA LEU A 838 -16.62 -5.57 61.29
C LEU A 838 -15.32 -6.37 61.35
N VAL A 839 -15.35 -7.46 62.11
CA VAL A 839 -14.21 -8.35 62.28
C VAL A 839 -14.64 -9.73 61.84
N PRO A 840 -13.86 -10.43 60.98
CA PRO A 840 -14.25 -11.79 60.56
C PRO A 840 -14.20 -12.80 61.69
N GLY A 841 -15.37 -13.32 62.07
CA GLY A 841 -15.44 -14.28 63.16
C GLY A 841 -16.30 -13.80 64.31
N LYS A 842 -17.18 -12.84 64.05
CA LYS A 842 -18.07 -12.30 65.07
C LYS A 842 -19.51 -12.38 64.60
N VAL A 843 -20.42 -12.59 65.55
CA VAL A 843 -21.84 -12.67 65.24
C VAL A 843 -22.37 -11.28 64.97
N ILE A 844 -22.84 -11.05 63.75
CA ILE A 844 -23.32 -9.76 63.30
C ILE A 844 -24.80 -9.93 62.96
N ARG A 845 -25.67 -9.28 63.73
CA ARG A 845 -27.10 -9.34 63.51
C ARG A 845 -27.61 -8.03 62.93
N LEU A 846 -28.39 -8.11 61.86
CA LEU A 846 -28.98 -6.93 61.25
C LEU A 846 -30.23 -6.56 62.05
N GLU A 847 -30.01 -5.90 63.18
CA GLU A 847 -31.09 -5.45 64.03
C GLU A 847 -31.76 -4.22 63.43
N VAL A 848 -33.01 -4.02 63.77
CA VAL A 848 -33.81 -2.95 63.19
C VAL A 848 -33.69 -1.69 64.04
N ASN A 849 -33.66 -0.54 63.36
CA ASN A 849 -33.79 0.75 63.99
C ASN A 849 -35.26 1.15 63.98
N GLU A 850 -35.53 2.43 64.26
CA GLU A 850 -36.90 2.94 64.12
C GLU A 850 -37.32 2.97 62.65
N ASP A 851 -36.42 3.43 61.77
CA ASP A 851 -36.66 3.42 60.34
C ASP A 851 -35.54 2.78 59.55
N ARG A 852 -34.46 2.34 60.20
CA ARG A 852 -33.31 1.79 59.48
C ARG A 852 -32.93 0.41 60.00
N ILE A 853 -31.78 -0.09 59.57
CA ILE A 853 -31.25 -1.38 60.01
C ILE A 853 -29.84 -1.15 60.54
N VAL A 854 -29.59 -1.52 61.79
CA VAL A 854 -28.30 -1.34 62.42
C VAL A 854 -27.57 -2.68 62.44
N ALA A 855 -26.25 -2.63 62.31
CA ALA A 855 -25.39 -3.82 62.36
C ALA A 855 -24.63 -3.82 63.68
N VAL A 856 -24.72 -4.94 64.40
CA VAL A 856 -24.12 -5.07 65.71
C VAL A 856 -22.89 -5.97 65.63
N GLN A 857 -22.09 -5.95 66.69
CA GLN A 857 -20.87 -6.76 66.78
C GLN A 857 -20.96 -7.60 68.05
N HIS A 858 -21.35 -8.86 67.89
CA HIS A 858 -21.44 -9.78 69.03
C HIS A 858 -20.87 -11.15 68.66
N GLN B 159 31.84 -23.46 -28.26
CA GLN B 159 30.94 -22.37 -28.53
C GLN B 159 30.08 -22.04 -27.32
N ALA B 160 29.49 -20.84 -27.32
CA ALA B 160 28.56 -20.44 -26.29
C ALA B 160 27.13 -20.35 -26.80
N LEU B 161 26.85 -20.92 -27.95
CA LEU B 161 25.46 -21.15 -28.33
C LEU B 161 25.01 -22.54 -27.96
N LYS B 162 25.90 -23.52 -28.04
CA LYS B 162 25.56 -24.86 -27.60
C LYS B 162 25.45 -24.95 -26.09
N LYS B 163 26.00 -24.01 -25.35
CA LYS B 163 25.90 -24.09 -23.91
C LYS B 163 24.59 -23.52 -23.40
N TYR B 164 24.02 -22.53 -24.09
CA TYR B 164 22.93 -21.76 -23.53
C TYR B 164 21.69 -21.69 -24.41
N THR B 165 21.69 -22.27 -25.60
CA THR B 165 20.51 -22.30 -26.46
C THR B 165 20.11 -23.74 -26.77
N ILE B 166 18.87 -23.87 -27.24
CA ILE B 166 18.32 -25.14 -27.69
C ILE B 166 17.86 -24.93 -29.12
N ASP B 167 18.27 -25.82 -30.02
CA ASP B 167 18.02 -25.62 -31.44
C ASP B 167 16.62 -26.13 -31.77
N LEU B 168 15.70 -25.21 -32.07
CA LEU B 168 14.34 -25.64 -32.40
C LEU B 168 14.26 -26.25 -33.78
N THR B 169 15.12 -25.83 -34.72
CA THR B 169 15.04 -26.43 -36.04
C THR B 169 15.61 -27.83 -36.05
N GLU B 170 16.54 -28.14 -35.15
CA GLU B 170 17.02 -29.51 -35.03
C GLU B 170 15.93 -30.43 -34.49
N ARG B 171 15.13 -29.92 -33.56
CA ARG B 171 14.01 -30.70 -33.03
C ARG B 171 12.90 -30.81 -34.05
N ALA B 172 12.72 -29.79 -34.90
CA ALA B 172 11.74 -29.89 -35.98
C ALA B 172 12.22 -30.85 -37.05
N GLU B 173 13.53 -30.97 -37.22
CA GLU B 173 14.08 -31.93 -38.17
C GLU B 173 13.95 -33.35 -37.65
N GLN B 174 14.16 -33.55 -36.35
CA GLN B 174 13.93 -34.85 -35.75
C GLN B 174 12.47 -35.14 -35.49
N GLY B 175 11.60 -34.12 -35.59
CA GLY B 175 10.19 -34.35 -35.43
C GLY B 175 9.69 -34.39 -34.01
N LYS B 176 10.34 -33.68 -33.09
CA LYS B 176 9.89 -33.62 -31.72
C LYS B 176 8.87 -32.53 -31.46
N LEU B 177 8.42 -31.83 -32.49
CA LEU B 177 7.51 -30.73 -32.33
C LEU B 177 6.15 -31.08 -32.92
N ASP B 178 5.09 -30.60 -32.27
CA ASP B 178 3.73 -30.90 -32.68
C ASP B 178 3.40 -30.20 -34.00
N PRO B 179 2.50 -30.77 -34.80
CA PRO B 179 2.11 -30.10 -36.05
C PRO B 179 1.34 -28.83 -35.75
N VAL B 180 1.70 -27.76 -36.44
CA VAL B 180 1.09 -26.46 -36.22
C VAL B 180 0.23 -26.12 -37.41
N ILE B 181 -1.04 -25.93 -37.17
CA ILE B 181 -2.07 -25.93 -38.19
C ILE B 181 -2.94 -24.71 -38.00
N GLY B 182 -3.12 -23.97 -39.07
CA GLY B 182 -3.69 -22.65 -38.97
C GLY B 182 -2.58 -21.68 -38.67
N ARG B 183 -2.97 -20.55 -38.07
CA ARG B 183 -2.06 -19.46 -37.68
C ARG B 183 -1.27 -18.94 -38.87
N ASP B 184 -1.93 -18.85 -40.02
CA ASP B 184 -1.26 -18.41 -41.25
C ASP B 184 -0.85 -16.96 -41.15
N GLU B 185 -1.77 -16.09 -40.75
CA GLU B 185 -1.52 -14.66 -40.79
C GLU B 185 -0.55 -14.23 -39.70
N GLU B 186 -0.55 -14.91 -38.55
CA GLU B 186 0.41 -14.55 -37.51
C GLU B 186 1.83 -14.97 -37.89
N ILE B 187 1.98 -16.11 -38.56
CA ILE B 187 3.30 -16.53 -39.01
C ILE B 187 3.78 -15.64 -40.15
N ARG B 188 2.89 -15.23 -41.06
CA ARG B 188 3.29 -14.31 -42.11
C ARG B 188 3.69 -12.94 -41.57
N ARG B 189 2.94 -12.42 -40.59
CA ARG B 189 3.30 -11.18 -39.92
C ARG B 189 4.63 -11.30 -39.21
N THR B 190 4.87 -12.43 -38.54
CA THR B 190 6.15 -12.67 -37.86
C THR B 190 7.32 -12.69 -38.83
N ILE B 191 7.14 -13.34 -39.99
CA ILE B 191 8.19 -13.37 -40.99
C ILE B 191 8.41 -11.99 -41.60
N GLN B 192 7.35 -11.19 -41.74
CA GLN B 192 7.52 -9.83 -42.22
C GLN B 192 8.29 -8.96 -41.24
N VAL B 193 8.11 -9.19 -39.94
CA VAL B 193 8.84 -8.38 -38.97
C VAL B 193 10.28 -8.84 -38.84
N LEU B 194 10.55 -10.14 -38.95
CA LEU B 194 11.93 -10.63 -38.85
C LEU B 194 12.82 -10.14 -39.98
N GLN B 195 12.27 -9.92 -41.16
CA GLN B 195 13.08 -9.42 -42.26
C GLN B 195 12.91 -7.91 -42.43
N ARG B 196 13.18 -7.18 -41.37
CA ARG B 196 13.31 -5.74 -41.45
C ARG B 196 14.78 -5.37 -41.48
N ARG B 197 15.04 -4.09 -41.70
CA ARG B 197 16.41 -3.61 -41.65
C ARG B 197 16.82 -3.41 -40.19
N THR B 198 16.03 -2.65 -39.44
CA THR B 198 16.17 -2.50 -37.99
C THR B 198 14.92 -2.99 -37.29
N LYS B 199 15.08 -3.39 -36.02
CA LYS B 199 14.04 -3.93 -35.14
C LYS B 199 13.39 -5.18 -35.72
N ASN B 200 14.17 -6.24 -35.82
CA ASN B 200 13.66 -7.50 -36.31
C ASN B 200 13.11 -8.33 -35.14
N ASN B 201 12.18 -7.76 -34.39
CA ASN B 201 11.84 -8.28 -33.06
C ASN B 201 10.33 -8.45 -32.91
N PRO B 202 9.78 -9.56 -33.34
CA PRO B 202 8.35 -9.79 -33.13
C PRO B 202 8.07 -10.42 -31.77
N VAL B 203 7.34 -9.74 -30.91
CA VAL B 203 6.92 -10.34 -29.65
C VAL B 203 5.52 -10.87 -29.86
N LEU B 204 5.32 -12.15 -29.59
CA LEU B 204 4.02 -12.76 -29.77
C LEU B 204 3.24 -12.58 -28.48
N ILE B 205 2.12 -11.89 -28.57
CA ILE B 205 1.37 -11.48 -27.39
C ILE B 205 -0.07 -11.92 -27.54
N GLY B 206 -0.55 -12.70 -26.57
CA GLY B 206 -1.91 -13.13 -26.52
C GLY B 206 -2.16 -13.65 -25.13
N GLU B 207 -3.35 -14.14 -24.89
CA GLU B 207 -3.70 -14.73 -23.61
C GLU B 207 -2.99 -16.08 -23.47
N PRO B 208 -2.95 -16.68 -22.28
CA PRO B 208 -2.20 -17.93 -22.18
C PRO B 208 -3.00 -19.14 -22.66
N GLY B 209 -2.40 -19.93 -23.54
CA GLY B 209 -3.03 -21.08 -24.12
C GLY B 209 -3.35 -20.93 -25.58
N VAL B 210 -3.29 -19.72 -26.13
CA VAL B 210 -3.76 -19.46 -27.49
C VAL B 210 -2.82 -19.94 -28.57
N GLY B 211 -1.68 -20.51 -28.23
CA GLY B 211 -0.78 -20.96 -29.26
C GLY B 211 0.30 -19.97 -29.64
N LYS B 212 1.11 -19.54 -28.68
CA LYS B 212 2.19 -18.59 -28.95
C LYS B 212 3.53 -19.27 -29.11
N THR B 213 3.86 -20.22 -28.25
CA THR B 213 5.02 -21.06 -28.49
C THR B 213 4.82 -21.91 -29.73
N ALA B 214 3.57 -22.28 -30.01
CA ALA B 214 3.28 -23.08 -31.18
C ALA B 214 3.46 -22.32 -32.47
N ILE B 215 3.35 -20.99 -32.48
CA ILE B 215 3.61 -20.24 -33.70
C ILE B 215 5.08 -20.30 -34.05
N VAL B 216 5.97 -20.23 -33.05
CA VAL B 216 7.38 -20.30 -33.36
C VAL B 216 7.78 -21.73 -33.69
N GLU B 217 7.10 -22.72 -33.12
CA GLU B 217 7.35 -24.09 -33.55
C GLU B 217 6.87 -24.32 -34.97
N GLY B 218 5.78 -23.69 -35.37
CA GLY B 218 5.33 -23.77 -36.74
C GLY B 218 6.22 -23.02 -37.70
N LEU B 219 6.81 -21.91 -37.23
CA LEU B 219 7.79 -21.19 -38.03
C LEU B 219 9.02 -22.04 -38.26
N ALA B 220 9.50 -22.71 -37.22
CA ALA B 220 10.67 -23.57 -37.37
C ALA B 220 10.38 -24.74 -38.28
N GLN B 221 9.18 -25.31 -38.21
CA GLN B 221 8.84 -26.38 -39.13
C GLN B 221 8.68 -25.90 -40.56
N ARG B 222 8.24 -24.66 -40.77
CA ARG B 222 8.17 -24.15 -42.13
C ARG B 222 9.56 -23.86 -42.68
N ILE B 223 10.48 -23.44 -41.82
CA ILE B 223 11.87 -23.25 -42.25
C ILE B 223 12.50 -24.59 -42.61
N ILE B 224 12.15 -25.65 -41.87
CA ILE B 224 12.64 -26.98 -42.20
C ILE B 224 12.08 -27.46 -43.54
N ASN B 225 10.76 -27.36 -43.70
CA ASN B 225 10.16 -27.91 -44.92
C ASN B 225 10.35 -27.03 -46.14
N GLY B 226 10.86 -25.82 -45.98
CA GLY B 226 11.04 -24.93 -47.10
C GLY B 226 9.81 -24.14 -47.49
N GLU B 227 8.88 -23.97 -46.57
CA GLU B 227 7.64 -23.27 -46.85
C GLU B 227 7.70 -21.79 -46.52
N VAL B 228 8.89 -21.23 -46.38
CA VAL B 228 9.11 -19.81 -46.11
C VAL B 228 9.58 -19.16 -47.41
N PRO B 229 9.72 -17.83 -47.50
CA PRO B 229 10.40 -17.26 -48.66
C PRO B 229 11.87 -17.59 -48.75
N GLU B 230 12.51 -17.22 -49.87
CA GLU B 230 13.91 -17.56 -50.11
C GLU B 230 14.86 -16.87 -49.14
N GLY B 231 14.41 -15.81 -48.47
CA GLY B 231 15.25 -15.17 -47.48
C GLY B 231 15.47 -16.04 -46.25
N LEU B 232 14.42 -16.69 -45.77
CA LEU B 232 14.56 -17.48 -44.55
C LEU B 232 14.94 -18.92 -44.80
N LYS B 233 15.22 -19.31 -46.03
CA LYS B 233 15.49 -20.72 -46.31
C LYS B 233 16.86 -21.08 -45.77
N GLY B 234 16.88 -21.68 -44.59
CA GLY B 234 18.12 -22.14 -44.03
C GLY B 234 18.45 -21.50 -42.71
N ARG B 235 17.53 -20.72 -42.15
CA ARG B 235 17.78 -20.09 -40.87
C ARG B 235 17.75 -21.11 -39.75
N ARG B 236 18.18 -20.68 -38.57
CA ARG B 236 18.25 -21.53 -37.41
C ARG B 236 17.51 -20.86 -36.27
N VAL B 237 16.44 -21.49 -35.80
CA VAL B 237 15.66 -20.95 -34.70
C VAL B 237 16.25 -21.50 -33.41
N LEU B 238 17.00 -20.68 -32.70
CA LEU B 238 17.64 -21.09 -31.45
C LEU B 238 16.89 -20.49 -30.27
N ALA B 239 16.68 -21.32 -29.26
CA ALA B 239 15.86 -20.95 -28.12
C ALA B 239 16.77 -20.57 -26.96
N LEU B 240 16.94 -19.26 -26.75
CA LEU B 240 17.83 -18.79 -25.71
C LEU B 240 17.22 -19.07 -24.34
N ASP B 241 18.05 -19.52 -23.42
CA ASP B 241 17.62 -20.00 -22.12
C ASP B 241 18.08 -18.99 -21.08
N MET B 242 17.11 -18.35 -20.41
CA MET B 242 17.47 -17.41 -19.37
C MET B 242 17.94 -18.12 -18.11
N GLY B 243 17.31 -19.25 -17.79
CA GLY B 243 17.72 -20.02 -16.63
C GLY B 243 19.11 -20.60 -16.77
N ALA B 244 19.51 -20.98 -17.97
CA ALA B 244 20.85 -21.49 -18.17
C ALA B 244 21.90 -20.40 -18.23
N LEU B 245 21.50 -19.15 -18.48
CA LEU B 245 22.47 -18.06 -18.41
C LEU B 245 22.67 -17.57 -16.99
N VAL B 246 21.60 -17.39 -16.23
CA VAL B 246 21.73 -16.88 -14.87
C VAL B 246 22.37 -17.90 -13.93
N ALA B 247 22.35 -19.20 -14.31
CA ALA B 247 22.45 -20.34 -13.39
C ALA B 247 23.69 -20.31 -12.52
N GLY B 248 24.87 -20.42 -13.10
CA GLY B 248 26.03 -20.56 -12.25
C GLY B 248 26.89 -19.31 -12.15
N ALA B 249 26.27 -18.15 -12.13
CA ALA B 249 26.99 -16.89 -12.27
C ALA B 249 26.76 -16.03 -11.04
N LYS B 250 27.55 -16.29 -10.00
CA LYS B 250 27.47 -15.53 -8.77
C LYS B 250 28.54 -14.48 -8.62
N TYR B 251 29.66 -14.64 -9.31
CA TYR B 251 30.72 -13.64 -9.26
C TYR B 251 30.29 -12.42 -10.04
N ARG B 252 30.97 -11.31 -9.77
CA ARG B 252 30.70 -10.08 -10.51
C ARG B 252 31.15 -10.26 -11.95
N GLY B 253 30.25 -10.03 -12.87
CA GLY B 253 30.58 -10.16 -14.27
C GLY B 253 30.80 -11.58 -14.72
N GLU B 254 29.82 -12.43 -14.52
CA GLU B 254 29.87 -13.74 -15.15
C GLU B 254 28.65 -13.98 -16.03
N PHE B 255 27.49 -13.51 -15.58
CA PHE B 255 26.32 -13.42 -16.45
C PHE B 255 26.60 -12.53 -17.64
N GLU B 256 27.25 -11.40 -17.42
CA GLU B 256 27.56 -10.47 -18.49
C GLU B 256 28.53 -11.08 -19.48
N GLU B 257 29.44 -11.92 -19.01
CA GLU B 257 30.40 -12.53 -19.93
C GLU B 257 29.75 -13.65 -20.73
N ARG B 258 28.88 -14.44 -20.09
CA ARG B 258 28.09 -15.45 -20.81
C ARG B 258 27.24 -14.80 -21.89
N LEU B 259 26.54 -13.74 -21.53
CA LEU B 259 25.63 -13.08 -22.46
C LEU B 259 26.38 -12.38 -23.57
N LYS B 260 27.55 -11.81 -23.27
CA LYS B 260 28.36 -11.20 -24.33
C LYS B 260 28.94 -12.26 -25.26
N GLY B 261 29.29 -13.43 -24.73
CA GLY B 261 29.72 -14.51 -25.60
C GLY B 261 28.62 -15.01 -26.49
N VAL B 262 27.39 -15.03 -25.99
CA VAL B 262 26.22 -15.36 -26.80
C VAL B 262 26.04 -14.34 -27.93
N LEU B 263 26.13 -13.05 -27.60
CA LEU B 263 25.95 -12.03 -28.63
C LEU B 263 27.07 -12.05 -29.66
N ASN B 264 28.30 -12.36 -29.26
CA ASN B 264 29.38 -12.43 -30.25
C ASN B 264 29.26 -13.67 -31.12
N ASP B 265 28.78 -14.79 -30.56
CA ASP B 265 28.57 -15.96 -31.39
C ASP B 265 27.40 -15.76 -32.35
N LEU B 266 26.40 -14.98 -31.96
CA LEU B 266 25.32 -14.70 -32.89
C LEU B 266 25.75 -13.73 -33.97
N ALA B 267 26.64 -12.78 -33.65
CA ALA B 267 27.17 -11.91 -34.67
C ALA B 267 28.12 -12.64 -35.60
N LYS B 268 28.72 -13.73 -35.14
CA LYS B 268 29.59 -14.53 -35.99
C LYS B 268 28.82 -15.33 -37.02
N GLN B 269 27.53 -15.59 -36.79
CA GLN B 269 26.69 -16.36 -37.69
C GLN B 269 26.26 -15.60 -38.92
N GLU B 270 26.56 -14.30 -38.99
CA GLU B 270 26.25 -13.42 -40.12
C GLU B 270 24.75 -13.37 -40.40
N GLY B 271 23.97 -13.16 -39.34
CA GLY B 271 22.55 -12.90 -39.50
C GLY B 271 21.74 -14.11 -39.88
N ASN B 272 22.14 -15.29 -39.46
CA ASN B 272 21.51 -16.53 -39.88
C ASN B 272 20.61 -17.09 -38.79
N VAL B 273 20.74 -16.64 -37.56
CA VAL B 273 20.08 -17.28 -36.43
C VAL B 273 18.93 -16.40 -35.99
N ILE B 274 17.71 -16.88 -36.19
CA ILE B 274 16.54 -16.33 -35.53
C ILE B 274 16.62 -16.73 -34.07
N LEU B 275 16.73 -15.76 -33.17
CA LEU B 275 16.79 -16.06 -31.77
C LEU B 275 15.38 -16.11 -31.19
N PHE B 276 15.15 -17.01 -30.24
CA PHE B 276 13.83 -17.15 -29.65
C PHE B 276 13.91 -17.08 -28.13
N ILE B 277 13.15 -16.16 -27.55
CA ILE B 277 13.03 -16.00 -26.12
C ILE B 277 11.54 -16.03 -25.80
N ASP B 278 11.06 -17.11 -25.21
CA ASP B 278 9.70 -17.08 -24.69
C ASP B 278 9.74 -16.76 -23.21
N ALA B 279 8.62 -16.21 -22.73
CA ALA B 279 8.58 -15.41 -21.51
C ALA B 279 9.66 -14.33 -21.55
N LEU B 280 9.44 -13.38 -22.45
CA LEU B 280 10.38 -12.28 -22.65
C LEU B 280 10.52 -11.37 -21.41
N HIS B 281 9.55 -11.41 -20.52
CA HIS B 281 9.65 -10.70 -19.25
C HIS B 281 10.73 -11.27 -18.35
N THR B 282 11.00 -12.57 -18.48
CA THR B 282 12.14 -13.17 -17.81
C THR B 282 13.44 -12.56 -18.32
N MET B 283 13.50 -12.25 -19.61
CA MET B 283 14.65 -11.51 -20.13
C MET B 283 14.72 -10.12 -19.54
N VAL B 284 13.57 -9.49 -19.27
CA VAL B 284 13.58 -8.13 -18.71
C VAL B 284 14.25 -8.10 -17.34
N GLY B 285 13.92 -9.06 -16.49
CA GLY B 285 14.58 -9.00 -15.18
C GLY B 285 15.64 -10.05 -14.88
N ALA B 286 16.53 -10.38 -15.82
CA ALA B 286 17.24 -11.65 -15.74
C ALA B 286 18.46 -11.61 -14.84
N GLY B 287 19.47 -10.83 -15.21
CA GLY B 287 20.72 -10.89 -14.47
C GLY B 287 20.88 -9.73 -13.51
N LYS B 288 19.75 -9.16 -13.11
CA LYS B 288 19.74 -7.97 -12.27
C LYS B 288 20.12 -8.36 -10.87
N ALA B 289 21.39 -8.23 -10.57
CA ALA B 289 21.92 -8.31 -9.22
C ALA B 289 22.16 -6.90 -8.71
N ASP B 290 22.82 -6.78 -7.57
CA ASP B 290 23.23 -5.49 -7.07
C ASP B 290 24.29 -4.94 -8.00
N GLY B 291 23.87 -4.00 -8.85
CA GLY B 291 24.69 -3.32 -9.86
C GLY B 291 25.30 -4.31 -10.86
N ALA B 292 24.42 -4.94 -11.61
CA ALA B 292 24.79 -5.90 -12.64
C ALA B 292 24.03 -5.57 -13.90
N MET B 293 24.70 -5.70 -15.04
CA MET B 293 24.07 -5.42 -16.32
C MET B 293 23.15 -6.59 -16.63
N ASP B 294 21.85 -6.39 -16.46
CA ASP B 294 20.88 -7.45 -16.70
C ASP B 294 20.71 -7.68 -18.20
N ALA B 295 19.87 -8.65 -18.54
CA ALA B 295 19.78 -9.06 -19.94
C ALA B 295 19.04 -8.04 -20.78
N GLY B 296 18.13 -7.29 -20.16
CA GLY B 296 17.46 -6.21 -20.87
C GLY B 296 18.43 -5.14 -21.33
N ASN B 297 19.27 -4.66 -20.43
CA ASN B 297 20.18 -3.59 -20.77
C ASN B 297 21.38 -4.02 -21.59
N MET B 298 21.61 -5.31 -21.76
CA MET B 298 22.70 -5.75 -22.62
C MET B 298 22.22 -6.18 -23.99
N LEU B 299 20.97 -6.65 -24.10
CA LEU B 299 20.40 -6.87 -25.41
C LEU B 299 19.80 -5.61 -26.02
N LYS B 300 19.60 -4.57 -25.23
CA LYS B 300 18.96 -3.35 -25.67
C LYS B 300 19.69 -2.57 -26.78
N PRO B 301 21.02 -2.60 -26.91
CA PRO B 301 21.61 -2.06 -28.15
C PRO B 301 21.43 -2.93 -29.38
N ALA B 302 21.62 -4.24 -29.29
CA ALA B 302 21.55 -5.06 -30.49
C ALA B 302 20.15 -5.30 -30.98
N LEU B 303 19.15 -5.18 -30.11
CA LEU B 303 17.76 -5.27 -30.55
C LEU B 303 17.37 -4.07 -31.39
N ALA B 304 17.82 -2.88 -31.01
CA ALA B 304 17.50 -1.68 -31.77
C ALA B 304 18.15 -1.66 -33.13
N ARG B 305 19.38 -2.17 -33.22
CA ARG B 305 20.14 -2.07 -34.44
C ARG B 305 19.81 -3.17 -35.44
N GLY B 306 18.82 -4.00 -35.15
CA GLY B 306 18.38 -5.01 -36.07
C GLY B 306 19.33 -6.15 -36.30
N GLU B 307 20.35 -6.29 -35.47
CA GLU B 307 21.39 -7.28 -35.65
C GLU B 307 21.16 -8.50 -34.81
N LEU B 308 20.06 -8.53 -34.06
CA LEU B 308 19.64 -9.69 -33.28
C LEU B 308 18.18 -9.91 -33.58
N HIS B 309 17.84 -11.10 -34.07
CA HIS B 309 16.55 -11.35 -34.70
C HIS B 309 15.55 -11.95 -33.73
N CYS B 310 15.57 -11.47 -32.49
CA CYS B 310 14.90 -12.04 -31.33
C CYS B 310 13.38 -12.14 -31.46
N VAL B 311 12.85 -13.34 -31.60
CA VAL B 311 11.41 -13.59 -31.57
C VAL B 311 11.01 -13.78 -30.12
N GLY B 312 10.08 -12.97 -29.64
CA GLY B 312 9.61 -13.06 -28.29
C GLY B 312 8.29 -13.78 -28.21
N ALA B 313 7.87 -14.04 -26.98
CA ALA B 313 6.56 -14.59 -26.73
C ALA B 313 6.23 -14.30 -25.28
N THR B 314 5.22 -13.50 -25.04
CA THR B 314 4.83 -13.23 -23.67
C THR B 314 3.34 -13.01 -23.61
N THR B 315 2.78 -13.33 -22.47
CA THR B 315 1.36 -13.16 -22.22
C THR B 315 1.05 -11.67 -22.15
N LEU B 316 -0.16 -11.32 -22.53
CA LEU B 316 -0.66 -9.96 -22.60
C LEU B 316 -0.74 -9.26 -21.26
N ASP B 317 -0.63 -9.98 -20.14
CA ASP B 317 -0.59 -9.37 -18.81
C ASP B 317 0.77 -9.41 -18.16
N GLU B 318 1.60 -10.40 -18.47
CA GLU B 318 3.03 -10.30 -18.15
C GLU B 318 3.68 -9.15 -18.88
N TYR B 319 3.24 -8.87 -20.11
CA TYR B 319 3.76 -7.74 -20.86
C TYR B 319 3.46 -6.43 -20.16
N ARG B 320 2.26 -6.30 -19.58
CA ARG B 320 1.90 -5.07 -18.90
C ARG B 320 2.67 -4.89 -17.60
N GLN B 321 2.80 -5.96 -16.81
CA GLN B 321 3.49 -5.87 -15.55
C GLN B 321 4.96 -5.58 -15.75
N TYR B 322 5.60 -6.28 -16.68
CA TYR B 322 7.04 -6.36 -16.73
C TYR B 322 7.69 -5.59 -17.88
N ILE B 323 7.14 -5.63 -19.10
CA ILE B 323 7.84 -5.07 -20.24
C ILE B 323 7.45 -3.63 -20.50
N GLU B 324 6.18 -3.28 -20.36
CA GLU B 324 5.77 -1.89 -20.44
C GLU B 324 6.25 -1.06 -19.26
N LYS B 325 6.73 -1.72 -18.22
CA LYS B 325 7.42 -1.03 -17.13
C LYS B 325 8.67 -0.32 -17.63
N ASP B 326 9.34 -0.90 -18.63
CA ASP B 326 10.58 -0.36 -19.20
C ASP B 326 10.35 0.01 -20.66
N ALA B 327 10.14 1.29 -20.94
CA ALA B 327 9.63 1.70 -22.24
C ALA B 327 10.65 1.64 -23.37
N ALA B 328 11.95 1.66 -23.08
CA ALA B 328 12.94 1.55 -24.14
C ALA B 328 13.01 0.14 -24.69
N LEU B 329 13.05 -0.84 -23.80
CA LEU B 329 13.01 -2.22 -24.24
C LEU B 329 11.63 -2.58 -24.77
N GLU B 330 10.63 -1.84 -24.36
CA GLU B 330 9.31 -2.04 -24.91
C GLU B 330 9.26 -1.58 -26.36
N ARG B 331 9.93 -0.47 -26.69
CA ARG B 331 9.89 -0.10 -28.09
C ARG B 331 10.82 -0.91 -28.95
N ARG B 332 11.74 -1.68 -28.37
CA ARG B 332 12.56 -2.54 -29.24
C ARG B 332 11.78 -3.63 -29.96
N PHE B 333 10.59 -4.01 -29.49
CA PHE B 333 9.84 -5.16 -29.99
C PHE B 333 8.56 -4.74 -30.69
N GLN B 334 8.15 -5.53 -31.68
CA GLN B 334 6.91 -5.31 -32.41
C GLN B 334 5.89 -6.34 -31.97
N LYS B 335 4.69 -5.89 -31.63
CA LYS B 335 3.69 -6.77 -31.05
C LYS B 335 2.91 -7.47 -32.14
N VAL B 336 2.90 -8.79 -32.10
CA VAL B 336 2.05 -9.62 -32.95
C VAL B 336 0.95 -10.16 -32.06
N PHE B 337 -0.26 -9.67 -32.25
CA PHE B 337 -1.36 -10.07 -31.38
C PHE B 337 -1.88 -11.42 -31.84
N VAL B 338 -1.80 -12.42 -30.97
CA VAL B 338 -2.25 -13.77 -31.28
C VAL B 338 -3.62 -13.91 -30.64
N ALA B 339 -4.66 -13.80 -31.44
CA ALA B 339 -6.01 -13.89 -30.91
C ALA B 339 -6.37 -15.34 -30.64
N GLU B 340 -7.26 -15.52 -29.68
CA GLU B 340 -7.78 -16.85 -29.38
C GLU B 340 -8.57 -17.35 -30.58
N PRO B 341 -8.34 -18.58 -31.04
CA PRO B 341 -8.99 -19.02 -32.27
C PRO B 341 -10.46 -19.35 -32.04
N SER B 342 -11.18 -19.44 -33.15
CA SER B 342 -12.60 -19.71 -33.10
C SER B 342 -12.84 -21.19 -32.84
N VAL B 343 -14.10 -21.61 -32.93
CA VAL B 343 -14.39 -23.03 -32.72
C VAL B 343 -13.99 -23.83 -33.96
N GLU B 344 -14.22 -23.29 -35.16
CA GLU B 344 -13.86 -24.01 -36.39
C GLU B 344 -12.36 -24.18 -36.53
N ASP B 345 -11.60 -23.15 -36.15
CA ASP B 345 -10.15 -23.24 -36.14
C ASP B 345 -9.69 -24.29 -35.13
N THR B 346 -10.38 -24.39 -34.01
CA THR B 346 -10.02 -25.37 -33.00
C THR B 346 -10.34 -26.78 -33.47
N ILE B 347 -11.42 -26.96 -34.23
CA ILE B 347 -11.72 -28.26 -34.82
C ILE B 347 -10.65 -28.65 -35.82
N ALA B 348 -10.15 -27.69 -36.59
CA ALA B 348 -9.07 -27.98 -37.53
C ALA B 348 -7.77 -28.34 -36.82
N ILE B 349 -7.47 -27.61 -35.74
CA ILE B 349 -6.28 -27.90 -34.93
C ILE B 349 -6.36 -29.28 -34.33
N LEU B 350 -7.50 -29.62 -33.74
CA LEU B 350 -7.66 -30.92 -33.11
C LEU B 350 -7.70 -32.05 -34.12
N ARG B 351 -8.19 -31.79 -35.33
CA ARG B 351 -8.08 -32.81 -36.37
C ARG B 351 -6.64 -33.00 -36.79
N GLY B 352 -5.82 -31.97 -36.68
CA GLY B 352 -4.41 -32.14 -36.96
C GLY B 352 -3.59 -32.81 -35.88
N LEU B 353 -3.84 -32.48 -34.62
CA LEU B 353 -3.16 -33.08 -33.48
C LEU B 353 -3.73 -34.43 -33.07
N LYS B 354 -4.74 -34.93 -33.78
CA LYS B 354 -5.42 -36.15 -33.38
C LYS B 354 -4.50 -37.36 -33.46
N GLU B 355 -3.70 -37.42 -34.52
CA GLU B 355 -2.87 -38.60 -34.77
C GLU B 355 -1.79 -38.75 -33.71
N ARG B 356 -1.34 -37.65 -33.12
CA ARG B 356 -0.31 -37.72 -32.10
C ARG B 356 -0.88 -38.26 -30.79
N TYR B 357 -2.09 -37.84 -30.42
CA TYR B 357 -2.73 -38.38 -29.23
C TYR B 357 -3.18 -39.81 -29.42
N GLU B 358 -3.51 -40.20 -30.65
CA GLU B 358 -3.75 -41.61 -30.93
C GLU B 358 -2.48 -42.43 -30.79
N LEU B 359 -1.36 -41.93 -31.30
CA LEU B 359 -0.11 -42.67 -31.18
C LEU B 359 0.44 -42.69 -29.76
N HIS B 360 0.02 -41.75 -28.90
CA HIS B 360 0.44 -41.83 -27.52
C HIS B 360 -0.47 -42.72 -26.68
N HIS B 361 -1.76 -42.44 -26.68
CA HIS B 361 -2.67 -43.17 -25.81
C HIS B 361 -3.04 -44.56 -26.34
N HIS B 362 -2.72 -44.86 -27.60
CA HIS B 362 -3.13 -46.09 -28.30
C HIS B 362 -4.64 -46.28 -28.29
N VAL B 363 -5.37 -45.21 -28.55
CA VAL B 363 -6.82 -45.28 -28.72
C VAL B 363 -7.13 -44.70 -30.09
N GLN B 364 -8.40 -44.64 -30.43
CA GLN B 364 -8.83 -43.93 -31.63
C GLN B 364 -9.75 -42.80 -31.22
N ILE B 365 -9.48 -41.61 -31.73
CA ILE B 365 -10.28 -40.43 -31.44
C ILE B 365 -11.17 -40.19 -32.66
N THR B 366 -12.47 -40.07 -32.43
CA THR B 366 -13.42 -39.95 -33.51
C THR B 366 -13.69 -38.47 -33.74
N ASP B 367 -14.04 -38.11 -34.97
CA ASP B 367 -14.30 -36.70 -35.28
C ASP B 367 -15.51 -36.09 -34.56
N PRO B 368 -16.61 -36.81 -34.26
CA PRO B 368 -17.58 -36.23 -33.31
C PRO B 368 -17.03 -35.90 -31.95
N ALA B 369 -16.03 -36.65 -31.47
CA ALA B 369 -15.38 -36.27 -30.22
C ALA B 369 -14.62 -34.97 -30.36
N ILE B 370 -14.08 -34.70 -31.54
CA ILE B 370 -13.34 -33.46 -31.77
C ILE B 370 -14.28 -32.27 -31.80
N VAL B 371 -15.36 -32.36 -32.56
CA VAL B 371 -16.29 -31.24 -32.60
C VAL B 371 -17.01 -31.07 -31.26
N ALA B 372 -17.18 -32.16 -30.51
CA ALA B 372 -17.76 -32.06 -29.18
C ALA B 372 -16.80 -31.38 -28.22
N ALA B 373 -15.51 -31.69 -28.32
CA ALA B 373 -14.53 -31.07 -27.42
C ALA B 373 -14.44 -29.59 -27.65
N ALA B 374 -14.33 -29.18 -28.92
CA ALA B 374 -14.24 -27.77 -29.25
C ALA B 374 -15.51 -27.01 -28.86
N THR B 375 -16.68 -27.54 -29.22
CA THR B 375 -17.95 -26.88 -28.93
C THR B 375 -18.22 -26.80 -27.43
N LEU B 376 -18.09 -27.93 -26.73
CA LEU B 376 -18.44 -27.99 -25.32
C LEU B 376 -17.46 -27.22 -24.45
N SER B 377 -16.16 -27.28 -24.75
CA SER B 377 -15.23 -26.53 -23.95
C SER B 377 -15.32 -25.04 -24.23
N HIS B 378 -15.67 -24.65 -25.46
CA HIS B 378 -15.91 -23.25 -25.72
C HIS B 378 -17.14 -22.75 -24.99
N ARG B 379 -18.12 -23.62 -24.81
CA ARG B 379 -19.35 -23.16 -24.19
C ARG B 379 -19.26 -23.14 -22.67
N TYR B 380 -18.69 -24.17 -22.05
CA TYR B 380 -18.85 -24.38 -20.61
C TYR B 380 -17.63 -23.99 -19.79
N ILE B 381 -16.43 -24.35 -20.22
CA ILE B 381 -15.24 -23.98 -19.48
C ILE B 381 -14.98 -22.49 -19.65
N ALA B 382 -14.90 -21.77 -18.54
CA ALA B 382 -14.69 -20.33 -18.56
C ALA B 382 -13.30 -19.92 -18.12
N ASP B 383 -12.47 -20.87 -17.72
CA ASP B 383 -11.19 -20.57 -17.08
C ASP B 383 -10.06 -20.54 -18.10
N ARG B 384 -9.85 -21.63 -18.81
CA ARG B 384 -8.76 -21.74 -19.77
C ARG B 384 -9.24 -21.25 -21.13
N GLN B 385 -8.41 -21.38 -22.15
CA GLN B 385 -8.73 -20.82 -23.45
C GLN B 385 -8.49 -21.80 -24.58
N LEU B 386 -9.20 -21.59 -25.68
CA LEU B 386 -9.03 -22.44 -26.85
C LEU B 386 -7.70 -22.12 -27.52
N PRO B 387 -7.05 -23.11 -28.13
CA PRO B 387 -7.39 -24.51 -28.33
C PRO B 387 -6.99 -25.39 -27.19
N ASP B 388 -6.52 -24.79 -26.10
CA ASP B 388 -5.88 -25.58 -25.05
C ASP B 388 -6.88 -26.41 -24.25
N LYS B 389 -8.03 -25.84 -23.93
CA LYS B 389 -9.01 -26.57 -23.12
C LYS B 389 -9.68 -27.68 -23.92
N ALA B 390 -9.74 -27.54 -25.24
CA ALA B 390 -10.29 -28.61 -26.06
C ALA B 390 -9.34 -29.78 -26.15
N ILE B 391 -8.04 -29.48 -26.26
CA ILE B 391 -7.00 -30.50 -26.17
C ILE B 391 -7.03 -31.17 -24.81
N ASP B 392 -7.35 -30.42 -23.75
CA ASP B 392 -7.47 -31.01 -22.43
C ASP B 392 -8.61 -32.01 -22.35
N LEU B 393 -9.77 -31.69 -22.93
CA LEU B 393 -10.88 -32.64 -22.91
C LEU B 393 -10.56 -33.89 -23.70
N ILE B 394 -9.97 -33.71 -24.89
CA ILE B 394 -9.55 -34.85 -25.73
C ILE B 394 -8.55 -35.73 -24.98
N ASP B 395 -7.60 -35.12 -24.31
CA ASP B 395 -6.50 -35.86 -23.70
C ASP B 395 -6.96 -36.59 -22.45
N GLU B 396 -7.79 -35.94 -21.64
CA GLU B 396 -8.24 -36.57 -20.41
C GLU B 396 -9.25 -37.67 -20.69
N ALA B 397 -10.09 -37.48 -21.73
CA ALA B 397 -10.97 -38.55 -22.18
C ALA B 397 -10.18 -39.74 -22.68
N ALA B 398 -9.09 -39.50 -23.40
CA ALA B 398 -8.28 -40.61 -23.89
C ALA B 398 -7.58 -41.35 -22.76
N SER B 399 -7.17 -40.62 -21.72
CA SER B 399 -6.55 -41.28 -20.56
C SER B 399 -7.54 -42.17 -19.82
N SER B 400 -8.78 -41.68 -19.65
CA SER B 400 -9.83 -42.47 -19.03
C SER B 400 -10.14 -43.73 -19.83
N ILE B 401 -10.22 -43.60 -21.16
CA ILE B 401 -10.51 -44.75 -22.00
C ILE B 401 -9.36 -45.75 -21.98
N ARG B 402 -8.13 -45.26 -21.90
CA ARG B 402 -6.99 -46.17 -21.88
C ARG B 402 -6.92 -46.92 -20.55
N MET B 403 -7.25 -46.27 -19.44
CA MET B 403 -7.28 -47.00 -18.17
C MET B 403 -8.45 -47.98 -18.13
N GLN B 404 -9.59 -47.65 -18.73
CA GLN B 404 -10.70 -48.59 -18.74
C GLN B 404 -10.43 -49.77 -19.67
N ILE B 405 -9.61 -49.58 -20.70
CA ILE B 405 -9.13 -50.71 -21.47
C ILE B 405 -8.18 -51.55 -20.63
N ASP B 406 -7.25 -50.90 -19.95
CA ASP B 406 -6.13 -51.61 -19.36
C ASP B 406 -6.51 -52.36 -18.08
N SER B 407 -7.38 -51.80 -17.25
CA SER B 407 -7.65 -52.43 -15.96
C SER B 407 -8.65 -53.57 -16.10
N LYS B 408 -9.90 -53.25 -16.46
CA LYS B 408 -10.96 -54.26 -16.59
C LYS B 408 -12.12 -53.70 -17.41
N LEU B 527 -17.31 -52.90 -22.99
CA LEU B 527 -16.32 -51.85 -22.85
C LEU B 527 -16.11 -51.10 -24.15
N ARG B 528 -15.22 -50.12 -24.12
CA ARG B 528 -14.99 -49.24 -25.25
C ARG B 528 -13.51 -49.24 -25.64
N ASN B 529 -13.25 -48.79 -26.87
CA ASN B 529 -11.89 -48.57 -27.32
C ASN B 529 -11.74 -47.31 -28.16
N LYS B 530 -12.78 -46.48 -28.24
CA LYS B 530 -12.74 -45.23 -29.01
C LYS B 530 -13.22 -44.08 -28.15
N VAL B 531 -12.54 -42.95 -28.26
CA VAL B 531 -13.00 -41.73 -27.62
C VAL B 531 -14.14 -41.16 -28.45
N THR B 532 -15.35 -41.20 -27.91
CA THR B 532 -16.50 -40.62 -28.58
C THR B 532 -16.95 -39.38 -27.81
N ASP B 533 -18.03 -38.76 -28.30
CA ASP B 533 -18.52 -37.54 -27.69
C ASP B 533 -19.17 -37.76 -26.34
N ALA B 534 -19.63 -38.98 -26.06
CA ALA B 534 -20.14 -39.29 -24.74
C ALA B 534 -19.04 -39.19 -23.69
N GLU B 535 -17.83 -39.60 -24.05
CA GLU B 535 -16.72 -39.54 -23.10
C GLU B 535 -16.22 -38.12 -22.92
N ILE B 536 -16.24 -37.32 -23.97
CA ILE B 536 -15.93 -35.89 -23.86
C ILE B 536 -16.91 -35.22 -22.92
N ALA B 537 -18.20 -35.58 -23.04
CA ALA B 537 -19.20 -34.99 -22.17
C ALA B 537 -19.05 -35.47 -20.73
N GLU B 538 -18.62 -36.72 -20.53
CA GLU B 538 -18.39 -37.20 -19.16
C GLU B 538 -17.23 -36.45 -18.51
N VAL B 539 -16.16 -36.22 -19.25
CA VAL B 539 -15.02 -35.49 -18.69
C VAL B 539 -15.38 -34.04 -18.42
N LEU B 540 -16.16 -33.43 -19.30
CA LEU B 540 -16.60 -32.05 -19.08
C LEU B 540 -17.53 -31.96 -17.89
N ALA B 541 -18.37 -32.97 -17.69
CA ALA B 541 -19.23 -33.00 -16.51
C ALA B 541 -18.43 -33.20 -15.23
N ARG B 542 -17.31 -33.91 -15.30
CA ARG B 542 -16.47 -34.02 -14.11
C ARG B 542 -15.73 -32.71 -13.83
N TRP B 543 -15.29 -32.00 -14.88
CA TRP B 543 -14.58 -30.73 -14.69
C TRP B 543 -15.52 -29.68 -14.12
N THR B 544 -16.55 -29.31 -14.88
CA THR B 544 -17.39 -28.16 -14.60
C THR B 544 -18.46 -28.45 -13.56
N GLY B 545 -19.11 -29.60 -13.65
CA GLY B 545 -20.27 -29.89 -12.86
C GLY B 545 -21.58 -29.73 -13.59
N ILE B 546 -21.58 -29.04 -14.74
CA ILE B 546 -22.77 -29.01 -15.58
C ILE B 546 -23.00 -30.40 -16.15
N PRO B 547 -24.16 -30.99 -15.99
CA PRO B 547 -24.37 -32.36 -16.47
C PRO B 547 -24.65 -32.43 -17.96
N VAL B 548 -23.58 -32.31 -18.76
CA VAL B 548 -23.71 -32.37 -20.21
C VAL B 548 -23.64 -33.81 -20.70
N SER B 549 -23.51 -34.77 -19.79
CA SER B 549 -23.47 -36.18 -20.17
C SER B 549 -24.79 -36.61 -20.78
N ARG B 550 -24.72 -37.65 -21.61
CA ARG B 550 -25.94 -38.18 -22.19
C ARG B 550 -26.76 -38.90 -21.13
N MET B 551 -28.07 -38.87 -21.31
CA MET B 551 -28.98 -39.37 -20.30
C MET B 551 -28.94 -40.89 -20.27
N MET B 552 -28.31 -41.45 -19.24
CA MET B 552 -28.51 -42.87 -18.96
C MET B 552 -29.94 -43.09 -18.49
N GLU B 553 -30.39 -44.35 -18.61
CA GLU B 553 -31.82 -44.66 -18.50
C GLU B 553 -32.35 -44.45 -17.09
N SER B 554 -31.53 -44.69 -16.07
CA SER B 554 -31.94 -44.44 -14.70
C SER B 554 -32.18 -42.96 -14.47
N GLU B 555 -31.22 -42.12 -14.86
CA GLU B 555 -31.36 -40.69 -14.68
C GLU B 555 -32.43 -40.12 -15.61
N ARG B 556 -32.63 -40.71 -16.78
CA ARG B 556 -33.63 -40.17 -17.70
C ARG B 556 -35.05 -40.48 -17.22
N GLU B 557 -35.27 -41.69 -16.71
CA GLU B 557 -36.57 -42.00 -16.15
C GLU B 557 -36.79 -41.32 -14.82
N LYS B 558 -35.72 -40.99 -14.09
CA LYS B 558 -35.83 -40.13 -12.92
C LYS B 558 -36.24 -38.73 -13.34
N LEU B 559 -35.76 -38.29 -14.51
CA LEU B 559 -36.02 -36.95 -14.98
C LEU B 559 -37.44 -36.82 -15.51
N LEU B 560 -38.00 -37.88 -16.09
CA LEU B 560 -39.40 -37.84 -16.47
C LEU B 560 -40.33 -37.90 -15.27
N ARG B 561 -39.85 -38.40 -14.13
CA ARG B 561 -40.59 -38.37 -12.88
C ARG B 561 -40.27 -37.14 -12.05
N MET B 562 -39.97 -36.03 -12.70
CA MET B 562 -39.58 -34.79 -12.03
C MET B 562 -40.66 -34.33 -11.06
N GLU B 563 -41.91 -34.29 -11.54
CA GLU B 563 -43.00 -33.76 -10.74
C GLU B 563 -43.33 -34.67 -9.58
N GLN B 564 -43.24 -35.98 -9.78
CA GLN B 564 -43.54 -36.92 -8.71
C GLN B 564 -42.44 -36.91 -7.64
N GLU B 565 -41.18 -36.85 -8.07
CA GLU B 565 -40.08 -36.82 -7.10
C GLU B 565 -40.04 -35.51 -6.33
N LEU B 566 -40.57 -34.43 -6.91
CA LEU B 566 -40.70 -33.21 -6.12
C LEU B 566 -41.97 -33.19 -5.29
N HIS B 567 -43.00 -33.92 -5.67
CA HIS B 567 -44.16 -34.05 -4.81
C HIS B 567 -43.97 -35.09 -3.72
N HIS B 568 -42.84 -35.79 -3.67
CA HIS B 568 -42.52 -36.50 -2.44
C HIS B 568 -42.10 -35.58 -1.31
N ARG B 569 -41.80 -34.32 -1.59
CA ARG B 569 -41.53 -33.34 -0.55
C ARG B 569 -42.35 -32.06 -0.63
N VAL B 570 -42.93 -31.75 -1.77
CA VAL B 570 -43.81 -30.58 -1.88
C VAL B 570 -45.15 -31.10 -2.37
N ILE B 571 -46.04 -31.37 -1.44
CA ILE B 571 -47.44 -31.53 -1.77
C ILE B 571 -48.06 -30.14 -1.83
N GLY B 572 -49.13 -30.04 -2.62
CA GLY B 572 -49.66 -28.76 -3.06
C GLY B 572 -48.87 -28.24 -4.25
N GLN B 573 -49.33 -27.09 -4.75
CA GLN B 573 -48.57 -26.20 -5.64
C GLN B 573 -48.20 -26.89 -6.96
N ASN B 574 -49.21 -27.25 -7.74
CA ASN B 574 -48.95 -27.95 -8.99
C ASN B 574 -48.30 -27.06 -10.03
N GLU B 575 -48.67 -25.77 -10.06
CA GLU B 575 -48.27 -24.88 -11.13
C GLU B 575 -46.76 -24.65 -11.12
N ALA B 576 -46.20 -24.47 -9.94
CA ALA B 576 -44.79 -24.16 -9.85
C ALA B 576 -43.91 -25.37 -9.99
N VAL B 577 -44.34 -26.53 -9.51
CA VAL B 577 -43.60 -27.75 -9.75
C VAL B 577 -43.59 -28.07 -11.24
N ASP B 578 -44.71 -27.79 -11.93
CA ASP B 578 -44.73 -27.95 -13.38
C ASP B 578 -43.79 -26.97 -14.07
N ALA B 579 -43.76 -25.71 -13.61
CA ALA B 579 -42.91 -24.69 -14.23
C ALA B 579 -41.43 -25.02 -14.07
N VAL B 580 -41.03 -25.40 -12.86
CA VAL B 580 -39.64 -25.76 -12.58
C VAL B 580 -39.27 -27.04 -13.32
N SER B 581 -40.20 -28.00 -13.37
CA SER B 581 -39.99 -29.26 -14.06
C SER B 581 -39.75 -29.04 -15.55
N ASN B 582 -40.54 -28.15 -16.14
CA ASN B 582 -40.38 -27.84 -17.55
C ASN B 582 -39.05 -27.16 -17.81
N ALA B 583 -38.61 -26.28 -16.90
CA ALA B 583 -37.33 -25.60 -17.08
C ALA B 583 -36.15 -26.57 -17.05
N ILE B 584 -36.18 -27.53 -16.15
CA ILE B 584 -35.03 -28.44 -16.06
C ILE B 584 -35.08 -29.55 -17.09
N ARG B 585 -36.26 -29.96 -17.55
CA ARG B 585 -36.27 -30.83 -18.71
C ARG B 585 -35.80 -30.11 -19.97
N ARG B 586 -36.08 -28.81 -20.10
CA ARG B 586 -35.48 -28.05 -21.18
C ARG B 586 -33.96 -27.96 -21.04
N SER B 587 -33.47 -27.86 -19.81
CA SER B 587 -32.03 -27.79 -19.60
C SER B 587 -31.36 -29.09 -20.02
N ARG B 588 -31.89 -30.22 -19.59
CA ARG B 588 -31.23 -31.49 -19.86
C ARG B 588 -31.42 -31.97 -21.29
N ALA B 589 -32.56 -31.65 -21.91
CA ALA B 589 -32.78 -32.15 -23.26
C ALA B 589 -31.95 -31.42 -24.31
N GLY B 590 -31.51 -30.21 -24.02
CA GLY B 590 -30.74 -29.44 -24.96
C GLY B 590 -31.50 -28.37 -25.69
N LEU B 591 -32.69 -28.01 -25.23
CA LEU B 591 -33.49 -26.98 -25.86
C LEU B 591 -33.40 -25.66 -25.11
N ALA B 592 -32.50 -25.53 -24.15
CA ALA B 592 -32.38 -24.29 -23.42
C ALA B 592 -31.67 -23.25 -24.26
N ASP B 593 -32.10 -22.01 -24.11
CA ASP B 593 -31.43 -20.86 -24.71
C ASP B 593 -30.06 -20.73 -24.06
N PRO B 594 -28.96 -20.86 -24.80
CA PRO B 594 -27.64 -20.85 -24.19
C PRO B 594 -27.09 -19.46 -23.91
N ASN B 595 -27.87 -18.42 -24.08
CA ASN B 595 -27.45 -17.06 -23.75
C ASN B 595 -28.14 -16.54 -22.51
N ARG B 596 -29.03 -17.31 -21.92
CA ARG B 596 -29.79 -16.94 -20.73
C ARG B 596 -29.60 -18.02 -19.69
N PRO B 597 -29.90 -17.74 -18.42
CA PRO B 597 -29.92 -18.80 -17.41
C PRO B 597 -31.01 -19.82 -17.66
N ILE B 598 -30.91 -20.92 -16.93
CA ILE B 598 -31.82 -22.05 -17.13
C ILE B 598 -33.24 -21.67 -16.76
N GLY B 599 -33.44 -21.21 -15.55
CA GLY B 599 -34.76 -20.79 -15.14
C GLY B 599 -34.67 -19.54 -14.32
N SER B 600 -35.52 -18.57 -14.57
CA SER B 600 -35.54 -17.34 -13.79
C SER B 600 -36.96 -17.15 -13.30
N PHE B 601 -37.24 -17.60 -12.10
CA PHE B 601 -38.60 -17.67 -11.60
C PHE B 601 -38.86 -16.62 -10.53
N LEU B 602 -40.12 -16.22 -10.40
CA LEU B 602 -40.57 -15.39 -9.31
C LEU B 602 -41.76 -16.06 -8.66
N PHE B 603 -41.55 -16.59 -7.46
CA PHE B 603 -42.62 -17.27 -6.75
C PHE B 603 -43.39 -16.24 -5.93
N LEU B 604 -44.70 -16.35 -5.92
CA LEU B 604 -45.52 -15.40 -5.19
C LEU B 604 -46.56 -16.17 -4.40
N GLY B 605 -46.79 -15.76 -3.16
CA GLY B 605 -47.83 -16.40 -2.39
C GLY B 605 -47.73 -16.11 -0.91
N PRO B 606 -48.74 -16.54 -0.15
CA PRO B 606 -48.77 -16.25 1.29
C PRO B 606 -47.72 -17.00 2.09
N THR B 607 -47.73 -16.79 3.41
CA THR B 607 -46.66 -17.29 4.26
C THR B 607 -46.78 -18.79 4.46
N GLY B 608 -45.68 -19.50 4.25
CA GLY B 608 -45.63 -20.91 4.61
C GLY B 608 -46.40 -21.84 3.71
N VAL B 609 -46.38 -21.63 2.40
CA VAL B 609 -47.10 -22.48 1.47
C VAL B 609 -46.15 -23.25 0.56
N GLY B 610 -44.85 -23.12 0.76
CA GLY B 610 -43.93 -24.01 0.08
C GLY B 610 -43.08 -23.40 -1.02
N LYS B 611 -42.64 -22.16 -0.82
CA LYS B 611 -41.74 -21.50 -1.77
C LYS B 611 -40.30 -21.97 -1.56
N THR B 612 -39.79 -21.68 -0.36
CA THR B 612 -38.44 -22.09 0.03
C THR B 612 -38.32 -23.61 0.02
N GLU B 613 -39.40 -24.33 0.29
CA GLU B 613 -39.34 -25.78 0.22
C GLU B 613 -39.33 -26.29 -1.21
N LEU B 614 -39.89 -25.55 -2.15
CA LEU B 614 -39.73 -25.97 -3.53
C LEU B 614 -38.31 -25.74 -4.00
N CYS B 615 -37.67 -24.68 -3.51
CA CYS B 615 -36.25 -24.47 -3.81
C CYS B 615 -35.38 -25.56 -3.18
N LYS B 616 -35.70 -25.96 -1.95
CA LYS B 616 -34.94 -27.02 -1.31
C LYS B 616 -35.24 -28.37 -1.93
N ALA B 617 -36.45 -28.57 -2.44
CA ALA B 617 -36.76 -29.78 -3.18
C ALA B 617 -35.97 -29.83 -4.47
N LEU B 618 -35.76 -28.67 -5.10
CA LEU B 618 -34.87 -28.61 -6.26
C LEU B 618 -33.45 -28.99 -5.92
N ALA B 619 -32.90 -28.40 -4.87
CA ALA B 619 -31.51 -28.67 -4.57
C ALA B 619 -31.31 -30.11 -4.12
N ASN B 620 -32.31 -30.69 -3.45
CA ASN B 620 -32.22 -32.09 -3.06
C ASN B 620 -32.42 -33.03 -4.24
N PHE B 621 -33.25 -32.65 -5.21
CA PHE B 621 -33.41 -33.45 -6.41
C PHE B 621 -32.15 -33.42 -7.25
N MET B 622 -31.59 -32.23 -7.41
CA MET B 622 -30.57 -32.00 -8.41
C MET B 622 -29.18 -32.36 -7.90
N PHE B 623 -28.90 -32.04 -6.65
CA PHE B 623 -27.56 -32.14 -6.08
C PHE B 623 -27.47 -33.12 -4.92
N ASP B 624 -28.58 -33.77 -4.57
CA ASP B 624 -28.67 -34.75 -3.47
C ASP B 624 -28.29 -34.13 -2.13
N SER B 625 -28.62 -32.87 -1.93
CA SER B 625 -28.32 -32.19 -0.67
C SER B 625 -29.30 -31.04 -0.50
N ASP B 626 -29.54 -30.67 0.76
CA ASP B 626 -30.56 -29.67 1.04
C ASP B 626 -30.07 -28.28 0.67
N GLU B 627 -29.03 -27.81 1.35
CA GLU B 627 -28.47 -26.49 1.06
C GLU B 627 -27.24 -26.60 0.16
N ALA B 628 -27.46 -27.20 -1.01
CA ALA B 628 -26.47 -27.13 -2.08
C ALA B 628 -26.84 -26.02 -3.05
N MET B 629 -26.91 -24.81 -2.52
CA MET B 629 -27.51 -23.72 -3.28
C MET B 629 -26.95 -22.41 -2.78
N VAL B 630 -26.84 -21.45 -3.70
CA VAL B 630 -26.35 -20.13 -3.36
C VAL B 630 -27.55 -19.35 -2.86
N ARG B 631 -27.65 -19.18 -1.57
CA ARG B 631 -28.84 -18.61 -0.95
C ARG B 631 -28.52 -17.21 -0.46
N ILE B 632 -29.08 -16.21 -1.12
CA ILE B 632 -28.96 -14.83 -0.71
C ILE B 632 -30.22 -14.47 0.03
N ASP B 633 -30.07 -13.95 1.24
CA ASP B 633 -31.19 -13.60 2.09
C ASP B 633 -31.49 -12.13 1.88
N MET B 634 -32.44 -11.84 1.01
CA MET B 634 -32.64 -10.48 0.51
C MET B 634 -33.28 -9.56 1.51
N SER B 635 -33.60 -10.03 2.71
CA SER B 635 -34.05 -9.14 3.76
C SER B 635 -32.88 -8.50 4.50
N GLU B 636 -31.66 -8.80 4.10
CA GLU B 636 -30.49 -8.08 4.55
C GLU B 636 -30.14 -6.91 3.66
N PHE B 637 -30.81 -6.77 2.53
CA PHE B 637 -30.39 -5.84 1.48
C PHE B 637 -31.36 -4.66 1.42
N MET B 638 -31.79 -4.18 2.56
CA MET B 638 -32.83 -3.17 2.64
C MET B 638 -32.29 -1.77 2.39
N GLU B 639 -31.01 -1.64 2.05
CA GLU B 639 -30.42 -0.37 1.64
C GLU B 639 -29.63 -0.61 0.36
N LYS B 640 -29.47 0.46 -0.42
CA LYS B 640 -28.94 0.34 -1.79
C LYS B 640 -27.51 -0.13 -1.88
N HIS B 641 -26.75 -0.14 -0.80
CA HIS B 641 -25.35 -0.53 -0.88
C HIS B 641 -25.11 -2.01 -0.63
N SER B 642 -26.15 -2.77 -0.42
CA SER B 642 -25.93 -4.20 -0.38
C SER B 642 -25.84 -4.82 -1.77
N VAL B 643 -26.14 -4.03 -2.79
CA VAL B 643 -25.65 -4.30 -4.14
C VAL B 643 -24.15 -4.51 -4.12
N SER B 644 -23.45 -3.57 -3.50
CA SER B 644 -22.02 -3.69 -3.28
C SER B 644 -21.68 -4.81 -2.33
N ARG B 645 -22.62 -5.27 -1.53
CA ARG B 645 -22.34 -6.53 -0.81
C ARG B 645 -22.21 -7.69 -1.78
N LEU B 646 -23.14 -7.82 -2.73
CA LEU B 646 -23.05 -9.02 -3.55
C LEU B 646 -22.13 -8.94 -4.77
N VAL B 647 -21.68 -7.76 -5.20
CA VAL B 647 -20.69 -7.70 -6.27
C VAL B 647 -19.28 -7.35 -5.79
N GLY B 648 -19.13 -6.76 -4.62
CA GLY B 648 -17.82 -6.44 -4.10
C GLY B 648 -17.52 -4.96 -4.21
N ALA B 649 -16.45 -4.61 -3.72
CA ALA B 649 -16.04 -3.24 -3.73
C ALA B 649 -15.16 -2.97 -4.94
N PRO B 650 -15.17 -1.74 -5.45
CA PRO B 650 -14.31 -1.37 -6.57
C PRO B 650 -12.85 -1.25 -6.15
N PRO B 651 -11.95 -0.91 -7.08
CA PRO B 651 -10.57 -0.62 -6.67
C PRO B 651 -10.45 0.55 -5.71
N GLY B 652 -9.65 0.36 -4.68
CA GLY B 652 -9.36 1.39 -3.70
C GLY B 652 -10.23 1.35 -2.47
N TYR B 653 -11.26 0.53 -2.44
CA TYR B 653 -12.15 0.46 -1.29
C TYR B 653 -11.90 -0.83 -0.53
N VAL B 654 -12.63 -1.01 0.56
CA VAL B 654 -12.18 -1.87 1.65
C VAL B 654 -12.24 -3.33 1.26
N GLY B 655 -13.32 -3.76 0.62
CA GLY B 655 -13.47 -5.17 0.38
C GLY B 655 -13.09 -5.62 -1.01
N TYR B 656 -12.08 -4.99 -1.60
CA TYR B 656 -11.77 -5.21 -3.01
C TYR B 656 -11.15 -6.57 -3.24
N GLU B 657 -10.15 -6.92 -2.45
CA GLU B 657 -9.45 -8.18 -2.63
C GLU B 657 -10.23 -9.39 -2.16
N GLU B 658 -11.43 -9.20 -1.63
CA GLU B 658 -12.23 -10.28 -1.07
C GLU B 658 -13.36 -10.69 -1.99
N GLY B 659 -13.54 -10.01 -3.10
CA GLY B 659 -14.55 -10.38 -4.07
C GLY B 659 -15.95 -10.00 -3.61
N GLY B 660 -16.93 -10.59 -4.30
CA GLY B 660 -18.32 -10.52 -3.89
C GLY B 660 -18.78 -11.90 -3.45
N TYR B 661 -19.99 -11.94 -2.91
CA TYR B 661 -20.52 -13.22 -2.46
C TYR B 661 -21.12 -14.01 -3.62
N LEU B 662 -21.97 -13.35 -4.41
CA LEU B 662 -22.67 -14.04 -5.49
C LEU B 662 -21.71 -14.41 -6.61
N THR B 663 -20.82 -13.51 -6.99
CA THR B 663 -19.93 -13.76 -8.11
C THR B 663 -18.92 -14.85 -7.82
N GLU B 664 -18.35 -14.86 -6.61
CA GLU B 664 -17.44 -15.95 -6.29
C GLU B 664 -18.18 -17.25 -6.06
N ALA B 665 -19.37 -17.18 -5.45
CA ALA B 665 -20.15 -18.39 -5.22
C ALA B 665 -20.57 -19.06 -6.51
N VAL B 666 -20.85 -18.30 -7.57
CA VAL B 666 -21.23 -18.91 -8.83
C VAL B 666 -20.03 -19.14 -9.74
N ARG B 667 -18.91 -18.46 -9.51
CA ARG B 667 -17.72 -18.81 -10.26
C ARG B 667 -17.15 -20.13 -9.78
N ARG B 668 -17.31 -20.45 -8.50
CA ARG B 668 -16.90 -21.78 -8.03
C ARG B 668 -17.85 -22.86 -8.52
N ARG B 669 -19.15 -22.62 -8.46
CA ARG B 669 -20.14 -23.59 -8.89
C ARG B 669 -20.87 -23.00 -10.08
N PRO B 670 -20.47 -23.33 -11.30
CA PRO B 670 -21.16 -22.80 -12.47
C PRO B 670 -22.57 -23.31 -12.60
N TYR B 671 -22.83 -24.52 -12.12
CA TYR B 671 -24.16 -25.13 -12.16
C TYR B 671 -24.67 -25.17 -10.74
N SER B 672 -25.46 -24.18 -10.37
CA SER B 672 -26.02 -24.07 -9.03
C SER B 672 -27.43 -23.51 -9.15
N VAL B 673 -28.08 -23.38 -8.00
CA VAL B 673 -29.42 -22.80 -7.91
C VAL B 673 -29.30 -21.61 -6.98
N ILE B 674 -29.76 -20.45 -7.44
CA ILE B 674 -29.68 -19.24 -6.65
C ILE B 674 -31.06 -18.93 -6.12
N LEU B 675 -31.18 -18.79 -4.81
CA LEU B 675 -32.43 -18.43 -4.16
C LEU B 675 -32.29 -17.02 -3.62
N LEU B 676 -33.14 -16.12 -4.07
CA LEU B 676 -33.18 -14.79 -3.52
C LEU B 676 -34.42 -14.75 -2.63
N ASP B 677 -34.22 -15.14 -1.38
CA ASP B 677 -35.31 -15.33 -0.43
C ASP B 677 -35.85 -13.99 0.03
N ALA B 678 -37.18 -13.88 0.07
CA ALA B 678 -37.94 -12.72 0.57
C ALA B 678 -37.56 -11.46 -0.19
N VAL B 679 -37.91 -11.48 -1.47
CA VAL B 679 -37.40 -10.48 -2.39
C VAL B 679 -38.14 -9.16 -2.27
N GLU B 680 -39.26 -9.13 -1.56
CA GLU B 680 -40.02 -7.90 -1.33
C GLU B 680 -39.40 -7.02 -0.25
N LYS B 681 -38.44 -7.56 0.50
CA LYS B 681 -37.89 -6.84 1.65
C LYS B 681 -36.84 -5.81 1.24
N ALA B 682 -36.15 -6.05 0.13
CA ALA B 682 -35.00 -5.26 -0.24
C ALA B 682 -35.42 -3.89 -0.77
N HIS B 683 -34.42 -3.04 -1.01
CA HIS B 683 -34.67 -1.76 -1.63
C HIS B 683 -35.09 -2.00 -3.07
N PRO B 684 -36.01 -1.20 -3.62
CA PRO B 684 -36.56 -1.51 -4.94
C PRO B 684 -35.56 -1.51 -6.08
N ASP B 685 -34.53 -0.68 -6.02
CA ASP B 685 -33.45 -0.75 -7.00
C ASP B 685 -32.23 -1.48 -6.44
N VAL B 686 -32.46 -2.75 -6.11
CA VAL B 686 -31.37 -3.68 -5.94
C VAL B 686 -31.29 -4.65 -7.10
N PHE B 687 -32.41 -4.96 -7.76
CA PHE B 687 -32.49 -6.04 -8.72
C PHE B 687 -32.01 -5.64 -10.10
N ASN B 688 -31.27 -4.56 -10.20
CA ASN B 688 -30.71 -4.15 -11.47
C ASN B 688 -29.47 -4.97 -11.83
N ILE B 689 -28.75 -5.37 -10.79
CA ILE B 689 -27.79 -6.47 -10.88
C ILE B 689 -28.45 -7.67 -11.53
N LEU B 690 -29.67 -7.98 -11.10
CA LEU B 690 -30.37 -9.08 -11.72
C LEU B 690 -30.86 -8.75 -13.13
N LEU B 691 -30.92 -7.48 -13.55
CA LEU B 691 -31.24 -7.22 -14.95
C LEU B 691 -30.17 -7.79 -15.84
N GLN B 692 -28.91 -7.54 -15.46
CA GLN B 692 -27.79 -8.16 -16.16
C GLN B 692 -27.87 -9.68 -16.10
N VAL B 693 -28.10 -10.21 -14.89
CA VAL B 693 -28.09 -11.64 -14.61
C VAL B 693 -29.14 -12.39 -15.43
N LEU B 694 -30.37 -11.87 -15.44
CA LEU B 694 -31.47 -12.59 -16.03
C LEU B 694 -31.55 -12.39 -17.53
N ASP B 695 -31.13 -11.25 -18.06
CA ASP B 695 -31.18 -11.14 -19.50
C ASP B 695 -30.04 -11.90 -20.14
N ASP B 696 -28.83 -11.74 -19.62
CA ASP B 696 -27.68 -12.22 -20.37
C ASP B 696 -26.83 -13.25 -19.67
N GLY B 697 -27.07 -13.53 -18.40
CA GLY B 697 -26.27 -14.53 -17.73
C GLY B 697 -24.88 -14.07 -17.41
N ARG B 698 -24.70 -12.81 -17.07
CA ARG B 698 -23.38 -12.31 -16.73
C ARG B 698 -23.50 -11.34 -15.57
N LEU B 699 -22.39 -11.20 -14.86
CA LEU B 699 -22.30 -10.29 -13.72
C LEU B 699 -20.83 -10.02 -13.47
N THR B 700 -20.44 -8.75 -13.51
CA THR B 700 -19.05 -8.36 -13.35
C THR B 700 -18.83 -7.94 -11.91
N ASP B 701 -17.83 -8.52 -11.27
CA ASP B 701 -17.59 -8.20 -9.87
C ASP B 701 -16.80 -6.90 -9.76
N GLY B 702 -16.30 -6.60 -8.56
CA GLY B 702 -15.51 -5.39 -8.39
C GLY B 702 -14.15 -5.48 -9.03
N GLN B 703 -13.54 -6.67 -9.01
CA GLN B 703 -12.21 -6.84 -9.57
C GLN B 703 -12.20 -6.96 -11.08
N GLY B 704 -13.36 -6.87 -11.72
CA GLY B 704 -13.39 -6.78 -13.16
C GLY B 704 -13.34 -8.09 -13.91
N ARG B 705 -14.00 -9.13 -13.40
CA ARG B 705 -14.22 -10.31 -14.21
C ARG B 705 -15.70 -10.66 -14.24
N THR B 706 -16.17 -11.08 -15.40
CA THR B 706 -17.54 -11.48 -15.55
C THR B 706 -17.71 -12.93 -15.13
N VAL B 707 -18.76 -13.21 -14.38
CA VAL B 707 -19.08 -14.57 -13.96
C VAL B 707 -20.29 -15.02 -14.76
N ASP B 708 -20.19 -16.22 -15.31
CA ASP B 708 -21.16 -16.74 -16.26
C ASP B 708 -22.36 -17.31 -15.52
N PHE B 709 -23.53 -16.70 -15.67
CA PHE B 709 -24.72 -17.22 -15.02
C PHE B 709 -25.63 -17.92 -16.02
N ARG B 710 -25.08 -18.62 -16.99
CA ARG B 710 -25.89 -19.26 -18.01
C ARG B 710 -26.25 -20.68 -17.67
N ASN B 711 -25.90 -21.14 -16.48
CA ASN B 711 -26.26 -22.48 -16.05
C ASN B 711 -26.85 -22.46 -14.64
N THR B 712 -27.53 -21.37 -14.29
CA THR B 712 -28.06 -21.19 -12.95
C THR B 712 -29.58 -21.13 -12.99
N VAL B 713 -30.18 -21.41 -11.85
CA VAL B 713 -31.63 -21.34 -11.68
C VAL B 713 -31.89 -20.25 -10.66
N VAL B 714 -32.37 -19.10 -11.11
CA VAL B 714 -32.53 -17.95 -10.25
C VAL B 714 -33.99 -17.87 -9.81
N ILE B 715 -34.24 -18.08 -8.53
CA ILE B 715 -35.58 -18.13 -7.98
C ILE B 715 -35.74 -17.02 -6.96
N MET B 716 -36.83 -16.28 -7.06
CA MET B 716 -37.15 -15.21 -6.13
C MET B 716 -38.50 -15.47 -5.49
N THR B 717 -38.53 -15.48 -4.16
CA THR B 717 -39.72 -15.90 -3.42
C THR B 717 -40.26 -14.73 -2.63
N SER B 718 -41.26 -14.05 -3.16
CA SER B 718 -41.84 -12.91 -2.47
C SER B 718 -43.12 -13.31 -1.76
N ASN B 719 -43.83 -12.32 -1.23
CA ASN B 719 -45.21 -12.51 -0.82
C ASN B 719 -46.06 -11.29 -1.19
N LEU B 720 -45.87 -10.76 -2.39
CA LEU B 720 -46.58 -9.53 -2.74
C LEU B 720 -48.05 -9.73 -3.04
N GLY B 721 -48.55 -10.96 -3.09
CA GLY B 721 -49.95 -11.17 -3.37
C GLY B 721 -50.80 -11.69 -2.24
N SER B 722 -50.27 -11.74 -1.01
CA SER B 722 -50.80 -12.61 0.04
C SER B 722 -52.21 -12.22 0.46
N ASP B 723 -52.46 -10.92 0.64
CA ASP B 723 -53.82 -10.49 0.94
C ASP B 723 -54.73 -10.71 -0.26
N LEU B 724 -54.24 -10.43 -1.47
CA LEU B 724 -55.05 -10.58 -2.66
C LEU B 724 -55.28 -12.05 -3.00
N ILE B 725 -54.26 -12.88 -2.81
CA ILE B 725 -54.41 -14.31 -3.09
C ILE B 725 -55.33 -14.97 -2.06
N GLN B 726 -55.12 -14.67 -0.78
CA GLN B 726 -55.98 -15.23 0.26
C GLN B 726 -57.40 -14.71 0.18
N GLU B 727 -57.60 -13.52 -0.39
CA GLU B 727 -58.96 -13.04 -0.61
C GLU B 727 -59.59 -13.77 -1.78
N ARG B 728 -59.02 -13.61 -2.98
CA ARG B 728 -59.75 -13.93 -4.20
C ARG B 728 -59.27 -15.22 -4.87
N PHE B 729 -58.77 -16.19 -4.10
CA PHE B 729 -58.43 -17.45 -4.74
C PHE B 729 -59.66 -18.24 -5.11
N GLY B 730 -60.73 -18.13 -4.32
CA GLY B 730 -62.02 -18.59 -4.78
C GLY B 730 -62.55 -17.71 -5.90
N GLU B 731 -63.49 -18.31 -6.66
CA GLU B 731 -64.21 -17.70 -7.81
C GLU B 731 -63.31 -17.01 -8.82
N LEU B 732 -62.04 -17.42 -8.91
CA LEU B 732 -61.13 -16.95 -9.95
C LEU B 732 -60.26 -18.12 -10.39
N ASP B 733 -60.09 -18.25 -11.69
CA ASP B 733 -59.19 -19.26 -12.22
C ASP B 733 -57.75 -18.81 -12.02
N TYR B 734 -56.81 -19.67 -12.43
CA TYR B 734 -55.41 -19.38 -12.20
C TYR B 734 -54.90 -18.26 -13.08
N ALA B 735 -55.42 -18.15 -14.31
CA ALA B 735 -54.90 -17.16 -15.24
C ALA B 735 -55.26 -15.74 -14.83
N HIS B 736 -56.50 -15.53 -14.37
CA HIS B 736 -56.89 -14.19 -13.99
C HIS B 736 -56.32 -13.81 -12.63
N MET B 737 -56.11 -14.79 -11.76
CA MET B 737 -55.35 -14.58 -10.54
C MET B 737 -53.93 -14.13 -10.86
N LYS B 738 -53.28 -14.80 -11.82
CA LYS B 738 -51.93 -14.43 -12.23
C LYS B 738 -51.91 -13.03 -12.81
N GLU B 739 -52.95 -12.68 -13.58
CA GLU B 739 -53.03 -11.34 -14.16
C GLU B 739 -53.16 -10.26 -13.09
N LEU B 740 -53.98 -10.52 -12.07
CA LEU B 740 -54.21 -9.51 -11.06
C LEU B 740 -52.99 -9.33 -10.13
N VAL B 741 -52.38 -10.45 -9.73
CA VAL B 741 -51.19 -10.32 -8.90
C VAL B 741 -50.00 -9.84 -9.71
N LEU B 742 -50.02 -10.03 -11.03
CA LEU B 742 -48.95 -9.50 -11.86
C LEU B 742 -49.12 -8.00 -12.04
N GLY B 743 -50.36 -7.52 -12.01
CA GLY B 743 -50.58 -6.09 -11.90
C GLY B 743 -50.04 -5.52 -10.60
N VAL B 744 -50.19 -6.26 -9.51
CA VAL B 744 -49.63 -5.83 -8.22
C VAL B 744 -48.10 -5.79 -8.28
N VAL B 745 -47.50 -6.80 -8.88
CA VAL B 745 -46.04 -6.86 -9.01
C VAL B 745 -45.54 -5.76 -9.92
N SER B 746 -46.31 -5.41 -10.96
CA SER B 746 -46.00 -4.26 -11.80
C SER B 746 -46.06 -2.96 -11.01
N HIS B 747 -46.95 -2.87 -10.02
CA HIS B 747 -46.89 -1.73 -9.13
C HIS B 747 -45.69 -1.75 -8.20
N ASN B 748 -45.12 -2.92 -7.89
CA ASN B 748 -43.99 -2.95 -6.98
C ASN B 748 -42.64 -3.15 -7.64
N PHE B 749 -42.59 -3.51 -8.92
CA PHE B 749 -41.32 -3.66 -9.65
C PHE B 749 -41.29 -2.76 -10.87
N ARG B 750 -40.29 -2.94 -11.70
CA ARG B 750 -40.14 -2.17 -12.91
C ARG B 750 -40.48 -3.01 -14.12
N PRO B 751 -40.94 -2.40 -15.21
CA PRO B 751 -41.34 -3.20 -16.37
C PRO B 751 -40.18 -3.84 -17.08
N GLU B 752 -38.96 -3.35 -16.89
CA GLU B 752 -37.77 -4.04 -17.37
C GLU B 752 -37.60 -5.38 -16.69
N PHE B 753 -37.74 -5.39 -15.37
CA PHE B 753 -37.33 -6.52 -14.57
C PHE B 753 -38.29 -7.69 -14.65
N ILE B 754 -39.60 -7.41 -14.59
CA ILE B 754 -40.57 -8.49 -14.75
C ILE B 754 -40.77 -8.88 -16.21
N ASN B 755 -40.02 -8.28 -17.12
CA ASN B 755 -39.95 -8.76 -18.48
C ASN B 755 -38.83 -9.78 -18.66
N ARG B 756 -37.83 -9.74 -17.79
CA ARG B 756 -36.72 -10.68 -17.83
C ARG B 756 -37.08 -12.04 -17.26
N ILE B 757 -38.17 -12.10 -16.47
CA ILE B 757 -38.51 -13.29 -15.71
C ILE B 757 -39.00 -14.36 -16.66
N ASP B 758 -38.51 -15.59 -16.47
CA ASP B 758 -38.96 -16.71 -17.27
C ASP B 758 -40.43 -17.00 -17.02
N GLU B 759 -40.81 -17.19 -15.76
CA GLU B 759 -42.22 -17.42 -15.45
C GLU B 759 -42.50 -16.99 -14.01
N VAL B 760 -43.44 -16.06 -13.86
CA VAL B 760 -43.97 -15.70 -12.55
C VAL B 760 -45.08 -16.68 -12.22
N VAL B 761 -44.93 -17.44 -11.14
CA VAL B 761 -45.99 -18.34 -10.73
C VAL B 761 -46.47 -17.99 -9.33
N VAL B 762 -47.73 -18.34 -9.09
CA VAL B 762 -48.52 -17.85 -7.96
C VAL B 762 -48.83 -19.03 -7.06
N PHE B 763 -48.71 -18.82 -5.75
CA PHE B 763 -48.98 -19.93 -4.85
C PHE B 763 -50.34 -19.80 -4.20
N HIS B 764 -50.95 -20.89 -4.01
CA HIS B 764 -52.29 -20.90 -3.47
C HIS B 764 -52.25 -21.25 -1.99
N PRO B 765 -53.21 -20.75 -1.22
CA PRO B 765 -53.22 -21.05 0.22
C PRO B 765 -53.53 -22.51 0.48
N LEU B 766 -52.89 -23.06 1.49
CA LEU B 766 -53.03 -24.47 1.79
C LEU B 766 -54.36 -24.74 2.47
N GLY B 767 -55.02 -25.81 2.06
CA GLY B 767 -56.31 -26.20 2.60
C GLY B 767 -56.14 -27.33 3.61
N GLU B 768 -57.25 -27.94 4.02
CA GLU B 768 -57.23 -28.95 5.06
C GLU B 768 -56.56 -30.24 4.60
N GLN B 769 -56.90 -30.70 3.39
CA GLN B 769 -56.27 -31.92 2.88
C GLN B 769 -54.80 -31.71 2.57
N HIS B 770 -54.41 -30.49 2.20
CA HIS B 770 -53.01 -30.17 1.99
C HIS B 770 -52.23 -30.28 3.29
N ILE B 771 -52.77 -29.70 4.37
CA ILE B 771 -52.11 -29.73 5.66
C ILE B 771 -52.11 -31.14 6.24
N ALA B 772 -53.13 -31.94 5.92
CA ALA B 772 -53.11 -33.35 6.31
C ALA B 772 -51.97 -34.11 5.63
N SER B 773 -51.78 -33.88 4.32
CA SER B 773 -50.70 -34.58 3.63
C SER B 773 -49.33 -34.05 4.04
N ILE B 774 -49.22 -32.75 4.35
CA ILE B 774 -47.97 -32.19 4.88
C ILE B 774 -47.64 -32.83 6.22
N ALA B 775 -48.65 -33.02 7.07
CA ALA B 775 -48.43 -33.67 8.35
C ALA B 775 -47.96 -35.11 8.18
N GLN B 776 -48.51 -35.79 7.16
CA GLN B 776 -48.02 -37.13 6.86
C GLN B 776 -46.57 -37.13 6.38
N ILE B 777 -46.18 -36.13 5.59
CA ILE B 777 -44.80 -36.03 5.11
C ILE B 777 -43.85 -35.73 6.26
N GLN B 778 -44.25 -34.83 7.16
CA GLN B 778 -43.44 -34.51 8.34
C GLN B 778 -43.27 -35.72 9.24
N LEU B 779 -44.34 -36.50 9.41
CA LEU B 779 -44.24 -37.70 10.25
C LEU B 779 -43.39 -38.78 9.59
N LYS B 780 -43.42 -38.87 8.26
CA LYS B 780 -42.58 -39.86 7.59
C LYS B 780 -41.10 -39.51 7.69
N ARG B 781 -40.76 -38.23 7.60
CA ARG B 781 -39.35 -37.89 7.79
C ARG B 781 -38.95 -37.94 9.26
N LEU B 782 -39.91 -37.74 10.17
CA LEU B 782 -39.63 -37.99 11.59
C LEU B 782 -39.35 -39.46 11.84
N TYR B 783 -40.11 -40.34 11.19
CA TYR B 783 -39.89 -41.76 11.37
C TYR B 783 -38.57 -42.20 10.74
N LYS B 784 -38.17 -41.55 9.65
CA LYS B 784 -36.85 -41.81 9.07
C LYS B 784 -35.73 -41.37 10.01
N ARG B 785 -35.88 -40.19 10.63
CA ARG B 785 -34.85 -39.72 11.56
C ARG B 785 -34.77 -40.60 12.81
N LEU B 786 -35.91 -41.01 13.36
CA LEU B 786 -35.88 -41.84 14.55
C LEU B 786 -35.72 -43.32 14.25
N GLU B 787 -35.72 -43.71 12.98
CA GLU B 787 -35.26 -45.04 12.61
C GLU B 787 -33.75 -45.06 12.41
N GLU B 788 -33.18 -43.98 11.87
CA GLU B 788 -31.73 -43.85 11.88
C GLU B 788 -31.19 -43.69 13.29
N ARG B 789 -31.98 -43.10 14.19
CA ARG B 789 -31.66 -43.12 15.60
C ARG B 789 -31.74 -44.54 16.17
N GLY B 790 -32.66 -45.35 15.66
CA GLY B 790 -32.77 -46.73 16.10
C GLY B 790 -34.03 -47.05 16.87
N TYR B 791 -35.15 -46.44 16.50
CA TYR B 791 -36.43 -46.68 17.13
C TYR B 791 -37.47 -47.01 16.07
N GLU B 792 -38.61 -47.52 16.51
CA GLU B 792 -39.73 -47.85 15.64
C GLU B 792 -41.00 -47.25 16.23
N ILE B 793 -41.63 -46.34 15.49
CA ILE B 793 -42.76 -45.57 15.99
C ILE B 793 -43.94 -45.78 15.05
N HIS B 794 -45.09 -46.10 15.63
CA HIS B 794 -46.36 -46.12 14.90
C HIS B 794 -47.28 -45.05 15.48
N ILE B 795 -48.44 -44.89 14.86
CA ILE B 795 -49.38 -43.85 15.23
C ILE B 795 -50.79 -44.34 14.92
N SER B 796 -51.76 -43.89 15.71
CA SER B 796 -53.16 -44.07 15.39
C SER B 796 -53.63 -42.94 14.50
N ASP B 797 -54.67 -43.21 13.71
CA ASP B 797 -55.22 -42.20 12.81
C ASP B 797 -55.92 -41.08 13.55
N GLU B 798 -56.36 -41.34 14.79
CA GLU B 798 -56.98 -40.29 15.58
C GLU B 798 -55.97 -39.21 15.97
N ALA B 799 -54.72 -39.59 16.23
CA ALA B 799 -53.67 -38.60 16.49
C ALA B 799 -53.41 -37.75 15.26
N LEU B 800 -53.46 -38.36 14.08
CA LEU B 800 -53.37 -37.59 12.84
C LEU B 800 -54.55 -36.66 12.67
N LYS B 801 -55.73 -37.08 13.11
CA LYS B 801 -56.89 -36.20 13.05
C LYS B 801 -56.75 -35.02 14.00
N LEU B 802 -56.20 -35.27 15.20
CA LEU B 802 -55.91 -34.18 16.14
C LEU B 802 -54.89 -33.21 15.58
N LEU B 803 -53.87 -33.71 14.87
CA LEU B 803 -52.90 -32.83 14.24
C LEU B 803 -53.52 -32.04 13.09
N SER B 804 -54.40 -32.67 12.33
CA SER B 804 -54.99 -31.98 11.18
C SER B 804 -56.05 -30.98 11.61
N GLU B 805 -56.69 -31.18 12.75
CA GLU B 805 -57.74 -30.28 13.20
C GLU B 805 -57.26 -29.21 14.17
N ASN B 806 -56.14 -29.45 14.87
CA ASN B 806 -55.66 -28.43 15.80
C ASN B 806 -54.79 -27.40 15.10
N GLY B 807 -54.11 -27.78 14.03
CA GLY B 807 -53.19 -26.88 13.36
C GLY B 807 -53.65 -26.37 12.01
N TYR B 808 -54.92 -25.99 11.89
CA TYR B 808 -55.44 -25.44 10.64
C TYR B 808 -55.84 -23.99 10.84
N ASP B 809 -55.20 -23.12 10.08
CA ASP B 809 -55.61 -21.74 9.86
C ASP B 809 -54.99 -21.24 8.56
N PRO B 810 -55.80 -20.78 7.61
CA PRO B 810 -55.27 -20.42 6.28
C PRO B 810 -54.44 -19.16 6.26
N VAL B 811 -54.41 -18.38 7.33
CA VAL B 811 -53.61 -17.16 7.31
C VAL B 811 -52.14 -17.43 7.63
N TYR B 812 -51.82 -18.59 8.19
CA TYR B 812 -50.45 -18.88 8.58
C TYR B 812 -49.82 -20.05 7.85
N GLY B 813 -50.51 -20.65 6.90
CA GLY B 813 -49.83 -21.68 6.13
C GLY B 813 -49.71 -22.99 6.87
N ALA B 814 -48.53 -23.60 6.75
CA ALA B 814 -48.28 -24.93 7.28
C ALA B 814 -47.31 -24.96 8.44
N ARG B 815 -46.93 -23.81 8.95
CA ARG B 815 -46.05 -23.72 10.12
C ARG B 815 -46.71 -23.96 11.48
N PRO B 816 -47.96 -23.53 11.75
CA PRO B 816 -48.62 -24.01 12.97
C PRO B 816 -48.79 -25.52 13.01
N LEU B 817 -48.96 -26.16 11.86
CA LEU B 817 -48.90 -27.61 11.78
C LEU B 817 -47.57 -28.15 12.28
N LYS B 818 -46.47 -27.50 11.89
CA LYS B 818 -45.15 -27.98 12.30
C LYS B 818 -44.92 -27.81 13.78
N ARG B 819 -45.29 -26.66 14.35
CA ARG B 819 -45.07 -26.52 15.78
C ARG B 819 -46.08 -27.32 16.60
N ALA B 820 -47.26 -27.63 16.05
CA ALA B 820 -48.18 -28.50 16.75
C ALA B 820 -47.68 -29.94 16.77
N ILE B 821 -47.16 -30.43 15.63
CA ILE B 821 -46.54 -31.75 15.58
C ILE B 821 -45.35 -31.80 16.51
N GLN B 822 -44.52 -30.75 16.49
CA GLN B 822 -43.36 -30.58 17.36
C GLN B 822 -43.73 -30.73 18.82
N GLN B 823 -44.63 -29.87 19.32
CA GLN B 823 -45.07 -29.92 20.70
C GLN B 823 -45.77 -31.23 21.03
N GLN B 824 -46.94 -31.44 20.45
CA GLN B 824 -47.80 -32.56 20.83
C GLN B 824 -47.29 -33.89 20.36
N ILE B 825 -46.10 -34.08 19.80
CA ILE B 825 -45.50 -35.40 19.68
C ILE B 825 -44.13 -35.44 20.34
N GLU B 826 -43.24 -34.51 19.97
CA GLU B 826 -41.88 -34.57 20.45
C GLU B 826 -41.71 -34.09 21.87
N ASN B 827 -42.71 -33.49 22.52
CA ASN B 827 -42.48 -33.21 23.93
C ASN B 827 -42.63 -34.47 24.80
N PRO B 828 -43.69 -35.30 24.68
CA PRO B 828 -43.65 -36.56 25.43
C PRO B 828 -42.62 -37.54 24.92
N LEU B 829 -42.34 -37.55 23.61
CA LEU B 829 -41.42 -38.53 23.06
C LEU B 829 -39.99 -38.27 23.51
N ALA B 830 -39.51 -37.03 23.35
CA ALA B 830 -38.18 -36.70 23.87
C ALA B 830 -38.19 -36.55 25.38
N GLN B 831 -39.36 -36.35 25.99
CA GLN B 831 -39.47 -36.42 27.45
C GLN B 831 -39.15 -37.81 27.95
N GLN B 832 -39.60 -38.83 27.23
CA GLN B 832 -39.54 -40.19 27.73
C GLN B 832 -38.47 -41.05 27.07
N ILE B 833 -37.77 -40.55 26.06
CA ILE B 833 -36.59 -41.26 25.55
C ILE B 833 -35.40 -40.99 26.45
N LEU B 834 -35.21 -39.74 26.85
CA LEU B 834 -34.11 -39.38 27.74
C LEU B 834 -34.29 -39.92 29.16
N SER B 835 -35.50 -40.32 29.51
CA SER B 835 -35.75 -40.97 30.80
C SER B 835 -35.32 -42.43 30.82
N GLY B 836 -34.86 -42.98 29.70
CA GLY B 836 -34.50 -44.38 29.64
C GLY B 836 -35.68 -45.32 29.58
N GLU B 837 -36.90 -44.80 29.48
CA GLU B 837 -38.09 -45.64 29.48
C GLU B 837 -38.26 -46.36 28.14
N LEU B 838 -38.06 -45.65 27.04
CA LEU B 838 -38.32 -46.19 25.71
C LEU B 838 -37.10 -46.99 25.25
N VAL B 839 -37.29 -48.30 25.14
CA VAL B 839 -36.22 -49.21 24.76
C VAL B 839 -36.23 -49.35 23.25
N PRO B 840 -35.08 -49.29 22.57
CA PRO B 840 -35.03 -49.58 21.13
C PRO B 840 -35.38 -51.03 20.85
N GLY B 841 -35.93 -51.25 19.67
CA GLY B 841 -36.40 -52.57 19.29
C GLY B 841 -37.85 -52.85 19.60
N LYS B 842 -38.56 -51.90 20.19
CA LYS B 842 -39.97 -52.05 20.49
C LYS B 842 -40.80 -51.23 19.50
N VAL B 843 -42.11 -51.25 19.71
CA VAL B 843 -43.05 -50.51 18.87
C VAL B 843 -43.59 -49.36 19.71
N ILE B 844 -43.40 -48.14 19.23
CA ILE B 844 -43.79 -46.94 19.96
C ILE B 844 -45.09 -46.47 19.33
N ARG B 845 -46.21 -46.91 19.90
CA ARG B 845 -47.52 -46.55 19.37
C ARG B 845 -47.91 -45.18 19.90
N LEU B 846 -48.00 -44.20 19.01
CA LEU B 846 -48.48 -42.87 19.38
C LEU B 846 -49.99 -42.94 19.52
N GLU B 847 -50.45 -43.26 20.72
CA GLU B 847 -51.88 -43.31 21.01
C GLU B 847 -52.35 -41.93 21.44
N VAL B 848 -53.63 -41.82 21.75
CA VAL B 848 -54.21 -40.53 22.10
C VAL B 848 -54.68 -40.56 23.55
N ASN B 849 -54.70 -39.38 24.16
CA ASN B 849 -55.33 -39.16 25.45
C ASN B 849 -56.78 -38.72 25.21
N GLU B 850 -57.43 -38.22 26.26
CA GLU B 850 -58.74 -37.60 26.08
C GLU B 850 -58.61 -36.30 25.28
N ASP B 851 -57.52 -35.57 25.49
CA ASP B 851 -57.24 -34.34 24.77
C ASP B 851 -55.85 -34.31 24.15
N ARG B 852 -54.95 -35.21 24.52
CA ARG B 852 -53.55 -35.11 24.12
C ARG B 852 -53.06 -36.40 23.47
N ILE B 853 -51.76 -36.50 23.27
CA ILE B 853 -51.13 -37.63 22.60
C ILE B 853 -50.03 -38.18 23.50
N VAL B 854 -50.07 -39.48 23.77
CA VAL B 854 -49.06 -40.13 24.60
C VAL B 854 -48.62 -41.40 23.88
N ALA B 855 -47.41 -41.85 24.19
CA ALA B 855 -46.83 -43.03 23.57
C ALA B 855 -46.72 -44.16 24.58
N VAL B 856 -46.77 -45.40 24.08
CA VAL B 856 -46.67 -46.59 24.89
C VAL B 856 -45.53 -47.46 24.38
N GLN B 857 -45.17 -48.46 25.17
CA GLN B 857 -44.09 -49.40 24.85
C GLN B 857 -44.67 -50.80 24.77
N HIS B 858 -45.12 -51.18 23.58
CA HIS B 858 -45.62 -52.53 23.34
C HIS B 858 -45.18 -53.02 21.97
N GLN C 159 45.91 -1.76 -25.39
CA GLN C 159 45.51 -0.62 -24.59
C GLN C 159 44.23 -0.92 -23.82
N ALA C 160 43.61 0.13 -23.28
CA ALA C 160 42.34 -0.01 -22.60
C ALA C 160 41.19 0.69 -23.30
N LEU C 161 41.46 1.72 -24.11
CA LEU C 161 40.38 2.31 -24.88
C LEU C 161 39.98 1.42 -26.05
N LYS C 162 40.91 0.63 -26.58
CA LYS C 162 40.54 -0.20 -27.71
C LYS C 162 39.74 -1.44 -27.31
N LYS C 163 39.73 -1.81 -26.04
CA LYS C 163 39.03 -3.00 -25.62
C LYS C 163 37.64 -2.71 -25.07
N TYR C 164 37.36 -1.49 -24.64
CA TYR C 164 36.11 -1.22 -23.96
C TYR C 164 35.34 -0.07 -24.58
N THR C 165 35.73 0.39 -25.76
CA THR C 165 35.01 1.43 -26.49
C THR C 165 34.79 0.96 -27.92
N ILE C 166 33.96 1.69 -28.63
CA ILE C 166 33.74 1.50 -30.06
C ILE C 166 33.80 2.87 -30.71
N ASP C 167 34.71 3.05 -31.67
CA ASP C 167 35.00 4.36 -32.22
C ASP C 167 33.89 4.73 -33.20
N LEU C 168 33.01 5.64 -32.79
CA LEU C 168 31.90 6.03 -33.64
C LEU C 168 32.32 6.90 -34.80
N THR C 169 33.43 7.62 -34.69
CA THR C 169 33.90 8.39 -35.84
C THR C 169 34.50 7.49 -36.89
N GLU C 170 35.00 6.32 -36.51
CA GLU C 170 35.43 5.36 -37.51
C GLU C 170 34.25 4.77 -38.25
N ARG C 171 33.16 4.49 -37.53
CA ARG C 171 31.98 3.97 -38.19
C ARG C 171 31.27 5.02 -39.01
N ALA C 172 31.39 6.29 -38.63
CA ALA C 172 30.89 7.36 -39.46
C ALA C 172 31.78 7.60 -40.67
N GLU C 173 33.06 7.30 -40.52
CA GLU C 173 34.02 7.38 -41.61
C GLU C 173 33.85 6.25 -42.60
N GLN C 174 33.52 5.06 -42.13
CA GLN C 174 33.30 3.90 -42.99
C GLN C 174 31.90 3.82 -43.55
N GLY C 175 31.03 4.78 -43.23
CA GLY C 175 29.69 4.79 -43.76
C GLY C 175 28.77 3.77 -43.16
N LYS C 176 28.87 3.52 -41.86
CA LYS C 176 28.06 2.50 -41.21
C LYS C 176 27.04 3.08 -40.25
N LEU C 177 26.93 4.39 -40.14
CA LEU C 177 25.90 5.01 -39.34
C LEU C 177 24.87 5.62 -40.28
N ASP C 178 23.63 5.70 -39.82
CA ASP C 178 22.55 6.20 -40.65
C ASP C 178 22.68 7.69 -40.88
N PRO C 179 22.05 8.22 -41.93
CA PRO C 179 21.98 9.66 -42.07
C PRO C 179 21.15 10.28 -40.95
N VAL C 180 21.56 11.46 -40.52
CA VAL C 180 20.93 12.15 -39.40
C VAL C 180 20.50 13.53 -39.87
N ILE C 181 19.21 13.80 -39.73
CA ILE C 181 18.51 14.84 -40.46
C ILE C 181 17.79 15.72 -39.47
N GLY C 182 17.91 17.02 -39.62
CA GLY C 182 17.34 17.92 -38.66
C GLY C 182 18.21 17.94 -37.41
N ARG C 183 17.56 18.17 -36.27
CA ARG C 183 18.20 18.22 -34.95
C ARG C 183 19.34 19.22 -34.93
N ASP C 184 19.12 20.38 -35.52
CA ASP C 184 20.18 21.38 -35.58
C ASP C 184 20.41 22.01 -34.22
N GLU C 185 19.32 22.40 -33.56
CA GLU C 185 19.39 22.99 -32.23
C GLU C 185 20.01 22.04 -31.21
N GLU C 186 19.65 20.76 -31.28
CA GLU C 186 20.13 19.81 -30.28
C GLU C 186 21.60 19.49 -30.46
N ILE C 187 22.06 19.33 -31.70
CA ILE C 187 23.48 19.09 -31.94
C ILE C 187 24.29 20.33 -31.61
N ARG C 188 23.74 21.52 -31.88
CA ARG C 188 24.41 22.75 -31.49
C ARG C 188 24.56 22.88 -29.99
N ARG C 189 23.51 22.52 -29.24
CA ARG C 189 23.62 22.67 -27.80
C ARG C 189 24.48 21.57 -27.18
N THR C 190 24.53 20.39 -27.80
CA THR C 190 25.51 19.38 -27.39
C THR C 190 26.93 19.89 -27.58
N ILE C 191 27.19 20.59 -28.69
CA ILE C 191 28.52 21.13 -28.95
C ILE C 191 28.86 22.23 -27.97
N GLN C 192 27.89 23.09 -27.65
CA GLN C 192 28.11 24.14 -26.65
C GLN C 192 28.38 23.58 -25.28
N VAL C 193 27.81 22.43 -24.94
CA VAL C 193 28.10 21.88 -23.62
C VAL C 193 29.41 21.10 -23.63
N LEU C 194 29.78 20.51 -24.76
CA LEU C 194 31.06 19.80 -24.82
C LEU C 194 32.25 20.72 -24.74
N GLN C 195 32.12 21.95 -25.24
CA GLN C 195 33.22 22.91 -25.16
C GLN C 195 33.04 23.87 -24.00
N ARG C 196 32.99 23.34 -22.81
CA ARG C 196 33.03 24.12 -21.59
C ARG C 196 34.39 23.92 -20.94
N ARG C 197 34.57 24.51 -19.76
CA ARG C 197 35.81 24.24 -19.05
C ARG C 197 35.61 23.20 -17.97
N THR C 198 34.54 23.33 -17.21
CA THR C 198 34.12 22.35 -16.22
C THR C 198 32.73 21.88 -16.60
N LYS C 199 32.44 20.62 -16.29
CA LYS C 199 31.18 19.94 -16.65
C LYS C 199 30.96 19.97 -18.16
N ASN C 200 31.80 19.20 -18.85
CA ASN C 200 31.73 19.06 -20.29
C ASN C 200 30.72 18.01 -20.72
N ASN C 201 29.68 17.81 -19.94
CA ASN C 201 28.91 16.57 -19.99
C ASN C 201 27.46 16.80 -20.35
N PRO C 202 27.07 16.71 -21.61
CA PRO C 202 25.65 16.80 -21.92
C PRO C 202 24.99 15.44 -21.89
N VAL C 203 23.84 15.37 -21.25
CA VAL C 203 22.99 14.20 -21.31
C VAL C 203 21.82 14.53 -22.21
N LEU C 204 21.52 13.64 -23.15
CA LEU C 204 20.40 13.81 -24.04
C LEU C 204 19.22 13.08 -23.46
N ILE C 205 18.15 13.81 -23.16
CA ILE C 205 17.06 13.30 -22.36
C ILE C 205 15.74 13.54 -23.09
N GLY C 206 15.05 12.46 -23.41
CA GLY C 206 13.75 12.57 -24.04
C GLY C 206 13.07 11.23 -23.94
N GLU C 207 11.89 11.16 -24.52
CA GLU C 207 11.11 9.93 -24.53
C GLU C 207 11.78 8.87 -25.40
N PRO C 208 11.45 7.59 -25.22
CA PRO C 208 12.14 6.57 -26.01
C PRO C 208 11.73 6.51 -27.47
N GLY C 209 12.68 6.74 -28.36
CA GLY C 209 12.45 6.68 -29.78
C GLY C 209 12.55 8.01 -30.47
N VAL C 210 12.80 9.10 -29.76
CA VAL C 210 12.71 10.41 -30.36
C VAL C 210 13.99 10.86 -31.05
N GLY C 211 15.05 10.08 -30.99
CA GLY C 211 16.25 10.43 -31.72
C GLY C 211 17.47 10.79 -30.90
N LYS C 212 17.70 10.15 -29.76
CA LYS C 212 18.79 10.58 -28.91
C LYS C 212 20.12 10.00 -29.34
N THR C 213 20.15 8.71 -29.67
CA THR C 213 21.37 8.13 -30.23
C THR C 213 21.64 8.68 -31.62
N ALA C 214 20.58 9.04 -32.35
CA ALA C 214 20.71 9.64 -33.66
C ALA C 214 21.43 10.99 -33.59
N ILE C 215 21.24 11.75 -32.52
CA ILE C 215 21.92 13.03 -32.40
C ILE C 215 23.41 12.83 -32.18
N VAL C 216 23.80 11.79 -31.45
CA VAL C 216 25.22 11.56 -31.21
C VAL C 216 25.90 10.99 -32.46
N GLU C 217 25.19 10.13 -33.19
CA GLU C 217 25.72 9.67 -34.47
C GLU C 217 25.80 10.80 -35.50
N GLY C 218 24.88 11.75 -35.43
CA GLY C 218 25.01 12.93 -36.26
C GLY C 218 26.16 13.82 -35.84
N LEU C 219 26.46 13.87 -34.55
CA LEU C 219 27.63 14.61 -34.07
C LEU C 219 28.91 13.98 -34.60
N ALA C 220 28.97 12.65 -34.61
CA ALA C 220 30.14 11.98 -35.17
C ALA C 220 30.25 12.20 -36.66
N GLN C 221 29.12 12.24 -37.37
CA GLN C 221 29.21 12.46 -38.81
C GLN C 221 29.57 13.90 -39.16
N ARG C 222 29.17 14.88 -38.35
CA ARG C 222 29.63 16.23 -38.61
C ARG C 222 31.09 16.40 -38.24
N ILE C 223 31.58 15.66 -37.25
CA ILE C 223 33.01 15.67 -36.94
C ILE C 223 33.82 15.09 -38.09
N ILE C 224 33.31 14.03 -38.71
CA ILE C 224 34.01 13.45 -39.85
C ILE C 224 33.94 14.38 -41.07
N ASN C 225 32.77 14.94 -41.34
CA ASN C 225 32.61 15.80 -42.51
C ASN C 225 33.15 17.20 -42.30
N GLY C 226 33.68 17.53 -41.13
CA GLY C 226 34.18 18.86 -40.88
C GLY C 226 33.09 19.90 -40.79
N GLU C 227 31.89 19.50 -40.40
CA GLU C 227 30.77 20.41 -40.27
C GLU C 227 30.63 20.98 -38.86
N VAL C 228 31.73 21.01 -38.11
CA VAL C 228 31.74 21.43 -36.71
C VAL C 228 32.63 22.66 -36.60
N PRO C 229 32.60 23.40 -35.50
CA PRO C 229 33.58 24.49 -35.31
C PRO C 229 34.99 23.96 -35.15
N GLU C 230 35.93 24.92 -35.14
CA GLU C 230 37.35 24.61 -35.20
C GLU C 230 37.86 23.86 -33.97
N GLY C 231 37.17 23.95 -32.85
CA GLY C 231 37.59 23.21 -31.69
C GLY C 231 37.33 21.72 -31.78
N LEU C 232 36.35 21.30 -32.56
CA LEU C 232 35.97 19.90 -32.63
C LEU C 232 36.57 19.16 -33.81
N LYS C 233 37.19 19.86 -34.75
CA LYS C 233 37.72 19.21 -35.94
C LYS C 233 38.87 18.30 -35.55
N GLY C 234 38.61 17.00 -35.55
CA GLY C 234 39.61 16.04 -35.15
C GLY C 234 39.33 15.33 -33.86
N ARG C 235 38.18 15.58 -33.24
CA ARG C 235 37.84 14.83 -32.05
C ARG C 235 37.43 13.41 -32.42
N ARG C 236 37.46 12.55 -31.43
CA ARG C 236 37.02 11.18 -31.59
C ARG C 236 35.83 10.95 -30.68
N VAL C 237 34.81 10.29 -31.20
CA VAL C 237 33.62 9.95 -30.43
C VAL C 237 33.70 8.46 -30.15
N LEU C 238 34.03 8.11 -28.92
CA LEU C 238 34.18 6.73 -28.50
C LEU C 238 33.00 6.34 -27.64
N ALA C 239 32.32 5.28 -28.01
CA ALA C 239 31.13 4.83 -27.29
C ALA C 239 31.55 3.86 -26.22
N LEU C 240 31.51 4.31 -24.97
CA LEU C 240 31.84 3.45 -23.85
C LEU C 240 30.77 2.37 -23.69
N ASP C 241 31.20 1.12 -23.73
CA ASP C 241 30.32 -0.02 -23.56
C ASP C 241 30.52 -0.52 -22.14
N MET C 242 29.57 -0.18 -21.26
CA MET C 242 29.68 -0.52 -19.85
C MET C 242 29.54 -2.01 -19.60
N GLY C 243 28.89 -2.72 -20.53
CA GLY C 243 28.71 -4.15 -20.39
C GLY C 243 30.00 -4.93 -20.45
N ALA C 244 30.97 -4.51 -21.26
CA ALA C 244 32.24 -5.23 -21.34
C ALA C 244 33.08 -5.01 -20.09
N LEU C 245 33.12 -3.75 -19.63
CA LEU C 245 33.79 -3.37 -18.39
C LEU C 245 33.30 -4.19 -17.22
N VAL C 246 31.98 -4.37 -17.11
CA VAL C 246 31.53 -5.24 -16.03
C VAL C 246 31.71 -6.71 -16.42
N ALA C 247 31.80 -7.01 -17.71
CA ALA C 247 31.66 -8.38 -18.18
C ALA C 247 32.86 -9.25 -17.84
N GLY C 248 34.05 -8.72 -17.97
CA GLY C 248 35.09 -9.66 -17.62
C GLY C 248 35.49 -9.74 -16.16
N ALA C 249 34.98 -8.85 -15.31
CA ALA C 249 35.67 -8.43 -14.09
C ALA C 249 35.25 -9.24 -12.87
N LYS C 250 35.88 -10.39 -12.71
CA LYS C 250 35.46 -11.37 -11.71
C LYS C 250 36.05 -11.12 -10.33
N TYR C 251 37.29 -10.68 -10.25
CA TYR C 251 37.98 -10.55 -8.97
C TYR C 251 37.75 -9.18 -8.37
N ARG C 252 38.13 -9.04 -7.09
CA ARG C 252 38.05 -7.74 -6.43
C ARG C 252 39.06 -6.81 -7.03
N GLY C 253 38.64 -5.60 -7.35
CA GLY C 253 39.57 -4.65 -7.89
C GLY C 253 39.78 -4.72 -9.38
N GLU C 254 39.25 -5.75 -10.05
CA GLU C 254 39.46 -5.89 -11.48
C GLU C 254 38.70 -4.83 -12.25
N PHE C 255 37.47 -4.57 -11.86
CA PHE C 255 36.64 -3.56 -12.52
C PHE C 255 37.19 -2.16 -12.32
N GLU C 256 37.63 -1.86 -11.10
CA GLU C 256 38.16 -0.54 -10.79
C GLU C 256 39.46 -0.30 -11.52
N GLU C 257 40.26 -1.35 -11.68
CA GLU C 257 41.47 -1.26 -12.49
C GLU C 257 41.15 -0.97 -13.94
N ARG C 258 40.13 -1.63 -14.49
CA ARG C 258 39.75 -1.39 -15.88
C ARG C 258 39.26 0.03 -16.09
N LEU C 259 38.44 0.51 -15.16
CA LEU C 259 37.88 1.84 -15.31
C LEU C 259 38.94 2.92 -15.12
N LYS C 260 39.87 2.70 -14.17
CA LYS C 260 40.96 3.64 -14.00
C LYS C 260 41.91 3.61 -15.19
N GLY C 261 42.10 2.44 -15.81
CA GLY C 261 42.93 2.38 -17.01
C GLY C 261 42.29 3.09 -18.20
N VAL C 262 40.96 2.98 -18.33
CA VAL C 262 40.22 3.77 -19.31
C VAL C 262 40.40 5.25 -19.07
N LEU C 263 40.31 5.69 -17.80
CA LEU C 263 40.46 7.12 -17.53
C LEU C 263 41.88 7.62 -17.75
N ASN C 264 42.88 6.77 -17.51
CA ASN C 264 44.25 7.19 -17.81
C ASN C 264 44.48 7.30 -19.31
N ASP C 265 43.94 6.36 -20.10
CA ASP C 265 44.11 6.49 -21.55
C ASP C 265 43.31 7.64 -22.13
N LEU C 266 42.19 8.01 -21.50
CA LEU C 266 41.49 9.22 -21.91
C LEU C 266 42.27 10.46 -21.53
N ALA C 267 43.01 10.42 -20.43
CA ALA C 267 43.85 11.56 -20.07
C ALA C 267 45.04 11.69 -20.98
N LYS C 268 45.53 10.57 -21.52
CA LYS C 268 46.67 10.62 -22.42
C LYS C 268 46.33 11.05 -23.83
N GLN C 269 45.07 11.36 -24.12
CA GLN C 269 44.67 11.85 -25.43
C GLN C 269 44.68 13.36 -25.53
N GLU C 270 45.16 14.05 -24.49
CA GLU C 270 45.22 15.50 -24.39
C GLU C 270 43.85 16.16 -24.51
N GLY C 271 42.77 15.43 -24.19
CA GLY C 271 41.44 15.96 -24.36
C GLY C 271 40.93 15.94 -25.77
N ASN C 272 41.26 14.91 -26.55
CA ASN C 272 40.87 14.81 -27.94
C ASN C 272 39.85 13.68 -28.15
N VAL C 273 39.10 13.33 -27.11
CA VAL C 273 38.14 12.24 -27.17
C VAL C 273 36.83 12.72 -26.56
N ILE C 274 35.74 12.51 -27.27
CA ILE C 274 34.41 12.63 -26.70
C ILE C 274 33.98 11.24 -26.27
N LEU C 275 33.78 11.03 -24.98
CA LEU C 275 33.30 9.75 -24.48
C LEU C 275 31.78 9.72 -24.60
N PHE C 276 31.25 8.54 -24.89
CA PHE C 276 29.82 8.39 -25.11
C PHE C 276 29.31 7.21 -24.29
N ILE C 277 28.33 7.47 -23.45
CA ILE C 277 27.70 6.43 -22.63
C ILE C 277 26.20 6.53 -22.89
N ASP C 278 25.69 5.77 -23.84
CA ASP C 278 24.25 5.67 -23.89
C ASP C 278 23.78 4.61 -22.90
N ALA C 279 22.51 4.72 -22.53
CA ALA C 279 22.01 4.19 -21.27
C ALA C 279 22.94 4.63 -20.16
N LEU C 280 22.98 5.94 -19.97
CA LEU C 280 23.78 6.58 -18.95
C LEU C 280 23.37 6.13 -17.55
N HIS C 281 22.12 5.73 -17.40
CA HIS C 281 21.62 5.22 -16.14
C HIS C 281 22.18 3.85 -15.80
N THR C 282 22.92 3.20 -16.69
CA THR C 282 23.60 1.96 -16.37
C THR C 282 25.00 2.20 -15.87
N MET C 283 25.24 3.40 -15.32
CA MET C 283 26.50 3.79 -14.72
C MET C 283 26.37 4.03 -13.24
N VAL C 284 25.20 4.50 -12.79
CA VAL C 284 24.89 4.54 -11.37
C VAL C 284 24.72 3.12 -10.88
N GLY C 285 25.70 2.66 -10.12
CA GLY C 285 25.72 1.26 -9.79
C GLY C 285 26.12 0.43 -10.99
N ALA C 286 27.37 0.51 -11.39
CA ALA C 286 27.95 -0.48 -12.30
C ALA C 286 29.12 -1.08 -11.57
N GLY C 287 28.99 -2.35 -11.20
CA GLY C 287 30.08 -3.01 -10.49
C GLY C 287 30.12 -2.77 -9.01
N LYS C 288 29.04 -2.30 -8.39
CA LYS C 288 29.03 -2.15 -6.95
C LYS C 288 28.98 -3.53 -6.29
N ALA C 289 29.78 -3.69 -5.26
CA ALA C 289 30.00 -4.94 -4.58
C ALA C 289 30.32 -4.60 -3.13
N ASP C 290 31.02 -5.51 -2.44
CA ASP C 290 31.68 -5.13 -1.19
C ASP C 290 32.66 -3.98 -1.43
N GLY C 291 33.41 -4.04 -2.53
CA GLY C 291 34.27 -2.93 -2.95
C GLY C 291 33.49 -1.99 -3.86
N ALA C 292 32.57 -1.26 -3.23
CA ALA C 292 31.52 -0.52 -3.93
C ALA C 292 32.07 0.79 -4.49
N MET C 293 32.80 0.67 -5.60
CA MET C 293 33.26 1.86 -6.31
C MET C 293 32.40 2.22 -7.50
N ASP C 294 31.48 1.35 -7.92
CA ASP C 294 30.17 1.75 -8.39
C ASP C 294 30.16 2.39 -9.78
N ALA C 295 31.32 2.73 -10.34
CA ALA C 295 31.52 3.36 -11.65
C ALA C 295 30.81 4.68 -11.88
N GLY C 296 30.09 5.20 -10.90
CA GLY C 296 29.59 6.55 -10.96
C GLY C 296 30.40 7.33 -9.97
N ASN C 297 30.80 6.66 -8.89
CA ASN C 297 31.67 7.27 -7.89
C ASN C 297 33.11 7.37 -8.34
N MET C 298 33.49 6.68 -9.41
CA MET C 298 34.87 6.77 -9.90
C MET C 298 35.02 7.80 -11.01
N LEU C 299 34.03 7.92 -11.87
CA LEU C 299 34.05 8.94 -12.90
C LEU C 299 33.71 10.31 -12.35
N LYS C 300 33.24 10.39 -11.12
CA LYS C 300 32.73 11.62 -10.55
C LYS C 300 33.77 12.72 -10.35
N PRO C 301 35.05 12.45 -10.00
CA PRO C 301 36.02 13.55 -10.07
C PRO C 301 36.36 13.98 -11.47
N ALA C 302 36.44 13.06 -12.43
CA ALA C 302 36.73 13.46 -13.80
C ALA C 302 35.56 14.18 -14.43
N LEU C 303 34.34 13.82 -14.06
CA LEU C 303 33.17 14.55 -14.50
C LEU C 303 33.05 15.90 -13.82
N ALA C 304 33.56 16.04 -12.60
CA ALA C 304 33.44 17.32 -11.90
C ALA C 304 34.33 18.37 -12.52
N ARG C 305 35.51 17.99 -12.94
CA ARG C 305 36.54 18.93 -13.34
C ARG C 305 36.59 19.15 -14.84
N GLY C 306 35.70 18.51 -15.59
CA GLY C 306 35.65 18.71 -17.02
C GLY C 306 36.81 18.13 -17.78
N GLU C 307 37.48 17.13 -17.22
CA GLU C 307 38.55 16.42 -17.89
C GLU C 307 38.05 15.27 -18.72
N LEU C 308 36.74 15.11 -18.81
CA LEU C 308 36.11 13.99 -19.49
C LEU C 308 34.85 14.53 -20.12
N HIS C 309 34.74 14.38 -21.43
CA HIS C 309 33.72 15.08 -22.20
C HIS C 309 32.56 14.16 -22.50
N CYS C 310 32.17 13.36 -21.50
CA CYS C 310 31.16 12.34 -21.59
C CYS C 310 29.80 12.85 -22.06
N VAL C 311 29.37 12.41 -23.24
CA VAL C 311 28.01 12.62 -23.70
C VAL C 311 27.19 11.43 -23.26
N GLY C 312 26.24 11.64 -22.38
CA GLY C 312 25.31 10.61 -21.99
C GLY C 312 24.04 10.74 -22.79
N ALA C 313 23.29 9.67 -22.83
CA ALA C 313 21.96 9.75 -23.44
C ALA C 313 21.08 8.74 -22.71
N THR C 314 20.43 9.20 -21.67
CA THR C 314 19.48 8.37 -20.95
C THR C 314 18.08 8.73 -21.41
N THR C 315 17.08 8.04 -20.88
CA THR C 315 15.69 8.25 -21.24
C THR C 315 15.14 9.34 -20.33
N LEU C 316 13.83 9.49 -20.25
CA LEU C 316 13.26 10.52 -19.40
C LEU C 316 12.70 9.99 -18.09
N ASP C 317 12.22 8.75 -18.06
CA ASP C 317 11.86 8.06 -16.82
C ASP C 317 12.99 7.26 -16.23
N GLU C 318 13.86 6.70 -17.07
CA GLU C 318 15.08 6.04 -16.60
C GLU C 318 15.98 6.99 -15.84
N TYR C 319 15.98 8.26 -16.26
CA TYR C 319 16.75 9.30 -15.60
C TYR C 319 16.30 9.54 -14.18
N ARG C 320 15.00 9.55 -13.96
CA ARG C 320 14.49 9.83 -12.63
C ARG C 320 14.68 8.64 -11.69
N GLN C 321 14.46 7.44 -12.21
CA GLN C 321 14.56 6.26 -11.36
C GLN C 321 16.00 5.95 -11.04
N TYR C 322 16.92 6.34 -11.88
CA TYR C 322 18.28 5.88 -11.68
C TYR C 322 19.28 6.97 -11.38
N ILE C 323 19.16 8.15 -11.97
CA ILE C 323 20.15 9.19 -11.82
C ILE C 323 19.74 10.21 -10.78
N GLU C 324 18.46 10.58 -10.72
CA GLU C 324 18.05 11.53 -9.70
C GLU C 324 18.02 10.94 -8.30
N LYS C 325 18.15 9.63 -8.15
CA LYS C 325 18.33 9.06 -6.82
C LYS C 325 19.70 9.40 -6.26
N ASP C 326 20.66 9.71 -7.11
CA ASP C 326 22.01 10.08 -6.71
C ASP C 326 22.28 11.49 -7.20
N ALA C 327 22.02 12.46 -6.34
CA ALA C 327 22.11 13.87 -6.71
C ALA C 327 23.52 14.39 -6.75
N ALA C 328 24.52 13.60 -6.39
CA ALA C 328 25.90 14.04 -6.55
C ALA C 328 26.38 13.87 -7.98
N LEU C 329 25.85 12.89 -8.71
CA LEU C 329 26.17 12.73 -10.11
C LEU C 329 25.22 13.50 -11.01
N GLU C 330 24.03 13.78 -10.53
CA GLU C 330 23.03 14.49 -11.31
C GLU C 330 23.43 15.93 -11.59
N ARG C 331 24.29 16.53 -10.78
CA ARG C 331 24.80 17.85 -11.13
C ARG C 331 25.92 17.78 -12.13
N ARG C 332 26.55 16.63 -12.33
CA ARG C 332 27.72 16.59 -13.20
C ARG C 332 27.36 16.72 -14.67
N PHE C 333 26.09 16.56 -15.03
CA PHE C 333 25.63 16.54 -16.40
C PHE C 333 24.76 17.75 -16.70
N GLN C 334 24.42 17.91 -17.98
CA GLN C 334 23.63 19.04 -18.45
C GLN C 334 22.50 18.51 -19.31
N LYS C 335 21.27 18.63 -18.82
CA LYS C 335 20.10 18.01 -19.44
C LYS C 335 19.80 18.73 -20.74
N VAL C 336 20.11 18.09 -21.86
CA VAL C 336 19.75 18.60 -23.17
C VAL C 336 18.47 17.88 -23.57
N PHE C 337 17.34 18.58 -23.55
CA PHE C 337 16.05 17.95 -23.80
C PHE C 337 15.82 17.79 -25.28
N VAL C 338 15.56 16.55 -25.71
CA VAL C 338 15.31 16.20 -27.10
C VAL C 338 13.82 15.97 -27.27
N ALA C 339 13.15 16.82 -28.03
CA ALA C 339 11.72 16.67 -28.17
C ALA C 339 11.39 15.67 -29.25
N GLU C 340 10.17 15.20 -29.22
CA GLU C 340 9.66 14.37 -30.29
C GLU C 340 9.48 15.25 -31.52
N PRO C 341 9.92 14.83 -32.69
CA PRO C 341 9.71 15.64 -33.89
C PRO C 341 8.26 15.68 -34.28
N SER C 342 7.88 16.77 -34.95
CA SER C 342 6.53 16.94 -35.42
C SER C 342 6.27 16.05 -36.63
N VAL C 343 5.10 16.19 -37.24
CA VAL C 343 4.81 15.39 -38.43
C VAL C 343 5.65 15.88 -39.60
N GLU C 344 5.81 17.19 -39.74
CA GLU C 344 6.56 17.76 -40.86
C GLU C 344 8.04 17.41 -40.77
N ASP C 345 8.60 17.45 -39.56
CA ASP C 345 10.00 17.07 -39.35
C ASP C 345 10.20 15.59 -39.61
N THR C 346 9.22 14.76 -39.28
CA THR C 346 9.35 13.34 -39.55
C THR C 346 9.24 13.03 -41.04
N ILE C 347 8.44 13.82 -41.77
CA ILE C 347 8.40 13.70 -43.22
C ILE C 347 9.76 14.07 -43.80
N ALA C 348 10.41 15.09 -43.25
CA ALA C 348 11.75 15.44 -43.72
C ALA C 348 12.79 14.39 -43.33
N ILE C 349 12.61 13.70 -42.21
CA ILE C 349 13.52 12.64 -41.81
C ILE C 349 13.40 11.44 -42.74
N LEU C 350 12.17 10.99 -43.00
CA LEU C 350 11.97 9.78 -43.78
C LEU C 350 12.38 9.98 -45.23
N ARG C 351 12.35 11.21 -45.73
CA ARG C 351 12.81 11.47 -47.09
C ARG C 351 14.31 11.33 -47.26
N GLY C 352 15.08 11.27 -46.18
CA GLY C 352 16.50 11.09 -46.32
C GLY C 352 16.96 9.72 -45.89
N LEU C 353 16.27 9.12 -44.93
CA LEU C 353 16.47 7.72 -44.59
C LEU C 353 15.82 6.76 -45.58
N LYS C 354 15.11 7.27 -46.59
CA LYS C 354 14.43 6.41 -47.54
C LYS C 354 15.40 5.54 -48.31
N GLU C 355 16.52 6.13 -48.73
CA GLU C 355 17.45 5.44 -49.63
C GLU C 355 18.09 4.23 -48.97
N ARG C 356 18.30 4.27 -47.67
CA ARG C 356 18.95 3.15 -47.01
C ARG C 356 17.99 1.96 -46.87
N TYR C 357 16.72 2.22 -46.56
CA TYR C 357 15.75 1.13 -46.49
C TYR C 357 15.41 0.60 -47.88
N GLU C 358 15.46 1.46 -48.91
CA GLU C 358 15.32 0.98 -50.27
C GLU C 358 16.47 0.05 -50.64
N LEU C 359 17.69 0.43 -50.32
CA LEU C 359 18.83 -0.40 -50.69
C LEU C 359 18.94 -1.65 -49.84
N HIS C 360 18.30 -1.69 -48.68
CA HIS C 360 18.28 -2.97 -47.97
C HIS C 360 17.17 -3.87 -48.47
N HIS C 361 15.99 -3.32 -48.75
CA HIS C 361 14.85 -4.15 -49.10
C HIS C 361 14.65 -4.33 -50.59
N HIS C 362 15.44 -3.64 -51.42
CA HIS C 362 15.36 -3.67 -52.89
C HIS C 362 13.97 -3.31 -53.40
N VAL C 363 13.34 -2.33 -52.78
CA VAL C 363 12.07 -1.80 -53.21
C VAL C 363 12.24 -0.30 -53.43
N GLN C 364 11.20 0.31 -53.99
CA GLN C 364 11.13 1.75 -54.06
C GLN C 364 10.02 2.23 -53.15
N ILE C 365 10.28 3.30 -52.42
CA ILE C 365 9.34 3.79 -51.43
C ILE C 365 8.84 5.14 -51.94
N THR C 366 7.60 5.17 -52.38
CA THR C 366 7.04 6.37 -52.99
C THR C 366 6.84 7.43 -51.91
N ASP C 367 7.05 8.69 -52.28
CA ASP C 367 6.97 9.78 -51.30
C ASP C 367 5.58 10.00 -50.70
N PRO C 368 4.48 9.72 -51.41
CA PRO C 368 3.21 9.51 -50.68
C PRO C 368 3.24 8.49 -49.57
N ALA C 369 4.02 7.41 -49.68
CA ALA C 369 4.09 6.48 -48.56
C ALA C 369 4.83 7.07 -47.38
N ILE C 370 5.76 7.97 -47.63
CA ILE C 370 6.46 8.65 -46.55
C ILE C 370 5.56 9.64 -45.83
N VAL C 371 4.87 10.50 -46.57
CA VAL C 371 4.01 11.47 -45.89
C VAL C 371 2.81 10.77 -45.25
N ALA C 372 2.36 9.65 -45.83
CA ALA C 372 1.29 8.88 -45.23
C ALA C 372 1.74 8.14 -43.99
N ALA C 373 2.98 7.65 -43.98
CA ALA C 373 3.48 6.93 -42.81
C ALA C 373 3.60 7.86 -41.62
N ALA C 374 4.15 9.06 -41.85
CA ALA C 374 4.27 10.03 -40.77
C ALA C 374 2.90 10.45 -40.24
N THR C 375 1.95 10.73 -41.14
CA THR C 375 0.63 11.20 -40.72
C THR C 375 -0.16 10.10 -40.00
N LEU C 376 -0.19 8.91 -40.57
CA LEU C 376 -1.00 7.84 -40.01
C LEU C 376 -0.42 7.30 -38.73
N SER C 377 0.90 7.23 -38.58
CA SER C 377 1.44 6.81 -37.29
C SER C 377 1.26 7.89 -36.25
N HIS C 378 1.26 9.18 -36.64
CA HIS C 378 0.96 10.21 -35.64
C HIS C 378 -0.49 10.15 -35.19
N ARG C 379 -1.38 9.68 -36.04
CA ARG C 379 -2.78 9.62 -35.63
C ARG C 379 -3.16 8.33 -34.91
N TYR C 380 -2.75 7.17 -35.43
CA TYR C 380 -3.33 5.90 -35.02
C TYR C 380 -2.44 5.07 -34.11
N ILE C 381 -1.26 5.56 -33.73
CA ILE C 381 -0.40 4.86 -32.79
C ILE C 381 -0.14 5.78 -31.61
N ALA C 382 -0.39 5.28 -30.40
CA ALA C 382 -0.28 6.13 -29.21
C ALA C 382 0.74 5.64 -28.19
N ASP C 383 1.32 4.47 -28.38
CA ASP C 383 2.32 4.01 -27.42
C ASP C 383 3.70 4.55 -27.76
N ARG C 384 3.94 4.84 -29.03
CA ARG C 384 5.26 5.14 -29.54
C ARG C 384 5.33 6.56 -30.06
N GLN C 385 6.48 6.93 -30.60
CA GLN C 385 6.79 8.32 -30.88
C GLN C 385 7.57 8.44 -32.18
N LEU C 386 7.35 9.56 -32.84
CA LEU C 386 8.03 9.84 -34.09
C LEU C 386 9.51 10.07 -33.81
N PRO C 387 10.40 9.67 -34.71
CA PRO C 387 10.18 9.09 -36.03
C PRO C 387 10.13 7.58 -36.00
N ASP C 388 10.10 6.99 -34.81
CA ASP C 388 10.33 5.56 -34.69
C ASP C 388 9.19 4.73 -35.27
N LYS C 389 7.96 5.16 -35.04
CA LYS C 389 6.83 4.41 -35.54
C LYS C 389 6.59 4.63 -37.03
N ALA C 390 6.96 5.80 -37.55
CA ALA C 390 6.92 6.03 -38.99
C ALA C 390 7.92 5.13 -39.71
N ILE C 391 9.13 5.00 -39.15
CA ILE C 391 10.14 4.13 -39.72
C ILE C 391 9.72 2.68 -39.58
N ASP C 392 8.98 2.35 -38.52
CA ASP C 392 8.43 1.00 -38.40
C ASP C 392 7.43 0.68 -39.51
N LEU C 393 6.56 1.63 -39.84
CA LEU C 393 5.59 1.39 -40.92
C LEU C 393 6.30 1.24 -42.26
N ILE C 394 7.22 2.15 -42.55
CA ILE C 394 7.99 2.11 -43.81
C ILE C 394 8.78 0.82 -43.95
N ASP C 395 9.43 0.41 -42.87
CA ASP C 395 10.32 -0.74 -42.91
C ASP C 395 9.53 -2.04 -43.05
N GLU C 396 8.43 -2.19 -42.31
CA GLU C 396 7.68 -3.42 -42.40
C GLU C 396 6.89 -3.50 -43.70
N ALA C 397 6.49 -2.37 -44.28
CA ALA C 397 5.84 -2.42 -45.58
C ALA C 397 6.84 -2.80 -46.67
N ALA C 398 8.09 -2.33 -46.56
CA ALA C 398 9.10 -2.75 -47.52
C ALA C 398 9.41 -4.24 -47.38
N SER C 399 9.41 -4.75 -46.16
CA SER C 399 9.57 -6.19 -45.95
C SER C 399 8.43 -6.98 -46.56
N SER C 400 7.21 -6.46 -46.46
CA SER C 400 6.05 -7.13 -47.03
C SER C 400 6.15 -7.18 -48.55
N ILE C 401 6.52 -6.07 -49.18
CA ILE C 401 6.69 -6.03 -50.62
C ILE C 401 7.81 -6.97 -51.07
N ARG C 402 8.90 -7.02 -50.30
CA ARG C 402 10.01 -7.91 -50.65
C ARG C 402 9.61 -9.37 -50.55
N MET C 403 8.81 -9.73 -49.55
CA MET C 403 8.35 -11.11 -49.47
C MET C 403 7.35 -11.46 -50.55
N GLN C 404 6.56 -10.49 -51.02
CA GLN C 404 5.65 -10.78 -52.13
C GLN C 404 6.42 -11.03 -53.41
N ILE C 405 7.41 -10.18 -53.71
CA ILE C 405 8.22 -10.35 -54.90
C ILE C 405 9.04 -11.63 -54.81
N ASP C 406 9.40 -12.03 -53.59
CA ASP C 406 10.25 -13.20 -53.38
C ASP C 406 9.54 -14.48 -53.79
N SER C 407 8.40 -14.79 -53.18
CA SER C 407 7.68 -16.02 -53.51
C SER C 407 6.44 -15.78 -54.39
N LYS C 408 5.42 -15.10 -53.87
CA LYS C 408 4.11 -14.97 -54.52
C LYS C 408 3.27 -14.00 -53.69
N PRO C 409 2.23 -13.36 -54.31
CA PRO C 409 1.48 -12.31 -53.60
C PRO C 409 0.61 -12.75 -52.44
N GLU C 410 -0.19 -11.80 -51.91
CA GLU C 410 -0.98 -12.06 -50.72
C GLU C 410 -2.04 -13.13 -50.96
N GLU C 411 -2.96 -12.86 -51.91
CA GLU C 411 -4.14 -13.69 -52.08
C GLU C 411 -3.79 -15.09 -52.52
N LEU C 412 -2.71 -15.24 -53.28
CA LEU C 412 -2.24 -16.58 -53.64
C LEU C 412 -1.72 -17.32 -52.42
N ASP C 413 -1.06 -16.60 -51.50
CA ASP C 413 -0.62 -17.23 -50.25
C ASP C 413 -1.79 -17.62 -49.37
N ARG C 414 -2.78 -16.72 -49.21
CA ARG C 414 -3.99 -17.02 -48.45
C ARG C 414 -4.70 -18.25 -48.99
N LEU C 415 -4.93 -18.30 -50.30
CA LEU C 415 -5.66 -19.41 -50.87
C LEU C 415 -4.83 -20.69 -50.88
N ASP C 416 -3.52 -20.60 -51.04
CA ASP C 416 -2.68 -21.79 -51.04
C ASP C 416 -2.63 -22.41 -49.64
N ARG C 417 -2.50 -21.57 -48.61
CA ARG C 417 -2.52 -22.08 -47.25
C ARG C 417 -3.89 -22.63 -46.88
N ARG C 418 -4.97 -22.02 -47.37
CA ARG C 418 -6.27 -22.57 -46.99
C ARG C 418 -6.60 -23.83 -47.78
N ILE C 419 -6.11 -23.98 -49.01
CA ILE C 419 -6.37 -25.25 -49.69
C ILE C 419 -5.50 -26.36 -49.14
N ILE C 420 -4.28 -26.07 -48.66
CA ILE C 420 -3.54 -27.16 -48.03
C ILE C 420 -4.10 -27.45 -46.64
N GLN C 421 -4.70 -26.44 -45.99
CA GLN C 421 -5.42 -26.64 -44.74
C GLN C 421 -6.60 -27.59 -44.93
N LEU C 422 -7.45 -27.30 -45.90
CA LEU C 422 -8.61 -28.16 -46.12
C LEU C 422 -8.23 -29.48 -46.75
N LYS C 423 -7.08 -29.58 -47.39
CA LYS C 423 -6.57 -30.87 -47.82
C LYS C 423 -6.25 -31.75 -46.63
N LEU C 424 -5.56 -31.19 -45.63
CA LEU C 424 -5.31 -31.94 -44.40
C LEU C 424 -6.60 -32.26 -43.65
N GLU C 425 -7.57 -31.35 -43.67
CA GLU C 425 -8.79 -31.59 -42.91
C GLU C 425 -9.69 -32.61 -43.60
N GLN C 426 -9.71 -32.62 -44.94
CA GLN C 426 -10.43 -33.65 -45.67
C GLN C 426 -9.73 -35.00 -45.54
N GLN C 427 -8.40 -34.98 -45.36
CA GLN C 427 -7.72 -36.21 -44.98
C GLN C 427 -8.17 -36.68 -43.60
N ALA C 428 -8.36 -35.74 -42.68
CA ALA C 428 -8.77 -36.07 -41.31
C ALA C 428 -10.22 -36.52 -41.22
N LEU C 429 -11.06 -36.20 -42.21
CA LEU C 429 -12.44 -36.68 -42.23
C LEU C 429 -12.61 -38.00 -42.98
N MET C 430 -11.57 -38.83 -43.04
CA MET C 430 -11.71 -40.13 -43.69
C MET C 430 -11.35 -41.28 -42.76
N LEU C 441 -22.81 -33.33 -43.71
CA LEU C 441 -21.75 -34.12 -43.13
C LEU C 441 -20.43 -33.37 -43.27
N ASP C 442 -19.81 -33.47 -44.44
CA ASP C 442 -18.57 -32.76 -44.67
C ASP C 442 -18.82 -31.26 -44.81
N MET C 443 -19.53 -30.88 -45.88
CA MET C 443 -19.66 -29.50 -46.35
C MET C 443 -18.31 -28.82 -46.48
N LEU C 444 -17.34 -29.57 -46.94
CA LEU C 444 -15.93 -29.24 -46.98
C LEU C 444 -15.37 -29.36 -48.39
N ASN C 445 -15.80 -30.40 -49.12
CA ASN C 445 -15.45 -30.53 -50.52
C ASN C 445 -16.03 -29.39 -51.34
N GLU C 446 -17.19 -28.85 -50.92
CA GLU C 446 -17.70 -27.62 -51.52
C GLU C 446 -16.75 -26.46 -51.25
N GLU C 447 -16.26 -26.34 -50.02
CA GLU C 447 -15.39 -25.23 -49.64
C GLU C 447 -14.02 -25.36 -50.31
N LEU C 448 -13.48 -26.57 -50.34
CA LEU C 448 -12.20 -26.79 -51.02
C LEU C 448 -12.32 -26.61 -52.52
N SER C 449 -13.47 -26.97 -53.10
CA SER C 449 -13.69 -26.74 -54.53
C SER C 449 -13.76 -25.26 -54.85
N ASP C 450 -14.45 -24.49 -53.99
CA ASP C 450 -14.54 -23.04 -54.18
C ASP C 450 -13.17 -22.39 -54.06
N LYS C 451 -12.37 -22.80 -53.08
CA LYS C 451 -11.07 -22.19 -52.90
C LYS C 451 -10.10 -22.60 -54.01
N GLU C 452 -10.21 -23.82 -54.53
CA GLU C 452 -9.36 -24.22 -55.66
C GLU C 452 -9.72 -23.48 -56.93
N ARG C 453 -11.03 -23.25 -57.16
CA ARG C 453 -11.46 -22.47 -58.32
C ARG C 453 -10.96 -21.03 -58.23
N GLN C 454 -11.09 -20.42 -57.05
CA GLN C 454 -10.66 -19.04 -56.88
C GLN C 454 -9.15 -18.92 -56.96
N TYR C 455 -8.42 -19.92 -56.47
CA TYR C 455 -6.97 -19.92 -56.59
C TYR C 455 -6.53 -20.07 -58.04
N SER C 456 -7.23 -20.89 -58.82
CA SER C 456 -6.88 -21.02 -60.22
C SER C 456 -7.19 -19.75 -61.02
N GLU C 457 -8.30 -19.07 -60.67
CA GLU C 457 -8.60 -17.79 -61.31
C GLU C 457 -7.55 -16.74 -60.99
N LEU C 458 -7.13 -16.64 -59.72
CA LEU C 458 -6.12 -15.65 -59.39
C LEU C 458 -4.74 -16.05 -59.89
N GLU C 459 -4.48 -17.34 -60.08
CA GLU C 459 -3.22 -17.73 -60.70
C GLU C 459 -3.21 -17.36 -62.19
N GLU C 460 -4.36 -17.49 -62.86
CA GLU C 460 -4.46 -17.04 -64.24
C GLU C 460 -4.30 -15.53 -64.34
N GLU C 461 -4.88 -14.78 -63.42
CA GLU C 461 -4.73 -13.34 -63.40
C GLU C 461 -3.30 -12.92 -63.06
N TRP C 462 -2.61 -13.71 -62.21
CA TRP C 462 -1.23 -13.42 -61.87
C TRP C 462 -0.29 -13.74 -63.02
N LYS C 463 -0.62 -14.76 -63.82
CA LYS C 463 0.13 -14.98 -65.04
C LYS C 463 -0.22 -13.97 -66.13
N ALA C 464 -1.39 -13.33 -66.02
CA ALA C 464 -1.72 -12.25 -66.95
C ALA C 464 -0.91 -11.00 -66.65
N GLU C 465 -0.78 -10.64 -65.38
CA GLU C 465 0.04 -9.49 -64.98
C GLU C 465 1.48 -9.92 -64.70
N LYS C 466 2.13 -10.52 -65.69
CA LYS C 466 3.48 -11.03 -65.54
C LYS C 466 4.21 -11.10 -66.87
N LEU C 527 0.94 -5.92 -60.52
CA LEU C 527 1.36 -6.44 -59.22
C LEU C 527 1.74 -5.37 -58.24
N ARG C 528 2.53 -5.77 -57.25
CA ARG C 528 3.05 -4.86 -56.24
C ARG C 528 4.55 -5.03 -56.17
N ASN C 529 5.27 -4.00 -56.60
CA ASN C 529 6.71 -3.94 -56.43
C ASN C 529 7.19 -2.64 -55.79
N LYS C 530 6.35 -1.61 -55.78
CA LYS C 530 6.64 -0.38 -55.06
C LYS C 530 6.02 -0.45 -53.68
N VAL C 531 6.20 0.60 -52.91
CA VAL C 531 5.58 0.76 -51.61
C VAL C 531 4.78 2.05 -51.68
N THR C 532 3.49 1.94 -51.87
CA THR C 532 2.67 3.14 -51.91
C THR C 532 2.10 3.37 -50.52
N ASP C 533 1.16 4.32 -50.39
CA ASP C 533 0.52 4.55 -49.11
C ASP C 533 -0.47 3.44 -48.75
N ALA C 534 -0.90 2.65 -49.72
CA ALA C 534 -1.81 1.55 -49.43
C ALA C 534 -1.11 0.47 -48.62
N GLU C 535 0.17 0.25 -48.87
CA GLU C 535 0.92 -0.72 -48.07
C GLU C 535 1.11 -0.23 -46.64
N ILE C 536 1.30 1.07 -46.47
CA ILE C 536 1.40 1.65 -45.15
C ILE C 536 0.09 1.50 -44.41
N ALA C 537 -1.03 1.65 -45.12
CA ALA C 537 -2.33 1.46 -44.50
C ALA C 537 -2.55 0.01 -44.10
N GLU C 538 -2.06 -0.94 -44.89
CA GLU C 538 -2.17 -2.36 -44.51
C GLU C 538 -1.33 -2.68 -43.28
N VAL C 539 -0.11 -2.16 -43.22
CA VAL C 539 0.77 -2.39 -42.08
C VAL C 539 0.20 -1.76 -40.82
N LEU C 540 -0.40 -0.58 -40.95
CA LEU C 540 -1.03 0.04 -39.80
C LEU C 540 -2.29 -0.69 -39.40
N ALA C 541 -2.99 -1.31 -40.34
CA ALA C 541 -4.18 -2.06 -39.97
C ALA C 541 -3.85 -3.35 -39.25
N ARG C 542 -2.71 -3.96 -39.58
CA ARG C 542 -2.35 -5.16 -38.86
C ARG C 542 -1.64 -4.83 -37.55
N TRP C 543 -0.97 -3.69 -37.46
CA TRP C 543 -0.26 -3.34 -36.25
C TRP C 543 -1.23 -2.98 -35.14
N THR C 544 -1.98 -1.92 -35.38
CA THR C 544 -2.95 -1.44 -34.39
C THR C 544 -4.16 -2.35 -34.34
N GLY C 545 -4.87 -2.46 -35.45
CA GLY C 545 -6.12 -3.20 -35.48
C GLY C 545 -7.18 -2.41 -36.21
N ILE C 546 -7.04 -1.09 -36.25
CA ILE C 546 -8.02 -0.19 -36.87
C ILE C 546 -8.02 -0.40 -38.37
N PRO C 547 -9.16 -0.62 -39.01
CA PRO C 547 -9.19 -0.77 -40.46
C PRO C 547 -8.98 0.53 -41.21
N VAL C 548 -7.73 0.91 -41.42
CA VAL C 548 -7.42 2.11 -42.21
C VAL C 548 -7.14 1.73 -43.65
N SER C 549 -7.12 0.44 -43.97
CA SER C 549 -6.78 -0.04 -45.30
C SER C 549 -7.81 0.40 -46.33
N ARG C 550 -7.43 0.28 -47.60
CA ARG C 550 -8.39 0.57 -48.65
C ARG C 550 -9.43 -0.53 -48.70
N MET C 551 -10.67 -0.14 -48.96
CA MET C 551 -11.77 -1.10 -48.97
C MET C 551 -11.68 -1.97 -50.20
N MET C 552 -11.38 -3.26 -50.01
CA MET C 552 -11.49 -4.20 -51.10
C MET C 552 -12.96 -4.40 -51.47
N GLU C 553 -13.19 -4.97 -52.65
CA GLU C 553 -14.51 -4.93 -53.25
C GLU C 553 -15.51 -5.81 -52.49
N SER C 554 -15.05 -6.92 -51.91
CA SER C 554 -15.95 -7.77 -51.13
C SER C 554 -16.37 -7.08 -49.85
N GLU C 555 -15.42 -6.47 -49.15
CA GLU C 555 -15.75 -5.76 -47.93
C GLU C 555 -16.54 -4.49 -48.21
N ARG C 556 -16.31 -3.86 -49.36
CA ARG C 556 -17.06 -2.64 -49.66
C ARG C 556 -18.49 -2.96 -50.05
N GLU C 557 -18.70 -4.05 -50.78
CA GLU C 557 -20.06 -4.50 -51.06
C GLU C 557 -20.74 -5.00 -49.80
N LYS C 558 -19.99 -5.57 -48.86
CA LYS C 558 -20.55 -5.94 -47.57
C LYS C 558 -20.99 -4.71 -46.79
N LEU C 559 -20.24 -3.63 -46.90
CA LEU C 559 -20.50 -2.45 -46.11
C LEU C 559 -21.52 -1.52 -46.75
N LEU C 560 -21.79 -1.66 -48.04
CA LEU C 560 -22.94 -0.97 -48.60
C LEU C 560 -24.25 -1.68 -48.30
N ARG C 561 -24.19 -2.96 -47.97
CA ARG C 561 -25.34 -3.71 -47.48
C ARG C 561 -25.34 -3.77 -45.97
N MET C 562 -24.79 -2.73 -45.33
CA MET C 562 -24.76 -2.61 -43.88
C MET C 562 -26.15 -2.73 -43.27
N GLU C 563 -27.07 -1.92 -43.78
CA GLU C 563 -28.42 -1.87 -43.25
C GLU C 563 -29.15 -3.17 -43.51
N GLN C 564 -28.92 -3.79 -44.67
CA GLN C 564 -29.55 -5.06 -44.99
C GLN C 564 -29.00 -6.18 -44.12
N GLU C 565 -27.69 -6.19 -43.86
CA GLU C 565 -27.10 -7.19 -43.00
C GLU C 565 -27.46 -6.99 -41.54
N LEU C 566 -27.86 -5.79 -41.14
CA LEU C 566 -28.31 -5.62 -39.76
C LEU C 566 -29.78 -5.95 -39.56
N HIS C 567 -30.60 -5.91 -40.61
CA HIS C 567 -31.98 -6.34 -40.44
C HIS C 567 -32.16 -7.84 -40.54
N HIS C 568 -31.09 -8.62 -40.53
CA HIS C 568 -31.24 -10.06 -40.34
C HIS C 568 -31.31 -10.43 -38.87
N ARG C 569 -31.01 -9.49 -37.99
CA ARG C 569 -31.06 -9.73 -36.55
C ARG C 569 -31.83 -8.70 -35.78
N VAL C 570 -32.06 -7.51 -36.31
CA VAL C 570 -32.84 -6.47 -35.64
C VAL C 570 -33.93 -6.09 -36.61
N ILE C 571 -35.07 -6.71 -36.52
CA ILE C 571 -36.13 -6.39 -37.44
C ILE C 571 -36.87 -5.18 -36.88
N GLY C 572 -37.44 -4.38 -37.76
CA GLY C 572 -37.92 -3.09 -37.35
C GLY C 572 -36.75 -2.15 -37.13
N GLN C 573 -37.04 -1.05 -36.44
CA GLN C 573 -36.06 -0.09 -35.91
C GLN C 573 -35.18 0.50 -36.99
N ASN C 574 -35.80 1.19 -37.95
CA ASN C 574 -35.07 1.66 -39.11
C ASN C 574 -34.09 2.77 -38.77
N GLU C 575 -34.49 3.66 -37.86
CA GLU C 575 -33.73 4.88 -37.61
C GLU C 575 -32.37 4.59 -37.00
N ALA C 576 -32.34 3.67 -36.04
CA ALA C 576 -31.09 3.41 -35.35
C ALA C 576 -30.14 2.56 -36.17
N VAL C 577 -30.68 1.63 -36.97
CA VAL C 577 -29.86 0.86 -37.90
C VAL C 577 -29.24 1.78 -38.94
N ASP C 578 -30.01 2.76 -39.41
CA ASP C 578 -29.45 3.75 -40.33
C ASP C 578 -28.39 4.60 -39.65
N ALA C 579 -28.58 4.95 -38.39
CA ALA C 579 -27.64 5.83 -37.71
C ALA C 579 -26.30 5.15 -37.47
N VAL C 580 -26.36 3.92 -36.94
CA VAL C 580 -25.21 3.02 -36.85
C VAL C 580 -24.49 2.87 -38.18
N SER C 581 -25.27 2.68 -39.26
CA SER C 581 -24.69 2.47 -40.57
C SER C 581 -23.99 3.71 -41.08
N ASN C 582 -24.57 4.88 -40.85
CA ASN C 582 -23.97 6.12 -41.30
C ASN C 582 -22.70 6.43 -40.53
N ALA C 583 -22.64 6.04 -39.26
CA ALA C 583 -21.41 6.26 -38.51
C ALA C 583 -20.28 5.40 -39.03
N ILE C 584 -20.56 4.14 -39.34
CA ILE C 584 -19.46 3.32 -39.85
C ILE C 584 -19.13 3.63 -41.31
N ARG C 585 -20.07 4.13 -42.08
CA ARG C 585 -19.71 4.61 -43.41
C ARG C 585 -18.92 5.90 -43.36
N ARG C 586 -19.19 6.79 -42.39
CA ARG C 586 -18.30 7.93 -42.20
C ARG C 586 -16.93 7.49 -41.77
N SER C 587 -16.86 6.46 -40.93
CA SER C 587 -15.56 6.03 -40.44
C SER C 587 -14.72 5.37 -41.51
N ARG C 588 -15.34 4.59 -42.40
CA ARG C 588 -14.58 3.94 -43.45
C ARG C 588 -14.35 4.84 -44.66
N ALA C 589 -15.21 5.83 -44.87
CA ALA C 589 -14.99 6.72 -46.00
C ALA C 589 -13.84 7.68 -45.75
N GLY C 590 -13.52 7.93 -44.49
CA GLY C 590 -12.45 8.85 -44.16
C GLY C 590 -13.01 10.22 -43.96
N LEU C 591 -14.22 10.31 -43.44
CA LEU C 591 -14.84 11.59 -43.19
C LEU C 591 -15.12 11.85 -41.72
N ALA C 592 -14.82 10.91 -40.85
CA ALA C 592 -15.11 11.09 -39.44
C ALA C 592 -14.17 12.12 -38.84
N ASP C 593 -14.67 12.80 -37.83
CA ASP C 593 -13.88 13.75 -37.06
C ASP C 593 -12.75 13.01 -36.36
N PRO C 594 -11.49 13.39 -36.60
CA PRO C 594 -10.39 12.68 -35.95
C PRO C 594 -10.20 13.02 -34.48
N ASN C 595 -10.97 13.95 -33.93
CA ASN C 595 -10.78 14.41 -32.56
C ASN C 595 -11.81 13.86 -31.59
N ARG C 596 -12.77 13.06 -32.06
CA ARG C 596 -13.86 12.54 -31.27
C ARG C 596 -13.95 11.05 -31.55
N PRO C 597 -14.78 10.28 -30.79
CA PRO C 597 -14.98 8.88 -31.20
C PRO C 597 -15.77 8.74 -32.48
N ILE C 598 -15.88 7.51 -32.98
CA ILE C 598 -16.51 7.27 -34.27
C ILE C 598 -17.99 7.56 -34.22
N GLY C 599 -18.68 7.03 -33.22
CA GLY C 599 -20.09 7.29 -33.11
C GLY C 599 -20.50 7.15 -31.68
N SER C 600 -21.23 8.11 -31.16
CA SER C 600 -21.59 8.11 -29.75
C SER C 600 -23.09 8.24 -29.64
N PHE C 601 -23.79 7.12 -29.57
CA PHE C 601 -25.24 7.09 -29.70
C PHE C 601 -25.93 6.97 -28.35
N LEU C 602 -27.20 7.31 -28.33
CA LEU C 602 -28.05 7.11 -27.17
C LEU C 602 -29.31 6.40 -27.65
N PHE C 603 -29.46 5.14 -27.29
CA PHE C 603 -30.64 4.38 -27.66
C PHE C 603 -31.70 4.55 -26.58
N LEU C 604 -32.92 4.86 -26.97
CA LEU C 604 -34.04 5.03 -26.06
C LEU C 604 -35.21 4.21 -26.55
N GLY C 605 -36.17 3.95 -25.68
CA GLY C 605 -37.37 3.27 -26.09
C GLY C 605 -37.83 2.26 -25.06
N PRO C 606 -38.93 1.57 -25.33
CA PRO C 606 -39.45 0.60 -24.36
C PRO C 606 -38.62 -0.67 -24.25
N THR C 607 -39.09 -1.65 -23.48
CA THR C 607 -38.27 -2.83 -23.20
C THR C 607 -38.54 -3.94 -24.21
N GLY C 608 -37.47 -4.58 -24.66
CA GLY C 608 -37.60 -5.68 -25.60
C GLY C 608 -37.74 -5.28 -27.04
N VAL C 609 -37.12 -4.19 -27.48
CA VAL C 609 -37.33 -3.65 -28.81
C VAL C 609 -36.09 -3.67 -29.67
N GLY C 610 -34.97 -4.17 -29.17
CA GLY C 610 -33.81 -4.31 -30.02
C GLY C 610 -32.75 -3.26 -29.80
N LYS C 611 -32.59 -2.79 -28.58
CA LYS C 611 -31.50 -1.88 -28.26
C LYS C 611 -30.20 -2.65 -28.12
N THR C 612 -30.17 -3.54 -27.13
CA THR C 612 -29.03 -4.40 -26.94
C THR C 612 -28.89 -5.38 -28.10
N GLU C 613 -29.98 -5.69 -28.80
CA GLU C 613 -29.84 -6.46 -30.03
C GLU C 613 -29.11 -5.70 -31.11
N LEU C 614 -29.32 -4.40 -31.21
CA LEU C 614 -28.60 -3.67 -32.23
C LEU C 614 -27.14 -3.51 -31.86
N CYS C 615 -26.84 -3.44 -30.57
CA CYS C 615 -25.43 -3.39 -30.17
C CYS C 615 -24.73 -4.73 -30.43
N LYS C 616 -25.43 -5.84 -30.19
CA LYS C 616 -24.85 -7.13 -30.48
C LYS C 616 -24.79 -7.40 -31.98
N ALA C 617 -25.73 -6.86 -32.74
CA ALA C 617 -25.67 -6.98 -34.19
C ALA C 617 -24.51 -6.17 -34.75
N LEU C 618 -24.22 -5.00 -34.16
CA LEU C 618 -23.00 -4.27 -34.49
C LEU C 618 -21.75 -5.08 -34.24
N ALA C 619 -21.62 -5.64 -33.05
CA ALA C 619 -20.41 -6.38 -32.74
C ALA C 619 -20.27 -7.61 -33.63
N ASN C 620 -21.38 -8.26 -33.98
CA ASN C 620 -21.30 -9.40 -34.88
C ASN C 620 -21.01 -8.98 -36.32
N PHE C 621 -21.50 -7.83 -36.75
CA PHE C 621 -21.13 -7.36 -38.08
C PHE C 621 -19.66 -7.05 -38.14
N MET C 622 -19.16 -6.34 -37.14
CA MET C 622 -17.89 -5.69 -37.23
C MET C 622 -16.74 -6.61 -36.84
N PHE C 623 -16.99 -7.59 -35.97
CA PHE C 623 -15.93 -8.43 -35.46
C PHE C 623 -16.25 -9.92 -35.57
N ASP C 624 -17.36 -10.28 -36.22
CA ASP C 624 -17.76 -11.66 -36.50
C ASP C 624 -17.90 -12.49 -35.23
N SER C 625 -18.40 -11.87 -34.18
CA SER C 625 -18.75 -12.53 -32.93
C SER C 625 -19.68 -11.62 -32.16
N ASP C 626 -20.66 -12.22 -31.48
CA ASP C 626 -21.68 -11.42 -30.81
C ASP C 626 -21.10 -10.71 -29.61
N GLU C 627 -20.44 -11.45 -28.72
CA GLU C 627 -19.85 -10.88 -27.53
C GLU C 627 -18.37 -10.56 -27.73
N ALA C 628 -18.08 -9.81 -28.79
CA ALA C 628 -16.76 -9.27 -29.03
C ALA C 628 -16.93 -7.77 -28.97
N MET C 629 -16.93 -7.24 -27.75
CA MET C 629 -17.32 -5.88 -27.47
C MET C 629 -17.00 -5.60 -26.01
N VAL C 630 -16.67 -4.35 -25.71
CA VAL C 630 -16.39 -3.95 -24.35
C VAL C 630 -17.74 -3.56 -23.77
N ARG C 631 -18.32 -4.45 -22.98
CA ARG C 631 -19.68 -4.26 -22.49
C ARG C 631 -19.64 -3.89 -21.03
N ILE C 632 -20.25 -2.76 -20.69
CA ILE C 632 -20.32 -2.29 -19.33
C ILE C 632 -21.79 -2.21 -18.96
N ASP C 633 -22.18 -2.96 -17.95
CA ASP C 633 -23.54 -2.93 -17.45
C ASP C 633 -23.63 -1.82 -16.42
N MET C 634 -24.33 -0.75 -16.78
CA MET C 634 -24.36 0.44 -15.93
C MET C 634 -25.33 0.31 -14.78
N SER C 635 -25.74 -0.89 -14.42
CA SER C 635 -26.56 -1.10 -13.26
C SER C 635 -25.79 -1.67 -12.09
N GLU C 636 -24.54 -2.05 -12.30
CA GLU C 636 -23.58 -2.26 -11.24
C GLU C 636 -23.03 -0.96 -10.71
N PHE C 637 -23.39 0.18 -11.30
CA PHE C 637 -22.73 1.43 -11.05
C PHE C 637 -23.68 2.39 -10.36
N MET C 638 -24.50 1.89 -9.44
CA MET C 638 -25.48 2.74 -8.79
C MET C 638 -24.87 3.67 -7.76
N GLU C 639 -23.62 3.47 -7.38
CA GLU C 639 -22.95 4.31 -6.41
C GLU C 639 -21.75 4.96 -7.07
N LYS C 640 -21.23 6.02 -6.45
CA LYS C 640 -20.18 6.85 -7.05
C LYS C 640 -18.78 6.26 -6.96
N HIS C 641 -18.64 5.00 -6.65
CA HIS C 641 -17.34 4.38 -6.52
C HIS C 641 -16.97 3.66 -7.80
N SER C 642 -17.97 3.45 -8.63
CA SER C 642 -17.77 2.68 -9.83
C SER C 642 -16.98 3.43 -10.86
N VAL C 643 -16.87 4.74 -10.71
CA VAL C 643 -15.88 5.51 -11.42
C VAL C 643 -14.50 4.92 -11.23
N SER C 644 -14.17 4.57 -9.98
CA SER C 644 -12.92 3.89 -9.73
C SER C 644 -12.93 2.49 -10.29
N ARG C 645 -14.10 1.84 -10.42
CA ARG C 645 -13.93 0.51 -11.02
C ARG C 645 -13.77 0.54 -12.53
N LEU C 646 -14.06 1.65 -13.20
CA LEU C 646 -13.72 1.70 -14.61
C LEU C 646 -12.47 2.49 -14.97
N VAL C 647 -11.91 3.34 -14.10
CA VAL C 647 -10.60 3.91 -14.40
C VAL C 647 -9.51 3.45 -13.46
N GLY C 648 -9.81 2.62 -12.47
CA GLY C 648 -8.78 2.12 -11.58
C GLY C 648 -8.52 3.03 -10.38
N ALA C 649 -7.80 2.48 -9.43
CA ALA C 649 -7.53 3.18 -8.20
C ALA C 649 -6.34 4.13 -8.38
N PRO C 650 -6.28 5.20 -7.58
CA PRO C 650 -5.17 6.13 -7.67
C PRO C 650 -3.93 5.57 -7.00
N PRO C 651 -2.77 6.24 -7.07
CA PRO C 651 -1.58 5.76 -6.36
C PRO C 651 -1.77 5.71 -4.86
N GLY C 652 -1.45 4.57 -4.29
CA GLY C 652 -1.52 4.37 -2.87
C GLY C 652 -2.56 3.37 -2.45
N TYR C 653 -3.42 2.92 -3.36
CA TYR C 653 -4.61 2.19 -3.00
C TYR C 653 -4.57 0.78 -3.55
N VAL C 654 -5.65 0.04 -3.34
CA VAL C 654 -5.57 -1.42 -3.41
C VAL C 654 -5.47 -1.89 -4.85
N GLY C 655 -6.40 -1.49 -5.69
CA GLY C 655 -6.34 -1.90 -7.06
C GLY C 655 -5.61 -0.89 -7.91
N TYR C 656 -4.38 -0.57 -7.53
CA TYR C 656 -3.61 0.39 -8.31
C TYR C 656 -2.99 -0.29 -9.51
N GLU C 657 -2.31 -1.39 -9.29
CA GLU C 657 -1.59 -1.96 -10.41
C GLU C 657 -2.47 -2.86 -11.26
N GLU C 658 -3.70 -3.11 -10.85
CA GLU C 658 -4.59 -3.93 -11.64
C GLU C 658 -5.30 -3.13 -12.72
N GLY C 659 -5.04 -1.84 -12.81
CA GLY C 659 -5.62 -1.02 -13.85
C GLY C 659 -7.09 -0.76 -13.65
N GLY C 660 -7.71 -0.28 -14.72
CA GLY C 660 -9.13 -0.05 -14.71
C GLY C 660 -9.81 -0.91 -15.76
N TYR C 661 -11.13 -1.05 -15.69
CA TYR C 661 -11.77 -1.98 -16.60
C TYR C 661 -11.93 -1.41 -17.99
N LEU C 662 -12.37 -0.16 -18.09
CA LEU C 662 -12.62 0.42 -19.40
C LEU C 662 -11.31 0.79 -20.08
N THR C 663 -10.37 1.34 -19.32
CA THR C 663 -9.12 1.85 -19.89
C THR C 663 -8.26 0.72 -20.42
N GLU C 664 -8.09 -0.36 -19.66
CA GLU C 664 -7.28 -1.49 -20.11
C GLU C 664 -7.91 -2.13 -21.33
N ALA C 665 -9.21 -2.33 -21.32
CA ALA C 665 -9.90 -3.02 -22.40
C ALA C 665 -9.86 -2.23 -23.70
N VAL C 666 -10.07 -0.92 -23.65
CA VAL C 666 -9.98 -0.15 -24.89
C VAL C 666 -8.53 0.01 -25.31
N ARG C 667 -7.58 0.03 -24.36
CA ARG C 667 -6.18 0.16 -24.75
C ARG C 667 -5.63 -1.10 -25.38
N ARG C 668 -6.21 -2.25 -25.06
CA ARG C 668 -5.84 -3.50 -25.75
C ARG C 668 -6.20 -3.44 -27.22
N ARG C 669 -7.50 -3.36 -27.51
CA ARG C 669 -8.01 -3.29 -28.86
C ARG C 669 -8.57 -1.90 -29.06
N PRO C 670 -7.88 -1.00 -29.77
CA PRO C 670 -8.33 0.39 -29.84
C PRO C 670 -9.60 0.58 -30.63
N TYR C 671 -9.83 -0.27 -31.63
CA TYR C 671 -11.01 -0.23 -32.47
C TYR C 671 -12.01 -1.23 -31.90
N SER C 672 -13.01 -0.72 -31.18
CA SER C 672 -13.94 -1.63 -30.53
C SER C 672 -15.29 -0.97 -30.40
N VAL C 673 -16.28 -1.78 -30.05
CA VAL C 673 -17.63 -1.30 -29.80
C VAL C 673 -17.85 -1.31 -28.31
N ILE C 674 -18.16 -0.16 -27.74
CA ILE C 674 -18.41 -0.05 -26.31
C ILE C 674 -19.90 0.08 -26.09
N LEU C 675 -20.43 -0.76 -25.22
CA LEU C 675 -21.83 -0.73 -24.84
C LEU C 675 -21.96 -0.35 -23.38
N LEU C 676 -22.85 0.58 -23.09
CA LEU C 676 -23.09 0.99 -21.71
C LEU C 676 -24.55 0.76 -21.46
N ASP C 677 -24.87 -0.42 -20.97
CA ASP C 677 -26.22 -0.93 -21.04
C ASP C 677 -27.00 -0.46 -19.83
N ALA C 678 -28.26 -0.10 -20.06
CA ALA C 678 -29.20 0.41 -19.05
C ALA C 678 -28.61 1.64 -18.35
N VAL C 679 -28.48 2.72 -19.12
CA VAL C 679 -27.66 3.83 -18.68
C VAL C 679 -28.38 4.65 -17.61
N GLU C 680 -29.69 4.49 -17.46
CA GLU C 680 -30.39 5.23 -16.42
C GLU C 680 -30.24 4.59 -15.05
N LYS C 681 -29.71 3.36 -14.98
CA LYS C 681 -29.59 2.65 -13.73
C LYS C 681 -28.31 2.96 -13.00
N ALA C 682 -27.69 4.10 -13.26
CA ALA C 682 -26.40 4.43 -12.68
C ALA C 682 -26.53 5.68 -11.85
N HIS C 683 -25.46 6.00 -11.16
CA HIS C 683 -25.51 7.26 -10.44
C HIS C 683 -25.31 8.39 -11.45
N PRO C 684 -26.04 9.50 -11.30
CA PRO C 684 -26.08 10.49 -12.37
C PRO C 684 -24.76 11.15 -12.68
N ASP C 685 -23.92 11.37 -11.69
CA ASP C 685 -22.55 11.80 -11.95
C ASP C 685 -21.57 10.64 -11.95
N VAL C 686 -21.89 9.62 -12.74
CA VAL C 686 -20.91 8.69 -13.25
C VAL C 686 -20.58 9.04 -14.69
N PHE C 687 -21.46 9.76 -15.38
CA PHE C 687 -21.31 10.07 -16.79
C PHE C 687 -20.41 11.25 -17.06
N ASN C 688 -19.59 11.66 -16.10
CA ASN C 688 -18.68 12.75 -16.31
C ASN C 688 -17.34 12.28 -16.86
N ILE C 689 -16.96 11.08 -16.43
CA ILE C 689 -16.01 10.25 -17.15
C ILE C 689 -16.34 10.21 -18.63
N LEU C 690 -17.62 10.01 -18.93
CA LEU C 690 -18.01 10.00 -20.32
C LEU C 690 -18.02 11.38 -20.94
N LEU C 691 -18.03 12.47 -20.17
CA LEU C 691 -17.87 13.78 -20.81
C LEU C 691 -16.52 13.87 -21.48
N GLN C 692 -15.47 13.50 -20.74
CA GLN C 692 -14.11 13.41 -21.30
C GLN C 692 -14.08 12.48 -22.50
N VAL C 693 -14.66 11.29 -22.32
CA VAL C 693 -14.62 10.20 -23.30
C VAL C 693 -15.31 10.60 -24.59
N LEU C 694 -16.49 11.19 -24.51
CA LEU C 694 -17.27 11.42 -25.71
C LEU C 694 -16.84 12.68 -26.43
N ASP C 695 -16.31 13.67 -25.71
CA ASP C 695 -15.91 14.86 -26.43
C ASP C 695 -14.53 14.71 -27.05
N ASP C 696 -13.59 14.10 -26.35
CA ASP C 696 -12.24 14.16 -26.84
C ASP C 696 -11.63 12.80 -27.11
N GLY C 697 -12.33 11.72 -26.79
CA GLY C 697 -11.80 10.40 -27.00
C GLY C 697 -10.64 10.07 -26.12
N ARG C 698 -10.57 10.65 -24.94
CA ARG C 698 -9.45 10.44 -24.05
C ARG C 698 -9.97 10.15 -22.67
N LEU C 699 -9.20 9.36 -21.94
CA LEU C 699 -9.55 8.92 -20.60
C LEU C 699 -8.27 8.48 -19.94
N THR C 700 -7.96 9.04 -18.78
CA THR C 700 -6.71 8.79 -18.09
C THR C 700 -6.99 7.89 -16.91
N ASP C 701 -6.30 6.75 -16.82
CA ASP C 701 -6.54 5.86 -15.70
C ASP C 701 -5.77 6.36 -14.48
N GLY C 702 -5.77 5.56 -13.41
CA GLY C 702 -5.15 6.00 -12.19
C GLY C 702 -3.64 6.11 -12.29
N GLN C 703 -3.03 5.28 -13.12
CA GLN C 703 -1.58 5.27 -13.23
C GLN C 703 -1.05 6.44 -14.04
N GLY C 704 -1.90 7.20 -14.72
CA GLY C 704 -1.46 8.41 -15.34
C GLY C 704 -1.35 8.36 -16.84
N ARG C 705 -1.64 7.24 -17.46
CA ARG C 705 -1.54 7.11 -18.90
C ARG C 705 -2.92 7.26 -19.52
N THR C 706 -3.01 8.03 -20.59
CA THR C 706 -4.28 8.33 -21.20
C THR C 706 -4.57 7.30 -22.28
N VAL C 707 -5.74 6.76 -22.26
CA VAL C 707 -6.17 5.81 -23.27
C VAL C 707 -6.92 6.60 -24.33
N ASP C 708 -6.75 6.20 -25.59
CA ASP C 708 -7.32 6.93 -26.71
C ASP C 708 -8.58 6.23 -27.16
N PHE C 709 -9.69 6.95 -27.21
CA PHE C 709 -10.99 6.37 -27.56
C PHE C 709 -11.49 6.82 -28.91
N ARG C 710 -10.61 7.25 -29.80
CA ARG C 710 -11.03 7.91 -31.02
C ARG C 710 -11.32 6.94 -32.16
N ASN C 711 -11.34 5.65 -31.88
CA ASN C 711 -11.68 4.65 -32.88
C ASN C 711 -12.79 3.74 -32.39
N THR C 712 -13.52 4.16 -31.36
CA THR C 712 -14.54 3.35 -30.71
C THR C 712 -15.92 3.89 -31.04
N VAL C 713 -16.91 3.01 -30.89
CA VAL C 713 -18.32 3.40 -31.01
C VAL C 713 -18.93 3.20 -29.63
N VAL C 714 -19.35 4.28 -29.00
CA VAL C 714 -19.88 4.25 -27.64
C VAL C 714 -21.40 4.26 -27.73
N ILE C 715 -22.07 3.25 -27.19
CA ILE C 715 -23.52 3.17 -27.26
C ILE C 715 -24.08 3.12 -25.85
N MET C 716 -25.15 3.87 -25.60
CA MET C 716 -25.76 3.97 -24.29
C MET C 716 -27.24 3.66 -24.42
N THR C 717 -27.61 2.42 -24.13
CA THR C 717 -28.99 2.01 -24.19
C THR C 717 -29.69 2.39 -22.91
N SER C 718 -30.93 2.83 -23.02
CA SER C 718 -31.68 3.32 -21.87
C SER C 718 -33.16 3.20 -22.19
N ASN C 719 -33.99 3.54 -21.21
CA ASN C 719 -35.43 3.58 -21.49
C ASN C 719 -36.10 4.76 -20.83
N LEU C 720 -35.48 5.93 -20.93
CA LEU C 720 -35.98 7.06 -20.16
C LEU C 720 -37.25 7.69 -20.71
N GLY C 721 -37.81 7.19 -21.80
CA GLY C 721 -39.04 7.77 -22.26
C GLY C 721 -40.10 6.76 -22.62
N SER C 722 -40.09 5.60 -21.97
CA SER C 722 -40.84 4.44 -22.47
C SER C 722 -42.35 4.64 -22.34
N ASP C 723 -42.78 5.25 -21.24
CA ASP C 723 -44.21 5.52 -21.07
C ASP C 723 -44.69 6.53 -22.10
N LEU C 724 -43.86 7.53 -22.39
CA LEU C 724 -44.18 8.53 -23.39
C LEU C 724 -44.21 7.93 -24.79
N ILE C 725 -43.27 7.04 -25.10
CA ILE C 725 -43.18 6.46 -26.43
C ILE C 725 -44.32 5.50 -26.68
N GLN C 726 -44.59 4.62 -25.70
CA GLN C 726 -45.75 3.74 -25.79
C GLN C 726 -47.06 4.51 -25.83
N GLU C 727 -47.10 5.69 -25.21
CA GLU C 727 -48.32 6.48 -25.19
C GLU C 727 -48.58 7.15 -26.53
N ARG C 728 -47.56 7.79 -27.12
CA ARG C 728 -47.82 8.70 -28.22
C ARG C 728 -47.06 8.36 -29.49
N PHE C 729 -46.72 7.09 -29.73
CA PHE C 729 -46.10 6.77 -30.99
C PHE C 729 -47.10 6.87 -32.14
N GLY C 730 -48.38 6.65 -31.86
CA GLY C 730 -49.41 7.05 -32.80
C GLY C 730 -49.51 8.56 -32.89
N GLU C 731 -50.04 9.01 -34.03
CA GLU C 731 -50.31 10.41 -34.42
C GLU C 731 -49.10 11.36 -34.22
N LEU C 732 -47.88 10.86 -34.18
CA LEU C 732 -46.70 11.71 -34.18
C LEU C 732 -45.68 11.17 -35.16
N ASP C 733 -45.00 12.07 -35.86
CA ASP C 733 -43.86 11.70 -36.66
C ASP C 733 -42.64 11.50 -35.77
N TYR C 734 -41.50 11.22 -36.40
CA TYR C 734 -40.32 10.87 -35.64
C TYR C 734 -39.69 12.08 -34.97
N ALA C 735 -39.78 13.26 -35.60
CA ALA C 735 -39.07 14.43 -35.09
C ALA C 735 -39.72 15.00 -33.85
N HIS C 736 -41.05 15.04 -33.82
CA HIS C 736 -41.74 15.52 -32.62
C HIS C 736 -41.55 14.57 -31.45
N MET C 737 -41.49 13.27 -31.75
CA MET C 737 -41.20 12.28 -30.72
C MET C 737 -39.81 12.46 -30.15
N LYS C 738 -38.81 12.68 -31.02
CA LYS C 738 -37.45 12.92 -30.55
C LYS C 738 -37.37 14.19 -29.73
N GLU C 739 -38.11 15.23 -30.13
CA GLU C 739 -38.15 16.48 -29.37
C GLU C 739 -38.71 16.28 -27.96
N LEU C 740 -39.82 15.54 -27.87
CA LEU C 740 -40.48 15.40 -26.58
C LEU C 740 -39.70 14.46 -25.66
N VAL C 741 -39.21 13.34 -26.19
CA VAL C 741 -38.42 12.44 -25.35
C VAL C 741 -37.05 13.03 -25.06
N LEU C 742 -36.58 13.97 -25.87
CA LEU C 742 -35.30 14.57 -25.59
C LEU C 742 -35.44 15.63 -24.51
N GLY C 743 -36.62 16.23 -24.41
CA GLY C 743 -36.94 17.00 -23.22
C GLY C 743 -36.99 16.15 -21.96
N VAL C 744 -37.52 14.94 -22.07
CA VAL C 744 -37.54 14.03 -20.91
C VAL C 744 -36.11 13.64 -20.50
N VAL C 745 -35.26 13.39 -21.49
CA VAL C 745 -33.86 13.07 -21.22
C VAL C 745 -33.14 14.25 -20.60
N SER C 746 -33.49 15.48 -21.02
CA SER C 746 -32.95 16.69 -20.39
C SER C 746 -33.37 16.78 -18.93
N HIS C 747 -34.57 16.29 -18.60
CA HIS C 747 -34.90 16.15 -17.18
C HIS C 747 -34.02 15.12 -16.48
N ASN C 748 -33.62 14.06 -17.18
CA ASN C 748 -32.80 13.07 -16.49
C ASN C 748 -31.30 13.36 -16.53
N PHE C 749 -30.79 13.93 -17.61
CA PHE C 749 -29.36 14.15 -17.79
C PHE C 749 -29.00 15.63 -17.67
N ARG C 750 -27.74 15.93 -17.92
CA ARG C 750 -27.19 17.26 -17.85
C ARG C 750 -26.95 17.82 -19.24
N PRO C 751 -26.99 19.15 -19.42
CA PRO C 751 -26.82 19.71 -20.77
C PRO C 751 -25.44 19.55 -21.34
N GLU C 752 -24.44 19.30 -20.51
CA GLU C 752 -23.13 18.92 -21.02
C GLU C 752 -23.19 17.57 -21.70
N PHE C 753 -23.83 16.61 -21.06
CA PHE C 753 -23.71 15.25 -21.49
C PHE C 753 -24.60 14.92 -22.67
N ILE C 754 -25.72 15.61 -22.84
CA ILE C 754 -26.54 15.35 -24.01
C ILE C 754 -26.23 16.40 -25.06
N ASN C 755 -25.05 16.98 -24.97
CA ASN C 755 -24.46 17.73 -26.05
C ASN C 755 -23.30 16.98 -26.69
N ARG C 756 -22.67 16.07 -25.95
CA ARG C 756 -21.59 15.25 -26.48
C ARG C 756 -22.10 14.14 -27.38
N ILE C 757 -23.39 13.86 -27.36
CA ILE C 757 -23.95 12.70 -28.03
C ILE C 757 -24.00 12.97 -29.51
N ASP C 758 -23.48 12.01 -30.29
CA ASP C 758 -23.52 12.08 -31.73
C ASP C 758 -24.96 12.10 -32.23
N GLU C 759 -25.74 11.10 -31.85
CA GLU C 759 -27.11 11.02 -32.31
C GLU C 759 -27.92 10.22 -31.32
N VAL C 760 -28.97 10.83 -30.81
CA VAL C 760 -29.98 10.13 -30.02
C VAL C 760 -30.98 9.54 -30.99
N VAL C 761 -31.26 8.25 -30.87
CA VAL C 761 -32.27 7.61 -31.69
C VAL C 761 -33.25 6.89 -30.79
N VAL C 762 -34.52 6.98 -31.16
CA VAL C 762 -35.65 6.64 -30.30
C VAL C 762 -36.27 5.39 -30.87
N PHE C 763 -36.58 4.42 -30.03
CA PHE C 763 -37.07 3.19 -30.61
C PHE C 763 -38.59 3.16 -30.56
N HIS C 764 -39.15 2.30 -31.39
CA HIS C 764 -40.59 2.23 -31.47
C HIS C 764 -41.05 0.86 -30.99
N PRO C 765 -42.22 0.76 -30.38
CA PRO C 765 -42.72 -0.54 -29.95
C PRO C 765 -43.05 -1.41 -31.14
N LEU C 766 -43.15 -2.70 -30.88
CA LEU C 766 -43.25 -3.69 -31.92
C LEU C 766 -44.71 -3.98 -32.25
N GLY C 767 -45.04 -3.96 -33.53
CA GLY C 767 -46.37 -4.31 -34.00
C GLY C 767 -46.45 -5.81 -34.24
N GLU C 768 -47.51 -6.25 -34.93
CA GLU C 768 -47.73 -7.68 -35.10
C GLU C 768 -46.85 -8.25 -36.20
N GLN C 769 -46.60 -7.48 -37.26
CA GLN C 769 -45.71 -7.95 -38.31
C GLN C 769 -44.28 -8.07 -37.82
N HIS C 770 -43.89 -7.21 -36.88
CA HIS C 770 -42.57 -7.31 -36.29
C HIS C 770 -42.43 -8.57 -35.47
N ILE C 771 -43.46 -8.92 -34.69
CA ILE C 771 -43.35 -10.11 -33.86
C ILE C 771 -43.49 -11.37 -34.69
N ALA C 772 -44.17 -11.30 -35.83
CA ALA C 772 -44.13 -12.42 -36.78
C ALA C 772 -42.71 -12.64 -37.32
N SER C 773 -42.02 -11.56 -37.66
CA SER C 773 -40.65 -11.69 -38.17
C SER C 773 -39.68 -12.14 -37.08
N ILE C 774 -39.84 -11.63 -35.86
CA ILE C 774 -39.01 -12.05 -34.74
C ILE C 774 -39.27 -13.51 -34.40
N ALA C 775 -40.51 -13.98 -34.58
CA ALA C 775 -40.83 -15.37 -34.35
C ALA C 775 -40.13 -16.26 -35.36
N GLN C 776 -40.04 -15.79 -36.61
CA GLN C 776 -39.28 -16.54 -37.60
C GLN C 776 -37.78 -16.58 -37.27
N ILE C 777 -37.23 -15.48 -36.75
CA ILE C 777 -35.81 -15.44 -36.37
C ILE C 777 -35.53 -16.43 -35.22
N GLN C 778 -36.32 -16.35 -34.15
CA GLN C 778 -36.11 -17.20 -32.99
C GLN C 778 -36.39 -18.66 -33.30
N LEU C 779 -37.33 -18.95 -34.19
CA LEU C 779 -37.54 -20.34 -34.59
C LEU C 779 -36.41 -20.84 -35.48
N LYS C 780 -35.78 -19.98 -36.28
CA LYS C 780 -34.60 -20.43 -37.02
C LYS C 780 -33.47 -20.80 -36.09
N ARG C 781 -33.26 -20.02 -35.03
CA ARG C 781 -32.19 -20.41 -34.13
C ARG C 781 -32.58 -21.60 -33.26
N LEU C 782 -33.88 -21.85 -33.05
CA LEU C 782 -34.28 -23.10 -32.42
C LEU C 782 -34.04 -24.30 -33.32
N TYR C 783 -34.31 -24.14 -34.63
CA TYR C 783 -34.04 -25.21 -35.59
C TYR C 783 -32.55 -25.52 -35.64
N LYS C 784 -31.71 -24.50 -35.48
CA LYS C 784 -30.29 -24.73 -35.42
C LYS C 784 -29.87 -25.35 -34.09
N ARG C 785 -30.56 -25.03 -32.99
CA ARG C 785 -30.21 -25.68 -31.72
C ARG C 785 -30.61 -27.14 -31.70
N LEU C 786 -31.60 -27.53 -32.49
CA LEU C 786 -31.99 -28.94 -32.53
C LEU C 786 -31.49 -29.71 -33.74
N GLU C 787 -30.96 -29.04 -34.75
CA GLU C 787 -30.38 -29.78 -35.85
C GLU C 787 -29.01 -30.30 -35.48
N GLU C 788 -28.27 -29.53 -34.67
CA GLU C 788 -26.98 -29.95 -34.18
C GLU C 788 -27.11 -31.11 -33.20
N ARG C 789 -28.22 -31.17 -32.48
CA ARG C 789 -28.53 -32.32 -31.66
C ARG C 789 -28.95 -33.51 -32.53
N GLY C 790 -29.53 -33.24 -33.69
CA GLY C 790 -29.83 -34.31 -34.64
C GLY C 790 -31.29 -34.42 -35.04
N TYR C 791 -32.05 -33.34 -34.88
CA TYR C 791 -33.48 -33.34 -35.12
C TYR C 791 -33.86 -32.32 -36.17
N GLU C 792 -34.75 -32.71 -37.08
CA GLU C 792 -35.24 -31.83 -38.13
C GLU C 792 -36.66 -31.44 -37.80
N ILE C 793 -36.95 -30.13 -37.78
CA ILE C 793 -38.25 -29.63 -37.38
C ILE C 793 -38.79 -28.71 -38.45
N HIS C 794 -39.99 -29.00 -38.92
CA HIS C 794 -40.79 -28.07 -39.70
C HIS C 794 -41.88 -27.50 -38.79
N ILE C 795 -42.62 -26.52 -39.32
CA ILE C 795 -43.72 -25.96 -38.56
C ILE C 795 -44.85 -25.68 -39.55
N SER C 796 -46.09 -25.75 -39.05
CA SER C 796 -47.21 -25.33 -39.85
C SER C 796 -47.19 -23.82 -40.02
N ASP C 797 -47.83 -23.35 -41.08
CA ASP C 797 -48.02 -21.92 -41.22
C ASP C 797 -49.12 -21.39 -40.31
N GLU C 798 -49.88 -22.28 -39.66
CA GLU C 798 -50.89 -21.89 -38.71
C GLU C 798 -50.35 -21.86 -37.29
N ALA C 799 -49.40 -22.73 -36.96
CA ALA C 799 -48.79 -22.72 -35.64
C ALA C 799 -47.93 -21.49 -35.42
N LEU C 800 -47.29 -21.00 -36.48
CA LEU C 800 -46.56 -19.76 -36.37
C LEU C 800 -47.50 -18.58 -36.18
N LYS C 801 -48.73 -18.68 -36.68
CA LYS C 801 -49.72 -17.66 -36.37
C LYS C 801 -50.13 -17.71 -34.91
N LEU C 802 -50.21 -18.90 -34.33
CA LEU C 802 -50.52 -19.00 -32.90
C LEU C 802 -49.40 -18.44 -32.04
N LEU C 803 -48.15 -18.69 -32.41
CA LEU C 803 -47.06 -18.07 -31.67
C LEU C 803 -47.03 -16.57 -31.85
N SER C 804 -47.36 -16.07 -33.05
CA SER C 804 -47.32 -14.64 -33.28
C SER C 804 -48.49 -13.92 -32.63
N GLU C 805 -49.60 -14.62 -32.38
CA GLU C 805 -50.72 -13.96 -31.73
C GLU C 805 -50.75 -14.17 -30.23
N ASN C 806 -50.14 -15.25 -29.73
CA ASN C 806 -50.04 -15.45 -28.29
C ASN C 806 -48.90 -14.63 -27.68
N GLY C 807 -47.87 -14.33 -28.44
CA GLY C 807 -46.73 -13.62 -27.92
C GLY C 807 -46.69 -12.17 -28.33
N TYR C 808 -47.85 -11.50 -28.29
CA TYR C 808 -47.92 -10.09 -28.62
C TYR C 808 -48.63 -9.33 -27.50
N ASP C 809 -47.94 -8.35 -26.94
CA ASP C 809 -48.52 -7.31 -26.12
C ASP C 809 -47.64 -6.07 -26.21
N PRO C 810 -48.20 -4.89 -26.37
CA PRO C 810 -47.39 -3.73 -26.75
C PRO C 810 -46.64 -3.06 -25.61
N VAL C 811 -46.51 -3.73 -24.47
CA VAL C 811 -45.79 -3.16 -23.34
C VAL C 811 -44.45 -3.81 -23.10
N TYR C 812 -44.23 -5.03 -23.56
CA TYR C 812 -43.04 -5.80 -23.21
C TYR C 812 -42.19 -6.18 -24.39
N GLY C 813 -42.51 -5.72 -25.59
CA GLY C 813 -41.63 -5.95 -26.71
C GLY C 813 -41.68 -7.39 -27.18
N ALA C 814 -40.50 -7.94 -27.46
CA ALA C 814 -40.40 -9.27 -28.03
C ALA C 814 -39.90 -10.31 -27.05
N ARG C 815 -39.93 -10.02 -25.77
CA ARG C 815 -39.70 -11.11 -24.83
C ARG C 815 -40.91 -12.02 -24.57
N PRO C 816 -42.17 -11.53 -24.48
CA PRO C 816 -43.29 -12.48 -24.40
C PRO C 816 -43.39 -13.44 -25.54
N LEU C 817 -42.98 -13.02 -26.74
CA LEU C 817 -42.80 -13.98 -27.83
C LEU C 817 -41.78 -15.04 -27.47
N LYS C 818 -40.70 -14.66 -26.79
CA LYS C 818 -39.65 -15.63 -26.49
C LYS C 818 -40.08 -16.63 -25.44
N ARG C 819 -40.72 -16.19 -24.34
CA ARG C 819 -41.20 -17.21 -23.41
C ARG C 819 -42.46 -17.92 -23.89
N ALA C 820 -43.19 -17.37 -24.86
CA ALA C 820 -44.26 -18.15 -25.45
C ALA C 820 -43.72 -19.25 -26.33
N ILE C 821 -42.66 -18.98 -27.10
CA ILE C 821 -41.96 -20.03 -27.85
C ILE C 821 -41.43 -21.09 -26.90
N GLN C 822 -40.79 -20.62 -25.82
CA GLN C 822 -40.20 -21.46 -24.79
C GLN C 822 -41.21 -22.44 -24.22
N GLN C 823 -42.32 -21.91 -23.69
CA GLN C 823 -43.41 -22.75 -23.19
C GLN C 823 -44.03 -23.62 -24.26
N GLN C 824 -44.72 -23.00 -25.21
CA GLN C 824 -45.60 -23.72 -26.12
C GLN C 824 -44.87 -24.58 -27.14
N ILE C 825 -43.54 -24.51 -27.25
CA ILE C 825 -42.87 -25.50 -28.06
C ILE C 825 -41.92 -26.29 -27.20
N GLU C 826 -40.98 -25.62 -26.53
CA GLU C 826 -39.89 -26.34 -25.91
C GLU C 826 -40.31 -27.07 -24.64
N ASN C 827 -41.48 -26.80 -24.07
CA ASN C 827 -41.81 -27.68 -22.95
C ASN C 827 -42.38 -29.02 -23.43
N PRO C 828 -43.32 -29.10 -24.38
CA PRO C 828 -43.67 -30.44 -24.87
C PRO C 828 -42.59 -31.10 -25.69
N LEU C 829 -41.77 -30.33 -26.40
CA LEU C 829 -40.76 -30.95 -27.25
C LEU C 829 -39.64 -31.56 -26.41
N ALA C 830 -39.24 -30.89 -25.34
CA ALA C 830 -38.29 -31.52 -24.41
C ALA C 830 -38.96 -32.56 -23.54
N GLN C 831 -40.27 -32.46 -23.34
CA GLN C 831 -41.02 -33.53 -22.68
C GLN C 831 -40.98 -34.81 -23.48
N GLN C 832 -40.96 -34.69 -24.81
CA GLN C 832 -41.03 -35.84 -25.69
C GLN C 832 -39.68 -36.34 -26.18
N ILE C 833 -38.66 -35.48 -26.25
CA ILE C 833 -37.32 -35.95 -26.60
C ILE C 833 -36.75 -36.82 -25.49
N LEU C 834 -36.90 -36.39 -24.24
CA LEU C 834 -36.47 -37.20 -23.11
C LEU C 834 -37.32 -38.45 -22.97
N SER C 835 -38.54 -38.43 -23.47
CA SER C 835 -39.42 -39.59 -23.37
C SER C 835 -39.01 -40.72 -24.29
N GLY C 836 -38.15 -40.47 -25.27
CA GLY C 836 -37.84 -41.46 -26.27
C GLY C 836 -38.91 -41.63 -27.32
N GLU C 837 -39.96 -40.81 -27.27
CA GLU C 837 -41.07 -40.93 -28.20
C GLU C 837 -40.69 -40.43 -29.58
N LEU C 838 -39.88 -39.39 -29.65
CA LEU C 838 -39.52 -38.73 -30.90
C LEU C 838 -38.16 -39.21 -31.37
N VAL C 839 -38.16 -40.11 -32.33
CA VAL C 839 -36.97 -40.71 -32.93
C VAL C 839 -36.29 -39.64 -33.78
N PRO C 840 -34.97 -39.51 -33.73
CA PRO C 840 -34.27 -38.61 -34.67
C PRO C 840 -34.39 -39.09 -36.11
N GLY C 841 -34.08 -38.19 -37.02
CA GLY C 841 -34.13 -38.50 -38.43
C GLY C 841 -35.45 -38.20 -39.09
N LYS C 842 -36.56 -38.60 -38.46
CA LYS C 842 -37.87 -38.25 -38.96
C LYS C 842 -38.13 -36.76 -38.75
N VAL C 843 -38.92 -36.18 -39.64
CA VAL C 843 -39.21 -34.76 -39.58
C VAL C 843 -40.26 -34.52 -38.51
N ILE C 844 -39.91 -33.70 -37.53
CA ILE C 844 -40.80 -33.39 -36.41
C ILE C 844 -41.65 -32.20 -36.84
N ARG C 845 -42.90 -32.47 -37.19
CA ARG C 845 -43.80 -31.39 -37.57
C ARG C 845 -44.52 -30.86 -36.34
N LEU C 846 -44.69 -29.55 -36.30
CA LEU C 846 -45.36 -28.86 -35.21
C LEU C 846 -46.68 -28.32 -35.77
N GLU C 847 -47.73 -29.11 -35.63
CA GLU C 847 -49.06 -28.73 -36.08
C GLU C 847 -49.95 -28.43 -34.89
N VAL C 848 -51.07 -27.81 -35.15
CA VAL C 848 -51.92 -27.30 -34.10
C VAL C 848 -52.95 -28.33 -33.70
N ASN C 849 -53.32 -28.27 -32.42
CA ASN C 849 -54.61 -28.74 -31.95
C ASN C 849 -55.58 -27.55 -31.98
N GLU C 850 -56.69 -27.65 -31.26
CA GLU C 850 -57.67 -26.57 -31.21
C GLU C 850 -57.07 -25.31 -30.58
N ASP C 851 -56.23 -25.47 -29.57
CA ASP C 851 -55.49 -24.36 -29.01
C ASP C 851 -54.00 -24.64 -28.80
N ARG C 852 -53.57 -25.89 -28.85
CA ARG C 852 -52.20 -26.24 -28.53
C ARG C 852 -51.35 -26.38 -29.79
N ILE C 853 -50.07 -26.61 -29.57
CA ILE C 853 -49.12 -26.93 -30.63
C ILE C 853 -48.55 -28.30 -30.27
N VAL C 854 -48.93 -29.33 -31.03
CA VAL C 854 -48.52 -30.69 -30.76
C VAL C 854 -47.47 -31.09 -31.79
N ALA C 855 -46.52 -31.91 -31.37
CA ALA C 855 -45.51 -32.47 -32.27
C ALA C 855 -45.95 -33.86 -32.71
N VAL C 856 -45.74 -34.16 -34.00
CA VAL C 856 -46.15 -35.44 -34.56
C VAL C 856 -44.94 -36.12 -35.18
N GLN C 857 -45.07 -37.43 -35.43
CA GLN C 857 -44.01 -38.26 -35.99
C GLN C 857 -44.56 -39.02 -37.19
N HIS C 858 -44.21 -38.57 -38.39
CA HIS C 858 -44.63 -39.26 -39.61
C HIS C 858 -43.51 -39.24 -40.64
N GLN D 159 56.86 3.52 -0.17
CA GLN D 159 56.07 4.72 -0.40
C GLN D 159 54.64 4.38 -0.75
N ALA D 160 53.72 4.70 0.15
CA ALA D 160 52.30 4.52 -0.12
C ALA D 160 51.59 5.85 -0.41
N LEU D 161 52.12 6.96 0.10
CA LEU D 161 51.48 8.23 -0.19
C LEU D 161 51.71 8.67 -1.62
N LYS D 162 52.81 8.24 -2.25
CA LYS D 162 53.04 8.60 -3.64
C LYS D 162 52.16 7.83 -4.60
N LYS D 163 51.60 6.71 -4.17
CA LYS D 163 50.81 5.87 -5.06
C LYS D 163 49.33 6.13 -4.96
N TYR D 164 48.82 6.46 -3.77
CA TYR D 164 47.37 6.46 -3.56
C TYR D 164 46.83 7.81 -3.12
N THR D 165 47.64 8.88 -3.19
CA THR D 165 47.16 10.21 -2.90
C THR D 165 47.54 11.16 -4.03
N ILE D 166 46.82 12.28 -4.09
CA ILE D 166 47.13 13.38 -4.98
C ILE D 166 47.42 14.57 -4.10
N ASP D 167 48.61 15.13 -4.23
CA ASP D 167 48.97 16.29 -3.41
C ASP D 167 48.21 17.51 -3.91
N LEU D 168 47.29 18.02 -3.10
CA LEU D 168 46.56 19.20 -3.50
C LEU D 168 47.37 20.47 -3.30
N THR D 169 48.27 20.49 -2.32
CA THR D 169 49.09 21.69 -2.15
C THR D 169 50.13 21.81 -3.26
N GLU D 170 50.58 20.69 -3.82
CA GLU D 170 51.43 20.76 -5.00
C GLU D 170 50.68 21.35 -6.18
N ARG D 171 49.41 20.96 -6.34
CA ARG D 171 48.59 21.52 -7.40
C ARG D 171 48.22 22.96 -7.14
N ALA D 172 48.10 23.35 -5.88
CA ALA D 172 47.81 24.74 -5.55
C ALA D 172 49.02 25.62 -5.75
N GLU D 173 50.22 25.05 -5.57
CA GLU D 173 51.44 25.80 -5.82
C GLU D 173 51.69 25.99 -7.30
N GLN D 174 51.20 25.06 -8.12
CA GLN D 174 51.35 25.17 -9.57
C GLN D 174 50.21 25.93 -10.22
N GLY D 175 49.23 26.40 -9.45
CA GLY D 175 48.14 27.15 -10.01
C GLY D 175 47.10 26.32 -10.73
N LYS D 176 46.97 25.05 -10.39
CA LYS D 176 46.00 24.17 -11.00
C LYS D 176 44.67 24.15 -10.28
N LEU D 177 44.45 25.05 -9.34
CA LEU D 177 43.21 25.09 -8.61
C LEU D 177 42.57 26.46 -8.77
N ASP D 178 41.25 26.48 -8.78
CA ASP D 178 40.51 27.70 -9.02
C ASP D 178 40.60 28.63 -7.81
N PRO D 179 40.38 29.93 -8.00
CA PRO D 179 40.29 30.82 -6.86
C PRO D 179 39.07 30.50 -6.04
N VAL D 180 39.24 30.52 -4.72
CA VAL D 180 38.17 30.21 -3.79
C VAL D 180 37.87 31.46 -3.00
N ILE D 181 36.63 31.91 -3.08
CA ILE D 181 36.22 33.25 -2.68
C ILE D 181 35.17 33.13 -1.61
N GLY D 182 35.37 33.85 -0.51
CA GLY D 182 34.46 33.72 0.59
C GLY D 182 34.72 32.41 1.30
N ARG D 183 33.65 31.85 1.86
CA ARG D 183 33.69 30.64 2.68
C ARG D 183 34.71 30.77 3.81
N ASP D 184 34.78 31.96 4.39
CA ASP D 184 35.77 32.22 5.41
C ASP D 184 35.40 31.52 6.70
N GLU D 185 34.10 31.52 7.03
CA GLU D 185 33.65 30.85 8.24
C GLU D 185 33.88 29.35 8.16
N GLU D 186 33.70 28.77 6.98
CA GLU D 186 33.88 27.32 6.83
C GLU D 186 35.35 26.91 6.78
N ILE D 187 36.21 27.72 6.14
CA ILE D 187 37.64 27.42 6.16
C ILE D 187 38.19 27.61 7.56
N ARG D 188 37.70 28.63 8.28
CA ARG D 188 38.15 28.86 9.65
C ARG D 188 37.70 27.74 10.58
N ARG D 189 36.47 27.26 10.41
CA ARG D 189 36.01 26.18 11.26
C ARG D 189 36.70 24.86 10.91
N THR D 190 37.02 24.65 9.64
CA THR D 190 37.82 23.49 9.24
C THR D 190 39.19 23.53 9.90
N ILE D 191 39.79 24.71 9.99
CA ILE D 191 41.08 24.86 10.66
C ILE D 191 40.96 24.58 12.15
N GLN D 192 39.88 25.07 12.79
CA GLN D 192 39.71 24.85 14.22
C GLN D 192 39.48 23.38 14.55
N VAL D 193 38.77 22.67 13.69
CA VAL D 193 38.55 21.26 13.96
C VAL D 193 39.80 20.44 13.65
N LEU D 194 40.57 20.83 12.62
CA LEU D 194 41.78 20.10 12.31
C LEU D 194 42.85 20.25 13.38
N GLN D 195 42.90 21.39 14.05
CA GLN D 195 43.86 21.58 15.13
C GLN D 195 43.25 21.27 16.49
N ARG D 196 42.65 20.11 16.64
CA ARG D 196 42.22 19.64 17.93
C ARG D 196 43.22 18.62 18.46
N ARG D 197 42.88 17.96 19.55
CA ARG D 197 43.74 16.92 20.09
C ARG D 197 43.15 15.54 19.81
N THR D 198 41.91 15.31 20.22
CA THR D 198 41.15 14.17 19.78
C THR D 198 40.16 14.64 18.72
N LYS D 199 39.83 13.75 17.78
CA LYS D 199 38.90 14.00 16.68
C LYS D 199 39.36 15.18 15.81
N ASN D 200 40.43 14.95 15.06
CA ASN D 200 40.92 15.99 14.17
C ASN D 200 40.21 15.97 12.83
N ASN D 201 38.95 15.56 12.79
CA ASN D 201 38.31 15.09 11.57
C ASN D 201 37.06 15.89 11.27
N PRO D 202 37.15 16.92 10.42
CA PRO D 202 35.93 17.62 10.01
C PRO D 202 35.37 17.02 8.74
N VAL D 203 34.06 16.95 8.67
CA VAL D 203 33.38 16.54 7.45
C VAL D 203 32.58 17.72 6.94
N LEU D 204 32.78 18.05 5.68
CA LEU D 204 32.05 19.12 5.04
C LEU D 204 30.77 18.53 4.49
N ILE D 205 29.64 19.04 4.95
CA ILE D 205 28.33 18.47 4.68
C ILE D 205 27.43 19.57 4.20
N GLY D 206 26.86 19.39 3.02
CA GLY D 206 25.95 20.37 2.48
C GLY D 206 25.30 19.82 1.24
N GLU D 207 24.46 20.64 0.64
CA GLU D 207 23.70 20.23 -0.51
C GLU D 207 24.62 20.12 -1.72
N PRO D 208 24.29 19.28 -2.72
CA PRO D 208 25.29 18.96 -3.75
C PRO D 208 25.44 20.05 -4.79
N GLY D 209 26.52 20.80 -4.69
CA GLY D 209 26.86 21.78 -5.71
C GLY D 209 27.29 23.09 -5.12
N VAL D 210 27.32 23.17 -3.79
CA VAL D 210 27.60 24.42 -3.10
C VAL D 210 29.07 24.63 -2.84
N GLY D 211 29.92 23.74 -3.33
CA GLY D 211 31.35 23.92 -3.23
C GLY D 211 31.94 23.53 -1.89
N LYS D 212 31.84 22.25 -1.57
CA LYS D 212 32.55 21.68 -0.45
C LYS D 212 33.93 21.22 -0.82
N THR D 213 34.14 20.78 -2.06
CA THR D 213 35.50 20.52 -2.53
C THR D 213 36.28 21.82 -2.63
N ALA D 214 35.60 22.90 -3.01
CA ALA D 214 36.27 24.18 -3.16
C ALA D 214 36.72 24.76 -1.84
N ILE D 215 36.10 24.38 -0.73
CA ILE D 215 36.58 24.85 0.56
C ILE D 215 37.90 24.20 0.94
N VAL D 216 38.08 22.93 0.60
CA VAL D 216 39.36 22.30 0.84
C VAL D 216 40.42 22.81 -0.13
N GLU D 217 40.02 23.15 -1.35
CA GLU D 217 41.00 23.76 -2.24
C GLU D 217 41.35 25.18 -1.84
N GLY D 218 40.43 25.89 -1.17
CA GLY D 218 40.77 27.16 -0.56
C GLY D 218 41.66 27.01 0.65
N LEU D 219 41.48 25.93 1.40
CA LEU D 219 42.40 25.63 2.50
C LEU D 219 43.79 25.32 1.98
N ALA D 220 43.88 24.60 0.86
CA ALA D 220 45.17 24.30 0.26
C ALA D 220 45.85 25.57 -0.25
N GLN D 221 45.09 26.44 -0.92
CA GLN D 221 45.67 27.68 -1.41
C GLN D 221 46.00 28.65 -0.29
N ARG D 222 45.32 28.56 0.85
CA ARG D 222 45.73 29.39 1.97
C ARG D 222 46.95 28.85 2.68
N ILE D 223 47.11 27.53 2.74
CA ILE D 223 48.33 26.94 3.28
C ILE D 223 49.53 27.30 2.42
N ILE D 224 49.36 27.28 1.10
CA ILE D 224 50.47 27.62 0.21
C ILE D 224 50.80 29.11 0.31
N ASN D 225 49.80 29.96 0.27
CA ASN D 225 50.04 31.40 0.33
C ASN D 225 50.41 31.89 1.72
N GLY D 226 50.41 31.04 2.74
CA GLY D 226 50.78 31.45 4.07
C GLY D 226 49.76 32.36 4.70
N GLU D 227 48.49 32.00 4.54
CA GLU D 227 47.38 32.78 5.08
C GLU D 227 46.68 31.99 6.18
N VAL D 228 47.42 31.15 6.86
CA VAL D 228 46.91 30.26 7.91
C VAL D 228 47.66 30.62 9.18
N PRO D 229 47.26 30.11 10.35
CA PRO D 229 48.11 30.26 11.54
C PRO D 229 49.42 29.51 11.41
N GLU D 230 50.35 29.82 12.32
CA GLU D 230 51.71 29.28 12.28
C GLU D 230 51.73 27.76 12.46
N GLY D 231 50.71 27.19 13.08
CA GLY D 231 50.64 25.75 13.20
C GLY D 231 50.42 25.05 11.88
N LEU D 232 49.84 25.75 10.91
CA LEU D 232 49.57 25.13 9.62
C LEU D 232 50.56 25.52 8.53
N LYS D 233 51.46 26.46 8.80
CA LYS D 233 52.45 26.88 7.80
C LYS D 233 53.42 25.73 7.58
N GLY D 234 53.29 25.06 6.44
CA GLY D 234 54.13 23.93 6.12
C GLY D 234 53.40 22.61 6.06
N ARG D 235 52.10 22.59 6.28
CA ARG D 235 51.34 21.34 6.19
C ARG D 235 51.19 20.91 4.74
N ARG D 236 50.76 19.67 4.57
CA ARG D 236 50.45 19.13 3.26
C ARG D 236 49.03 18.61 3.25
N VAL D 237 48.29 18.91 2.20
CA VAL D 237 46.93 18.44 2.05
C VAL D 237 46.93 17.39 0.96
N LEU D 238 46.69 16.14 1.35
CA LEU D 238 46.78 15.01 0.45
C LEU D 238 45.41 14.40 0.23
N ALA D 239 44.96 14.41 -1.02
CA ALA D 239 43.66 13.86 -1.37
C ALA D 239 43.77 12.36 -1.54
N LEU D 240 43.22 11.60 -0.59
CA LEU D 240 43.24 10.15 -0.70
C LEU D 240 42.28 9.70 -1.78
N ASP D 241 42.74 8.79 -2.62
CA ASP D 241 42.04 8.36 -3.82
C ASP D 241 41.60 6.92 -3.61
N MET D 242 40.31 6.72 -3.34
CA MET D 242 39.78 5.39 -3.09
C MET D 242 39.88 4.49 -4.31
N GLY D 243 39.87 5.09 -5.50
CA GLY D 243 39.87 4.32 -6.73
C GLY D 243 41.12 3.47 -6.92
N ALA D 244 42.28 4.04 -6.62
CA ALA D 244 43.54 3.30 -6.78
C ALA D 244 43.66 2.18 -5.75
N LEU D 245 43.35 2.52 -4.49
CA LEU D 245 43.43 1.57 -3.38
C LEU D 245 42.58 0.35 -3.62
N VAL D 246 41.36 0.56 -4.11
CA VAL D 246 40.55 -0.60 -4.47
C VAL D 246 41.07 -1.22 -5.76
N ALA D 247 41.61 -0.40 -6.66
CA ALA D 247 41.82 -0.80 -8.04
C ALA D 247 42.92 -1.81 -8.21
N GLY D 248 43.88 -1.86 -7.30
CA GLY D 248 44.85 -2.91 -7.49
C GLY D 248 44.50 -4.26 -6.87
N ALA D 249 43.73 -4.23 -5.79
CA ALA D 249 43.76 -5.27 -4.77
C ALA D 249 43.03 -6.53 -5.23
N LYS D 250 43.76 -7.34 -6.00
CA LYS D 250 43.19 -8.62 -6.42
C LYS D 250 43.23 -9.65 -5.31
N TYR D 251 44.40 -9.82 -4.67
CA TYR D 251 44.60 -10.88 -3.71
C TYR D 251 43.92 -10.56 -2.38
N ARG D 252 43.83 -11.56 -1.52
CA ARG D 252 43.24 -11.36 -0.21
C ARG D 252 44.14 -10.52 0.67
N GLY D 253 43.51 -9.68 1.48
CA GLY D 253 44.24 -8.85 2.41
C GLY D 253 45.03 -7.71 1.80
N GLU D 254 45.01 -7.54 0.49
CA GLU D 254 45.88 -6.54 -0.12
C GLU D 254 45.32 -5.14 0.05
N PHE D 255 44.00 -4.97 0.03
CA PHE D 255 43.44 -3.64 0.29
C PHE D 255 43.67 -3.22 1.73
N GLU D 256 43.52 -4.14 2.68
CA GLU D 256 43.84 -3.82 4.07
C GLU D 256 45.32 -3.53 4.26
N GLU D 257 46.17 -4.22 3.49
CA GLU D 257 47.60 -3.96 3.52
C GLU D 257 47.91 -2.56 3.01
N ARG D 258 47.26 -2.15 1.93
CA ARG D 258 47.50 -0.82 1.36
C ARG D 258 46.99 0.27 2.27
N LEU D 259 45.83 0.07 2.88
CA LEU D 259 45.29 1.11 3.74
C LEU D 259 46.08 1.21 5.04
N LYS D 260 46.57 0.08 5.54
CA LYS D 260 47.46 0.10 6.69
C LYS D 260 48.79 0.76 6.35
N GLY D 261 49.29 0.55 5.13
CA GLY D 261 50.51 1.20 4.71
C GLY D 261 50.36 2.70 4.55
N VAL D 262 49.19 3.15 4.09
CA VAL D 262 48.90 4.58 4.04
C VAL D 262 48.86 5.14 5.45
N LEU D 263 48.27 4.42 6.40
CA LEU D 263 48.22 4.89 7.78
C LEU D 263 49.60 4.95 8.42
N ASN D 264 50.46 3.97 8.11
CA ASN D 264 51.80 3.99 8.65
C ASN D 264 52.65 5.10 8.03
N ASP D 265 52.51 5.35 6.74
CA ASP D 265 53.26 6.45 6.16
C ASP D 265 52.73 7.80 6.58
N LEU D 266 51.44 7.93 6.87
CA LEU D 266 50.93 9.15 7.45
C LEU D 266 51.41 9.33 8.88
N ALA D 267 51.50 8.25 9.64
CA ALA D 267 52.03 8.35 11.00
C ALA D 267 53.54 8.60 11.01
N LYS D 268 54.22 8.28 9.92
CA LYS D 268 55.64 8.59 9.82
C LYS D 268 55.88 10.07 9.51
N GLN D 269 54.86 10.78 9.01
CA GLN D 269 54.99 12.19 8.66
C GLN D 269 54.96 13.12 9.86
N GLU D 270 54.63 12.61 11.04
CA GLU D 270 54.60 13.36 12.31
C GLU D 270 53.61 14.52 12.25
N GLY D 271 52.37 14.21 11.87
CA GLY D 271 51.30 15.18 11.88
C GLY D 271 51.40 16.25 10.83
N ASN D 272 52.26 16.08 9.82
CA ASN D 272 52.47 17.11 8.83
C ASN D 272 51.37 17.13 7.77
N VAL D 273 50.67 16.01 7.58
CA VAL D 273 49.80 15.84 6.43
C VAL D 273 48.36 15.97 6.88
N ILE D 274 47.62 16.85 6.24
CA ILE D 274 46.17 16.86 6.33
C ILE D 274 45.65 15.90 5.27
N LEU D 275 44.76 15.01 5.66
CA LEU D 275 44.20 14.03 4.74
C LEU D 275 42.82 14.49 4.31
N PHE D 276 42.54 14.38 3.02
CA PHE D 276 41.29 14.84 2.44
C PHE D 276 40.64 13.73 1.66
N ILE D 277 39.49 13.29 2.11
CA ILE D 277 38.76 12.20 1.47
C ILE D 277 37.39 12.77 1.10
N ASP D 278 37.26 13.31 -0.10
CA ASP D 278 35.90 13.65 -0.50
C ASP D 278 35.20 12.40 -0.99
N ALA D 279 33.88 12.46 -0.98
CA ALA D 279 33.01 11.29 -0.92
C ALA D 279 33.51 10.37 0.20
N LEU D 280 33.35 10.89 1.41
CA LEU D 280 33.70 10.16 2.62
C LEU D 280 32.89 8.88 2.75
N HIS D 281 31.67 8.87 2.21
CA HIS D 281 30.81 7.69 2.26
C HIS D 281 31.37 6.52 1.48
N THR D 282 32.21 6.78 0.49
CA THR D 282 32.82 5.74 -0.31
C THR D 282 33.88 4.99 0.49
N MET D 283 34.41 5.61 1.53
CA MET D 283 35.35 4.96 2.42
C MET D 283 34.68 3.95 3.34
N VAL D 284 33.36 4.04 3.53
CA VAL D 284 32.66 3.24 4.54
C VAL D 284 32.69 1.77 4.19
N GLY D 285 32.28 1.42 2.98
CA GLY D 285 32.44 0.06 2.54
C GLY D 285 33.41 -0.01 1.38
N ALA D 286 34.60 -0.59 1.59
CA ALA D 286 35.54 -0.72 0.49
C ALA D 286 36.28 -2.05 0.47
N GLY D 287 35.73 -3.10 1.08
CA GLY D 287 36.37 -4.40 1.07
C GLY D 287 35.45 -5.53 1.51
N MET D 293 38.10 -4.14 10.06
CA MET D 293 37.35 -4.90 9.07
C MET D 293 37.88 -4.60 7.67
N ASP D 294 37.28 -3.63 6.97
CA ASP D 294 37.67 -3.38 5.59
C ASP D 294 38.24 -1.99 5.35
N ALA D 295 37.47 -0.91 5.58
CA ALA D 295 38.06 0.42 5.40
C ALA D 295 37.51 1.44 6.38
N GLY D 296 36.52 1.07 7.17
CA GLY D 296 35.98 2.01 8.11
C GLY D 296 36.39 1.63 9.51
N ASN D 297 36.32 0.33 9.79
CA ASN D 297 36.72 -0.17 11.10
C ASN D 297 38.22 -0.17 11.28
N MET D 298 38.98 -0.12 10.17
CA MET D 298 40.42 0.07 10.30
C MET D 298 40.75 1.47 10.81
N LEU D 299 40.12 2.48 10.22
CA LEU D 299 40.41 3.85 10.63
C LEU D 299 39.72 4.24 11.91
N LYS D 300 38.69 3.50 12.32
CA LYS D 300 37.89 3.91 13.48
C LYS D 300 38.64 4.01 14.81
N PRO D 301 39.68 3.21 15.11
CA PRO D 301 40.54 3.59 16.26
C PRO D 301 41.45 4.76 15.96
N ALA D 302 41.91 4.86 14.72
CA ALA D 302 42.90 5.87 14.36
C ALA D 302 42.30 7.25 14.14
N LEU D 303 41.00 7.43 14.35
CA LEU D 303 40.33 8.70 14.22
C LEU D 303 39.93 9.33 15.53
N ALA D 304 39.49 8.56 16.52
CA ALA D 304 39.26 9.17 17.84
C ALA D 304 40.48 9.07 18.73
N ARG D 305 41.64 9.35 18.17
CA ARG D 305 42.85 9.61 18.93
C ARG D 305 43.60 10.77 18.31
N GLY D 306 43.06 11.37 17.25
CA GLY D 306 43.59 12.57 16.67
C GLY D 306 44.83 12.37 15.83
N GLU D 307 45.24 11.13 15.59
CA GLU D 307 46.46 10.90 14.83
C GLU D 307 46.24 11.19 13.36
N LEU D 308 45.03 10.95 12.87
CA LEU D 308 44.72 11.12 11.47
C LEU D 308 43.88 12.37 11.29
N HIS D 309 44.23 13.18 10.31
CA HIS D 309 43.64 14.51 10.11
C HIS D 309 42.63 14.52 8.98
N CYS D 310 41.80 13.49 8.91
CA CYS D 310 40.92 13.25 7.77
C CYS D 310 39.87 14.34 7.60
N VAL D 311 40.02 15.14 6.56
CA VAL D 311 38.99 16.10 6.15
C VAL D 311 38.08 15.38 5.18
N GLY D 312 36.90 15.03 5.62
CA GLY D 312 35.94 14.44 4.70
C GLY D 312 35.12 15.51 4.05
N ALA D 313 34.41 15.11 3.00
CA ALA D 313 33.50 16.00 2.28
C ALA D 313 32.47 15.11 1.63
N THR D 314 31.30 15.02 2.25
CA THR D 314 30.22 14.20 1.74
C THR D 314 28.99 15.06 1.54
N THR D 315 27.96 14.47 0.93
CA THR D 315 26.75 15.21 0.67
C THR D 315 25.88 15.18 1.92
N LEU D 316 24.80 15.97 1.91
CA LEU D 316 23.88 16.05 3.03
C LEU D 316 23.02 14.80 3.14
N ASP D 317 22.91 14.00 2.08
CA ASP D 317 22.14 12.77 2.07
C ASP D 317 22.99 11.52 2.03
N GLU D 318 24.20 11.57 1.47
CA GLU D 318 25.12 10.47 1.63
C GLU D 318 25.58 10.29 3.07
N TYR D 319 25.55 11.35 3.88
CA TYR D 319 25.85 11.20 5.30
C TYR D 319 24.76 10.41 6.01
N ARG D 320 23.50 10.74 5.73
CA ARG D 320 22.37 10.03 6.33
C ARG D 320 22.33 8.58 5.90
N GLN D 321 22.65 8.32 4.64
CA GLN D 321 22.54 6.96 4.14
C GLN D 321 23.72 6.09 4.58
N TYR D 322 24.93 6.63 4.56
CA TYR D 322 26.10 5.79 4.65
C TYR D 322 26.94 6.00 5.89
N ILE D 323 26.82 7.13 6.59
CA ILE D 323 27.66 7.42 7.74
C ILE D 323 26.84 7.49 9.03
N GLU D 324 25.63 8.05 8.98
CA GLU D 324 24.79 8.00 10.17
C GLU D 324 24.25 6.60 10.46
N LYS D 325 24.37 5.69 9.49
CA LYS D 325 23.98 4.30 9.72
C LYS D 325 24.89 3.62 10.74
N ASP D 326 26.17 4.00 10.78
CA ASP D 326 27.13 3.47 11.72
C ASP D 326 27.51 4.58 12.69
N ALA D 327 27.01 4.48 13.93
CA ALA D 327 27.08 5.62 14.84
C ALA D 327 28.47 5.89 15.36
N ALA D 328 29.32 4.87 15.45
CA ALA D 328 30.68 5.10 15.92
C ALA D 328 31.50 5.89 14.92
N LEU D 329 31.43 5.50 13.65
CA LEU D 329 32.05 6.30 12.60
C LEU D 329 31.37 7.65 12.47
N GLU D 330 30.10 7.74 12.84
CA GLU D 330 29.41 9.02 12.83
C GLU D 330 29.95 9.94 13.90
N ARG D 331 30.40 9.41 15.04
CA ARG D 331 30.97 10.32 16.02
C ARG D 331 32.45 10.55 15.84
N ARG D 332 33.12 9.80 14.96
CA ARG D 332 34.52 10.15 14.69
C ARG D 332 34.70 11.47 13.95
N PHE D 333 33.65 12.07 13.40
CA PHE D 333 33.75 13.24 12.53
C PHE D 333 32.94 14.41 13.07
N GLN D 334 33.49 15.62 12.90
CA GLN D 334 32.80 16.84 13.29
C GLN D 334 32.13 17.45 12.07
N LYS D 335 30.80 17.60 12.13
CA LYS D 335 30.03 18.01 10.97
C LYS D 335 30.16 19.50 10.74
N VAL D 336 30.87 19.88 9.68
CA VAL D 336 30.97 21.27 9.27
C VAL D 336 29.89 21.48 8.22
N PHE D 337 29.06 22.50 8.39
CA PHE D 337 27.90 22.69 7.51
C PHE D 337 28.23 23.76 6.47
N VAL D 338 28.27 23.35 5.22
CA VAL D 338 28.55 24.24 4.11
C VAL D 338 27.21 24.58 3.46
N ALA D 339 26.68 25.76 3.76
CA ALA D 339 25.39 26.15 3.25
C ALA D 339 25.51 26.77 1.87
N GLU D 340 24.45 26.61 1.08
CA GLU D 340 24.34 27.26 -0.21
C GLU D 340 24.44 28.77 -0.06
N PRO D 341 25.29 29.44 -0.82
CA PRO D 341 25.47 30.88 -0.63
C PRO D 341 24.29 31.65 -1.19
N SER D 342 24.27 32.93 -0.86
CA SER D 342 23.20 33.81 -1.31
C SER D 342 23.46 34.21 -2.75
N VAL D 343 22.75 35.21 -3.23
CA VAL D 343 22.99 35.68 -4.59
C VAL D 343 24.25 36.54 -4.64
N GLU D 344 24.49 37.36 -3.62
CA GLU D 344 25.63 38.29 -3.67
C GLU D 344 26.94 37.56 -3.45
N ASP D 345 26.94 36.54 -2.60
CA ASP D 345 28.10 35.66 -2.48
C ASP D 345 28.40 34.98 -3.80
N THR D 346 27.35 34.59 -4.52
CA THR D 346 27.50 34.00 -5.84
C THR D 346 28.07 35.00 -6.83
N ILE D 347 27.73 36.28 -6.69
CA ILE D 347 28.29 37.29 -7.59
C ILE D 347 29.78 37.48 -7.34
N ALA D 348 30.21 37.41 -6.07
CA ALA D 348 31.64 37.50 -5.78
C ALA D 348 32.43 36.32 -6.33
N ILE D 349 31.89 35.11 -6.11
CA ILE D 349 32.45 33.88 -6.66
C ILE D 349 32.56 33.96 -8.17
N LEU D 350 31.53 34.47 -8.82
CA LEU D 350 31.59 34.60 -10.25
C LEU D 350 32.47 35.73 -10.74
N ARG D 351 32.85 36.69 -9.90
CA ARG D 351 33.82 37.69 -10.38
C ARG D 351 35.22 37.10 -10.48
N GLY D 352 35.65 36.37 -9.44
CA GLY D 352 36.93 35.65 -9.57
C GLY D 352 36.91 34.59 -10.66
N LEU D 353 35.81 33.86 -10.75
CA LEU D 353 35.75 32.88 -11.82
C LEU D 353 35.52 33.52 -13.19
N LYS D 354 35.02 34.76 -13.25
CA LYS D 354 34.99 35.51 -14.51
C LYS D 354 36.38 35.64 -15.08
N GLU D 355 37.32 36.05 -14.22
CA GLU D 355 38.72 36.12 -14.66
C GLU D 355 39.21 34.78 -15.21
N ARG D 356 38.87 33.69 -14.52
CA ARG D 356 39.38 32.39 -14.98
C ARG D 356 38.72 31.90 -16.29
N TYR D 357 37.38 32.01 -16.40
CA TYR D 357 36.70 31.52 -17.61
C TYR D 357 36.95 32.41 -18.81
N GLU D 358 37.20 33.71 -18.60
CA GLU D 358 37.66 34.54 -19.70
C GLU D 358 39.02 34.11 -20.20
N LEU D 359 39.95 33.81 -19.29
CA LEU D 359 41.23 33.32 -19.79
C LEU D 359 41.18 31.91 -20.35
N HIS D 360 40.07 31.19 -20.18
CA HIS D 360 39.95 29.91 -20.90
C HIS D 360 39.27 30.02 -22.26
N HIS D 361 38.08 30.59 -22.31
CA HIS D 361 37.33 30.59 -23.56
C HIS D 361 37.79 31.64 -24.55
N HIS D 362 38.66 32.57 -24.14
CA HIS D 362 39.07 33.74 -24.90
C HIS D 362 37.87 34.57 -25.34
N VAL D 363 36.99 34.86 -24.39
CA VAL D 363 35.90 35.80 -24.58
C VAL D 363 36.00 36.84 -23.47
N GLN D 364 35.05 37.77 -23.44
CA GLN D 364 34.95 38.72 -22.34
C GLN D 364 33.60 38.55 -21.69
N ILE D 365 33.59 38.47 -20.37
CA ILE D 365 32.35 38.32 -19.61
C ILE D 365 32.05 39.66 -18.97
N THR D 366 30.93 40.25 -19.35
CA THR D 366 30.56 41.54 -18.82
C THR D 366 29.97 41.34 -17.44
N ASP D 367 30.16 42.31 -16.56
CA ASP D 367 29.66 42.20 -15.19
C ASP D 367 28.14 42.18 -15.07
N PRO D 368 27.37 42.90 -15.91
CA PRO D 368 25.93 42.59 -15.98
C PRO D 368 25.59 41.15 -16.35
N ALA D 369 26.44 40.46 -17.10
CA ALA D 369 26.17 39.05 -17.35
C ALA D 369 26.34 38.22 -16.10
N ILE D 370 27.25 38.61 -15.22
CA ILE D 370 27.43 37.91 -13.96
C ILE D 370 26.23 38.12 -13.05
N VAL D 371 25.81 39.38 -12.88
CA VAL D 371 24.69 39.60 -11.98
C VAL D 371 23.39 39.04 -12.56
N ALA D 372 23.28 38.97 -13.89
CA ALA D 372 22.14 38.32 -14.49
C ALA D 372 22.22 36.81 -14.40
N ALA D 373 23.41 36.24 -14.42
CA ALA D 373 23.54 34.79 -14.28
C ALA D 373 23.14 34.35 -12.89
N ALA D 374 23.57 35.09 -11.88
CA ALA D 374 23.18 34.81 -10.51
C ALA D 374 21.68 34.98 -10.31
N THR D 375 21.11 36.08 -10.82
CA THR D 375 19.69 36.34 -10.60
C THR D 375 18.81 35.36 -11.37
N LEU D 376 19.08 35.16 -12.66
CA LEU D 376 18.24 34.30 -13.47
C LEU D 376 18.38 32.83 -13.08
N SER D 377 19.58 32.39 -12.69
CA SER D 377 19.69 31.01 -12.25
C SER D 377 19.08 30.82 -10.88
N HIS D 378 19.06 31.86 -10.04
CA HIS D 378 18.39 31.70 -8.76
C HIS D 378 16.89 31.65 -8.94
N ARG D 379 16.36 32.30 -9.96
CA ARG D 379 14.91 32.31 -10.12
C ARG D 379 14.38 31.12 -10.92
N TYR D 380 15.00 30.72 -12.03
CA TYR D 380 14.37 29.78 -12.93
C TYR D 380 14.87 28.36 -12.80
N ILE D 381 16.14 28.14 -12.48
CA ILE D 381 16.64 26.78 -12.30
C ILE D 381 16.38 26.35 -10.86
N ALA D 382 15.43 25.46 -10.68
CA ALA D 382 15.09 24.96 -9.35
C ALA D 382 15.68 23.59 -9.07
N ASP D 383 16.34 22.99 -10.05
CA ASP D 383 16.88 21.65 -9.89
C ASP D 383 18.16 21.66 -9.08
N ARG D 384 19.00 22.67 -9.29
CA ARG D 384 20.36 22.71 -8.81
C ARG D 384 20.58 23.91 -7.90
N GLN D 385 21.84 24.17 -7.57
CA GLN D 385 22.22 25.05 -6.46
C GLN D 385 23.35 25.97 -6.87
N LEU D 386 23.56 26.92 -6.10
CA LEU D 386 24.47 28.04 -6.25
C LEU D 386 25.81 27.74 -5.60
N PRO D 387 26.93 28.22 -6.14
CA PRO D 387 27.08 29.05 -7.33
C PRO D 387 27.18 28.21 -8.58
N ASP D 388 26.90 26.91 -8.46
CA ASP D 388 27.20 25.94 -9.51
C ASP D 388 26.43 26.22 -10.80
N LYS D 389 25.12 26.44 -10.68
CA LYS D 389 24.30 26.68 -11.87
C LYS D 389 24.55 28.06 -12.47
N ALA D 390 25.03 29.01 -11.67
CA ALA D 390 25.41 30.29 -12.24
C ALA D 390 26.69 30.17 -13.06
N ILE D 391 27.64 29.38 -12.57
CA ILE D 391 28.84 29.03 -13.35
C ILE D 391 28.46 28.28 -14.61
N ASP D 392 27.42 27.44 -14.54
CA ASP D 392 26.98 26.71 -15.71
C ASP D 392 26.45 27.65 -16.79
N LEU D 393 25.68 28.67 -16.40
CA LEU D 393 25.23 29.67 -17.37
C LEU D 393 26.39 30.45 -17.95
N ILE D 394 27.34 30.87 -17.10
CA ILE D 394 28.49 31.63 -17.55
C ILE D 394 29.34 30.83 -18.54
N ASP D 395 29.54 29.55 -18.26
CA ASP D 395 30.42 28.74 -19.07
C ASP D 395 29.77 28.34 -20.38
N GLU D 396 28.47 28.05 -20.37
CA GLU D 396 27.83 27.72 -21.63
C GLU D 396 27.62 28.96 -22.49
N ALA D 397 27.46 30.14 -21.87
CA ALA D 397 27.38 31.36 -22.66
C ALA D 397 28.72 31.70 -23.30
N ALA D 398 29.81 31.46 -22.58
CA ALA D 398 31.13 31.66 -23.19
C ALA D 398 31.39 30.65 -24.30
N SER D 399 30.87 29.43 -24.17
CA SER D 399 30.98 28.45 -25.24
C SER D 399 30.21 28.87 -26.48
N SER D 400 29.01 29.40 -26.29
CA SER D 400 28.20 29.84 -27.42
C SER D 400 28.85 31.04 -28.11
N ILE D 401 29.38 31.98 -27.33
CA ILE D 401 30.04 33.13 -27.93
C ILE D 401 31.31 32.72 -28.66
N ARG D 402 32.05 31.74 -28.12
CA ARG D 402 33.24 31.28 -28.79
C ARG D 402 32.93 30.57 -30.09
N MET D 403 31.83 29.81 -30.13
CA MET D 403 31.44 29.19 -31.39
C MET D 403 30.94 30.19 -32.42
N GLN D 404 30.25 31.26 -31.98
CA GLN D 404 29.80 32.24 -32.96
C GLN D 404 30.97 33.08 -33.47
N ILE D 405 31.99 33.31 -32.65
CA ILE D 405 33.21 33.94 -33.15
C ILE D 405 33.91 33.00 -34.12
N ASP D 406 33.90 31.71 -33.81
CA ASP D 406 34.77 30.77 -34.50
C ASP D 406 34.24 30.45 -35.90
N SER D 407 33.05 29.86 -36.01
CA SER D 407 32.54 29.50 -37.33
C SER D 407 31.84 30.66 -38.02
N LYS D 408 30.68 31.09 -37.49
CA LYS D 408 29.77 32.08 -38.05
C LYS D 408 28.65 32.30 -37.03
N PRO D 409 27.79 33.36 -37.15
CA PRO D 409 26.74 33.58 -36.14
C PRO D 409 25.63 32.54 -36.07
N GLU D 410 24.66 32.78 -35.19
CA GLU D 410 23.52 31.86 -35.05
C GLU D 410 22.69 31.79 -36.32
N GLU D 411 22.17 32.93 -36.78
CA GLU D 411 21.16 32.94 -37.83
C GLU D 411 21.72 32.44 -39.15
N LEU D 412 23.02 32.63 -39.38
CA LEU D 412 23.66 32.04 -40.55
C LEU D 412 23.71 30.52 -40.44
N ASP D 413 23.97 29.99 -39.24
CA ASP D 413 23.95 28.53 -39.08
C ASP D 413 22.55 27.97 -39.18
N ARG D 414 21.55 28.68 -38.66
CA ARG D 414 20.15 28.28 -38.78
C ARG D 414 19.75 28.17 -40.24
N LEU D 415 19.97 29.24 -40.99
CA LEU D 415 19.55 29.23 -42.39
C LEU D 415 20.44 28.36 -43.24
N ASP D 416 21.72 28.17 -42.87
CA ASP D 416 22.58 27.27 -43.62
C ASP D 416 22.11 25.83 -43.50
N ARG D 417 21.83 25.39 -42.27
CA ARG D 417 21.33 24.03 -42.10
C ARG D 417 19.96 23.85 -42.70
N ARG D 418 19.12 24.90 -42.67
CA ARG D 418 17.80 24.75 -43.24
C ARG D 418 17.85 24.72 -44.77
N ILE D 419 18.74 25.50 -45.40
CA ILE D 419 18.77 25.46 -46.86
C ILE D 419 19.44 24.18 -47.35
N ILE D 420 20.41 23.64 -46.60
CA ILE D 420 20.96 22.36 -47.04
C ILE D 420 19.96 21.24 -46.79
N GLN D 421 19.10 21.39 -45.77
CA GLN D 421 18.09 20.40 -45.47
C GLN D 421 17.01 20.38 -46.54
N LEU D 422 16.44 21.55 -46.85
CA LEU D 422 15.43 21.65 -47.89
C LEU D 422 16.01 21.39 -49.28
N LYS D 423 17.32 21.57 -49.46
CA LYS D 423 17.94 21.20 -50.73
C LYS D 423 17.96 19.69 -50.89
N LEU D 424 18.31 18.96 -49.82
CA LEU D 424 18.25 17.50 -49.90
C LEU D 424 16.80 17.00 -49.98
N GLU D 425 15.86 17.75 -49.40
CA GLU D 425 14.46 17.34 -49.47
C GLU D 425 13.87 17.60 -50.85
N GLN D 426 14.29 18.68 -51.51
CA GLN D 426 13.92 18.89 -52.91
C GLN D 426 14.58 17.86 -53.82
N GLN D 427 15.80 17.44 -53.48
CA GLN D 427 16.43 16.32 -54.17
C GLN D 427 15.65 15.04 -53.98
N ALA D 428 15.04 14.87 -52.81
CA ALA D 428 14.18 13.73 -52.54
C ALA D 428 12.82 13.82 -53.24
N LEU D 429 12.38 15.03 -53.60
CA LEU D 429 11.13 15.20 -54.35
C LEU D 429 11.37 15.29 -55.85
N MET D 430 12.36 14.59 -56.37
CA MET D 430 12.59 14.55 -57.80
C MET D 430 11.99 13.28 -58.41
N LEU D 441 2.33 20.32 -55.59
CA LEU D 441 3.13 19.12 -55.33
C LEU D 441 4.23 19.46 -54.33
N ASP D 442 5.24 20.20 -54.79
CA ASP D 442 6.30 20.65 -53.90
C ASP D 442 5.78 21.60 -52.83
N MET D 443 5.37 22.81 -53.24
CA MET D 443 5.19 23.97 -52.36
C MET D 443 6.39 24.15 -51.43
N LEU D 444 7.58 23.95 -52.00
CA LEU D 444 8.82 23.90 -51.25
C LEU D 444 9.85 24.76 -51.94
N ASN D 445 9.70 24.89 -53.26
CA ASN D 445 10.55 25.77 -54.04
C ASN D 445 10.39 27.21 -53.62
N GLU D 446 9.15 27.61 -53.28
CA GLU D 446 8.91 28.94 -52.75
C GLU D 446 9.59 29.14 -51.40
N GLU D 447 9.47 28.13 -50.52
CA GLU D 447 10.04 28.23 -49.19
C GLU D 447 11.56 28.17 -49.22
N LEU D 448 12.12 27.29 -50.06
CA LEU D 448 13.58 27.22 -50.18
C LEU D 448 14.14 28.47 -50.85
N SER D 449 13.42 29.04 -51.81
CA SER D 449 13.88 30.28 -52.43
C SER D 449 13.84 31.43 -51.44
N ASP D 450 12.83 31.45 -50.56
CA ASP D 450 12.77 32.48 -49.52
C ASP D 450 13.91 32.32 -48.52
N LYS D 451 14.21 31.08 -48.12
CA LYS D 451 15.30 30.87 -47.17
C LYS D 451 16.66 31.17 -47.81
N GLU D 452 16.83 30.87 -49.10
CA GLU D 452 18.08 31.21 -49.77
C GLU D 452 18.24 32.72 -49.94
N ARG D 453 17.13 33.41 -50.20
CA ARG D 453 17.18 34.87 -50.26
C ARG D 453 17.54 35.48 -48.92
N GLN D 454 16.95 34.95 -47.84
CA GLN D 454 17.25 35.51 -46.52
C GLN D 454 18.66 35.15 -46.05
N TYR D 455 19.16 33.98 -46.45
CA TYR D 455 20.55 33.64 -46.13
C TYR D 455 21.53 34.48 -46.93
N SER D 456 21.20 34.81 -48.17
CA SER D 456 22.06 35.72 -48.93
C SER D 456 22.06 37.12 -48.33
N GLU D 457 20.91 37.57 -47.85
CA GLU D 457 20.82 38.88 -47.20
C GLU D 457 21.60 38.92 -45.89
N LEU D 458 21.47 37.89 -45.05
CA LEU D 458 22.23 37.87 -43.80
C LEU D 458 23.71 37.62 -44.06
N GLU D 459 24.07 36.93 -45.13
CA GLU D 459 25.48 36.77 -45.48
C GLU D 459 26.08 38.10 -45.92
N GLU D 460 25.31 38.88 -46.68
CA GLU D 460 25.78 40.21 -47.08
C GLU D 460 25.88 41.13 -45.88
N GLU D 461 24.96 41.03 -44.92
CA GLU D 461 25.04 41.86 -43.72
C GLU D 461 26.20 41.42 -42.83
N TRP D 462 26.51 40.12 -42.82
CA TRP D 462 27.65 39.63 -42.06
C TRP D 462 28.97 40.06 -42.71
N LYS D 463 28.99 40.19 -44.04
CA LYS D 463 30.16 40.79 -44.67
C LYS D 463 30.19 42.30 -44.46
N ALA D 464 29.03 42.91 -44.22
CA ALA D 464 28.97 44.36 -44.01
C ALA D 464 29.47 44.75 -42.63
N GLU D 465 29.35 43.86 -41.64
CA GLU D 465 29.92 44.08 -40.31
C GLU D 465 31.23 43.32 -40.15
N LYS D 466 32.02 43.24 -41.21
CA LYS D 466 33.29 42.54 -41.18
C LYS D 466 34.26 43.15 -42.18
N LEU D 527 28.70 42.13 -34.52
CA LEU D 527 28.47 40.74 -34.18
C LEU D 527 28.40 40.54 -32.68
N ARG D 528 28.92 39.40 -32.22
CA ARG D 528 28.92 39.04 -30.81
C ARG D 528 30.29 38.50 -30.45
N ASN D 529 31.01 39.23 -29.60
CA ASN D 529 32.27 38.74 -29.08
C ASN D 529 32.43 38.92 -27.58
N LYS D 530 31.51 39.61 -26.91
CA LYS D 530 31.46 39.64 -25.46
C LYS D 530 30.40 38.66 -24.99
N VAL D 531 30.25 38.56 -23.67
CA VAL D 531 29.19 37.78 -23.06
C VAL D 531 28.38 38.76 -22.23
N THR D 532 27.23 39.15 -22.72
CA THR D 532 26.39 40.09 -21.99
C THR D 532 25.25 39.33 -21.34
N ASP D 533 24.29 40.06 -20.77
CA ASP D 533 23.17 39.42 -20.11
C ASP D 533 22.21 38.76 -21.08
N ALA D 534 22.20 39.18 -22.35
CA ALA D 534 21.32 38.58 -23.34
C ALA D 534 21.72 37.15 -23.63
N GLU D 535 23.01 36.88 -23.68
CA GLU D 535 23.46 35.52 -23.92
C GLU D 535 23.22 34.63 -22.71
N ILE D 536 23.30 35.20 -21.51
CA ILE D 536 22.94 34.46 -20.31
C ILE D 536 21.48 34.07 -20.34
N ALA D 537 20.61 34.99 -20.75
CA ALA D 537 19.20 34.69 -20.89
C ALA D 537 18.95 33.64 -21.97
N GLU D 538 19.75 33.64 -23.03
CA GLU D 538 19.55 32.64 -24.08
C GLU D 538 19.96 31.26 -23.62
N VAL D 539 21.06 31.16 -22.87
CA VAL D 539 21.47 29.87 -22.32
C VAL D 539 20.44 29.37 -21.33
N LEU D 540 19.84 30.28 -20.56
CA LEU D 540 18.82 29.87 -19.62
C LEU D 540 17.55 29.40 -20.31
N ALA D 541 17.16 30.10 -21.38
CA ALA D 541 15.97 29.70 -22.13
C ALA D 541 16.16 28.39 -22.85
N ARG D 542 17.37 28.03 -23.21
CA ARG D 542 17.56 26.71 -23.79
C ARG D 542 17.79 25.63 -22.74
N TRP D 543 18.29 25.98 -21.55
CA TRP D 543 18.37 25.02 -20.46
C TRP D 543 16.99 24.61 -20.01
N THR D 544 16.16 25.59 -19.68
CA THR D 544 14.91 25.36 -18.97
C THR D 544 13.71 25.22 -19.90
N GLY D 545 13.53 26.17 -20.81
CA GLY D 545 12.37 26.12 -21.68
C GLY D 545 11.54 27.37 -21.57
N ILE D 546 11.73 28.11 -20.49
CA ILE D 546 11.01 29.37 -20.30
C ILE D 546 11.59 30.40 -21.26
N PRO D 547 10.77 31.17 -21.96
CA PRO D 547 11.33 32.24 -22.79
C PRO D 547 11.83 33.41 -21.98
N VAL D 548 13.00 33.25 -21.36
CA VAL D 548 13.62 34.33 -20.61
C VAL D 548 14.36 35.27 -21.55
N SER D 549 14.53 34.86 -22.81
CA SER D 549 15.26 35.59 -23.83
C SER D 549 14.61 36.93 -24.13
N ARG D 550 15.37 37.78 -24.82
CA ARG D 550 14.80 39.01 -25.35
C ARG D 550 13.98 38.69 -26.59
N MET D 551 12.97 39.53 -26.84
CA MET D 551 12.08 39.31 -27.97
C MET D 551 12.79 39.71 -29.26
N MET D 552 12.83 38.79 -30.20
CA MET D 552 13.29 39.12 -31.54
C MET D 552 12.17 39.81 -32.32
N GLU D 553 12.36 40.00 -33.62
CA GLU D 553 11.33 40.65 -34.40
C GLU D 553 10.17 39.73 -34.70
N SER D 554 10.46 38.47 -35.07
CA SER D 554 9.40 37.55 -35.47
C SER D 554 8.50 37.17 -34.30
N GLU D 555 9.10 36.91 -33.13
CA GLU D 555 8.31 36.51 -31.97
C GLU D 555 7.47 37.67 -31.45
N ARG D 556 8.01 38.88 -31.49
CA ARG D 556 7.26 40.02 -30.97
C ARG D 556 6.17 40.47 -31.94
N GLU D 557 6.41 40.33 -33.24
CA GLU D 557 5.35 40.57 -34.21
C GLU D 557 4.27 39.50 -34.11
N LYS D 558 4.63 38.26 -33.80
CA LYS D 558 3.61 37.24 -33.52
C LYS D 558 2.83 37.57 -32.26
N LEU D 559 3.52 38.04 -31.24
CA LEU D 559 2.90 38.17 -29.93
C LEU D 559 2.08 39.44 -29.78
N LEU D 560 2.32 40.45 -30.61
CA LEU D 560 1.36 41.54 -30.67
C LEU D 560 0.15 41.19 -31.53
N ARG D 561 0.22 40.12 -32.32
CA ARG D 561 -0.92 39.56 -33.02
C ARG D 561 -1.59 38.45 -32.23
N MET D 562 -1.47 38.48 -30.91
CA MET D 562 -1.98 37.40 -30.06
C MET D 562 -3.48 37.23 -30.23
N GLU D 563 -4.22 38.33 -30.12
CA GLU D 563 -5.66 38.27 -30.22
C GLU D 563 -6.15 37.99 -31.63
N GLN D 564 -5.43 38.46 -32.65
CA GLN D 564 -5.75 38.08 -34.01
C GLN D 564 -5.53 36.59 -34.24
N GLU D 565 -4.42 36.05 -33.74
CA GLU D 565 -4.12 34.65 -33.97
C GLU D 565 -4.95 33.71 -33.11
N LEU D 566 -5.62 34.21 -32.06
CA LEU D 566 -6.52 33.33 -31.34
C LEU D 566 -7.89 33.26 -31.98
N HIS D 567 -8.38 34.37 -32.56
CA HIS D 567 -9.70 34.37 -33.19
C HIS D 567 -9.72 33.67 -34.55
N HIS D 568 -8.63 33.09 -35.00
CA HIS D 568 -8.73 32.18 -36.13
C HIS D 568 -9.23 30.80 -35.72
N ARG D 569 -9.27 30.51 -34.43
CA ARG D 569 -9.83 29.26 -33.94
C ARG D 569 -10.91 29.45 -32.90
N VAL D 570 -10.95 30.57 -32.21
CA VAL D 570 -11.97 30.84 -31.20
C VAL D 570 -12.69 32.09 -31.68
N ILE D 571 -13.75 31.92 -32.42
CA ILE D 571 -14.45 33.10 -32.89
C ILE D 571 -15.44 33.48 -31.81
N GLY D 572 -15.78 34.75 -31.75
CA GLY D 572 -16.47 35.25 -30.59
C GLY D 572 -15.53 35.29 -29.40
N GLN D 573 -16.13 35.43 -28.22
CA GLN D 573 -15.46 35.32 -26.92
C GLN D 573 -14.31 36.33 -26.76
N ASN D 574 -14.65 37.60 -26.76
CA ASN D 574 -13.61 38.62 -26.81
C ASN D 574 -12.90 38.78 -25.48
N GLU D 575 -13.65 38.76 -24.37
CA GLU D 575 -13.09 39.09 -23.05
C GLU D 575 -12.06 38.08 -22.61
N ALA D 576 -12.29 36.81 -22.94
CA ALA D 576 -11.37 35.76 -22.53
C ALA D 576 -10.10 35.79 -23.35
N VAL D 577 -10.22 36.09 -24.64
CA VAL D 577 -9.05 36.25 -25.49
C VAL D 577 -8.19 37.41 -25.00
N ASP D 578 -8.85 38.49 -24.58
CA ASP D 578 -8.12 39.65 -24.04
C ASP D 578 -7.42 39.30 -22.74
N ALA D 579 -8.08 38.55 -21.87
CA ALA D 579 -7.48 38.22 -20.57
C ALA D 579 -6.27 37.32 -20.73
N VAL D 580 -6.39 36.32 -21.60
CA VAL D 580 -5.28 35.42 -21.89
C VAL D 580 -4.10 36.17 -22.51
N SER D 581 -4.40 37.02 -23.49
CA SER D 581 -3.38 37.77 -24.19
C SER D 581 -2.66 38.73 -23.27
N ASN D 582 -3.40 39.34 -22.35
CA ASN D 582 -2.78 40.26 -21.41
C ASN D 582 -1.93 39.52 -20.41
N ALA D 583 -2.30 38.29 -20.04
CA ALA D 583 -1.44 37.52 -19.14
C ALA D 583 -0.12 37.16 -19.79
N ILE D 584 -0.15 36.77 -21.05
CA ILE D 584 1.12 36.42 -21.68
C ILE D 584 1.95 37.65 -22.04
N ARG D 585 1.30 38.77 -22.33
CA ARG D 585 2.09 39.96 -22.53
C ARG D 585 2.64 40.55 -21.23
N ARG D 586 1.97 40.31 -20.10
CA ARG D 586 2.62 40.62 -18.82
C ARG D 586 3.83 39.73 -18.59
N SER D 587 3.73 38.47 -19.01
CA SER D 587 4.84 37.55 -18.78
C SER D 587 6.07 37.90 -19.60
N ARG D 588 5.91 38.19 -20.90
CA ARG D 588 7.09 38.40 -21.72
C ARG D 588 7.74 39.76 -21.49
N ALA D 589 6.98 40.74 -21.03
CA ALA D 589 7.54 42.06 -20.79
C ALA D 589 8.27 42.16 -19.46
N GLY D 590 8.31 41.10 -18.66
CA GLY D 590 9.00 41.15 -17.39
C GLY D 590 8.20 41.82 -16.30
N LEU D 591 6.88 41.83 -16.39
CA LEU D 591 6.06 42.47 -15.39
C LEU D 591 5.24 41.50 -14.56
N ALA D 592 5.38 40.21 -14.77
CA ALA D 592 4.61 39.26 -13.99
C ALA D 592 5.13 39.18 -12.58
N ASP D 593 4.23 38.97 -11.64
CA ASP D 593 4.57 38.72 -10.25
C ASP D 593 5.35 37.43 -10.18
N PRO D 594 6.62 37.46 -9.78
CA PRO D 594 7.44 36.26 -9.83
C PRO D 594 7.23 35.28 -8.69
N ASN D 595 6.22 35.48 -7.86
CA ASN D 595 5.89 34.53 -6.80
C ASN D 595 4.61 33.76 -7.08
N ARG D 596 3.92 34.07 -8.15
CA ARG D 596 2.68 33.39 -8.47
C ARG D 596 2.87 32.75 -9.83
N PRO D 597 1.96 31.92 -10.33
CA PRO D 597 2.02 31.55 -11.74
C PRO D 597 1.72 32.73 -12.66
N ILE D 598 1.99 32.49 -13.95
CA ILE D 598 1.82 33.52 -14.99
C ILE D 598 0.36 33.98 -15.04
N GLY D 599 -0.55 33.04 -15.16
CA GLY D 599 -1.95 33.38 -15.10
C GLY D 599 -2.73 32.23 -14.53
N SER D 600 -3.80 32.53 -13.81
CA SER D 600 -4.60 31.48 -13.19
C SER D 600 -6.07 31.85 -13.35
N PHE D 601 -6.72 31.28 -14.34
CA PHE D 601 -8.02 31.72 -14.81
C PHE D 601 -9.12 30.76 -14.37
N LEU D 602 -10.36 31.23 -14.49
CA LEU D 602 -11.54 30.38 -14.37
C LEU D 602 -12.48 30.73 -15.50
N PHE D 603 -12.74 29.76 -16.37
CA PHE D 603 -13.60 29.97 -17.53
C PHE D 603 -15.00 29.48 -17.18
N LEU D 604 -15.99 30.35 -17.31
CA LEU D 604 -17.37 30.03 -17.01
C LEU D 604 -18.23 30.31 -18.23
N GLY D 605 -19.33 29.59 -18.36
CA GLY D 605 -20.25 29.83 -19.45
C GLY D 605 -21.23 28.71 -19.64
N PRO D 606 -21.99 28.72 -20.70
CA PRO D 606 -22.74 27.52 -21.06
C PRO D 606 -21.89 26.54 -21.84
N THR D 607 -22.48 25.49 -22.39
CA THR D 607 -21.68 24.55 -23.16
C THR D 607 -21.45 25.02 -24.59
N GLY D 608 -20.41 24.46 -25.19
CA GLY D 608 -20.10 24.69 -26.59
C GLY D 608 -19.76 26.11 -26.95
N VAL D 609 -19.17 26.87 -26.04
CA VAL D 609 -18.90 28.27 -26.30
C VAL D 609 -17.43 28.56 -26.49
N GLY D 610 -16.56 27.58 -26.31
CA GLY D 610 -15.17 27.76 -26.67
C GLY D 610 -14.22 27.89 -25.51
N LYS D 611 -14.49 27.18 -24.42
CA LYS D 611 -13.60 27.22 -23.26
C LYS D 611 -12.41 26.31 -23.47
N THR D 612 -12.68 25.02 -23.64
CA THR D 612 -11.66 24.06 -24.00
C THR D 612 -11.03 24.41 -25.35
N GLU D 613 -11.76 25.12 -26.23
CA GLU D 613 -11.15 25.62 -27.46
C GLU D 613 -10.14 26.71 -27.19
N LEU D 614 -10.42 27.62 -26.24
CA LEU D 614 -9.44 28.65 -25.98
C LEU D 614 -8.21 28.09 -25.30
N CYS D 615 -8.38 27.04 -24.49
CA CYS D 615 -7.23 26.36 -23.91
C CYS D 615 -6.40 25.66 -24.98
N LYS D 616 -7.07 25.02 -25.94
CA LYS D 616 -6.34 24.39 -27.04
C LYS D 616 -5.72 25.43 -27.96
N ALA D 617 -6.35 26.59 -28.10
CA ALA D 617 -5.79 27.64 -28.94
C ALA D 617 -4.57 28.27 -28.31
N LEU D 618 -4.56 28.37 -26.97
CA LEU D 618 -3.33 28.72 -26.27
C LEU D 618 -2.23 27.72 -26.47
N ALA D 619 -2.54 26.44 -26.30
CA ALA D 619 -1.48 25.44 -26.45
C ALA D 619 -0.95 25.42 -27.87
N ASN D 620 -1.82 25.64 -28.85
CA ASN D 620 -1.38 25.67 -30.24
C ASN D 620 -0.60 26.93 -30.55
N PHE D 621 -0.98 28.06 -29.95
CA PHE D 621 -0.26 29.30 -30.16
C PHE D 621 1.13 29.20 -29.57
N MET D 622 1.18 28.89 -28.29
CA MET D 622 2.38 28.96 -27.50
C MET D 622 3.34 27.83 -27.82
N PHE D 623 2.82 26.69 -28.26
CA PHE D 623 3.55 25.44 -28.27
C PHE D 623 3.47 24.67 -29.57
N ASP D 624 2.82 25.22 -30.60
CA ASP D 624 2.66 24.64 -31.93
C ASP D 624 1.87 23.32 -31.96
N SER D 625 1.19 22.95 -30.87
CA SER D 625 0.36 21.75 -30.88
C SER D 625 -0.74 21.89 -29.86
N ASP D 626 -1.91 21.33 -30.16
CA ASP D 626 -2.99 21.30 -29.16
C ASP D 626 -2.67 20.34 -28.04
N GLU D 627 -2.02 19.24 -28.35
CA GLU D 627 -1.70 18.22 -27.36
C GLU D 627 -0.33 18.44 -26.77
N ALA D 628 -0.06 19.69 -26.40
CA ALA D 628 1.13 20.06 -25.67
C ALA D 628 0.62 20.94 -24.57
N MET D 629 0.13 20.31 -23.51
CA MET D 629 -0.49 20.95 -22.38
C MET D 629 -0.71 19.88 -21.34
N VAL D 630 -0.74 20.29 -20.08
CA VAL D 630 -0.93 19.34 -19.00
C VAL D 630 -2.44 19.30 -18.78
N ARG D 631 -3.10 18.42 -19.52
CA ARG D 631 -4.55 18.37 -19.53
C ARG D 631 -5.02 17.40 -18.47
N ILE D 632 -5.74 17.91 -17.48
CA ILE D 632 -6.24 17.13 -16.38
C ILE D 632 -7.74 17.18 -16.44
N ASP D 633 -8.36 16.02 -16.58
CA ASP D 633 -9.80 15.91 -16.72
C ASP D 633 -10.39 15.76 -15.34
N MET D 634 -10.83 16.87 -14.78
CA MET D 634 -11.16 16.99 -13.37
C MET D 634 -12.39 16.21 -12.96
N SER D 635 -13.16 15.70 -13.91
CA SER D 635 -14.31 14.91 -13.57
C SER D 635 -13.94 13.49 -13.17
N GLU D 636 -12.70 13.09 -13.35
CA GLU D 636 -12.13 11.89 -12.78
C GLU D 636 -11.82 12.02 -11.31
N PHE D 637 -11.97 13.21 -10.72
CA PHE D 637 -11.55 13.48 -9.36
C PHE D 637 -12.75 13.65 -8.44
N MET D 638 -13.79 12.86 -8.64
CA MET D 638 -14.99 12.99 -7.85
C MET D 638 -14.90 12.30 -6.51
N GLU D 639 -13.72 11.86 -6.12
CA GLU D 639 -13.46 11.23 -4.84
C GLU D 639 -12.46 12.07 -4.06
N LYS D 640 -12.03 11.56 -2.92
CA LYS D 640 -11.15 12.30 -2.04
C LYS D 640 -9.71 11.78 -2.10
N HIS D 641 -9.46 10.74 -2.88
CA HIS D 641 -8.13 10.17 -3.03
C HIS D 641 -7.57 10.37 -4.44
N SER D 642 -8.31 11.04 -5.28
CA SER D 642 -7.77 11.44 -6.56
C SER D 642 -6.80 12.60 -6.45
N VAL D 643 -6.78 13.23 -5.28
CA VAL D 643 -5.64 14.05 -4.87
C VAL D 643 -4.35 13.24 -4.92
N SER D 644 -4.40 11.99 -4.48
CA SER D 644 -3.22 11.13 -4.60
C SER D 644 -2.97 10.73 -6.03
N ARG D 645 -4.02 10.74 -6.87
CA ARG D 645 -3.74 10.61 -8.31
C ARG D 645 -2.86 11.75 -8.82
N LEU D 646 -3.11 13.00 -8.41
CA LEU D 646 -2.30 14.07 -9.00
C LEU D 646 -1.04 14.47 -8.23
N VAL D 647 -0.90 14.14 -6.94
CA VAL D 647 0.30 14.50 -6.17
C VAL D 647 1.26 13.33 -6.04
N GLY D 648 0.77 12.17 -5.65
CA GLY D 648 1.62 11.00 -5.62
C GLY D 648 1.41 10.16 -4.37
N ALA D 649 1.89 8.94 -4.38
CA ALA D 649 1.74 8.17 -3.17
C ALA D 649 2.76 8.61 -2.14
N PRO D 650 2.40 8.64 -0.86
CA PRO D 650 3.34 9.02 0.16
C PRO D 650 4.31 7.90 0.44
N PRO D 651 5.37 8.13 1.23
CA PRO D 651 6.38 7.07 1.42
C PRO D 651 5.84 5.81 2.07
N GLY D 652 6.21 4.69 1.48
CA GLY D 652 5.79 3.40 1.95
C GLY D 652 4.56 2.83 1.28
N TYR D 653 4.18 3.34 0.13
CA TYR D 653 2.93 2.96 -0.51
C TYR D 653 3.21 2.49 -1.94
N VAL D 654 2.14 2.10 -2.65
CA VAL D 654 2.29 1.33 -3.88
C VAL D 654 2.82 2.21 -5.00
N GLY D 655 2.11 3.28 -5.32
CA GLY D 655 2.51 4.07 -6.47
C GLY D 655 3.54 5.14 -6.14
N TYR D 656 4.47 4.83 -5.23
CA TYR D 656 5.37 5.84 -4.70
C TYR D 656 6.44 6.22 -5.69
N GLU D 657 7.07 5.22 -6.32
CA GLU D 657 8.21 5.47 -7.19
C GLU D 657 7.83 6.16 -8.47
N GLU D 658 6.56 6.09 -8.86
CA GLU D 658 6.13 6.65 -10.12
C GLU D 658 5.85 8.14 -10.04
N GLY D 659 5.97 8.73 -8.88
CA GLY D 659 5.76 10.15 -8.74
C GLY D 659 4.28 10.47 -8.78
N GLY D 660 4.00 11.75 -9.01
CA GLY D 660 2.66 12.21 -9.24
C GLY D 660 2.33 12.23 -10.72
N TYR D 661 1.38 13.06 -11.07
CA TYR D 661 1.09 13.31 -12.47
C TYR D 661 1.26 14.76 -12.87
N LEU D 662 0.70 15.66 -12.09
CA LEU D 662 0.86 17.09 -12.34
C LEU D 662 2.27 17.55 -12.01
N THR D 663 2.84 17.00 -10.94
CA THR D 663 4.15 17.45 -10.49
C THR D 663 5.24 16.99 -11.43
N GLU D 664 5.16 15.75 -11.93
CA GLU D 664 6.15 15.30 -12.90
C GLU D 664 6.01 16.02 -14.24
N ALA D 665 4.78 16.22 -14.69
CA ALA D 665 4.56 16.89 -15.98
C ALA D 665 5.03 18.33 -15.97
N VAL D 666 4.89 19.02 -14.83
CA VAL D 666 5.43 20.38 -14.78
C VAL D 666 6.92 20.36 -14.47
N ARG D 667 7.43 19.35 -13.78
CA ARG D 667 8.84 19.36 -13.44
C ARG D 667 9.72 18.96 -14.62
N ARG D 668 9.19 18.21 -15.58
CA ARG D 668 9.85 18.08 -16.87
C ARG D 668 9.89 19.42 -17.59
N ARG D 669 8.73 19.99 -17.88
CA ARG D 669 8.65 21.25 -18.62
C ARG D 669 8.04 22.33 -17.75
N PRO D 670 8.84 23.27 -17.23
CA PRO D 670 8.31 24.23 -16.26
C PRO D 670 7.49 25.33 -16.87
N TYR D 671 7.57 25.54 -18.18
CA TYR D 671 6.77 26.52 -18.90
C TYR D 671 5.71 25.77 -19.68
N SER D 672 4.49 25.73 -19.15
CA SER D 672 3.46 24.91 -19.73
C SER D 672 2.10 25.51 -19.44
N VAL D 673 1.07 24.89 -20.01
CA VAL D 673 -0.31 25.31 -19.86
C VAL D 673 -1.04 24.15 -19.21
N ILE D 674 -1.68 24.42 -18.09
CA ILE D 674 -2.29 23.36 -17.30
C ILE D 674 -3.80 23.52 -17.39
N LEU D 675 -4.44 22.58 -18.04
CA LEU D 675 -5.88 22.61 -18.22
C LEU D 675 -6.55 21.75 -17.18
N LEU D 676 -7.55 22.31 -16.52
CA LEU D 676 -8.33 21.60 -15.52
C LEU D 676 -9.75 21.69 -16.03
N ASP D 677 -10.18 20.67 -16.75
CA ASP D 677 -11.37 20.73 -17.56
C ASP D 677 -12.58 20.29 -16.75
N ALA D 678 -13.64 21.09 -16.80
CA ALA D 678 -14.92 20.85 -16.11
C ALA D 678 -14.69 20.68 -14.61
N VAL D 679 -14.23 21.75 -13.98
CA VAL D 679 -13.61 21.61 -12.66
C VAL D 679 -14.66 21.51 -11.56
N GLU D 680 -15.91 21.86 -11.84
CA GLU D 680 -16.96 21.77 -10.84
C GLU D 680 -17.38 20.34 -10.55
N LYS D 681 -16.96 19.38 -11.37
CA LYS D 681 -17.33 17.99 -11.18
C LYS D 681 -16.61 17.36 -10.02
N ALA D 682 -15.45 17.89 -9.64
CA ALA D 682 -14.58 17.24 -8.70
C ALA D 682 -15.11 17.41 -7.28
N HIS D 683 -14.36 16.86 -6.33
CA HIS D 683 -14.58 16.94 -4.90
C HIS D 683 -13.63 17.98 -4.33
N PRO D 684 -14.08 18.83 -3.39
CA PRO D 684 -13.35 20.08 -3.08
C PRO D 684 -11.94 19.94 -2.47
N ASP D 685 -11.50 18.74 -2.13
CA ASP D 685 -10.15 18.62 -1.60
C ASP D 685 -9.09 18.86 -2.68
N VAL D 686 -9.46 18.58 -3.92
CA VAL D 686 -8.56 18.87 -5.03
C VAL D 686 -8.37 20.36 -5.14
N PHE D 687 -9.40 21.13 -4.80
CA PHE D 687 -9.26 22.57 -4.75
C PHE D 687 -8.38 23.02 -3.60
N ASN D 688 -8.23 22.22 -2.56
CA ASN D 688 -7.23 22.60 -1.55
C ASN D 688 -5.79 22.46 -2.07
N ILE D 689 -5.52 21.36 -2.80
CA ILE D 689 -4.23 21.22 -3.49
C ILE D 689 -3.98 22.40 -4.43
N LEU D 690 -5.03 22.81 -5.12
CA LEU D 690 -4.92 23.97 -5.99
C LEU D 690 -4.70 25.27 -5.22
N LEU D 691 -5.12 25.36 -3.95
CA LEU D 691 -4.81 26.56 -3.17
C LEU D 691 -3.32 26.77 -3.06
N GLN D 692 -2.59 25.70 -2.76
CA GLN D 692 -1.13 25.80 -2.72
C GLN D 692 -0.54 26.24 -4.06
N VAL D 693 -0.98 25.54 -5.12
CA VAL D 693 -0.50 25.78 -6.49
C VAL D 693 -0.74 27.22 -6.93
N LEU D 694 -1.94 27.72 -6.71
CA LEU D 694 -2.29 29.02 -7.25
C LEU D 694 -1.72 30.16 -6.45
N ASP D 695 -1.58 30.02 -5.13
CA ASP D 695 -1.02 31.16 -4.39
C ASP D 695 0.47 31.27 -4.62
N ASP D 696 1.24 30.24 -4.29
CA ASP D 696 2.67 30.47 -4.23
C ASP D 696 3.45 29.68 -5.26
N GLY D 697 2.76 29.09 -6.23
CA GLY D 697 3.42 28.44 -7.34
C GLY D 697 4.25 27.25 -6.95
N ARG D 698 3.88 26.54 -5.91
CA ARG D 698 4.65 25.39 -5.46
C ARG D 698 3.71 24.25 -5.15
N LEU D 699 4.21 23.04 -5.35
CA LEU D 699 3.46 21.85 -5.00
C LEU D 699 4.47 20.78 -4.65
N THR D 700 4.35 20.21 -3.47
CA THR D 700 5.24 19.15 -3.03
C THR D 700 4.61 17.81 -3.37
N ASP D 701 5.36 16.94 -4.02
CA ASP D 701 4.80 15.64 -4.32
C ASP D 701 5.13 14.65 -3.21
N GLY D 702 4.79 13.38 -3.42
CA GLY D 702 4.89 12.41 -2.35
C GLY D 702 6.32 12.04 -1.99
N GLN D 703 7.23 12.23 -2.92
CA GLN D 703 8.65 12.02 -2.67
C GLN D 703 9.32 13.23 -2.03
N GLY D 704 8.54 14.25 -1.69
CA GLY D 704 9.02 15.37 -0.91
C GLY D 704 9.84 16.39 -1.65
N ARG D 705 9.68 16.49 -2.97
CA ARG D 705 10.38 17.50 -3.74
C ARG D 705 9.40 18.52 -4.30
N THR D 706 9.62 19.78 -4.01
CA THR D 706 8.70 20.82 -4.42
C THR D 706 8.92 21.14 -5.88
N VAL D 707 7.83 21.42 -6.58
CA VAL D 707 7.84 21.68 -8.01
C VAL D 707 7.40 23.12 -8.23
N ASP D 708 8.16 23.85 -9.03
CA ASP D 708 7.97 25.29 -9.22
C ASP D 708 6.94 25.50 -10.30
N PHE D 709 5.71 25.85 -9.94
CA PHE D 709 4.67 26.09 -10.93
C PHE D 709 4.60 27.54 -11.35
N ARG D 710 5.63 28.32 -11.12
CA ARG D 710 5.50 29.76 -11.28
C ARG D 710 5.61 30.22 -12.73
N ASN D 711 6.00 29.35 -13.64
CA ASN D 711 6.05 29.69 -15.04
C ASN D 711 4.95 29.01 -15.84
N THR D 712 3.82 28.72 -15.21
CA THR D 712 2.74 28.02 -15.87
C THR D 712 1.50 28.89 -15.89
N VAL D 713 0.61 28.58 -16.84
CA VAL D 713 -0.70 29.19 -16.91
C VAL D 713 -1.71 28.12 -16.55
N VAL D 714 -2.46 28.35 -15.48
CA VAL D 714 -3.45 27.40 -14.99
C VAL D 714 -4.82 27.88 -15.46
N ILE D 715 -5.55 27.04 -16.18
CA ILE D 715 -6.87 27.39 -16.67
C ILE D 715 -7.86 26.35 -16.16
N MET D 716 -8.97 26.83 -15.63
CA MET D 716 -10.01 25.98 -15.06
C MET D 716 -11.31 26.30 -15.76
N THR D 717 -11.79 25.38 -16.58
CA THR D 717 -13.05 25.56 -17.27
C THR D 717 -14.17 24.98 -16.44
N SER D 718 -15.32 25.62 -16.46
CA SER D 718 -16.48 25.16 -15.72
C SER D 718 -17.71 25.78 -16.35
N ASN D 719 -18.89 25.34 -15.91
CA ASN D 719 -20.09 25.94 -16.46
C ASN D 719 -21.08 26.32 -15.37
N LEU D 720 -20.60 26.96 -14.31
CA LEU D 720 -21.41 27.13 -13.10
C LEU D 720 -22.55 28.12 -13.27
N GLY D 721 -22.48 29.01 -14.23
CA GLY D 721 -23.58 29.93 -14.38
C GLY D 721 -24.31 29.78 -15.70
N SER D 722 -24.49 28.54 -16.15
CA SER D 722 -25.03 28.28 -17.48
C SER D 722 -26.43 28.84 -17.64
N ASP D 723 -27.31 28.55 -16.68
CA ASP D 723 -28.68 29.03 -16.73
C ASP D 723 -28.74 30.54 -16.55
N LEU D 724 -27.86 31.06 -15.71
CA LEU D 724 -27.87 32.48 -15.41
C LEU D 724 -27.32 33.30 -16.57
N ILE D 725 -26.27 32.81 -17.22
CA ILE D 725 -25.72 33.48 -18.40
C ILE D 725 -26.68 33.36 -19.57
N GLN D 726 -27.29 32.19 -19.76
CA GLN D 726 -28.25 32.04 -20.85
C GLN D 726 -29.51 32.84 -20.62
N GLU D 727 -29.87 33.10 -19.36
CA GLU D 727 -31.10 33.83 -19.11
C GLU D 727 -30.89 35.33 -19.15
N ARG D 728 -29.74 35.83 -18.68
CA ARG D 728 -29.59 37.27 -18.53
C ARG D 728 -28.39 37.86 -19.24
N PHE D 729 -27.87 37.25 -20.31
CA PHE D 729 -26.75 37.91 -20.98
C PHE D 729 -27.23 39.12 -21.76
N GLY D 730 -28.42 39.07 -22.32
CA GLY D 730 -29.08 40.28 -22.74
C GLY D 730 -29.45 41.14 -21.54
N GLU D 731 -29.67 42.43 -21.82
CA GLU D 731 -30.03 43.51 -20.88
C GLU D 731 -29.08 43.62 -19.66
N LEU D 732 -27.89 43.03 -19.72
CA LEU D 732 -26.85 43.27 -18.73
C LEU D 732 -25.54 43.50 -19.44
N ASP D 733 -24.70 44.33 -18.83
CA ASP D 733 -23.35 44.55 -19.33
C ASP D 733 -22.45 43.39 -18.88
N TYR D 734 -21.15 43.56 -19.04
CA TYR D 734 -20.25 42.48 -18.66
C TYR D 734 -20.00 42.45 -17.15
N ALA D 735 -19.96 43.62 -16.51
CA ALA D 735 -19.57 43.69 -15.11
C ALA D 735 -20.62 43.09 -14.20
N HIS D 736 -21.89 43.40 -14.44
CA HIS D 736 -22.95 42.90 -13.58
C HIS D 736 -23.16 41.41 -13.81
N MET D 737 -22.97 40.95 -15.05
CA MET D 737 -22.97 39.53 -15.35
C MET D 737 -21.87 38.81 -14.59
N LYS D 738 -20.66 39.38 -14.58
CA LYS D 738 -19.56 38.78 -13.83
C LYS D 738 -19.85 38.75 -12.35
N GLU D 739 -20.47 39.82 -11.83
CA GLU D 739 -20.85 39.87 -10.42
C GLU D 739 -21.84 38.78 -10.05
N LEU D 740 -22.82 38.54 -10.90
CA LEU D 740 -23.87 37.59 -10.57
C LEU D 740 -23.38 36.15 -10.70
N VAL D 741 -22.65 35.85 -11.77
CA VAL D 741 -22.07 34.51 -11.88
C VAL D 741 -20.97 34.31 -10.85
N LEU D 742 -20.35 35.38 -10.36
CA LEU D 742 -19.33 35.21 -9.34
C LEU D 742 -19.96 34.96 -7.99
N GLY D 743 -21.20 35.45 -7.79
CA GLY D 743 -21.97 35.00 -6.64
C GLY D 743 -22.27 33.52 -6.68
N VAL D 744 -22.59 33.00 -7.86
CA VAL D 744 -22.82 31.55 -7.99
C VAL D 744 -21.55 30.75 -7.70
N VAL D 745 -20.41 31.25 -8.22
CA VAL D 745 -19.11 30.63 -7.96
C VAL D 745 -18.77 30.69 -6.48
N SER D 746 -19.15 31.78 -5.80
CA SER D 746 -18.95 31.90 -4.36
C SER D 746 -19.76 30.88 -3.60
N HIS D 747 -20.93 30.51 -4.11
CA HIS D 747 -21.66 29.42 -3.48
C HIS D 747 -20.98 28.08 -3.68
N ASN D 748 -20.39 27.83 -4.85
CA ASN D 748 -19.81 26.50 -5.04
C ASN D 748 -18.42 26.36 -4.40
N PHE D 749 -17.55 27.34 -4.56
CA PHE D 749 -16.18 27.25 -4.10
C PHE D 749 -16.03 27.94 -2.75
N ARG D 750 -14.82 28.00 -2.26
CA ARG D 750 -14.56 28.64 -0.97
C ARG D 750 -13.95 30.01 -1.17
N PRO D 751 -14.07 30.92 -0.19
CA PRO D 751 -13.48 32.25 -0.36
C PRO D 751 -11.97 32.25 -0.38
N GLU D 752 -11.35 31.17 0.08
CA GLU D 752 -9.93 30.94 -0.16
C GLU D 752 -9.68 30.84 -1.65
N PHE D 753 -10.38 29.91 -2.30
CA PHE D 753 -9.97 29.44 -3.62
C PHE D 753 -10.24 30.47 -4.70
N ILE D 754 -11.35 31.19 -4.61
CA ILE D 754 -11.67 32.16 -5.65
C ILE D 754 -11.08 33.51 -5.29
N ASN D 755 -10.17 33.51 -4.32
CA ASN D 755 -9.37 34.67 -4.05
C ASN D 755 -8.00 34.57 -4.69
N ARG D 756 -7.55 33.35 -5.01
CA ARG D 756 -6.30 33.16 -5.73
C ARG D 756 -6.48 33.16 -7.23
N ILE D 757 -7.72 33.18 -7.73
CA ILE D 757 -7.96 33.19 -9.16
C ILE D 757 -7.55 34.55 -9.72
N ASP D 758 -6.74 34.53 -10.78
CA ASP D 758 -6.25 35.78 -11.36
C ASP D 758 -7.38 36.54 -12.02
N GLU D 759 -8.17 35.88 -12.86
CA GLU D 759 -9.31 36.55 -13.44
C GLU D 759 -10.40 35.54 -13.75
N VAL D 760 -11.63 35.91 -13.44
CA VAL D 760 -12.80 35.09 -13.73
C VAL D 760 -13.45 35.66 -14.98
N VAL D 761 -13.26 35.04 -16.13
CA VAL D 761 -13.89 35.54 -17.34
C VAL D 761 -15.14 34.71 -17.61
N VAL D 762 -16.10 35.36 -18.26
CA VAL D 762 -17.44 34.82 -18.43
C VAL D 762 -17.68 34.66 -19.91
N PHE D 763 -18.09 33.47 -20.33
CA PHE D 763 -18.25 33.27 -21.75
C PHE D 763 -19.69 33.54 -22.17
N HIS D 764 -19.86 34.07 -23.34
CA HIS D 764 -21.19 34.39 -23.74
C HIS D 764 -21.74 33.33 -24.68
N PRO D 765 -23.06 33.16 -24.75
CA PRO D 765 -23.62 32.21 -25.72
C PRO D 765 -23.40 32.67 -27.14
N LEU D 766 -23.40 31.72 -28.06
CA LEU D 766 -23.05 32.01 -29.44
C LEU D 766 -24.30 32.36 -30.23
N GLY D 767 -24.19 33.45 -30.99
CA GLY D 767 -25.29 33.97 -31.80
C GLY D 767 -25.19 33.43 -33.22
N GLU D 768 -25.99 34.03 -34.12
CA GLU D 768 -26.12 33.51 -35.48
C GLU D 768 -24.87 33.77 -36.29
N GLN D 769 -24.31 34.99 -36.18
CA GLN D 769 -23.08 35.31 -36.89
C GLN D 769 -21.91 34.47 -36.40
N HIS D 770 -21.89 34.15 -35.10
CA HIS D 770 -20.83 33.33 -34.54
C HIS D 770 -20.91 31.92 -35.08
N ILE D 771 -22.11 31.36 -35.14
CA ILE D 771 -22.26 30.00 -35.63
C ILE D 771 -22.06 29.94 -37.15
N ALA D 772 -22.30 31.04 -37.86
CA ALA D 772 -21.90 31.10 -39.27
C ALA D 772 -20.38 31.05 -39.42
N SER D 773 -19.66 31.76 -38.55
CA SER D 773 -18.20 31.76 -38.66
C SER D 773 -17.61 30.41 -38.24
N ILE D 774 -18.17 29.80 -37.19
CA ILE D 774 -17.75 28.48 -36.75
C ILE D 774 -18.08 27.45 -37.81
N ALA D 775 -19.18 27.66 -38.54
CA ALA D 775 -19.53 26.78 -39.64
C ALA D 775 -18.49 26.85 -40.74
N GLN D 776 -17.98 28.04 -41.02
CA GLN D 776 -16.90 28.13 -42.01
C GLN D 776 -15.61 27.47 -41.52
N ILE D 777 -15.32 27.55 -40.23
CA ILE D 777 -14.13 26.88 -39.69
C ILE D 777 -14.24 25.36 -39.82
N GLN D 778 -15.40 24.81 -39.46
CA GLN D 778 -15.56 23.36 -39.53
C GLN D 778 -15.64 22.87 -40.96
N LEU D 779 -16.18 23.68 -41.87
CA LEU D 779 -16.15 23.29 -43.26
C LEU D 779 -14.74 23.38 -43.84
N LYS D 780 -13.90 24.29 -43.35
CA LYS D 780 -12.51 24.31 -43.80
C LYS D 780 -11.76 23.06 -43.36
N ARG D 781 -12.01 22.57 -42.14
CA ARG D 781 -11.32 21.34 -41.79
C ARG D 781 -11.92 20.12 -42.50
N LEU D 782 -13.20 20.16 -42.88
CA LEU D 782 -13.73 19.07 -43.70
C LEU D 782 -13.13 19.09 -45.11
N TYR D 783 -12.90 20.29 -45.65
CA TYR D 783 -12.21 20.41 -46.93
C TYR D 783 -10.80 19.89 -46.82
N LYS D 784 -10.17 20.08 -45.67
CA LYS D 784 -8.83 19.56 -45.43
C LYS D 784 -8.82 18.02 -45.42
N ARG D 785 -9.80 17.40 -44.75
CA ARG D 785 -9.87 15.93 -44.76
C ARG D 785 -10.12 15.39 -46.15
N LEU D 786 -11.03 16.01 -46.89
CA LEU D 786 -11.35 15.48 -48.21
C LEU D 786 -10.27 15.79 -49.24
N GLU D 787 -9.49 16.85 -49.02
CA GLU D 787 -8.34 17.10 -49.87
C GLU D 787 -7.23 16.10 -49.59
N GLU D 788 -7.01 15.76 -48.32
CA GLU D 788 -6.04 14.73 -48.01
C GLU D 788 -6.51 13.35 -48.44
N ARG D 789 -7.81 13.17 -48.63
CA ARG D 789 -8.31 11.95 -49.25
C ARG D 789 -8.18 12.02 -50.78
N GLY D 790 -8.31 13.20 -51.36
CA GLY D 790 -8.14 13.37 -52.79
C GLY D 790 -9.33 13.98 -53.48
N TYR D 791 -10.20 14.65 -52.73
CA TYR D 791 -11.44 15.20 -53.24
C TYR D 791 -11.46 16.71 -53.03
N GLU D 792 -12.33 17.38 -53.77
CA GLU D 792 -12.47 18.83 -53.67
C GLU D 792 -13.95 19.18 -53.58
N ILE D 793 -14.28 20.08 -52.65
CA ILE D 793 -15.66 20.51 -52.46
C ILE D 793 -15.72 22.03 -52.47
N HIS D 794 -16.55 22.58 -53.34
CA HIS D 794 -17.12 23.90 -53.12
C HIS D 794 -18.52 23.72 -52.55
N ILE D 795 -18.95 24.66 -51.73
CA ILE D 795 -20.27 24.60 -51.13
C ILE D 795 -21.08 25.77 -51.67
N SER D 796 -22.40 25.61 -51.68
CA SER D 796 -23.27 26.70 -52.08
C SER D 796 -23.57 27.59 -50.88
N ASP D 797 -23.83 28.87 -51.15
CA ASP D 797 -24.11 29.80 -50.08
C ASP D 797 -25.48 29.56 -49.47
N GLU D 798 -26.43 29.06 -50.25
CA GLU D 798 -27.69 28.63 -49.69
C GLU D 798 -27.52 27.40 -48.81
N ALA D 799 -26.58 26.51 -49.18
CA ALA D 799 -26.29 25.35 -48.35
C ALA D 799 -25.63 25.77 -47.05
N LEU D 800 -24.81 26.81 -47.08
CA LEU D 800 -24.26 27.33 -45.84
C LEU D 800 -25.32 28.02 -45.01
N LYS D 801 -26.35 28.57 -45.65
CA LYS D 801 -27.49 29.07 -44.87
C LYS D 801 -28.26 27.93 -44.22
N LEU D 802 -28.42 26.81 -44.92
CA LEU D 802 -29.09 25.65 -44.32
C LEU D 802 -28.28 25.08 -43.16
N LEU D 803 -26.96 25.11 -43.26
CA LEU D 803 -26.15 24.66 -42.13
C LEU D 803 -26.25 25.64 -40.97
N SER D 804 -26.15 26.93 -41.23
CA SER D 804 -26.20 27.90 -40.16
C SER D 804 -27.61 28.12 -39.62
N GLU D 805 -28.64 27.58 -40.26
CA GLU D 805 -29.98 27.66 -39.72
C GLU D 805 -30.51 26.36 -39.16
N ASN D 806 -29.95 25.22 -39.55
CA ASN D 806 -30.33 23.94 -38.95
C ASN D 806 -29.40 23.56 -37.82
N GLY D 807 -28.53 24.46 -37.40
CA GLY D 807 -27.62 24.20 -36.30
C GLY D 807 -27.56 25.35 -35.33
N TYR D 808 -28.65 26.08 -35.17
CA TYR D 808 -28.70 27.19 -34.22
C TYR D 808 -29.74 26.90 -33.14
N ASP D 809 -29.27 26.78 -31.90
CA ASP D 809 -30.09 26.91 -30.71
C ASP D 809 -29.18 27.33 -29.56
N PRO D 810 -29.63 28.24 -28.71
CA PRO D 810 -28.71 28.85 -27.74
C PRO D 810 -28.36 27.95 -26.59
N VAL D 811 -29.15 26.91 -26.31
CA VAL D 811 -28.91 26.12 -25.11
C VAL D 811 -27.69 25.23 -25.23
N TYR D 812 -27.27 24.89 -26.44
CA TYR D 812 -26.19 23.91 -26.63
C TYR D 812 -24.99 24.48 -27.37
N GLY D 813 -24.94 25.78 -27.59
CA GLY D 813 -23.75 26.39 -28.14
C GLY D 813 -23.48 26.11 -29.59
N ALA D 814 -22.37 25.43 -29.87
CA ALA D 814 -21.92 25.22 -31.24
C ALA D 814 -21.54 23.78 -31.54
N ARG D 815 -21.92 22.85 -30.71
CA ARG D 815 -21.93 21.44 -31.09
C ARG D 815 -23.12 21.00 -31.97
N PRO D 816 -24.36 21.54 -31.85
CA PRO D 816 -25.38 21.20 -32.85
C PRO D 816 -25.02 21.58 -34.26
N LEU D 817 -24.22 22.63 -34.43
CA LEU D 817 -23.65 22.92 -35.74
C LEU D 817 -22.78 21.79 -36.24
N LYS D 818 -21.94 21.22 -35.37
CA LYS D 818 -21.08 20.13 -35.78
C LYS D 818 -21.88 18.88 -36.09
N ARG D 819 -22.96 18.65 -35.36
CA ARG D 819 -23.83 17.52 -35.66
C ARG D 819 -24.60 17.73 -36.95
N ALA D 820 -25.01 18.96 -37.24
CA ALA D 820 -25.72 19.22 -38.48
C ALA D 820 -24.80 19.09 -39.68
N ILE D 821 -23.55 19.54 -39.55
CA ILE D 821 -22.55 19.32 -40.59
C ILE D 821 -22.34 17.83 -40.81
N GLN D 822 -22.17 17.10 -39.70
CA GLN D 822 -21.94 15.67 -39.71
C GLN D 822 -23.04 14.92 -40.43
N GLN D 823 -24.29 15.11 -39.99
CA GLN D 823 -25.43 14.48 -40.64
C GLN D 823 -25.62 14.97 -42.07
N GLN D 824 -26.01 16.24 -42.24
CA GLN D 824 -26.44 16.77 -43.52
C GLN D 824 -25.35 16.88 -44.57
N ILE D 825 -24.09 16.64 -44.25
CA ILE D 825 -23.10 16.53 -45.31
C ILE D 825 -22.46 15.15 -45.27
N GLU D 826 -21.84 14.79 -44.14
CA GLU D 826 -20.99 13.62 -44.13
C GLU D 826 -21.75 12.31 -44.16
N ASN D 827 -23.07 12.27 -43.86
CA ASN D 827 -23.65 10.95 -44.06
C ASN D 827 -23.96 10.67 -45.53
N PRO D 828 -24.59 11.58 -46.31
CA PRO D 828 -24.74 11.27 -47.74
C PRO D 828 -23.44 11.30 -48.50
N LEU D 829 -22.47 12.10 -48.07
CA LEU D 829 -21.21 12.14 -48.80
C LEU D 829 -20.41 10.87 -48.60
N ALA D 830 -20.49 10.26 -47.42
CA ALA D 830 -19.86 8.97 -47.21
C ALA D 830 -20.63 7.87 -47.91
N GLN D 831 -21.96 8.00 -48.00
CA GLN D 831 -22.75 7.07 -48.79
C GLN D 831 -22.37 7.12 -50.28
N GLN D 832 -22.01 8.30 -50.78
CA GLN D 832 -21.68 8.43 -52.20
C GLN D 832 -20.22 8.13 -52.51
N ILE D 833 -19.30 8.41 -51.60
CA ILE D 833 -17.89 8.10 -51.85
C ILE D 833 -17.66 6.60 -51.83
N LEU D 834 -18.29 5.91 -50.89
CA LEU D 834 -18.14 4.46 -50.80
C LEU D 834 -18.87 3.74 -51.92
N SER D 835 -19.86 4.37 -52.53
CA SER D 835 -20.61 3.71 -53.59
C SER D 835 -19.91 3.75 -54.93
N GLY D 836 -18.75 4.40 -55.03
CA GLY D 836 -18.13 4.63 -56.30
C GLY D 836 -18.78 5.70 -57.14
N GLU D 837 -19.74 6.44 -56.57
CA GLU D 837 -20.54 7.37 -57.35
C GLU D 837 -19.77 8.66 -57.60
N LEU D 838 -18.92 9.06 -56.66
CA LEU D 838 -18.14 10.29 -56.79
C LEU D 838 -16.68 9.95 -57.05
N VAL D 839 -16.10 10.64 -58.03
CA VAL D 839 -14.83 10.24 -58.64
C VAL D 839 -13.73 11.18 -58.17
N PRO D 840 -12.54 10.67 -57.85
CA PRO D 840 -11.41 11.56 -57.53
C PRO D 840 -11.01 12.41 -58.71
N GLY D 841 -11.11 13.73 -58.54
CA GLY D 841 -10.65 14.64 -59.56
C GLY D 841 -11.70 15.57 -60.14
N LYS D 842 -12.82 15.72 -59.44
CA LYS D 842 -13.88 16.62 -59.87
C LYS D 842 -14.38 17.42 -58.68
N VAL D 843 -14.86 18.62 -58.95
CA VAL D 843 -15.35 19.50 -57.89
C VAL D 843 -16.74 19.02 -57.47
N ILE D 844 -16.90 18.78 -56.18
CA ILE D 844 -18.17 18.31 -55.62
C ILE D 844 -18.93 19.53 -55.15
N ARG D 845 -19.92 19.97 -55.93
CA ARG D 845 -20.71 21.13 -55.54
C ARG D 845 -21.81 20.67 -54.60
N LEU D 846 -21.77 21.14 -53.35
CA LEU D 846 -22.82 20.87 -52.38
C LEU D 846 -23.98 21.84 -52.63
N GLU D 847 -24.82 21.48 -53.59
CA GLU D 847 -25.98 22.29 -53.91
C GLU D 847 -27.14 21.90 -53.03
N VAL D 848 -28.29 22.52 -53.26
CA VAL D 848 -29.46 22.34 -52.40
C VAL D 848 -30.62 21.77 -53.21
N ASN D 849 -31.39 20.92 -52.56
CA ASN D 849 -32.77 20.64 -52.94
C ASN D 849 -33.65 21.60 -52.15
N GLU D 850 -34.95 21.29 -52.07
CA GLU D 850 -35.88 22.14 -51.32
C GLU D 850 -35.55 22.18 -49.84
N ASP D 851 -35.06 21.07 -49.27
CA ASP D 851 -34.66 21.05 -47.87
C ASP D 851 -33.35 20.33 -47.60
N ARG D 852 -32.68 19.78 -48.61
CA ARG D 852 -31.54 18.91 -48.38
C ARG D 852 -30.32 19.38 -49.15
N ILE D 853 -29.16 19.29 -48.52
CA ILE D 853 -27.91 19.47 -49.22
C ILE D 853 -27.61 18.18 -49.98
N VAL D 854 -27.38 18.29 -51.28
CA VAL D 854 -27.07 17.14 -52.10
C VAL D 854 -25.76 17.41 -52.83
N ALA D 855 -25.04 16.35 -53.16
CA ALA D 855 -23.76 16.45 -53.84
C ALA D 855 -23.90 16.03 -55.29
N VAL D 856 -23.21 16.75 -56.18
CA VAL D 856 -23.26 16.51 -57.60
C VAL D 856 -21.84 16.39 -58.14
N GLN D 857 -21.73 16.12 -59.44
CA GLN D 857 -20.45 15.97 -60.13
C GLN D 857 -20.52 16.74 -61.45
N HIS D 858 -20.14 18.02 -61.41
CA HIS D 858 -20.05 18.82 -62.63
C HIS D 858 -18.78 19.66 -62.61
N GLN E 159 56.79 -13.10 19.15
CA GLN E 159 55.58 -13.91 19.06
C GLN E 159 54.51 -13.22 18.22
N ALA E 160 53.29 -13.71 18.34
CA ALA E 160 52.13 -13.07 17.75
C ALA E 160 51.48 -12.05 18.67
N LEU E 161 51.82 -12.06 19.96
CA LEU E 161 51.30 -11.06 20.86
C LEU E 161 51.93 -9.70 20.62
N LYS E 162 53.19 -9.68 20.17
CA LYS E 162 53.90 -8.44 19.91
C LYS E 162 53.66 -7.91 18.50
N LYS E 163 52.72 -8.49 17.76
CA LYS E 163 52.48 -8.05 16.40
C LYS E 163 51.02 -7.67 16.20
N TYR E 164 50.12 -8.31 16.96
CA TYR E 164 48.70 -8.18 16.69
C TYR E 164 47.86 -7.82 17.91
N THR E 165 48.40 -7.87 19.12
CA THR E 165 47.68 -7.44 20.30
C THR E 165 48.28 -6.15 20.82
N ILE E 166 47.43 -5.14 21.02
CA ILE E 166 47.86 -3.86 21.55
C ILE E 166 47.62 -3.87 23.05
N ASP E 167 48.68 -3.62 23.82
CA ASP E 167 48.57 -3.57 25.27
C ASP E 167 48.01 -2.23 25.71
N LEU E 168 47.11 -2.27 26.68
CA LEU E 168 46.59 -1.06 27.29
C LEU E 168 47.32 -0.70 28.57
N THR E 169 47.80 -1.69 29.33
CA THR E 169 48.52 -1.38 30.56
C THR E 169 49.89 -0.80 30.28
N GLU E 170 50.50 -1.14 29.14
CA GLU E 170 51.76 -0.52 28.77
C GLU E 170 51.58 0.94 28.42
N ARG E 171 50.47 1.27 27.76
CA ARG E 171 50.17 2.68 27.48
C ARG E 171 49.72 3.40 28.75
N ALA E 172 49.13 2.68 29.70
CA ALA E 172 48.69 3.30 30.94
C ALA E 172 49.86 3.60 31.85
N GLU E 173 50.86 2.72 31.85
CA GLU E 173 52.04 2.92 32.68
C GLU E 173 52.93 4.03 32.11
N GLN E 174 52.97 4.15 30.78
CA GLN E 174 53.75 5.18 30.13
C GLN E 174 53.00 6.50 29.98
N GLY E 175 51.84 6.63 30.61
CA GLY E 175 51.13 7.89 30.62
C GLY E 175 50.49 8.29 29.31
N LYS E 176 50.14 7.31 28.47
CA LYS E 176 49.54 7.64 27.19
C LYS E 176 48.03 7.78 27.26
N LEU E 177 47.37 7.13 28.23
CA LEU E 177 45.93 7.17 28.30
C LEU E 177 45.48 8.41 29.05
N ASP E 178 44.22 8.62 29.07
CA ASP E 178 43.63 9.81 29.64
C ASP E 178 43.12 9.56 31.04
N PRO E 179 43.12 10.57 31.90
CA PRO E 179 42.67 10.38 33.29
C PRO E 179 41.17 10.12 33.36
N VAL E 180 40.80 8.97 33.91
CA VAL E 180 39.42 8.52 33.94
C VAL E 180 38.83 8.88 35.29
N ILE E 181 37.72 9.61 35.28
CA ILE E 181 37.14 10.21 36.47
C ILE E 181 35.71 9.74 36.61
N GLY E 182 35.33 9.37 37.82
CA GLY E 182 34.02 8.83 38.04
C GLY E 182 34.02 7.36 37.70
N ARG E 183 32.84 6.86 37.36
CA ARG E 183 32.61 5.49 36.89
C ARG E 183 33.03 4.44 37.90
N ASP E 184 33.08 4.77 39.19
CA ASP E 184 33.51 3.79 40.17
C ASP E 184 32.45 2.71 40.35
N GLU E 185 31.18 3.09 40.19
CA GLU E 185 30.09 2.13 40.23
C GLU E 185 30.20 1.13 39.09
N GLU E 186 30.47 1.62 37.87
CA GLU E 186 30.55 0.74 36.71
C GLU E 186 31.85 -0.05 36.68
N ILE E 187 32.97 0.50 37.14
CA ILE E 187 34.21 -0.28 37.20
C ILE E 187 34.10 -1.36 38.28
N ARG E 188 33.48 -1.02 39.41
CA ARG E 188 33.25 -2.02 40.45
C ARG E 188 32.30 -3.11 39.98
N ARG E 189 31.27 -2.75 39.22
CA ARG E 189 30.36 -3.76 38.72
C ARG E 189 30.99 -4.59 37.62
N THR E 190 31.90 -4.01 36.84
CA THR E 190 32.67 -4.77 35.87
C THR E 190 33.57 -5.78 36.59
N ILE E 191 34.13 -5.39 37.72
CA ILE E 191 34.95 -6.34 38.49
C ILE E 191 34.09 -7.42 39.12
N GLN E 192 32.86 -7.08 39.55
CA GLN E 192 31.93 -8.09 40.06
C GLN E 192 31.58 -9.11 38.99
N VAL E 193 31.24 -8.64 37.79
CA VAL E 193 30.88 -9.53 36.69
C VAL E 193 32.10 -10.31 36.22
N LEU E 194 33.30 -9.74 36.36
CA LEU E 194 34.50 -10.36 35.80
C LEU E 194 34.91 -11.61 36.58
N GLN E 195 34.97 -11.53 37.90
CA GLN E 195 35.31 -12.70 38.69
C GLN E 195 34.07 -13.44 39.20
N ARG E 196 33.16 -13.75 38.28
CA ARG E 196 31.99 -14.55 38.58
C ARG E 196 32.00 -15.80 37.70
N ARG E 197 31.60 -16.93 38.28
CA ARG E 197 31.68 -18.22 37.60
C ARG E 197 30.79 -18.31 36.37
N THR E 198 29.48 -18.27 36.56
CA THR E 198 28.56 -18.27 35.44
C THR E 198 28.24 -16.84 35.02
N LYS E 199 27.93 -16.67 33.74
CA LYS E 199 27.92 -15.37 33.06
C LYS E 199 29.23 -14.62 33.32
N ASN E 200 30.31 -15.22 32.82
CA ASN E 200 31.65 -14.77 33.18
C ASN E 200 32.01 -13.47 32.49
N ASN E 201 31.76 -13.39 31.19
CA ASN E 201 32.30 -12.29 30.39
C ASN E 201 31.48 -11.02 30.58
N PRO E 202 32.11 -9.90 30.89
CA PRO E 202 31.38 -8.63 30.92
C PRO E 202 31.25 -8.05 29.53
N VAL E 203 30.15 -7.36 29.30
CA VAL E 203 29.95 -6.62 28.06
C VAL E 203 29.53 -5.20 28.44
N LEU E 204 30.16 -4.21 27.81
CA LEU E 204 29.84 -2.83 28.09
C LEU E 204 28.81 -2.35 27.07
N ILE E 205 27.70 -1.82 27.56
CA ILE E 205 26.54 -1.49 26.76
C ILE E 205 26.17 -0.04 27.01
N GLY E 206 26.21 0.76 25.97
CA GLY E 206 25.80 2.15 26.04
C GLY E 206 25.92 2.75 24.67
N GLU E 207 25.10 3.75 24.42
CA GLU E 207 25.19 4.48 23.16
C GLU E 207 26.53 5.21 23.11
N PRO E 208 27.14 5.33 21.93
CA PRO E 208 28.56 5.65 21.86
C PRO E 208 28.87 7.07 22.29
N GLY E 209 29.97 7.21 23.00
CA GLY E 209 30.37 8.49 23.55
C GLY E 209 30.29 8.57 25.06
N VAL E 210 29.69 7.57 25.71
CA VAL E 210 29.58 7.58 27.15
C VAL E 210 30.82 7.01 27.82
N GLY E 211 31.79 6.55 27.05
CA GLY E 211 33.05 6.14 27.62
C GLY E 211 33.12 4.70 28.08
N LYS E 212 32.89 3.76 27.17
CA LYS E 212 33.09 2.36 27.49
C LYS E 212 34.57 1.99 27.45
N THR E 213 35.24 2.37 26.35
CA THR E 213 36.68 2.22 26.26
C THR E 213 37.39 3.05 27.33
N ALA E 214 36.78 4.17 27.74
CA ALA E 214 37.30 4.94 28.86
C ALA E 214 37.22 4.15 30.16
N ILE E 215 36.16 3.37 30.34
CA ILE E 215 36.04 2.53 31.53
C ILE E 215 37.07 1.41 31.53
N VAL E 216 37.33 0.80 30.37
CA VAL E 216 38.33 -0.27 30.32
C VAL E 216 39.74 0.28 30.51
N GLU E 217 40.05 1.42 29.90
CA GLU E 217 41.35 2.03 30.12
C GLU E 217 41.50 2.57 31.54
N GLY E 218 40.41 2.97 32.18
CA GLY E 218 40.47 3.31 33.58
C GLY E 218 40.70 2.11 34.46
N LEU E 219 40.17 0.96 34.06
CA LEU E 219 40.50 -0.29 34.74
C LEU E 219 41.97 -0.62 34.58
N ALA E 220 42.53 -0.32 33.42
CA ALA E 220 43.96 -0.51 33.20
C ALA E 220 44.79 0.44 34.08
N GLN E 221 44.33 1.68 34.23
CA GLN E 221 45.04 2.61 35.10
C GLN E 221 44.89 2.23 36.58
N ARG E 222 43.78 1.60 36.96
CA ARG E 222 43.68 1.10 38.31
C ARG E 222 44.52 -0.15 38.53
N ILE E 223 44.78 -0.94 37.48
CA ILE E 223 45.70 -2.06 37.61
C ILE E 223 47.13 -1.55 37.79
N ILE E 224 47.54 -0.59 36.95
CA ILE E 224 48.90 -0.07 37.02
C ILE E 224 49.11 0.73 38.30
N ASN E 225 48.11 1.50 38.71
CA ASN E 225 48.19 2.17 39.99
C ASN E 225 47.97 1.22 41.16
N GLY E 226 47.42 0.03 40.91
CA GLY E 226 47.29 -0.96 41.96
C GLY E 226 46.14 -0.73 42.91
N GLU E 227 45.14 0.05 42.52
CA GLU E 227 43.97 0.26 43.37
C GLU E 227 42.94 -0.86 43.22
N VAL E 228 43.21 -1.84 42.36
CA VAL E 228 42.32 -2.98 42.14
C VAL E 228 42.40 -3.91 43.34
N PRO E 229 41.45 -4.83 43.51
CA PRO E 229 41.65 -5.90 44.50
C PRO E 229 42.77 -6.85 44.09
N GLU E 230 43.13 -7.73 45.04
CA GLU E 230 44.31 -8.59 44.89
C GLU E 230 44.14 -9.63 43.80
N GLY E 231 42.91 -9.99 43.45
CA GLY E 231 42.69 -10.93 42.38
C GLY E 231 42.97 -10.39 41.00
N LEU E 232 43.14 -9.07 40.85
CA LEU E 232 43.41 -8.47 39.57
C LEU E 232 44.78 -7.79 39.51
N LYS E 233 45.61 -7.97 40.53
CA LYS E 233 46.95 -7.41 40.50
C LYS E 233 47.87 -8.28 39.68
N GLY E 234 48.72 -7.63 38.89
CA GLY E 234 49.64 -8.33 38.01
C GLY E 234 49.05 -8.79 36.70
N ARG E 235 47.77 -8.48 36.44
CA ARG E 235 47.13 -8.87 35.20
C ARG E 235 47.62 -8.00 34.05
N ARG E 236 47.20 -8.37 32.84
CA ARG E 236 47.50 -7.60 31.64
C ARG E 236 46.19 -7.36 30.89
N VAL E 237 46.06 -6.16 30.33
CA VAL E 237 44.86 -5.79 29.58
C VAL E 237 45.34 -5.51 28.16
N LEU E 238 45.10 -6.44 27.25
CA LEU E 238 45.54 -6.31 25.87
C LEU E 238 44.32 -6.31 24.95
N ALA E 239 44.41 -5.53 23.87
CA ALA E 239 43.36 -5.44 22.88
C ALA E 239 43.90 -5.91 21.53
N LEU E 240 43.07 -6.66 20.82
CA LEU E 240 43.49 -7.30 19.59
C LEU E 240 43.29 -6.36 18.41
N ASP E 241 44.32 -6.24 17.58
CA ASP E 241 44.29 -5.33 16.43
C ASP E 241 43.61 -6.04 15.27
N MET E 242 42.41 -5.58 14.92
CA MET E 242 41.72 -6.10 13.75
C MET E 242 42.41 -5.68 12.47
N GLY E 243 42.98 -4.46 12.45
CA GLY E 243 43.56 -3.94 11.24
C GLY E 243 44.89 -4.55 10.87
N ALA E 244 45.51 -5.30 11.77
CA ALA E 244 46.80 -5.88 11.48
C ALA E 244 46.70 -7.34 11.07
N LEU E 245 45.68 -8.06 11.54
CA LEU E 245 45.57 -9.49 11.28
C LEU E 245 45.29 -9.78 9.82
N VAL E 246 44.48 -8.95 9.17
CA VAL E 246 44.02 -9.26 7.81
C VAL E 246 45.04 -8.83 6.78
N ALA E 247 46.03 -8.01 7.17
CA ALA E 247 46.88 -7.33 6.22
C ALA E 247 47.80 -8.27 5.47
N GLY E 248 48.65 -9.00 6.19
CA GLY E 248 49.60 -9.86 5.54
C GLY E 248 49.10 -11.23 5.15
N ALA E 249 47.81 -11.50 5.33
CA ALA E 249 47.26 -12.84 5.11
C ALA E 249 46.88 -13.02 3.64
N LYS E 250 47.90 -12.97 2.79
CA LYS E 250 47.65 -13.12 1.35
C LYS E 250 47.47 -14.58 0.98
N TYR E 251 48.28 -15.47 1.54
CA TYR E 251 48.24 -16.87 1.14
C TYR E 251 47.07 -17.59 1.80
N ARG E 252 46.95 -18.88 1.51
CA ARG E 252 45.79 -19.65 1.92
C ARG E 252 45.89 -20.01 3.40
N GLY E 253 44.85 -19.65 4.15
CA GLY E 253 44.78 -20.02 5.55
C GLY E 253 45.76 -19.31 6.45
N GLU E 254 46.26 -18.14 6.05
CA GLU E 254 47.20 -17.41 6.89
C GLU E 254 46.49 -16.72 8.04
N PHE E 255 45.29 -16.20 7.78
CA PHE E 255 44.56 -15.44 8.80
C PHE E 255 44.13 -16.31 9.96
N GLU E 256 43.57 -17.49 9.67
CA GLU E 256 43.14 -18.38 10.73
C GLU E 256 44.34 -18.99 11.45
N GLU E 257 45.47 -19.12 10.76
CA GLU E 257 46.71 -19.54 11.41
C GLU E 257 47.18 -18.51 12.42
N ARG E 258 47.13 -17.23 12.05
CA ARG E 258 47.54 -16.17 12.96
C ARG E 258 46.57 -16.06 14.14
N LEU E 259 45.27 -16.23 13.87
CA LEU E 259 44.31 -16.17 14.96
C LEU E 259 44.45 -17.37 15.90
N LYS E 260 44.79 -18.53 15.34
CA LYS E 260 45.06 -19.71 16.16
C LYS E 260 46.31 -19.49 17.01
N GLY E 261 47.32 -18.83 16.45
CA GLY E 261 48.51 -18.54 17.22
C GLY E 261 48.26 -17.57 18.35
N VAL E 262 47.45 -16.53 18.11
CA VAL E 262 47.09 -15.57 19.15
C VAL E 262 46.25 -16.24 20.24
N LEU E 263 45.31 -17.10 19.83
CA LEU E 263 44.47 -17.80 20.80
C LEU E 263 45.27 -18.80 21.62
N ASN E 264 46.27 -19.45 21.00
CA ASN E 264 47.12 -20.35 21.76
C ASN E 264 48.05 -19.61 22.69
N ASP E 265 48.49 -18.40 22.32
CA ASP E 265 49.26 -17.58 23.25
C ASP E 265 48.41 -17.13 24.43
N LEU E 266 47.14 -16.80 24.19
CA LEU E 266 46.25 -16.42 25.28
C LEU E 266 45.96 -17.61 26.20
N ALA E 267 45.82 -18.80 25.62
CA ALA E 267 45.68 -20.00 26.45
C ALA E 267 46.97 -20.31 27.20
N LYS E 268 48.12 -19.94 26.62
CA LYS E 268 49.39 -20.12 27.30
C LYS E 268 49.53 -19.17 28.48
N GLN E 269 48.97 -17.96 28.39
CA GLN E 269 49.05 -17.02 29.50
C GLN E 269 48.25 -17.45 30.72
N GLU E 270 47.19 -18.25 30.52
CA GLU E 270 46.43 -18.94 31.57
C GLU E 270 45.80 -17.95 32.57
N GLY E 271 44.89 -17.14 32.07
CA GLY E 271 44.14 -16.22 32.90
C GLY E 271 44.88 -14.98 33.36
N ASN E 272 46.13 -14.80 32.92
CA ASN E 272 46.88 -13.60 33.29
C ASN E 272 46.38 -12.40 32.50
N VAL E 273 46.16 -12.58 31.19
CA VAL E 273 45.77 -11.48 30.32
C VAL E 273 44.24 -11.44 30.28
N ILE E 274 43.67 -10.34 30.77
CA ILE E 274 42.25 -10.10 30.60
C ILE E 274 42.02 -9.48 29.23
N LEU E 275 41.29 -10.17 28.38
CA LEU E 275 41.12 -9.73 27.00
C LEU E 275 39.99 -8.71 26.93
N PHE E 276 40.27 -7.62 26.23
CA PHE E 276 39.25 -6.62 25.90
C PHE E 276 39.28 -6.39 24.41
N ILE E 277 38.18 -6.69 23.73
CA ILE E 277 38.01 -6.34 22.34
C ILE E 277 36.69 -5.60 22.21
N ASP E 278 36.76 -4.31 21.93
CA ASP E 278 35.56 -3.54 21.66
C ASP E 278 35.00 -3.89 20.29
N ALA E 279 33.79 -3.40 20.02
CA ALA E 279 32.99 -3.75 18.85
C ALA E 279 32.83 -5.27 18.75
N LEU E 280 32.09 -5.79 19.72
CA LEU E 280 31.97 -7.23 19.92
C LEU E 280 31.30 -7.92 18.73
N HIS E 281 30.31 -7.24 18.14
CA HIS E 281 29.70 -7.74 16.91
C HIS E 281 30.70 -7.76 15.76
N THR E 282 31.59 -6.78 15.72
CA THR E 282 32.65 -6.80 14.72
C THR E 282 33.71 -7.85 15.08
N MET E 283 33.87 -8.13 16.37
CA MET E 283 34.78 -9.20 16.79
C MET E 283 34.31 -10.56 16.32
N VAL E 284 32.99 -10.74 16.21
CA VAL E 284 32.45 -11.99 15.64
C VAL E 284 32.82 -12.12 14.16
N GLY E 285 32.72 -11.05 13.39
CA GLY E 285 33.08 -11.15 11.98
C GLY E 285 34.22 -10.24 11.54
N ALA E 286 35.37 -10.83 11.22
CA ALA E 286 36.60 -10.12 10.89
C ALA E 286 37.25 -10.67 9.63
N GLY E 287 36.43 -10.90 8.60
CA GLY E 287 36.97 -11.32 7.31
C GLY E 287 36.10 -12.32 6.57
N MET E 293 33.47 -17.73 10.17
CA MET E 293 34.63 -18.57 9.90
C MET E 293 35.91 -17.80 10.20
N ASP E 294 35.82 -16.48 10.02
CA ASP E 294 36.96 -15.60 10.20
C ASP E 294 37.39 -15.48 11.67
N ALA E 295 36.54 -14.96 12.52
CA ALA E 295 36.97 -14.79 13.91
C ALA E 295 35.99 -15.37 14.92
N GLY E 296 34.69 -15.22 14.69
CA GLY E 296 33.70 -15.70 15.65
C GLY E 296 33.58 -17.20 15.74
N ASN E 297 33.94 -17.91 14.67
CA ASN E 297 33.96 -19.37 14.69
C ASN E 297 35.28 -19.91 15.22
N MET E 298 36.18 -19.05 15.69
CA MET E 298 37.32 -19.46 16.46
C MET E 298 37.40 -18.78 17.82
N LEU E 299 36.53 -17.81 18.10
CA LEU E 299 36.44 -17.16 19.39
C LEU E 299 35.18 -17.55 20.15
N LYS E 300 34.01 -17.39 19.53
CA LYS E 300 32.70 -17.81 20.04
C LYS E 300 32.64 -19.27 20.52
N PRO E 301 33.39 -20.24 19.93
CA PRO E 301 33.56 -21.51 20.65
C PRO E 301 34.27 -21.38 21.99
N ALA E 302 35.32 -20.57 22.09
CA ALA E 302 36.09 -20.48 23.33
C ALA E 302 35.31 -19.82 24.47
N LEU E 303 34.27 -19.04 24.15
CA LEU E 303 33.45 -18.46 25.21
C LEU E 303 32.61 -19.52 25.91
N ALA E 304 32.07 -20.47 25.15
CA ALA E 304 31.53 -21.68 25.80
C ALA E 304 32.56 -22.79 25.82
N ARG E 305 33.78 -22.43 26.23
CA ARG E 305 34.83 -23.38 26.60
C ARG E 305 35.60 -22.93 27.83
N GLY E 306 35.43 -21.69 28.30
CA GLY E 306 36.09 -21.24 29.50
C GLY E 306 37.53 -20.80 29.33
N GLU E 307 38.15 -21.08 28.18
CA GLU E 307 39.54 -20.68 27.96
C GLU E 307 39.68 -19.18 27.73
N LEU E 308 38.59 -18.49 27.42
CA LEU E 308 38.62 -17.09 27.06
C LEU E 308 37.78 -16.30 28.05
N HIS E 309 38.31 -15.15 28.47
CA HIS E 309 37.75 -14.31 29.53
C HIS E 309 37.58 -12.89 29.03
N CYS E 310 36.94 -12.76 27.87
CA CYS E 310 36.92 -11.51 27.14
C CYS E 310 36.05 -10.46 27.84
N VAL E 311 36.29 -9.20 27.48
CA VAL E 311 35.52 -8.06 27.96
C VAL E 311 34.90 -7.39 26.74
N GLY E 312 33.58 -7.27 26.75
CA GLY E 312 32.87 -6.75 25.60
C GLY E 312 32.56 -5.27 25.69
N ALA E 313 32.40 -4.67 24.51
CA ALA E 313 32.01 -3.27 24.42
C ALA E 313 31.23 -3.09 23.12
N THR E 314 29.97 -2.72 23.24
CA THR E 314 29.14 -2.49 22.07
C THR E 314 28.04 -1.50 22.39
N THR E 315 27.40 -1.01 21.34
CA THR E 315 26.26 -0.11 21.48
C THR E 315 25.06 -0.91 21.96
N LEU E 316 24.13 -0.22 22.64
CA LEU E 316 22.86 -0.83 23.05
C LEU E 316 22.08 -1.38 21.86
N ASP E 317 22.09 -0.66 20.74
CA ASP E 317 21.33 -1.09 19.57
C ASP E 317 21.97 -2.30 18.90
N GLU E 318 23.29 -2.29 18.75
CA GLU E 318 24.00 -3.46 18.24
C GLU E 318 23.92 -4.64 19.19
N TYR E 319 23.78 -4.37 20.49
CA TYR E 319 23.54 -5.47 21.43
C TYR E 319 22.15 -6.06 21.23
N ARG E 320 21.16 -5.20 21.03
CA ARG E 320 19.79 -5.69 20.90
C ARG E 320 19.57 -6.36 19.55
N GLN E 321 20.38 -6.00 18.56
CA GLN E 321 20.28 -6.67 17.26
C GLN E 321 21.08 -7.97 17.25
N TYR E 322 22.39 -7.87 17.46
CA TYR E 322 23.31 -8.91 17.03
C TYR E 322 23.73 -9.86 18.15
N ILE E 323 23.26 -9.65 19.37
CA ILE E 323 23.64 -10.51 20.49
C ILE E 323 22.43 -11.11 21.19
N GLU E 324 21.39 -10.32 21.45
CA GLU E 324 20.20 -10.87 22.11
C GLU E 324 19.43 -11.84 21.21
N LYS E 325 19.47 -11.62 19.90
CA LYS E 325 18.98 -12.65 18.98
C LYS E 325 19.88 -13.87 19.01
N ASP E 326 21.19 -13.66 19.09
CA ASP E 326 22.17 -14.75 19.14
C ASP E 326 22.13 -15.37 20.52
N ALA E 327 21.14 -16.23 20.72
CA ALA E 327 20.87 -16.83 22.02
C ALA E 327 21.77 -18.01 22.34
N ALA E 328 22.71 -18.35 21.45
CA ALA E 328 23.69 -19.39 21.75
C ALA E 328 24.82 -18.90 22.64
N LEU E 329 24.82 -17.63 23.01
CA LEU E 329 25.91 -17.07 23.79
C LEU E 329 25.35 -16.12 24.86
N GLU E 330 24.04 -16.20 25.12
CA GLU E 330 23.37 -15.18 25.91
C GLU E 330 23.66 -15.31 27.40
N ARG E 331 23.83 -16.53 27.90
CA ARG E 331 24.15 -16.72 29.31
C ARG E 331 25.66 -16.76 29.54
N ARG E 332 26.45 -16.18 28.63
CA ARG E 332 27.85 -15.90 28.85
C ARG E 332 28.12 -14.40 28.99
N PHE E 333 27.08 -13.61 29.22
CA PHE E 333 27.24 -12.17 29.28
C PHE E 333 26.30 -11.57 30.30
N GLN E 334 26.64 -10.37 30.74
CA GLN E 334 25.82 -9.61 31.68
C GLN E 334 25.82 -8.16 31.25
N LYS E 335 24.63 -7.58 31.15
CA LYS E 335 24.47 -6.26 30.56
C LYS E 335 24.98 -5.17 31.49
N VAL E 336 26.26 -4.83 31.38
CA VAL E 336 26.79 -3.72 32.19
C VAL E 336 26.37 -2.44 31.50
N PHE E 337 25.23 -1.91 31.89
CA PHE E 337 24.62 -0.77 31.21
C PHE E 337 25.30 0.51 31.67
N VAL E 338 26.26 0.98 30.87
CA VAL E 338 26.94 2.23 31.15
C VAL E 338 26.02 3.39 30.82
N ALA E 339 25.48 4.03 31.85
CA ALA E 339 24.58 5.15 31.63
C ALA E 339 25.35 6.35 31.14
N GLU E 340 24.66 7.19 30.37
CA GLU E 340 25.18 8.51 30.02
C GLU E 340 25.39 9.32 31.29
N PRO E 341 26.54 9.95 31.45
CA PRO E 341 26.81 10.69 32.69
C PRO E 341 25.94 11.92 32.79
N SER E 342 25.77 12.39 34.02
CA SER E 342 24.97 13.58 34.25
C SER E 342 25.79 14.82 33.93
N VAL E 343 25.28 15.99 34.29
CA VAL E 343 26.03 17.21 34.04
C VAL E 343 27.22 17.32 34.97
N GLU E 344 27.03 17.00 36.25
CA GLU E 344 28.09 17.24 37.23
C GLU E 344 29.20 16.20 37.13
N ASP E 345 28.85 14.95 36.79
CA ASP E 345 29.85 13.95 36.50
C ASP E 345 30.68 14.36 35.28
N THR E 346 30.02 14.98 34.30
CA THR E 346 30.73 15.47 33.14
C THR E 346 31.64 16.64 33.52
N ILE E 347 31.23 17.48 34.47
CA ILE E 347 32.09 18.56 34.93
C ILE E 347 33.35 18.02 35.59
N ALA E 348 33.22 16.94 36.37
CA ALA E 348 34.41 16.33 36.98
C ALA E 348 35.34 15.74 35.92
N ILE E 349 34.75 15.03 34.95
CA ILE E 349 35.51 14.48 33.82
C ILE E 349 36.23 15.59 33.06
N LEU E 350 35.55 16.71 32.86
CA LEU E 350 36.15 17.83 32.16
C LEU E 350 37.20 18.55 32.98
N ARG E 351 37.16 18.47 34.31
CA ARG E 351 38.23 19.11 35.07
C ARG E 351 39.54 18.33 34.96
N GLY E 352 39.45 17.01 35.03
CA GLY E 352 40.65 16.21 34.76
C GLY E 352 41.15 16.33 33.34
N LEU E 353 40.25 16.30 32.37
CA LEU E 353 40.72 16.47 31.02
C LEU E 353 41.05 17.91 30.66
N LYS E 354 40.63 18.88 31.48
CA LYS E 354 41.15 20.24 31.35
C LYS E 354 42.63 20.25 31.67
N GLU E 355 43.00 19.62 32.79
CA GLU E 355 44.41 19.49 33.16
C GLU E 355 45.20 18.77 32.08
N ARG E 356 44.57 17.84 31.38
CA ARG E 356 45.27 17.18 30.26
C ARG E 356 45.32 18.05 29.00
N TYR E 357 44.26 18.81 28.68
CA TYR E 357 44.16 19.54 27.41
C TYR E 357 44.89 20.86 27.40
N GLU E 358 45.15 21.47 28.56
CA GLU E 358 45.83 22.76 28.54
C GLU E 358 47.30 22.64 28.16
N LEU E 359 47.89 21.47 28.26
CA LEU E 359 49.27 21.27 27.83
C LEU E 359 49.40 21.04 26.34
N HIS E 360 48.30 20.95 25.61
CA HIS E 360 48.33 20.72 24.17
C HIS E 360 48.10 22.01 23.39
N HIS E 361 47.04 22.72 23.71
CA HIS E 361 46.74 23.98 23.05
C HIS E 361 47.47 25.16 23.68
N HIS E 362 48.14 24.94 24.82
CA HIS E 362 48.87 25.96 25.58
C HIS E 362 47.99 27.15 25.94
N VAL E 363 46.77 26.86 26.35
CA VAL E 363 45.82 27.90 26.73
C VAL E 363 45.40 27.65 28.18
N GLN E 364 44.50 28.49 28.68
CA GLN E 364 44.01 28.37 30.05
C GLN E 364 42.50 28.17 30.00
N ILE E 365 42.06 26.92 30.07
CA ILE E 365 40.64 26.62 30.11
C ILE E 365 40.12 27.01 31.48
N THR E 366 38.99 27.70 31.52
CA THR E 366 38.49 28.26 32.76
C THR E 366 37.34 27.40 33.28
N ASP E 367 37.16 27.40 34.60
CA ASP E 367 36.08 26.59 35.19
C ASP E 367 34.68 27.06 34.81
N PRO E 368 34.37 28.36 34.67
CA PRO E 368 33.11 28.72 34.01
C PRO E 368 32.96 28.16 32.61
N ALA E 369 34.04 28.01 31.85
CA ALA E 369 33.91 27.37 30.54
C ALA E 369 33.60 25.90 30.67
N ILE E 370 34.06 25.24 31.72
CA ILE E 370 33.74 23.83 31.91
C ILE E 370 32.26 23.66 32.25
N VAL E 371 31.77 24.44 33.22
CA VAL E 371 30.37 24.27 33.60
C VAL E 371 29.44 24.76 32.48
N ALA E 372 29.88 25.76 31.70
CA ALA E 372 29.09 26.21 30.57
C ALA E 372 29.08 25.18 29.46
N ALA E 373 30.20 24.52 29.19
CA ALA E 373 30.25 23.52 28.15
C ALA E 373 29.40 22.31 28.51
N ALA E 374 29.39 21.93 29.79
CA ALA E 374 28.56 20.81 30.20
C ALA E 374 27.08 21.14 30.09
N THR E 375 26.67 22.31 30.60
CA THR E 375 25.26 22.68 30.57
C THR E 375 24.76 22.90 29.14
N LEU E 376 25.52 23.64 28.34
CA LEU E 376 25.09 23.95 26.98
C LEU E 376 25.18 22.76 26.04
N SER E 377 26.14 21.86 26.25
CA SER E 377 26.16 20.68 25.41
C SER E 377 25.08 19.70 25.82
N HIS E 378 24.67 19.71 27.08
CA HIS E 378 23.53 18.88 27.46
C HIS E 378 22.22 19.43 26.92
N ARG E 379 22.10 20.76 26.84
CA ARG E 379 20.82 21.31 26.40
C ARG E 379 20.66 21.27 24.89
N TYR E 380 21.61 21.86 24.16
CA TYR E 380 21.41 22.23 22.77
C TYR E 380 21.81 21.17 21.76
N ILE E 381 22.50 20.12 22.15
CA ILE E 381 22.96 19.11 21.21
C ILE E 381 22.24 17.82 21.58
N ALA E 382 21.17 17.51 20.86
CA ALA E 382 20.46 16.27 21.13
C ALA E 382 20.99 15.11 20.31
N ASP E 383 21.98 15.36 19.46
CA ASP E 383 22.46 14.34 18.55
C ASP E 383 23.48 13.43 19.22
N ARG E 384 24.30 13.99 20.10
CA ARG E 384 25.44 13.32 20.69
C ARG E 384 25.29 13.30 22.21
N GLN E 385 26.25 12.67 22.88
CA GLN E 385 26.11 12.31 24.29
C GLN E 385 27.31 12.73 25.12
N LEU E 386 27.04 13.02 26.39
CA LEU E 386 28.08 13.40 27.34
C LEU E 386 28.98 12.20 27.63
N PRO E 387 30.26 12.43 27.96
CA PRO E 387 31.01 13.67 28.05
C PRO E 387 31.63 14.05 26.72
N ASP E 388 31.34 13.28 25.68
CA ASP E 388 32.00 13.43 24.39
C ASP E 388 31.72 14.79 23.76
N LYS E 389 30.46 15.22 23.79
CA LYS E 389 30.12 16.50 23.19
C LYS E 389 30.66 17.69 23.99
N ALA E 390 30.74 17.56 25.31
CA ALA E 390 31.30 18.65 26.10
C ALA E 390 32.80 18.74 25.94
N ILE E 391 33.47 17.59 25.79
CA ILE E 391 34.89 17.57 25.47
C ILE E 391 35.14 18.19 24.10
N ASP E 392 34.23 17.95 23.16
CA ASP E 392 34.35 18.56 21.84
C ASP E 392 34.25 20.08 21.91
N LEU E 393 33.33 20.59 22.72
CA LEU E 393 33.24 22.04 22.89
C LEU E 393 34.51 22.62 23.53
N ILE E 394 35.07 21.92 24.52
CA ILE E 394 36.29 22.39 25.18
C ILE E 394 37.47 22.41 24.21
N ASP E 395 37.63 21.33 23.45
CA ASP E 395 38.81 21.18 22.62
C ASP E 395 38.74 22.11 21.41
N GLU E 396 37.56 22.28 20.83
CA GLU E 396 37.44 23.16 19.69
C GLU E 396 37.51 24.63 20.11
N ALA E 397 37.03 24.97 21.30
CA ALA E 397 37.20 26.35 21.77
C ALA E 397 38.65 26.64 22.10
N ALA E 398 39.39 25.65 22.59
CA ALA E 398 40.81 25.85 22.79
C ALA E 398 41.56 26.04 21.48
N SER E 399 41.12 25.35 20.41
CA SER E 399 41.72 25.59 19.10
C SER E 399 41.42 26.99 18.58
N SER E 400 40.20 27.48 18.82
CA SER E 400 39.86 28.84 18.40
C SER E 400 40.69 29.87 19.14
N ILE E 401 40.89 29.68 20.44
CA ILE E 401 41.74 30.58 21.22
C ILE E 401 43.19 30.49 20.78
N ARG E 402 43.64 29.31 20.36
CA ARG E 402 45.00 29.20 19.85
C ARG E 402 45.17 29.91 18.52
N MET E 403 44.14 29.91 17.68
CA MET E 403 44.19 30.71 16.46
C MET E 403 44.21 32.20 16.75
N GLN E 404 43.40 32.65 17.73
CA GLN E 404 43.39 34.08 18.05
C GLN E 404 44.71 34.52 18.67
N ILE E 405 45.36 33.65 19.45
CA ILE E 405 46.71 33.94 19.90
C ILE E 405 47.66 34.01 18.73
N ASP E 406 47.51 33.10 17.77
CA ASP E 406 48.53 32.95 16.74
C ASP E 406 48.45 34.08 15.72
N SER E 407 47.35 34.19 15.00
CA SER E 407 47.28 35.21 13.94
C SER E 407 46.87 36.58 14.47
N LYS E 408 45.59 36.71 14.88
CA LYS E 408 44.92 37.98 15.19
C LYS E 408 43.50 37.67 15.65
N PRO E 409 42.77 38.61 16.26
CA PRO E 409 41.36 38.35 16.59
C PRO E 409 40.50 38.23 15.35
N GLU E 410 39.27 37.74 15.55
CA GLU E 410 38.40 37.42 14.44
C GLU E 410 37.91 38.66 13.70
N GLU E 411 37.73 39.77 14.39
CA GLU E 411 37.19 40.97 13.76
C GLU E 411 38.16 41.54 12.73
N LEU E 412 39.46 41.49 13.06
CA LEU E 412 40.48 41.83 12.08
C LEU E 412 40.50 40.85 10.92
N ASP E 413 40.20 39.57 11.17
CA ASP E 413 40.10 38.61 10.08
C ASP E 413 38.91 38.89 9.16
N ARG E 414 37.75 39.17 9.74
CA ARG E 414 36.55 39.54 8.98
C ARG E 414 36.84 40.73 8.10
N LEU E 415 37.42 41.77 8.68
CA LEU E 415 37.63 42.99 7.92
C LEU E 415 38.77 42.85 6.92
N ASP E 416 39.78 42.03 7.20
CA ASP E 416 40.86 41.83 6.24
C ASP E 416 40.37 41.06 5.02
N ARG E 417 39.64 39.96 5.25
CA ARG E 417 39.10 39.19 4.14
C ARG E 417 38.06 40.00 3.37
N ARG E 418 37.30 40.83 4.07
CA ARG E 418 36.30 41.62 3.36
C ARG E 418 36.94 42.76 2.57
N ILE E 419 38.06 43.34 3.05
CA ILE E 419 38.65 44.40 2.23
C ILE E 419 39.43 43.82 1.06
N ILE E 420 39.99 42.61 1.17
CA ILE E 420 40.61 42.03 -0.02
C ILE E 420 39.53 41.56 -1.00
N GLN E 421 38.36 41.17 -0.46
CA GLN E 421 37.19 40.87 -1.27
C GLN E 421 36.74 42.08 -2.07
N LEU E 422 36.51 43.20 -1.39
CA LEU E 422 36.03 44.39 -2.07
C LEU E 422 37.12 45.04 -2.93
N LYS E 423 38.40 44.76 -2.65
CA LYS E 423 39.46 45.20 -3.55
C LYS E 423 39.42 44.43 -4.86
N LEU E 424 39.16 43.11 -4.79
CA LEU E 424 38.99 42.35 -6.03
C LEU E 424 37.72 42.77 -6.77
N GLU E 425 36.67 43.14 -6.03
CA GLU E 425 35.45 43.64 -6.67
C GLU E 425 35.67 44.99 -7.34
N GLN E 426 36.45 45.87 -6.70
CA GLN E 426 36.81 47.15 -7.31
C GLN E 426 37.66 46.96 -8.54
N GLN E 427 38.57 45.97 -8.52
CA GLN E 427 39.30 45.61 -9.73
C GLN E 427 38.39 45.09 -10.82
N ALA E 428 37.34 44.35 -10.45
CA ALA E 428 36.42 43.81 -11.45
C ALA E 428 35.51 44.87 -12.05
N LEU E 429 35.19 45.92 -11.30
CA LEU E 429 34.22 46.91 -11.75
C LEU E 429 34.87 48.14 -12.36
N MET E 430 35.99 47.98 -13.07
CA MET E 430 36.59 49.08 -13.80
C MET E 430 36.86 48.70 -15.26
N LEU E 441 27.22 52.67 -10.58
CA LEU E 441 27.07 51.25 -10.86
C LEU E 441 27.76 50.44 -9.76
N ASP E 442 28.68 51.07 -9.05
CA ASP E 442 29.47 50.35 -8.05
C ASP E 442 28.65 50.05 -6.80
N MET E 443 28.22 51.10 -6.10
CA MET E 443 27.76 51.05 -4.70
C MET E 443 28.75 50.27 -3.83
N LEU E 444 30.03 50.61 -4.00
CA LEU E 444 31.12 49.86 -3.41
C LEU E 444 32.07 50.76 -2.64
N ASN E 445 32.32 51.96 -3.20
CA ASN E 445 33.30 52.88 -2.61
C ASN E 445 32.84 53.36 -1.24
N GLU E 446 31.53 53.51 -1.05
CA GLU E 446 30.97 53.77 0.27
C GLU E 446 31.23 52.58 1.20
N GLU E 447 30.94 51.37 0.73
CA GLU E 447 31.11 50.17 1.53
C GLU E 447 32.59 49.87 1.78
N LEU E 448 33.44 50.05 0.77
CA LEU E 448 34.87 49.84 0.93
C LEU E 448 35.48 50.85 1.89
N SER E 449 35.06 52.12 1.79
CA SER E 449 35.58 53.14 2.70
C SER E 449 35.14 52.89 4.13
N ASP E 450 33.89 52.42 4.30
CA ASP E 450 33.38 52.08 5.62
C ASP E 450 34.16 50.92 6.24
N LYS E 451 34.40 49.87 5.46
CA LYS E 451 35.09 48.71 6.00
C LYS E 451 36.58 48.97 6.20
N GLU E 452 37.20 49.81 5.37
CA GLU E 452 38.60 50.17 5.60
C GLU E 452 38.73 51.05 6.83
N ARG E 453 37.76 51.94 7.07
CA ARG E 453 37.78 52.75 8.28
C ARG E 453 37.58 51.89 9.52
N GLN E 454 36.69 50.89 9.45
CA GLN E 454 36.46 50.02 10.60
C GLN E 454 37.65 49.11 10.87
N TYR E 455 38.31 48.62 9.81
CA TYR E 455 39.54 47.86 9.98
C TYR E 455 40.67 48.72 10.53
N SER E 456 40.73 49.99 10.14
CA SER E 456 41.77 50.87 10.68
C SER E 456 41.53 51.16 12.16
N GLU E 457 40.26 51.32 12.55
CA GLU E 457 39.93 51.54 13.96
C GLU E 457 40.26 50.32 14.80
N LEU E 458 39.87 49.13 14.34
CA LEU E 458 40.18 47.93 15.13
C LEU E 458 41.66 47.58 15.08
N GLU E 459 42.37 47.98 14.02
CA GLU E 459 43.81 47.81 13.97
C GLU E 459 44.50 48.72 14.96
N GLU E 460 44.01 49.96 15.09
CA GLU E 460 44.55 50.88 16.09
C GLU E 460 44.28 50.38 17.51
N GLU E 461 43.09 49.81 17.73
CA GLU E 461 42.79 49.24 19.04
C GLU E 461 43.64 48.01 19.35
N TRP E 462 43.91 47.19 18.33
CA TRP E 462 44.73 45.99 18.54
C TRP E 462 46.19 46.35 18.77
N LYS E 463 46.68 47.41 18.11
CA LYS E 463 48.03 47.89 18.42
C LYS E 463 48.08 48.59 19.77
N ALA E 464 46.95 49.13 20.22
CA ALA E 464 46.89 49.71 21.56
C ALA E 464 46.95 48.64 22.63
N GLU E 465 46.31 47.49 22.39
CA GLU E 465 46.36 46.41 23.37
C GLU E 465 47.55 45.48 23.19
N LYS E 466 48.35 45.64 22.14
CA LYS E 466 49.52 44.80 21.94
C LYS E 466 50.63 45.16 22.92
N LEU E 527 43.29 40.81 21.95
CA LEU E 527 44.16 39.76 22.46
C LEU E 527 43.54 39.03 23.64
N ARG E 528 43.11 37.79 23.42
CA ARG E 528 42.54 36.96 24.47
C ARG E 528 43.24 35.62 24.47
N ASN E 529 43.41 35.04 25.67
CA ASN E 529 44.11 33.78 25.78
C ASN E 529 43.47 32.80 26.76
N LYS E 530 42.25 33.08 27.24
CA LYS E 530 41.56 32.20 28.16
C LYS E 530 40.26 31.74 27.51
N VAL E 531 40.05 30.44 27.46
CA VAL E 531 38.78 29.90 27.00
C VAL E 531 37.72 30.23 28.04
N THR E 532 36.88 31.20 27.73
CA THR E 532 35.83 31.60 28.66
C THR E 532 34.54 30.86 28.31
N ASP E 533 33.45 31.25 28.94
CA ASP E 533 32.16 30.66 28.58
C ASP E 533 31.67 31.19 27.24
N ALA E 534 32.04 32.43 26.91
CA ALA E 534 31.64 33.02 25.64
C ALA E 534 32.23 32.29 24.46
N GLU E 535 33.45 31.77 24.61
CA GLU E 535 34.07 31.03 23.52
C GLU E 535 33.39 29.68 23.31
N ILE E 536 32.97 29.04 24.39
CA ILE E 536 32.17 27.83 24.31
C ILE E 536 30.86 28.10 23.58
N ALA E 537 30.19 29.20 23.93
CA ALA E 537 28.95 29.54 23.28
C ALA E 537 29.14 29.88 21.80
N GLU E 538 30.27 30.48 21.45
CA GLU E 538 30.51 30.79 20.03
C GLU E 538 30.78 29.54 19.23
N VAL E 539 31.51 28.58 19.81
CA VAL E 539 31.73 27.30 19.14
C VAL E 539 30.41 26.56 18.97
N LEU E 540 29.56 26.62 19.99
CA LEU E 540 28.28 25.93 19.92
C LEU E 540 27.33 26.58 18.92
N ALA E 541 27.39 27.90 18.80
CA ALA E 541 26.54 28.56 17.83
C ALA E 541 27.03 28.31 16.42
N ARG E 542 28.34 28.22 16.21
CA ARG E 542 28.80 27.88 14.88
C ARG E 542 28.60 26.41 14.55
N TRP E 543 28.45 25.54 15.54
CA TRP E 543 28.34 24.14 15.18
C TRP E 543 26.90 23.67 15.04
N THR E 544 26.03 24.02 15.97
CA THR E 544 24.64 23.61 15.87
C THR E 544 23.79 24.61 15.08
N GLY E 545 24.16 25.87 15.09
CA GLY E 545 23.46 26.87 14.33
C GLY E 545 22.53 27.73 15.16
N ILE E 546 22.24 27.35 16.38
CA ILE E 546 21.35 28.14 17.24
C ILE E 546 22.10 29.40 17.68
N PRO E 547 21.49 30.58 17.64
CA PRO E 547 22.20 31.79 18.06
C PRO E 547 22.37 31.89 19.56
N VAL E 548 23.42 31.29 20.09
CA VAL E 548 23.70 31.33 21.52
C VAL E 548 24.83 32.32 21.85
N SER E 549 25.46 32.92 20.84
CA SER E 549 26.65 33.73 21.03
C SER E 549 26.31 35.09 21.65
N ARG E 550 27.31 35.95 21.71
CA ARG E 550 27.13 37.30 22.21
C ARG E 550 26.25 38.12 21.26
N MET E 551 25.55 39.08 21.83
CA MET E 551 24.70 39.99 21.06
C MET E 551 25.54 41.20 20.67
N MET E 552 26.10 41.15 19.46
CA MET E 552 26.65 42.35 18.85
C MET E 552 25.54 43.36 18.60
N GLU E 553 25.91 44.63 18.50
CA GLU E 553 24.90 45.69 18.53
C GLU E 553 24.02 45.74 17.29
N SER E 554 24.38 45.01 16.24
CA SER E 554 23.43 44.70 15.18
C SER E 554 22.21 43.96 15.70
N GLU E 555 22.35 43.18 16.78
CA GLU E 555 21.18 42.50 17.34
C GLU E 555 20.26 43.45 18.11
N ARG E 556 20.80 44.46 18.79
CA ARG E 556 19.92 45.42 19.46
C ARG E 556 19.21 46.32 18.46
N GLU E 557 19.95 46.76 17.43
CA GLU E 557 19.31 47.45 16.32
C GLU E 557 18.29 46.56 15.62
N LYS E 558 18.56 45.26 15.58
CA LYS E 558 17.68 44.30 14.95
C LYS E 558 16.49 43.95 15.84
N LEU E 559 16.55 44.23 17.14
CA LEU E 559 15.39 44.20 18.03
C LEU E 559 14.42 45.35 17.76
N LEU E 560 14.96 46.58 17.76
CA LEU E 560 14.14 47.74 17.42
C LEU E 560 13.53 47.57 16.03
N ARG E 561 14.35 47.15 15.09
CA ARG E 561 13.84 46.82 13.78
C ARG E 561 13.17 45.45 13.71
N MET E 562 13.13 44.65 14.78
CA MET E 562 12.25 43.48 14.79
C MET E 562 10.82 43.92 14.80
N GLU E 563 10.49 44.83 15.72
CA GLU E 563 9.16 45.44 15.68
C GLU E 563 8.94 46.21 14.38
N GLN E 564 9.84 47.15 14.09
CA GLN E 564 9.65 48.06 12.97
C GLN E 564 9.72 47.36 11.61
N GLU E 565 10.47 46.27 11.51
CA GLU E 565 10.70 45.62 10.23
C GLU E 565 9.87 44.37 10.04
N LEU E 566 9.18 43.90 11.07
CA LEU E 566 8.04 43.10 10.69
C LEU E 566 6.87 43.98 10.31
N HIS E 567 6.84 45.25 10.74
CA HIS E 567 5.80 46.10 10.18
C HIS E 567 6.20 46.83 8.90
N HIS E 568 7.43 46.69 8.44
CA HIS E 568 7.76 47.23 7.12
C HIS E 568 7.43 46.27 5.99
N ARG E 569 6.99 45.07 6.30
CA ARG E 569 6.59 44.12 5.28
C ARG E 569 5.19 43.59 5.53
N VAL E 570 4.80 43.43 6.79
CA VAL E 570 3.44 43.11 7.15
C VAL E 570 2.87 44.39 7.75
N ILE E 571 2.29 45.20 6.90
CA ILE E 571 1.47 46.29 7.43
C ILE E 571 0.13 45.70 7.80
N GLY E 572 -0.50 46.33 8.79
CA GLY E 572 -1.59 45.74 9.53
C GLY E 572 -1.06 44.89 10.67
N GLN E 573 -2.02 44.31 11.39
CA GLN E 573 -1.82 43.14 12.25
C GLN E 573 -0.83 43.39 13.38
N ASN E 574 -1.19 44.31 14.27
CA ASN E 574 -0.31 44.68 15.37
C ASN E 574 -0.16 43.54 16.38
N GLU E 575 -1.24 42.77 16.59
CA GLU E 575 -1.30 41.80 17.66
C GLU E 575 -0.31 40.66 17.43
N ALA E 576 -0.33 40.08 16.25
CA ALA E 576 0.51 38.92 15.98
C ALA E 576 1.96 39.30 15.80
N VAL E 577 2.23 40.48 15.25
CA VAL E 577 3.60 40.97 15.14
C VAL E 577 4.19 41.20 16.53
N ASP E 578 3.40 41.78 17.44
CA ASP E 578 3.85 41.91 18.82
C ASP E 578 4.04 40.56 19.48
N ALA E 579 3.19 39.59 19.15
CA ALA E 579 3.28 38.25 19.73
C ALA E 579 4.57 37.55 19.33
N VAL E 580 4.85 37.55 18.04
CA VAL E 580 6.06 36.90 17.53
C VAL E 580 7.30 37.65 18.00
N SER E 581 7.25 38.98 18.04
CA SER E 581 8.39 39.77 18.46
C SER E 581 8.73 39.51 19.93
N ASN E 582 7.70 39.43 20.78
CA ASN E 582 7.95 39.16 22.18
C ASN E 582 8.45 37.75 22.40
N ALA E 583 7.97 36.78 21.62
CA ALA E 583 8.45 35.41 21.80
C ALA E 583 9.91 35.26 21.40
N ILE E 584 10.33 35.94 20.34
CA ILE E 584 11.72 35.77 19.93
C ILE E 584 12.65 36.60 20.81
N ARG E 585 12.22 37.75 21.30
CA ARG E 585 13.04 38.46 22.27
C ARG E 585 13.14 37.71 23.59
N ARG E 586 12.10 36.94 23.96
CA ARG E 586 12.24 36.10 25.14
C ARG E 586 13.18 34.93 24.90
N SER E 587 13.17 34.36 23.70
CA SER E 587 14.06 33.23 23.47
C SER E 587 15.51 33.65 23.33
N ARG E 588 15.79 34.81 22.74
CA ARG E 588 17.17 35.27 22.64
C ARG E 588 17.72 35.68 23.98
N ALA E 589 16.87 36.11 24.89
CA ALA E 589 17.32 36.49 26.22
C ALA E 589 17.49 35.30 27.15
N GLY E 590 17.17 34.10 26.70
CA GLY E 590 17.32 32.93 27.54
C GLY E 590 16.23 32.78 28.59
N LEU E 591 14.99 33.05 28.23
CA LEU E 591 13.88 32.96 29.16
C LEU E 591 12.85 31.93 28.76
N ALA E 592 13.03 31.26 27.63
CA ALA E 592 12.03 30.32 27.16
C ALA E 592 12.19 28.97 27.84
N ASP E 593 11.07 28.27 27.97
CA ASP E 593 11.04 26.91 28.50
C ASP E 593 11.89 26.01 27.63
N PRO E 594 12.95 25.40 28.15
CA PRO E 594 13.80 24.54 27.33
C PRO E 594 13.20 23.21 26.94
N ASN E 595 11.95 22.92 27.32
CA ASN E 595 11.30 21.69 26.91
C ASN E 595 10.29 21.90 25.79
N ARG E 596 9.47 22.89 25.88
CA ARG E 596 8.61 23.28 24.78
C ARG E 596 9.44 24.04 23.75
N PRO E 597 8.96 24.23 22.50
CA PRO E 597 9.76 25.02 21.56
C PRO E 597 9.76 26.51 21.86
N ILE E 598 10.34 27.30 20.96
CA ILE E 598 10.43 28.74 21.16
C ILE E 598 9.04 29.36 21.15
N GLY E 599 8.26 29.06 20.13
CA GLY E 599 6.91 29.58 20.06
C GLY E 599 6.06 28.68 19.21
N SER E 600 4.78 28.59 19.57
CA SER E 600 3.80 27.84 18.80
C SER E 600 2.61 28.74 18.59
N PHE E 601 2.39 29.17 17.35
CA PHE E 601 1.40 30.19 17.06
C PHE E 601 0.33 29.61 16.17
N LEU E 602 -0.90 30.05 16.37
CA LEU E 602 -2.01 29.68 15.50
C LEU E 602 -2.53 30.96 14.89
N PHE E 603 -2.16 31.24 13.65
CA PHE E 603 -2.64 32.43 13.00
C PHE E 603 -4.04 32.14 12.48
N LEU E 604 -5.02 32.88 12.97
CA LEU E 604 -6.39 32.74 12.53
C LEU E 604 -6.90 34.09 12.06
N GLY E 605 -7.76 34.07 11.06
CA GLY E 605 -8.33 35.28 10.53
C GLY E 605 -8.94 35.00 9.18
N PRO E 606 -9.49 36.00 8.53
CA PRO E 606 -10.07 35.76 7.20
C PRO E 606 -9.02 35.59 6.11
N THR E 607 -9.46 35.49 4.85
CA THR E 607 -8.52 35.20 3.78
C THR E 607 -7.80 36.46 3.37
N GLY E 608 -6.52 36.32 3.07
CA GLY E 608 -5.75 37.43 2.52
C GLY E 608 -5.40 38.51 3.51
N VAL E 609 -5.02 38.16 4.74
CA VAL E 609 -4.82 39.25 5.70
C VAL E 609 -3.41 39.21 6.24
N GLY E 610 -2.51 38.72 5.42
CA GLY E 610 -1.14 38.53 5.82
C GLY E 610 -0.94 37.44 6.84
N LYS E 611 -1.48 36.24 6.64
CA LYS E 611 -1.04 35.21 7.59
C LYS E 611 0.30 34.64 7.17
N THR E 612 0.31 34.00 6.00
CA THR E 612 1.51 33.44 5.44
C THR E 612 2.53 34.52 5.13
N GLU E 613 2.10 35.76 4.91
CA GLU E 613 3.06 36.84 4.78
C GLU E 613 3.71 37.20 6.10
N LEU E 614 3.04 37.00 7.24
CA LEU E 614 3.77 37.19 8.49
C LEU E 614 4.77 36.07 8.71
N CYS E 615 4.45 34.87 8.23
CA CYS E 615 5.46 33.81 8.32
C CYS E 615 6.64 34.08 7.40
N LYS E 616 6.38 34.62 6.22
CA LYS E 616 7.48 34.97 5.31
C LYS E 616 8.26 36.17 5.80
N ALA E 617 7.62 37.09 6.54
CA ALA E 617 8.35 38.18 7.14
C ALA E 617 9.22 37.72 8.29
N LEU E 618 8.79 36.72 9.05
CA LEU E 618 9.69 36.04 9.98
C LEU E 618 10.89 35.43 9.29
N ALA E 619 10.66 34.69 8.21
CA ALA E 619 11.77 34.06 7.53
C ALA E 619 12.71 35.09 6.92
N ASN E 620 12.20 36.25 6.53
CA ASN E 620 13.07 37.27 5.97
C ASN E 620 13.81 38.03 7.04
N PHE E 621 13.21 38.20 8.22
CA PHE E 621 13.95 38.76 9.35
C PHE E 621 15.05 37.82 9.78
N MET E 622 14.68 36.61 10.16
CA MET E 622 15.51 35.75 10.98
C MET E 622 16.64 35.12 10.17
N PHE E 623 16.42 34.90 8.89
CA PHE E 623 17.34 34.16 8.05
C PHE E 623 17.71 34.86 6.75
N ASP E 624 17.20 36.07 6.52
CA ASP E 624 17.54 36.92 5.38
C ASP E 624 17.20 36.26 4.04
N SER E 625 16.14 35.46 4.02
CA SER E 625 15.63 34.83 2.82
C SER E 625 14.21 34.41 3.13
N ASP E 626 13.28 34.73 2.22
CA ASP E 626 11.88 34.34 2.42
C ASP E 626 11.72 32.83 2.41
N GLU E 627 12.44 32.15 1.51
CA GLU E 627 12.37 30.70 1.43
C GLU E 627 13.45 30.05 2.27
N ALA E 628 13.60 30.50 3.51
CA ALA E 628 14.42 29.81 4.50
C ALA E 628 13.48 29.52 5.64
N MET E 629 12.72 28.44 5.49
CA MET E 629 11.63 28.07 6.38
C MET E 629 11.16 26.71 5.92
N VAL E 630 10.71 25.90 6.87
CA VAL E 630 10.25 24.56 6.55
C VAL E 630 8.76 24.71 6.27
N ARG E 631 8.45 25.10 5.05
CA ARG E 631 7.07 25.36 4.68
C ARG E 631 6.40 24.07 4.33
N ILE E 632 5.39 23.72 5.10
CA ILE E 632 4.57 22.53 4.89
C ILE E 632 3.15 23.01 4.64
N ASP E 633 2.63 22.74 3.47
CA ASP E 633 1.29 23.14 3.08
C ASP E 633 0.38 22.00 3.46
N MET E 634 -0.38 22.17 4.54
CA MET E 634 -1.08 21.09 5.18
C MET E 634 -2.34 20.67 4.46
N SER E 635 -2.58 21.14 3.25
CA SER E 635 -3.67 20.62 2.44
C SER E 635 -3.22 19.50 1.53
N GLU E 636 -1.96 19.11 1.57
CA GLU E 636 -1.50 17.87 0.95
C GLU E 636 -1.64 16.69 1.89
N PHE E 637 -2.03 16.93 3.12
CA PHE E 637 -2.00 15.95 4.19
C PHE E 637 -3.40 15.50 4.58
N MET E 638 -4.25 15.32 3.58
CA MET E 638 -5.67 15.14 3.80
C MET E 638 -6.07 13.68 3.91
N GLU E 639 -5.13 12.77 4.08
CA GLU E 639 -5.44 11.36 4.20
C GLU E 639 -4.72 10.78 5.41
N LYS E 640 -5.01 9.52 5.69
CA LYS E 640 -4.53 8.87 6.90
C LYS E 640 -3.04 8.51 6.80
N HIS E 641 -2.49 8.45 5.60
CA HIS E 641 -1.13 7.99 5.35
C HIS E 641 -0.19 9.11 4.91
N SER E 642 -0.70 10.32 4.85
CA SER E 642 0.21 11.43 4.71
C SER E 642 0.98 11.73 6.00
N VAL E 643 0.62 11.08 7.11
CA VAL E 643 1.53 10.91 8.23
C VAL E 643 2.84 10.32 7.75
N SER E 644 2.78 9.28 6.93
CA SER E 644 3.99 8.76 6.33
C SER E 644 4.62 9.73 5.37
N ARG E 645 3.84 10.69 4.84
CA ARG E 645 4.52 11.76 4.09
C ARG E 645 5.41 12.63 4.99
N LEU E 646 4.92 13.08 6.15
CA LEU E 646 5.78 14.03 6.88
C LEU E 646 6.72 13.38 7.88
N VAL E 647 6.26 12.37 8.62
CA VAL E 647 7.08 11.77 9.67
C VAL E 647 8.19 10.92 9.09
N GLY E 648 7.84 9.97 8.23
CA GLY E 648 8.79 9.04 7.66
C GLY E 648 8.10 7.75 7.33
N ALA E 649 8.78 6.94 6.66
CA ALA E 649 8.14 5.66 6.44
C ALA E 649 8.73 4.60 7.37
N PRO E 650 7.94 3.63 7.83
CA PRO E 650 8.44 2.63 8.77
C PRO E 650 9.42 1.69 8.08
N PRO E 651 10.30 1.00 8.84
CA PRO E 651 11.39 0.26 8.21
C PRO E 651 10.94 -0.95 7.41
N GLY E 652 11.54 -1.12 6.25
CA GLY E 652 11.18 -2.16 5.33
C GLY E 652 10.37 -1.70 4.15
N TYR E 653 9.87 -0.48 4.16
CA TYR E 653 8.96 -0.02 3.13
C TYR E 653 9.71 0.79 2.09
N VAL E 654 8.97 1.40 1.15
CA VAL E 654 9.54 1.85 -0.11
C VAL E 654 10.45 3.05 0.08
N GLY E 655 9.90 4.16 0.55
CA GLY E 655 10.68 5.36 0.68
C GLY E 655 11.20 5.52 2.08
N TYR E 656 11.65 4.41 2.65
CA TYR E 656 12.12 4.40 4.02
C TYR E 656 13.40 5.18 4.20
N GLU E 657 14.35 5.02 3.26
CA GLU E 657 15.69 5.57 3.45
C GLU E 657 15.72 7.08 3.33
N GLU E 658 14.72 7.67 2.68
CA GLU E 658 14.68 9.12 2.54
C GLU E 658 14.34 9.83 3.83
N GLY E 659 13.69 9.14 4.76
CA GLY E 659 13.20 9.79 5.95
C GLY E 659 12.00 10.65 5.65
N GLY E 660 11.54 11.33 6.69
CA GLY E 660 10.40 12.22 6.54
C GLY E 660 10.83 13.56 6.02
N TYR E 661 9.84 14.41 5.80
CA TYR E 661 10.16 15.74 5.34
C TYR E 661 10.44 16.66 6.51
N LEU E 662 9.52 16.70 7.48
CA LEU E 662 9.67 17.56 8.64
C LEU E 662 10.82 17.11 9.55
N THR E 663 10.89 15.81 9.81
CA THR E 663 11.90 15.31 10.75
C THR E 663 13.31 15.47 10.19
N GLU E 664 13.50 15.22 8.89
CA GLU E 664 14.83 15.42 8.32
C GLU E 664 15.15 16.89 8.18
N ALA E 665 14.17 17.72 7.82
CA ALA E 665 14.41 19.15 7.63
C ALA E 665 14.84 19.82 8.93
N VAL E 666 14.31 19.36 10.07
CA VAL E 666 14.66 19.94 11.36
C VAL E 666 15.79 19.17 12.04
N ARG E 667 16.07 17.95 11.63
CA ARG E 667 17.27 17.29 12.14
C ARG E 667 18.53 17.78 11.45
N ARG E 668 18.42 18.31 10.23
CA ARG E 668 19.56 19.02 9.64
C ARG E 668 19.81 20.33 10.36
N ARG E 669 18.81 21.21 10.38
CA ARG E 669 18.97 22.56 10.93
C ARG E 669 17.99 22.76 12.08
N PRO E 670 18.45 22.64 13.33
CA PRO E 670 17.52 22.61 14.46
C PRO E 670 16.91 23.94 14.80
N TYR E 671 17.39 25.03 14.21
CA TYR E 671 16.88 26.38 14.43
C TYR E 671 16.33 26.83 13.09
N SER E 672 15.03 26.67 12.89
CA SER E 672 14.38 27.03 11.66
C SER E 672 12.95 27.45 11.98
N VAL E 673 12.25 27.94 10.97
CA VAL E 673 10.87 28.39 11.13
C VAL E 673 9.99 27.38 10.41
N ILE E 674 9.13 26.72 11.16
CA ILE E 674 8.31 25.65 10.62
C ILE E 674 6.92 26.19 10.34
N LEU E 675 6.47 26.07 9.11
CA LEU E 675 5.19 26.62 8.70
C LEU E 675 4.24 25.49 8.37
N LEU E 676 3.08 25.50 8.99
CA LEU E 676 2.03 24.53 8.73
C LEU E 676 0.85 25.31 8.18
N ASP E 677 0.72 25.32 6.86
CA ASP E 677 -0.15 26.27 6.20
C ASP E 677 -1.45 25.59 5.81
N ALA E 678 -2.57 26.25 6.09
CA ALA E 678 -3.93 25.73 5.95
C ALA E 678 -4.11 24.43 6.74
N VAL E 679 -3.96 24.55 8.06
CA VAL E 679 -3.82 23.37 8.90
C VAL E 679 -5.15 22.64 9.11
N GLU E 680 -6.28 23.30 8.90
CA GLU E 680 -7.56 22.62 9.13
C GLU E 680 -7.91 21.71 7.97
N LYS E 681 -7.22 21.86 6.84
CA LYS E 681 -7.43 20.99 5.68
C LYS E 681 -6.97 19.57 5.96
N ALA E 682 -6.00 19.41 6.85
CA ALA E 682 -5.35 18.15 7.06
C ALA E 682 -6.26 17.16 7.77
N HIS E 683 -5.89 15.92 7.71
CA HIS E 683 -6.65 14.84 8.28
C HIS E 683 -6.42 14.80 9.79
N PRO E 684 -7.46 14.54 10.59
CA PRO E 684 -7.36 14.77 12.03
C PRO E 684 -6.37 13.87 12.76
N ASP E 685 -5.93 12.75 12.20
CA ASP E 685 -4.82 12.06 12.84
C ASP E 685 -3.49 12.42 12.21
N VAL E 686 -3.29 13.71 12.00
CA VAL E 686 -1.97 14.28 11.77
C VAL E 686 -1.57 15.19 12.91
N PHE E 687 -2.55 15.80 13.57
CA PHE E 687 -2.35 16.63 14.75
C PHE E 687 -1.81 15.87 15.96
N ASN E 688 -1.79 14.54 15.94
CA ASN E 688 -1.20 13.82 17.06
C ASN E 688 0.32 13.92 17.02
N ILE E 689 0.86 13.83 15.81
CA ILE E 689 2.28 14.12 15.55
C ILE E 689 2.62 15.52 16.04
N LEU E 690 1.76 16.47 15.73
CA LEU E 690 1.96 17.83 16.19
C LEU E 690 1.75 17.98 17.68
N LEU E 691 0.96 17.10 18.30
CA LEU E 691 0.87 17.12 19.76
C LEU E 691 2.17 16.71 20.40
N GLN E 692 2.84 15.72 19.84
CA GLN E 692 4.18 15.38 20.34
C GLN E 692 5.14 16.55 20.19
N VAL E 693 5.03 17.26 19.06
CA VAL E 693 5.86 18.45 18.82
C VAL E 693 5.58 19.54 19.84
N LEU E 694 4.31 19.91 20.03
CA LEU E 694 4.01 21.05 20.89
C LEU E 694 4.17 20.69 22.36
N ASP E 695 3.96 19.44 22.73
CA ASP E 695 4.11 19.04 24.12
C ASP E 695 5.57 18.92 24.49
N ASP E 696 6.29 18.00 23.85
CA ASP E 696 7.61 17.65 24.32
C ASP E 696 8.72 18.37 23.58
N GLY E 697 8.43 18.98 22.43
CA GLY E 697 9.47 19.50 21.60
C GLY E 697 10.34 18.45 20.96
N ARG E 698 9.89 17.21 20.91
CA ARG E 698 10.69 16.16 20.29
C ARG E 698 9.74 15.20 19.60
N LEU E 699 10.12 14.78 18.39
CA LEU E 699 9.22 14.06 17.50
C LEU E 699 9.87 12.78 17.03
N THR E 700 9.21 11.65 17.24
CA THR E 700 9.74 10.37 16.82
C THR E 700 9.44 10.14 15.35
N ASP E 701 10.48 9.86 14.55
CA ASP E 701 10.26 9.69 13.13
C ASP E 701 9.87 8.24 12.82
N GLY E 702 9.89 7.87 11.54
CA GLY E 702 9.54 6.51 11.18
C GLY E 702 10.71 5.56 11.24
N GLN E 703 11.93 6.06 11.11
CA GLN E 703 13.11 5.22 11.24
C GLN E 703 13.36 4.81 12.69
N GLY E 704 12.69 5.45 13.64
CA GLY E 704 12.77 5.04 15.03
C GLY E 704 13.20 6.13 16.00
N ARG E 705 14.16 6.97 15.59
CA ARG E 705 14.76 7.94 16.49
C ARG E 705 13.84 9.14 16.70
N THR E 706 14.32 10.11 17.47
CA THR E 706 13.59 11.34 17.73
C THR E 706 14.36 12.52 17.20
N VAL E 707 13.62 13.55 16.80
CA VAL E 707 14.18 14.79 16.28
C VAL E 707 13.77 15.90 17.22
N ASP E 708 14.73 16.74 17.59
CA ASP E 708 14.57 17.72 18.66
C ASP E 708 14.02 19.01 18.07
N PHE E 709 12.77 19.34 18.38
CA PHE E 709 12.14 20.53 17.83
C PHE E 709 12.14 21.71 18.80
N ARG E 710 13.00 21.69 19.81
CA ARG E 710 12.91 22.66 20.88
C ARG E 710 13.56 23.99 20.57
N ASN E 711 13.95 24.24 19.32
CA ASN E 711 14.58 25.49 18.95
C ASN E 711 13.98 26.07 17.68
N THR E 712 12.77 25.67 17.32
CA THR E 712 12.08 26.12 16.14
C THR E 712 10.86 26.93 16.55
N VAL E 713 10.19 27.50 15.55
CA VAL E 713 8.95 28.23 15.76
C VAL E 713 7.88 27.53 14.95
N VAL E 714 6.95 26.87 15.62
CA VAL E 714 5.84 26.21 14.93
C VAL E 714 4.77 27.25 14.68
N ILE E 715 4.38 27.43 13.41
CA ILE E 715 3.37 28.41 13.07
C ILE E 715 2.28 27.73 12.26
N MET E 716 1.03 27.98 12.60
CA MET E 716 -0.09 27.36 11.93
C MET E 716 -1.06 28.43 11.46
N THR E 717 -1.40 28.41 10.19
CA THR E 717 -2.34 29.34 9.61
C THR E 717 -3.59 28.59 9.22
N SER E 718 -4.74 29.23 9.39
CA SER E 718 -6.03 28.61 9.20
C SER E 718 -7.05 29.72 9.16
N ASN E 719 -8.22 29.44 8.63
CA ASN E 719 -9.31 30.41 8.62
C ASN E 719 -10.62 29.76 9.02
N LEU E 720 -10.61 29.05 10.14
CA LEU E 720 -11.85 28.49 10.67
C LEU E 720 -12.81 29.55 11.17
N GLY E 721 -12.32 30.74 11.49
CA GLY E 721 -13.20 31.80 11.93
C GLY E 721 -13.40 32.87 10.88
N SER E 722 -13.65 32.49 9.63
CA SER E 722 -13.73 33.47 8.56
C SER E 722 -14.94 34.38 8.73
N ASP E 723 -16.14 33.81 8.68
CA ASP E 723 -17.35 34.63 8.73
C ASP E 723 -17.54 35.26 10.10
N LEU E 724 -17.06 34.61 11.15
CA LEU E 724 -17.23 35.14 12.50
C LEU E 724 -16.42 36.42 12.70
N ILE E 725 -15.16 36.42 12.26
CA ILE E 725 -14.32 37.61 12.38
C ILE E 725 -14.74 38.66 11.37
N GLN E 726 -15.13 38.25 10.15
CA GLN E 726 -15.61 39.21 9.17
C GLN E 726 -16.95 39.81 9.56
N GLU E 727 -17.68 39.19 10.48
CA GLU E 727 -18.95 39.70 10.97
C GLU E 727 -18.80 40.59 12.19
N ARG E 728 -18.23 40.06 13.27
CA ARG E 728 -18.30 40.71 14.57
C ARG E 728 -17.01 41.36 15.02
N PHE E 729 -16.08 41.66 14.12
CA PHE E 729 -14.87 42.36 14.58
C PHE E 729 -15.19 43.80 14.93
N GLY E 730 -16.16 44.40 14.25
CA GLY E 730 -16.75 45.63 14.75
C GLY E 730 -17.50 45.37 16.05
N GLU E 731 -17.57 46.42 16.87
CA GLU E 731 -18.22 46.48 18.20
C GLU E 731 -17.79 45.36 19.16
N LEU E 732 -16.63 44.72 18.93
CA LEU E 732 -16.05 43.76 19.85
C LEU E 732 -14.56 43.99 19.93
N ASP E 733 -13.99 43.75 21.11
CA ASP E 733 -12.55 43.90 21.30
C ASP E 733 -11.79 42.68 20.84
N TYR E 734 -10.51 42.59 21.19
CA TYR E 734 -9.69 41.46 20.80
C TYR E 734 -9.86 40.25 21.70
N ALA E 735 -10.11 40.46 22.99
CA ALA E 735 -10.20 39.35 23.91
C ALA E 735 -11.49 38.55 23.73
N HIS E 736 -12.62 39.25 23.56
CA HIS E 736 -13.87 38.54 23.35
C HIS E 736 -13.91 37.89 21.99
N MET E 737 -13.29 38.52 20.99
CA MET E 737 -13.16 37.88 19.68
C MET E 737 -12.30 36.63 19.75
N LYS E 738 -11.21 36.68 20.51
CA LYS E 738 -10.39 35.49 20.70
C LYS E 738 -11.19 34.39 21.41
N GLU E 739 -12.02 34.77 22.39
CA GLU E 739 -12.85 33.81 23.10
C GLU E 739 -13.87 33.15 22.17
N LEU E 740 -14.50 33.94 21.30
CA LEU E 740 -15.55 33.43 20.44
C LEU E 740 -14.99 32.53 19.34
N VAL E 741 -13.93 32.99 18.68
CA VAL E 741 -13.33 32.16 17.65
C VAL E 741 -12.59 30.99 18.26
N LEU E 742 -12.19 31.08 19.53
CA LEU E 742 -11.59 29.93 20.21
C LEU E 742 -12.66 28.91 20.53
N GLY E 743 -13.91 29.35 20.73
CA GLY E 743 -15.01 28.40 20.80
C GLY E 743 -15.22 27.65 19.50
N VAL E 744 -15.17 28.37 18.38
CA VAL E 744 -15.31 27.71 17.06
C VAL E 744 -14.16 26.74 16.81
N VAL E 745 -12.94 27.16 17.12
CA VAL E 745 -11.76 26.31 17.00
C VAL E 745 -11.84 25.11 17.93
N SER E 746 -12.43 25.29 19.11
CA SER E 746 -12.66 24.18 20.03
C SER E 746 -13.64 23.17 19.45
N HIS E 747 -14.60 23.64 18.64
CA HIS E 747 -15.42 22.68 17.90
C HIS E 747 -14.59 21.93 16.87
N ASN E 748 -13.75 22.62 16.10
CA ASN E 748 -13.05 21.93 15.03
C ASN E 748 -11.84 21.14 15.51
N PHE E 749 -10.94 21.78 16.26
CA PHE E 749 -9.73 21.11 16.73
C PHE E 749 -10.03 20.33 18.01
N ARG E 750 -9.03 19.81 18.61
CA ARG E 750 -9.21 19.15 19.89
C ARG E 750 -8.91 20.11 21.04
N PRO E 751 -9.51 19.90 22.21
CA PRO E 751 -9.05 20.65 23.39
C PRO E 751 -7.70 20.19 23.91
N GLU E 752 -7.21 19.02 23.49
CA GLU E 752 -5.85 18.62 23.83
C GLU E 752 -4.83 19.47 23.09
N PHE E 753 -5.18 19.93 21.89
CA PHE E 753 -4.23 20.53 20.98
C PHE E 753 -4.19 22.04 21.11
N ILE E 754 -5.35 22.70 21.20
CA ILE E 754 -5.35 24.15 21.37
C ILE E 754 -4.93 24.57 22.76
N ASN E 755 -4.84 23.62 23.69
CA ASN E 755 -4.27 23.91 24.99
C ASN E 755 -2.77 24.12 24.90
N ARG E 756 -2.09 23.41 23.99
CA ARG E 756 -0.63 23.46 23.93
C ARG E 756 -0.11 24.50 22.97
N ILE E 757 -0.98 25.26 22.30
CA ILE E 757 -0.55 26.40 21.53
C ILE E 757 -0.03 27.46 22.50
N ASP E 758 1.08 28.09 22.14
CA ASP E 758 1.61 29.15 22.98
C ASP E 758 0.67 30.35 22.98
N GLU E 759 0.30 30.83 21.81
CA GLU E 759 -0.61 31.97 21.74
C GLU E 759 -1.37 31.92 20.42
N VAL E 760 -2.61 31.46 20.48
CA VAL E 760 -3.55 31.62 19.39
C VAL E 760 -3.77 33.11 19.17
N VAL E 761 -3.49 33.59 17.95
CA VAL E 761 -3.78 34.98 17.67
C VAL E 761 -4.86 35.04 16.61
N VAL E 762 -5.45 36.22 16.48
CA VAL E 762 -6.63 36.46 15.66
C VAL E 762 -6.32 37.62 14.74
N PHE E 763 -6.60 37.47 13.46
CA PHE E 763 -6.30 38.55 12.54
C PHE E 763 -7.55 39.35 12.30
N HIS E 764 -7.38 40.53 11.74
CA HIS E 764 -8.51 41.40 11.52
C HIS E 764 -8.66 41.66 10.03
N PRO E 765 -9.87 41.97 9.58
CA PRO E 765 -10.02 42.43 8.21
C PRO E 765 -9.29 43.75 7.98
N LEU E 766 -8.96 44.00 6.72
CA LEU E 766 -8.14 45.14 6.34
C LEU E 766 -9.06 46.30 5.94
N GLY E 767 -8.79 47.48 6.49
CA GLY E 767 -9.55 48.67 6.17
C GLY E 767 -8.93 49.38 4.96
N GLU E 768 -9.35 50.62 4.71
CA GLU E 768 -8.85 51.33 3.54
C GLU E 768 -7.43 51.82 3.72
N GLN E 769 -7.06 52.22 4.94
CA GLN E 769 -5.69 52.68 5.17
C GLN E 769 -4.70 51.53 5.06
N HIS E 770 -5.12 50.33 5.47
CA HIS E 770 -4.26 49.16 5.36
C HIS E 770 -4.00 48.82 3.91
N ILE E 771 -5.05 48.79 3.09
CA ILE E 771 -4.89 48.48 1.69
C ILE E 771 -4.20 49.62 0.94
N ALA E 772 -4.27 50.85 1.44
CA ALA E 772 -3.45 51.93 0.85
C ALA E 772 -1.96 51.69 1.10
N SER E 773 -1.61 51.28 2.32
CA SER E 773 -0.20 51.02 2.59
C SER E 773 0.29 49.77 1.88
N ILE E 774 -0.57 48.75 1.75
CA ILE E 774 -0.24 47.56 0.97
C ILE E 774 -0.05 47.93 -0.49
N ALA E 775 -0.84 48.88 -0.98
CA ALA E 775 -0.69 49.34 -2.35
C ALA E 775 0.66 50.01 -2.56
N GLN E 776 1.12 50.76 -1.56
CA GLN E 776 2.45 51.34 -1.68
C GLN E 776 3.54 50.28 -1.66
N ILE E 777 3.35 49.21 -0.87
CA ILE E 777 4.32 48.11 -0.83
C ILE E 777 4.41 47.41 -2.19
N GLN E 778 3.25 47.06 -2.75
CA GLN E 778 3.23 46.34 -4.02
C GLN E 778 3.68 47.22 -5.17
N LEU E 779 3.40 48.51 -5.11
CA LEU E 779 3.93 49.39 -6.15
C LEU E 779 5.43 49.55 -6.04
N LYS E 780 6.00 49.51 -4.82
CA LYS E 780 7.45 49.59 -4.73
C LYS E 780 8.11 48.34 -5.29
N ARG E 781 7.50 47.16 -5.09
CA ARG E 781 8.12 46.00 -5.73
C ARG E 781 7.88 45.98 -7.23
N LEU E 782 6.82 46.62 -7.72
CA LEU E 782 6.67 46.78 -9.17
C LEU E 782 7.71 47.74 -9.73
N TYR E 783 8.03 48.81 -8.99
CA TYR E 783 9.08 49.73 -9.39
C TYR E 783 10.41 49.02 -9.45
N LYS E 784 10.64 48.10 -8.53
CA LYS E 784 11.86 47.31 -8.57
C LYS E 784 11.86 46.34 -9.75
N ARG E 785 10.70 45.79 -10.10
CA ARG E 785 10.66 44.89 -11.26
C ARG E 785 10.89 45.62 -12.56
N LEU E 786 10.53 46.89 -12.64
CA LEU E 786 10.83 47.63 -13.86
C LEU E 786 12.17 48.34 -13.83
N GLU E 787 12.75 48.55 -12.65
CA GLU E 787 14.01 49.25 -12.56
C GLU E 787 15.16 48.39 -13.08
N GLU E 788 15.01 47.07 -13.03
CA GLU E 788 15.98 46.19 -13.66
C GLU E 788 15.94 46.33 -15.17
N ARG E 789 14.73 46.45 -15.73
CA ARG E 789 14.58 46.50 -17.17
C ARG E 789 15.03 47.85 -17.72
N GLY E 790 14.93 48.90 -16.92
CA GLY E 790 15.45 50.20 -17.32
C GLY E 790 14.41 51.30 -17.27
N TYR E 791 13.23 50.99 -16.75
CA TYR E 791 12.11 51.90 -16.76
C TYR E 791 11.91 52.51 -15.39
N GLU E 792 11.32 53.70 -15.36
CA GLU E 792 11.05 54.41 -14.12
C GLU E 792 9.61 54.90 -14.11
N ILE E 793 8.97 54.83 -12.96
CA ILE E 793 7.57 55.23 -12.82
C ILE E 793 7.47 56.28 -11.73
N HIS E 794 6.83 57.39 -12.04
CA HIS E 794 6.34 58.34 -11.05
C HIS E 794 4.83 58.30 -11.13
N ILE E 795 4.20 57.51 -10.25
CA ILE E 795 2.76 57.37 -10.29
C ILE E 795 2.12 58.65 -9.77
N SER E 796 0.89 58.90 -10.21
CA SER E 796 0.13 60.03 -9.70
C SER E 796 -0.34 59.75 -8.28
N ASP E 797 -0.60 60.82 -7.54
CA ASP E 797 -1.28 60.67 -6.26
C ASP E 797 -2.78 60.49 -6.43
N GLU E 798 -3.31 60.79 -7.62
CA GLU E 798 -4.72 60.52 -7.88
C GLU E 798 -4.93 59.11 -8.42
N ALA E 799 -3.94 58.59 -9.17
CA ALA E 799 -4.03 57.21 -9.64
C ALA E 799 -3.95 56.22 -8.49
N LEU E 800 -3.21 56.57 -7.44
CA LEU E 800 -3.15 55.72 -6.27
C LEU E 800 -4.50 55.69 -5.55
N LYS E 801 -5.27 56.77 -5.65
CA LYS E 801 -6.64 56.74 -5.12
C LYS E 801 -7.53 55.84 -5.95
N LEU E 802 -7.31 55.77 -7.27
CA LEU E 802 -8.06 54.81 -8.07
C LEU E 802 -7.67 53.37 -7.76
N LEU E 803 -6.39 53.12 -7.47
CA LEU E 803 -5.99 51.79 -7.05
C LEU E 803 -6.60 51.42 -5.71
N SER E 804 -6.66 52.38 -4.78
CA SER E 804 -7.21 52.08 -3.47
C SER E 804 -8.74 52.00 -3.47
N GLU E 805 -9.41 52.65 -4.42
CA GLU E 805 -10.86 52.55 -4.47
C GLU E 805 -11.32 51.36 -5.29
N ASN E 806 -10.60 51.03 -6.36
CA ASN E 806 -10.96 49.88 -7.18
C ASN E 806 -10.61 48.58 -6.47
N GLY E 807 -9.45 48.52 -5.84
CA GLY E 807 -9.03 47.31 -5.18
C GLY E 807 -9.45 47.23 -3.73
N TYR E 808 -10.74 47.14 -3.48
CA TYR E 808 -11.20 47.04 -2.10
C TYR E 808 -12.55 46.35 -2.03
N ASP E 809 -12.61 45.26 -1.28
CA ASP E 809 -13.84 44.80 -0.64
C ASP E 809 -13.42 44.07 0.63
N PRO E 810 -14.22 44.15 1.69
CA PRO E 810 -13.78 43.60 2.98
C PRO E 810 -13.84 42.09 3.11
N VAL E 811 -14.00 41.34 2.03
CA VAL E 811 -14.17 39.90 2.13
C VAL E 811 -12.99 39.12 1.55
N TYR E 812 -12.19 39.70 0.68
CA TYR E 812 -11.08 38.96 0.10
C TYR E 812 -9.71 39.49 0.50
N GLY E 813 -9.65 40.52 1.33
CA GLY E 813 -8.36 40.92 1.86
C GLY E 813 -7.58 41.85 0.97
N ALA E 814 -6.32 41.54 0.71
CA ALA E 814 -5.46 42.41 -0.07
C ALA E 814 -5.15 41.86 -1.44
N ARG E 815 -5.76 40.76 -1.82
CA ARG E 815 -5.68 40.21 -3.17
C ARG E 815 -6.53 40.93 -4.23
N PRO E 816 -7.71 41.51 -3.94
CA PRO E 816 -8.29 42.42 -4.93
C PRO E 816 -7.43 43.62 -5.24
N LEU E 817 -6.61 44.05 -4.29
CA LEU E 817 -5.61 45.08 -4.57
C LEU E 817 -4.60 44.61 -5.59
N LYS E 818 -4.08 43.39 -5.43
CA LYS E 818 -3.05 42.93 -6.34
C LYS E 818 -3.63 42.62 -7.71
N ARG E 819 -4.86 42.14 -7.77
CA ARG E 819 -5.51 41.98 -9.07
C ARG E 819 -5.78 43.33 -9.71
N ALA E 820 -6.10 44.36 -8.92
CA ALA E 820 -6.37 45.68 -9.48
C ALA E 820 -5.09 46.32 -10.00
N ILE E 821 -3.99 46.19 -9.25
CA ILE E 821 -2.68 46.64 -9.73
C ILE E 821 -2.30 45.90 -11.00
N GLN E 822 -2.43 44.57 -10.98
CA GLN E 822 -2.07 43.70 -12.09
C GLN E 822 -2.79 44.09 -13.37
N GLN E 823 -4.11 44.12 -13.34
CA GLN E 823 -4.92 44.53 -14.47
C GLN E 823 -4.67 45.99 -14.86
N GLN E 824 -5.10 46.93 -14.01
CA GLN E 824 -5.18 48.33 -14.37
C GLN E 824 -3.83 49.00 -14.53
N ILE E 825 -2.72 48.37 -14.15
CA ILE E 825 -1.40 48.88 -14.46
C ILE E 825 -0.68 47.98 -15.43
N GLU E 826 -0.44 46.72 -15.07
CA GLU E 826 0.48 45.90 -15.82
C GLU E 826 -0.10 45.40 -17.14
N ASN E 827 -1.42 45.48 -17.38
CA ASN E 827 -1.80 45.05 -18.72
C ASN E 827 -1.55 46.14 -19.77
N PRO E 828 -1.98 47.41 -19.59
CA PRO E 828 -1.60 48.40 -20.60
C PRO E 828 -0.12 48.72 -20.60
N LEU E 829 0.55 48.61 -19.46
CA LEU E 829 1.98 48.92 -19.41
C LEU E 829 2.78 47.89 -20.18
N ALA E 830 2.41 46.62 -20.10
CA ALA E 830 3.11 45.61 -20.88
C ALA E 830 2.74 45.65 -22.35
N GLN E 831 1.48 45.99 -22.64
CA GLN E 831 1.08 46.24 -24.03
C GLN E 831 1.91 47.35 -24.67
N GLN E 832 2.21 48.40 -23.91
CA GLN E 832 2.96 49.52 -24.45
C GLN E 832 4.47 49.33 -24.40
N ILE E 833 4.98 48.48 -23.51
CA ILE E 833 6.39 48.12 -23.57
C ILE E 833 6.65 47.24 -24.80
N LEU E 834 5.85 46.19 -24.99
CA LEU E 834 6.08 45.29 -26.11
C LEU E 834 5.80 45.93 -27.46
N SER E 835 4.98 46.97 -27.51
CA SER E 835 4.71 47.64 -28.78
C SER E 835 5.81 48.61 -29.18
N GLY E 836 6.85 48.77 -28.37
CA GLY E 836 7.89 49.74 -28.63
C GLY E 836 7.49 51.18 -28.35
N GLU E 837 6.31 51.39 -27.77
CA GLU E 837 5.83 52.76 -27.55
C GLU E 837 6.55 53.42 -26.38
N LEU E 838 6.83 52.66 -25.32
CA LEU E 838 7.50 53.19 -24.14
C LEU E 838 8.96 52.75 -24.14
N VAL E 839 9.86 53.73 -24.10
CA VAL E 839 11.30 53.54 -24.28
C VAL E 839 11.95 53.82 -22.93
N PRO E 840 13.00 53.09 -22.53
CA PRO E 840 13.70 53.42 -21.29
C PRO E 840 14.37 54.78 -21.35
N GLY E 841 14.53 55.37 -20.17
CA GLY E 841 15.16 56.67 -20.08
C GLY E 841 14.22 57.75 -19.63
N LYS E 842 12.97 57.67 -20.06
CA LYS E 842 11.98 58.68 -19.72
C LYS E 842 11.14 58.23 -18.54
N VAL E 843 10.51 59.20 -17.89
CA VAL E 843 9.68 58.92 -16.71
C VAL E 843 8.29 58.51 -17.18
N ILE E 844 7.87 57.32 -16.77
CA ILE E 844 6.53 56.82 -17.09
C ILE E 844 5.61 57.37 -15.99
N ARG E 845 4.87 58.43 -16.30
CA ARG E 845 3.94 59.01 -15.34
C ARG E 845 2.58 58.36 -15.54
N LEU E 846 2.16 57.54 -14.59
CA LEU E 846 0.86 56.86 -14.67
C LEU E 846 -0.22 57.82 -14.19
N GLU E 847 -0.59 58.75 -15.05
CA GLU E 847 -1.68 59.66 -14.73
C GLU E 847 -3.01 59.01 -15.07
N VAL E 848 -4.09 59.74 -14.84
CA VAL E 848 -5.42 59.22 -15.09
C VAL E 848 -6.08 59.98 -16.24
N ASN E 849 -6.95 59.27 -16.94
CA ASN E 849 -7.97 59.90 -17.77
C ASN E 849 -9.20 60.13 -16.90
N GLU E 850 -10.36 60.36 -17.52
CA GLU E 850 -11.58 60.56 -16.74
C GLU E 850 -12.00 59.29 -16.00
N ASP E 851 -11.60 58.12 -16.48
CA ASP E 851 -11.98 56.87 -15.84
C ASP E 851 -10.80 56.00 -15.44
N ARG E 852 -9.80 55.88 -16.30
CA ARG E 852 -8.83 54.80 -16.23
C ARG E 852 -7.45 55.32 -15.84
N ILE E 853 -6.47 54.42 -15.89
CA ILE E 853 -5.07 54.74 -15.62
C ILE E 853 -4.28 54.45 -16.88
N VAL E 854 -3.47 55.41 -17.31
CA VAL E 854 -2.76 55.32 -18.58
C VAL E 854 -1.36 55.89 -18.40
N ALA E 855 -0.42 55.39 -19.18
CA ALA E 855 0.96 55.85 -19.15
C ALA E 855 1.19 56.92 -20.21
N VAL E 856 2.18 57.79 -19.95
CA VAL E 856 2.62 58.82 -20.89
C VAL E 856 4.14 58.77 -20.98
N GLN E 857 4.69 59.52 -21.93
CA GLN E 857 6.13 59.58 -22.16
C GLN E 857 6.53 61.02 -22.48
N HIS E 858 7.08 61.72 -21.49
CA HIS E 858 7.58 63.07 -21.70
C HIS E 858 8.89 63.28 -20.96
N GLN F 159 34.32 -41.15 16.17
CA GLN F 159 32.98 -40.65 15.91
C GLN F 159 32.98 -39.14 15.65
N ALA F 160 32.09 -38.71 14.76
CA ALA F 160 31.87 -37.28 14.58
C ALA F 160 31.05 -36.69 15.73
N LEU F 161 30.35 -37.53 16.47
CA LEU F 161 29.65 -37.07 17.67
C LEU F 161 30.65 -36.62 18.73
N LYS F 162 31.76 -37.34 18.84
CA LYS F 162 32.79 -36.98 19.80
C LYS F 162 33.60 -35.76 19.36
N LYS F 163 33.49 -35.34 18.10
CA LYS F 163 34.27 -34.21 17.64
C LYS F 163 33.72 -32.90 18.20
N TYR F 164 32.51 -32.52 17.79
CA TYR F 164 32.02 -31.19 18.11
C TYR F 164 30.54 -31.20 18.48
N THR F 165 30.10 -32.20 19.24
CA THR F 165 28.79 -32.17 19.88
C THR F 165 28.98 -32.06 21.39
N ILE F 166 27.88 -31.84 22.10
CA ILE F 166 27.90 -31.66 23.54
C ILE F 166 26.95 -32.65 24.17
N ASP F 167 27.47 -33.51 25.03
CA ASP F 167 26.67 -34.54 25.69
C ASP F 167 26.11 -33.99 26.99
N LEU F 168 24.82 -34.17 27.20
CA LEU F 168 24.18 -33.77 28.45
C LEU F 168 24.06 -34.89 29.46
N THR F 169 23.92 -36.14 29.02
CA THR F 169 23.85 -37.24 29.97
C THR F 169 25.19 -37.51 30.64
N GLU F 170 26.29 -37.33 29.91
CA GLU F 170 27.61 -37.47 30.52
C GLU F 170 27.89 -36.36 31.52
N ARG F 171 27.51 -35.12 31.19
CA ARG F 171 27.70 -34.02 32.10
C ARG F 171 26.72 -34.04 33.27
N ALA F 172 25.59 -34.75 33.14
CA ALA F 172 24.72 -34.96 34.29
C ALA F 172 25.17 -36.13 35.14
N GLU F 173 25.79 -37.14 34.54
CA GLU F 173 26.33 -38.26 35.30
C GLU F 173 27.59 -37.87 36.05
N GLN F 174 28.40 -36.99 35.48
CA GLN F 174 29.59 -36.47 36.13
C GLN F 174 29.30 -35.28 37.04
N GLY F 175 28.04 -34.89 37.19
CA GLY F 175 27.67 -33.85 38.12
C GLY F 175 28.07 -32.44 37.70
N LYS F 176 28.42 -32.25 36.44
CA LYS F 176 28.80 -30.93 35.96
C LYS F 176 27.60 -30.05 35.61
N LEU F 177 26.38 -30.53 35.84
CA LEU F 177 25.18 -29.78 35.51
C LEU F 177 24.44 -29.39 36.77
N ASP F 178 23.73 -28.30 36.70
CA ASP F 178 23.01 -27.79 37.85
C ASP F 178 21.77 -28.63 38.10
N PRO F 179 21.47 -28.97 39.35
CA PRO F 179 20.24 -29.71 39.64
C PRO F 179 19.02 -28.84 39.44
N VAL F 180 17.96 -29.46 38.91
CA VAL F 180 16.75 -28.75 38.54
C VAL F 180 15.61 -29.22 39.44
N ILE F 181 15.02 -28.29 40.18
CA ILE F 181 13.93 -28.58 41.10
C ILE F 181 12.71 -27.81 40.65
N GLY F 182 11.59 -28.51 40.52
CA GLY F 182 10.37 -27.96 39.96
C GLY F 182 10.14 -28.52 38.56
N ARG F 183 9.17 -27.91 37.87
CA ARG F 183 8.88 -28.16 36.46
C ARG F 183 8.52 -29.61 36.16
N ASP F 184 7.85 -30.29 37.10
CA ASP F 184 7.51 -31.69 36.87
C ASP F 184 6.39 -31.83 35.84
N GLU F 185 5.47 -30.88 35.81
CA GLU F 185 4.36 -30.92 34.85
C GLU F 185 4.87 -30.75 33.42
N GLU F 186 5.85 -29.85 33.23
CA GLU F 186 6.38 -29.62 31.90
C GLU F 186 7.22 -30.79 31.42
N ILE F 187 7.96 -31.43 32.32
CA ILE F 187 8.70 -32.63 31.94
C ILE F 187 7.73 -33.79 31.66
N ARG F 188 6.61 -33.83 32.39
CA ARG F 188 5.61 -34.86 32.14
C ARG F 188 4.95 -34.68 30.78
N ARG F 189 4.63 -33.46 30.40
CA ARG F 189 4.05 -33.25 29.08
C ARG F 189 5.07 -33.44 27.97
N THR F 190 6.35 -33.17 28.28
CA THR F 190 7.41 -33.48 27.33
C THR F 190 7.55 -34.98 27.12
N ILE F 191 7.35 -35.77 28.17
CA ILE F 191 7.41 -37.22 27.99
C ILE F 191 6.13 -37.74 27.30
N GLN F 192 5.00 -37.05 27.48
CA GLN F 192 3.83 -37.32 26.65
C GLN F 192 4.14 -37.11 25.18
N VAL F 193 4.83 -36.02 24.85
CA VAL F 193 5.09 -35.69 23.46
C VAL F 193 6.16 -36.62 22.86
N LEU F 194 7.21 -36.92 23.61
CA LEU F 194 8.28 -37.77 23.10
C LEU F 194 7.83 -39.20 22.86
N GLN F 195 6.84 -39.68 23.60
CA GLN F 195 6.35 -41.04 23.42
C GLN F 195 5.10 -41.03 22.56
N ARG F 196 5.27 -40.57 21.32
CA ARG F 196 4.25 -40.65 20.28
C ARG F 196 4.89 -41.28 19.05
N ARG F 197 4.09 -41.54 18.02
CA ARG F 197 4.63 -41.99 16.75
C ARG F 197 4.58 -40.91 15.68
N THR F 198 3.53 -40.10 15.66
CA THR F 198 3.50 -38.88 14.87
C THR F 198 3.61 -37.68 15.80
N LYS F 199 4.13 -36.58 15.25
CA LYS F 199 4.40 -35.33 15.99
C LYS F 199 5.28 -35.60 17.20
N ASN F 200 6.40 -36.28 16.95
CA ASN F 200 7.25 -36.77 18.02
C ASN F 200 7.96 -35.63 18.73
N ASN F 201 8.47 -34.69 17.95
CA ASN F 201 9.47 -33.75 18.44
C ASN F 201 8.80 -32.63 19.22
N PRO F 202 9.16 -32.39 20.46
CA PRO F 202 8.68 -31.19 21.14
C PRO F 202 9.59 -30.01 20.84
N VAL F 203 8.99 -28.84 20.86
CA VAL F 203 9.77 -27.61 20.87
C VAL F 203 9.28 -26.77 22.06
N LEU F 204 10.22 -26.36 22.89
CA LEU F 204 9.88 -25.72 24.15
C LEU F 204 9.69 -24.23 23.90
N ILE F 205 8.44 -23.81 23.71
CA ILE F 205 8.13 -22.41 23.56
C ILE F 205 8.16 -21.76 24.93
N GLY F 206 9.07 -20.82 25.10
CA GLY F 206 9.22 -20.17 26.39
C GLY F 206 9.61 -18.71 26.25
N GLU F 207 10.55 -18.28 27.06
CA GLU F 207 11.00 -16.90 27.12
C GLU F 207 12.51 -16.92 27.36
N PRO F 208 13.21 -15.85 26.99
CA PRO F 208 14.66 -15.83 27.22
C PRO F 208 15.03 -15.73 28.69
N GLY F 209 15.07 -16.87 29.38
CA GLY F 209 15.42 -16.87 30.78
C GLY F 209 14.39 -17.48 31.73
N VAL F 210 13.62 -18.45 31.27
CA VAL F 210 12.65 -19.11 32.13
C VAL F 210 12.97 -20.59 32.31
N GLY F 211 14.16 -21.02 31.92
CA GLY F 211 14.56 -22.38 32.18
C GLY F 211 14.21 -23.36 31.09
N LYS F 212 14.29 -22.91 29.82
CA LYS F 212 14.07 -23.82 28.71
C LYS F 212 15.20 -24.83 28.60
N THR F 213 16.44 -24.40 28.80
CA THR F 213 17.55 -25.32 28.91
C THR F 213 17.48 -26.14 30.19
N ALA F 214 16.85 -25.59 31.24
CA ALA F 214 16.80 -26.28 32.52
C ALA F 214 15.87 -27.48 32.47
N ILE F 215 14.83 -27.44 31.65
CA ILE F 215 13.92 -28.57 31.55
C ILE F 215 14.60 -29.74 30.87
N VAL F 216 15.42 -29.47 29.85
CA VAL F 216 16.15 -30.55 29.20
C VAL F 216 17.30 -31.04 30.09
N GLU F 217 17.90 -30.15 30.87
CA GLU F 217 18.91 -30.58 31.85
C GLU F 217 18.29 -31.46 32.94
N GLY F 218 17.11 -31.10 33.42
CA GLY F 218 16.43 -31.93 34.40
C GLY F 218 15.92 -33.22 33.82
N LEU F 219 15.55 -33.22 32.54
CA LEU F 219 15.17 -34.45 31.87
C LEU F 219 16.37 -35.38 31.73
N ALA F 220 17.55 -34.82 31.45
CA ALA F 220 18.77 -35.63 31.42
C ALA F 220 19.12 -36.16 32.80
N GLN F 221 18.88 -35.35 33.84
CA GLN F 221 19.13 -35.84 35.20
C GLN F 221 18.13 -36.91 35.60
N ARG F 222 16.90 -36.84 35.12
CA ARG F 222 15.95 -37.92 35.40
C ARG F 222 16.28 -39.18 34.60
N ILE F 223 16.91 -39.01 33.43
CA ILE F 223 17.37 -40.17 32.67
C ILE F 223 18.52 -40.86 33.40
N ILE F 224 19.49 -40.07 33.88
CA ILE F 224 20.63 -40.64 34.62
C ILE F 224 20.16 -41.25 35.94
N ASN F 225 19.27 -40.57 36.65
CA ASN F 225 18.72 -41.10 37.89
C ASN F 225 17.71 -42.21 37.66
N GLY F 226 17.24 -42.41 36.44
CA GLY F 226 16.32 -43.48 36.18
C GLY F 226 14.91 -43.23 36.63
N GLU F 227 14.55 -41.98 36.91
CA GLU F 227 13.18 -41.65 37.29
C GLU F 227 12.23 -41.62 36.10
N VAL F 228 12.75 -41.71 34.89
CA VAL F 228 11.96 -41.65 33.65
C VAL F 228 11.21 -42.96 33.45
N PRO F 229 10.18 -43.00 32.61
CA PRO F 229 9.62 -44.29 32.18
C PRO F 229 10.60 -45.12 31.38
N GLU F 230 10.23 -46.38 31.18
CA GLU F 230 11.12 -47.39 30.59
C GLU F 230 11.46 -47.10 29.13
N GLY F 231 10.61 -46.37 28.42
CA GLY F 231 10.88 -46.09 27.03
C GLY F 231 12.06 -45.15 26.82
N LEU F 232 12.28 -44.23 27.76
CA LEU F 232 13.34 -43.25 27.65
C LEU F 232 14.61 -43.66 28.36
N LYS F 233 14.66 -44.86 28.93
CA LYS F 233 15.85 -45.32 29.61
C LYS F 233 16.90 -45.76 28.59
N GLY F 234 18.16 -45.44 28.86
CA GLY F 234 19.24 -45.73 27.95
C GLY F 234 19.41 -44.71 26.84
N ARG F 235 18.68 -43.61 26.87
CA ARG F 235 18.77 -42.61 25.82
C ARG F 235 19.82 -41.55 26.17
N ARG F 236 20.72 -41.30 25.22
CA ARG F 236 21.78 -40.32 25.40
C ARG F 236 21.34 -39.00 24.78
N VAL F 237 21.02 -38.02 25.61
CA VAL F 237 20.64 -36.70 25.14
C VAL F 237 21.90 -35.94 24.78
N LEU F 238 21.98 -35.48 23.53
CA LEU F 238 23.09 -34.68 23.07
C LEU F 238 22.61 -33.30 22.66
N ALA F 239 23.48 -32.31 22.83
CA ALA F 239 23.29 -30.99 22.26
C ALA F 239 24.21 -30.81 21.07
N LEU F 240 23.93 -29.78 20.28
CA LEU F 240 24.62 -29.56 19.02
C LEU F 240 25.25 -28.18 19.05
N ASP F 241 26.55 -28.11 18.75
CA ASP F 241 27.30 -26.86 18.83
C ASP F 241 27.68 -26.41 17.42
N MET F 242 27.29 -25.17 17.08
CA MET F 242 27.48 -24.65 15.74
C MET F 242 28.94 -24.28 15.48
N GLY F 243 29.44 -23.29 16.25
CA GLY F 243 30.78 -22.76 16.03
C GLY F 243 31.88 -23.76 16.29
N ALA F 244 31.60 -24.79 17.10
CA ALA F 244 32.50 -25.92 17.19
C ALA F 244 32.56 -26.67 15.87
N LEU F 245 31.43 -26.80 15.18
CA LEU F 245 31.43 -27.45 13.88
C LEU F 245 31.89 -26.54 12.75
N VAL F 246 32.11 -25.25 13.02
CA VAL F 246 32.65 -24.36 11.99
C VAL F 246 34.07 -24.03 12.44
N ALA F 247 34.74 -24.98 13.10
CA ALA F 247 36.09 -24.77 13.59
C ALA F 247 37.11 -24.66 12.46
N GLY F 248 37.26 -25.73 11.69
CA GLY F 248 38.25 -25.75 10.64
C GLY F 248 37.65 -26.01 9.28
N ALA F 249 36.47 -25.44 9.04
CA ALA F 249 35.67 -25.71 7.85
C ALA F 249 35.53 -24.42 7.05
N LYS F 250 36.53 -24.13 6.22
CA LYS F 250 36.49 -23.00 5.30
C LYS F 250 36.49 -23.42 3.84
N TYR F 251 36.62 -24.72 3.58
CA TYR F 251 36.72 -25.23 2.22
C TYR F 251 35.35 -25.25 1.55
N ARG F 252 35.32 -25.69 0.30
CA ARG F 252 34.09 -25.71 -0.48
C ARG F 252 33.25 -26.90 -0.01
N GLY F 253 32.45 -26.65 1.02
CA GLY F 253 31.55 -27.66 1.53
C GLY F 253 32.16 -28.57 2.58
N GLU F 254 32.73 -27.98 3.63
CA GLU F 254 33.36 -28.75 4.69
C GLU F 254 32.53 -28.80 5.96
N PHE F 255 31.90 -27.67 6.32
CA PHE F 255 30.93 -27.64 7.40
C PHE F 255 29.73 -28.52 7.09
N GLU F 256 29.26 -28.48 5.84
CA GLU F 256 28.14 -29.31 5.43
C GLU F 256 28.50 -30.78 5.45
N GLU F 257 29.74 -31.10 5.11
CA GLU F 257 30.21 -32.48 5.16
C GLU F 257 30.31 -32.99 6.60
N ARG F 258 30.80 -32.14 7.51
CA ARG F 258 30.87 -32.51 8.92
C ARG F 258 29.49 -32.73 9.51
N LEU F 259 28.56 -31.82 9.21
CA LEU F 259 27.20 -31.94 9.70
C LEU F 259 26.48 -33.16 9.11
N LYS F 260 26.75 -33.46 7.84
CA LYS F 260 26.18 -34.65 7.21
C LYS F 260 26.72 -35.92 7.84
N GLY F 261 28.00 -35.93 8.20
CA GLY F 261 28.55 -37.07 8.92
C GLY F 261 27.95 -37.22 10.31
N VAL F 262 27.69 -36.10 10.98
CA VAL F 262 27.01 -36.12 12.28
C VAL F 262 25.61 -36.70 12.14
N LEU F 263 24.89 -36.31 11.09
CA LEU F 263 23.53 -36.82 10.89
C LEU F 263 23.53 -38.30 10.50
N ASN F 264 24.53 -38.75 9.73
CA ASN F 264 24.64 -40.17 9.45
C ASN F 264 24.99 -40.97 10.70
N ASP F 265 25.78 -40.38 11.61
CA ASP F 265 26.05 -41.06 12.87
C ASP F 265 24.83 -41.08 13.78
N LEU F 266 23.99 -40.05 13.72
CA LEU F 266 22.76 -40.06 14.51
C LEU F 266 21.77 -41.05 13.95
N ALA F 267 21.74 -41.22 12.63
CA ALA F 267 20.94 -42.28 12.04
C ALA F 267 21.52 -43.65 12.33
N LYS F 268 22.84 -43.72 12.56
CA LYS F 268 23.48 -44.97 12.91
C LYS F 268 23.10 -45.41 14.32
N GLN F 269 22.74 -44.47 15.19
CA GLN F 269 22.36 -44.81 16.55
C GLN F 269 21.04 -45.57 16.61
N GLU F 270 20.16 -45.33 15.63
CA GLU F 270 18.91 -46.06 15.42
C GLU F 270 17.97 -45.96 16.63
N GLY F 271 17.57 -44.74 16.93
CA GLY F 271 16.65 -44.52 18.03
C GLY F 271 17.30 -44.60 19.40
N ASN F 272 18.42 -43.90 19.59
CA ASN F 272 19.16 -43.98 20.84
C ASN F 272 19.39 -42.58 21.38
N VAL F 273 19.54 -41.60 20.49
CA VAL F 273 19.93 -40.25 20.85
C VAL F 273 18.72 -39.33 20.71
N ILE F 274 18.33 -38.70 21.80
CA ILE F 274 17.29 -37.69 21.78
C ILE F 274 17.99 -36.33 21.70
N LEU F 275 18.05 -35.77 20.51
CA LEU F 275 18.87 -34.59 20.28
C LEU F 275 18.16 -33.35 20.79
N PHE F 276 18.92 -32.46 21.42
CA PHE F 276 18.42 -31.16 21.87
C PHE F 276 19.06 -30.07 21.04
N ILE F 277 18.23 -29.19 20.50
CA ILE F 277 18.68 -28.10 19.64
C ILE F 277 18.15 -26.81 20.26
N ASP F 278 18.99 -26.09 20.98
CA ASP F 278 18.63 -24.78 21.46
C ASP F 278 18.66 -23.78 20.31
N ALA F 279 17.75 -22.80 20.39
CA ALA F 279 17.54 -21.78 19.37
C ALA F 279 17.27 -22.42 18.01
N LEU F 280 16.11 -23.09 17.94
CA LEU F 280 15.76 -23.91 16.79
C LEU F 280 15.59 -23.06 15.54
N HIS F 281 15.01 -21.87 15.69
CA HIS F 281 14.85 -20.95 14.57
C HIS F 281 16.20 -20.47 14.07
N THR F 282 17.17 -20.33 14.97
CA THR F 282 18.52 -19.98 14.57
C THR F 282 19.15 -21.11 13.75
N MET F 283 18.85 -22.36 14.08
CA MET F 283 19.34 -23.46 13.25
C MET F 283 18.64 -23.48 11.91
N VAL F 284 17.37 -23.06 11.86
CA VAL F 284 16.67 -22.94 10.58
C VAL F 284 17.33 -21.88 9.69
N GLY F 285 17.75 -20.77 10.29
CA GLY F 285 18.39 -19.70 9.53
C GLY F 285 19.88 -19.50 9.74
N ALA F 286 20.66 -20.58 9.81
CA ALA F 286 22.07 -20.46 10.22
C ALA F 286 23.04 -20.29 9.06
N GLY F 287 23.11 -21.27 8.18
CA GLY F 287 24.23 -21.38 7.26
C GLY F 287 24.11 -20.60 5.97
N LYS F 288 24.30 -19.28 6.06
CA LYS F 288 24.37 -18.44 4.86
C LYS F 288 25.72 -18.67 4.21
N ALA F 289 25.80 -19.66 3.32
CA ALA F 289 27.06 -20.16 2.80
C ALA F 289 27.20 -19.82 1.31
N ASP F 290 28.36 -20.17 0.75
CA ASP F 290 28.72 -19.85 -0.62
C ASP F 290 28.62 -21.13 -1.46
N GLY F 291 27.59 -21.18 -2.32
CA GLY F 291 27.31 -22.33 -3.21
C GLY F 291 27.19 -23.63 -2.43
N ALA F 292 26.49 -23.58 -1.31
CA ALA F 292 26.36 -24.72 -0.42
C ALA F 292 25.00 -24.62 0.29
N MET F 293 24.83 -25.39 1.36
CA MET F 293 23.57 -25.48 2.09
C MET F 293 23.70 -24.82 3.46
N ASP F 294 22.56 -24.73 4.15
CA ASP F 294 22.56 -24.35 5.56
C ASP F 294 22.36 -25.59 6.42
N ALA F 295 22.21 -25.39 7.72
CA ALA F 295 22.04 -26.52 8.62
C ALA F 295 20.61 -27.04 8.64
N GLY F 296 19.64 -26.11 8.63
CA GLY F 296 18.25 -26.49 8.83
C GLY F 296 17.69 -27.33 7.69
N ASN F 297 18.08 -27.02 6.47
CA ASN F 297 17.61 -27.79 5.32
C ASN F 297 18.53 -28.96 4.98
N MET F 298 19.52 -29.24 5.82
CA MET F 298 20.18 -30.55 5.80
C MET F 298 19.72 -31.46 6.92
N LEU F 299 19.23 -30.89 8.03
CA LEU F 299 18.57 -31.71 9.04
C LEU F 299 17.12 -31.99 8.70
N LYS F 300 16.49 -31.13 7.90
CA LYS F 300 15.07 -31.30 7.60
C LYS F 300 14.72 -32.57 6.82
N PRO F 301 15.54 -33.11 5.89
CA PRO F 301 15.25 -34.48 5.43
C PRO F 301 15.40 -35.55 6.50
N ALA F 302 16.21 -35.32 7.53
CA ALA F 302 16.36 -36.32 8.58
C ALA F 302 15.24 -36.27 9.60
N LEU F 303 14.43 -35.20 9.62
CA LEU F 303 13.22 -35.22 10.43
C LEU F 303 12.20 -36.18 9.84
N ALA F 304 11.82 -35.96 8.59
CA ALA F 304 10.74 -36.73 7.98
C ALA F 304 11.27 -38.00 7.31
N ARG F 305 12.10 -38.73 8.05
CA ARG F 305 12.51 -40.07 7.71
C ARG F 305 12.57 -40.93 8.96
N GLY F 306 12.10 -40.44 10.10
CA GLY F 306 12.15 -41.17 11.34
C GLY F 306 13.52 -41.35 11.93
N GLU F 307 14.51 -40.55 11.51
CA GLU F 307 15.88 -40.69 11.96
C GLU F 307 16.30 -39.57 12.90
N LEU F 308 15.36 -38.83 13.47
CA LEU F 308 15.70 -37.77 14.39
C LEU F 308 14.61 -37.65 15.44
N HIS F 309 15.03 -37.53 16.70
CA HIS F 309 14.13 -37.47 17.84
C HIS F 309 14.30 -36.13 18.53
N CYS F 310 14.24 -35.06 17.73
CA CYS F 310 14.66 -33.73 18.18
C CYS F 310 13.81 -33.18 19.32
N VAL F 311 14.44 -32.33 20.13
CA VAL F 311 13.78 -31.53 21.15
C VAL F 311 14.25 -30.10 20.95
N GLY F 312 13.31 -29.17 20.81
CA GLY F 312 13.63 -27.81 20.46
C GLY F 312 13.32 -26.83 21.58
N ALA F 313 13.83 -25.61 21.41
CA ALA F 313 13.56 -24.52 22.32
C ALA F 313 13.58 -23.22 21.54
N THR F 314 12.55 -22.40 21.72
CA THR F 314 12.44 -21.12 21.03
C THR F 314 11.52 -20.23 21.85
N THR F 315 11.29 -19.03 21.34
CA THR F 315 10.36 -18.10 21.95
C THR F 315 9.04 -18.19 21.17
N LEU F 316 7.98 -17.62 21.73
CA LEU F 316 6.67 -17.64 21.08
C LEU F 316 6.68 -16.87 19.77
N ASP F 317 7.43 -15.76 19.71
CA ASP F 317 7.44 -14.95 18.50
C ASP F 317 8.26 -15.61 17.40
N GLU F 318 9.41 -16.18 17.73
CA GLU F 318 10.22 -16.86 16.74
C GLU F 318 9.59 -18.16 16.29
N TYR F 319 8.78 -18.79 17.14
CA TYR F 319 7.99 -19.93 16.70
C TYR F 319 6.92 -19.49 15.70
N ARG F 320 6.21 -18.41 16.04
CA ARG F 320 5.13 -17.90 15.20
C ARG F 320 5.65 -17.37 13.88
N GLN F 321 6.86 -16.81 13.86
CA GLN F 321 7.43 -16.36 12.60
C GLN F 321 8.00 -17.51 11.80
N TYR F 322 8.89 -18.31 12.40
CA TYR F 322 9.77 -19.15 11.61
C TYR F 322 9.37 -20.62 11.60
N ILE F 323 8.42 -21.05 12.43
CA ILE F 323 8.06 -22.46 12.46
C ILE F 323 6.59 -22.64 12.12
N GLU F 324 5.76 -21.65 12.47
CA GLU F 324 4.36 -21.74 12.12
C GLU F 324 4.12 -21.43 10.65
N LYS F 325 4.97 -20.61 10.05
CA LYS F 325 4.82 -20.25 8.64
C LYS F 325 5.07 -21.45 7.73
N ASP F 326 6.00 -22.33 8.11
CA ASP F 326 6.30 -23.51 7.32
C ASP F 326 5.27 -24.60 7.64
N ALA F 327 5.24 -25.64 6.79
CA ALA F 327 4.23 -26.70 6.88
C ALA F 327 4.77 -27.96 7.56
N ALA F 328 5.81 -28.58 6.99
CA ALA F 328 6.36 -29.80 7.57
C ALA F 328 7.09 -29.50 8.87
N LEU F 329 7.72 -28.33 8.94
CA LEU F 329 8.31 -27.85 10.19
C LEU F 329 7.24 -27.59 11.24
N GLU F 330 6.01 -27.30 10.83
CA GLU F 330 4.94 -27.19 11.81
C GLU F 330 4.47 -28.56 12.25
N ARG F 331 4.28 -29.48 11.32
CA ARG F 331 3.67 -30.77 11.67
C ARG F 331 4.69 -31.82 12.09
N ARG F 332 5.93 -31.43 12.36
CA ARG F 332 6.84 -32.29 13.11
C ARG F 332 7.01 -31.85 14.56
N PHE F 333 6.45 -30.70 14.96
CA PHE F 333 6.80 -30.12 16.25
C PHE F 333 5.57 -29.80 17.08
N GLN F 334 5.74 -29.96 18.40
CA GLN F 334 4.69 -29.77 19.40
C GLN F 334 5.04 -28.64 20.36
N LYS F 335 4.02 -27.89 20.76
CA LYS F 335 4.20 -26.71 21.61
C LYS F 335 4.11 -27.11 23.07
N VAL F 336 5.24 -27.45 23.68
CA VAL F 336 5.28 -27.69 25.11
C VAL F 336 5.55 -26.33 25.74
N PHE F 337 4.47 -25.61 26.04
CA PHE F 337 4.59 -24.23 26.48
C PHE F 337 5.12 -24.18 27.91
N VAL F 338 6.11 -23.31 28.14
CA VAL F 338 6.80 -23.21 29.42
C VAL F 338 6.44 -21.87 30.05
N ALA F 339 5.65 -21.90 31.11
CA ALA F 339 5.20 -20.67 31.74
C ALA F 339 6.31 -20.05 32.56
N GLU F 340 6.23 -18.74 32.73
CA GLU F 340 7.13 -18.03 33.64
C GLU F 340 6.80 -18.42 35.08
N PRO F 341 7.78 -18.81 35.88
CA PRO F 341 7.47 -19.32 37.22
C PRO F 341 7.03 -18.20 38.16
N SER F 342 6.37 -18.61 39.24
CA SER F 342 5.82 -17.67 40.20
C SER F 342 6.92 -17.26 41.19
N VAL F 343 6.52 -16.54 42.23
CA VAL F 343 7.49 -16.07 43.22
C VAL F 343 7.96 -17.22 44.09
N GLU F 344 7.03 -18.06 44.55
CA GLU F 344 7.40 -19.20 45.40
C GLU F 344 8.13 -20.27 44.60
N ASP F 345 7.83 -20.37 43.30
CA ASP F 345 8.62 -21.24 42.42
C ASP F 345 10.07 -20.76 42.35
N THR F 346 10.26 -19.44 42.27
CA THR F 346 11.60 -18.87 42.30
C THR F 346 12.28 -19.12 43.64
N ILE F 347 11.50 -19.10 44.74
CA ILE F 347 12.02 -19.41 46.07
C ILE F 347 12.53 -20.85 46.11
N ALA F 348 11.76 -21.78 45.55
CA ALA F 348 12.16 -23.18 45.53
C ALA F 348 13.40 -23.39 44.67
N ILE F 349 13.48 -22.71 43.53
CA ILE F 349 14.63 -22.86 42.64
C ILE F 349 15.89 -22.27 43.29
N LEU F 350 15.77 -21.11 43.94
CA LEU F 350 16.91 -20.51 44.62
C LEU F 350 17.33 -21.33 45.84
N ARG F 351 16.38 -21.99 46.50
CA ARG F 351 16.77 -22.94 47.54
C ARG F 351 17.42 -24.18 46.97
N GLY F 352 17.17 -24.48 45.68
CA GLY F 352 17.85 -25.61 45.06
C GLY F 352 19.34 -25.35 44.84
N LEU F 353 19.69 -24.21 44.27
CA LEU F 353 21.05 -23.96 43.80
C LEU F 353 21.88 -23.11 44.75
N LYS F 354 21.41 -22.92 45.99
CA LYS F 354 22.12 -22.06 46.94
C LYS F 354 23.45 -22.67 47.36
N GLU F 355 23.50 -23.99 47.50
CA GLU F 355 24.68 -24.66 48.04
C GLU F 355 25.86 -24.57 47.08
N ARG F 356 25.59 -24.61 45.78
CA ARG F 356 26.65 -24.51 44.79
C ARG F 356 27.30 -23.13 44.80
N TYR F 357 26.49 -22.08 44.90
CA TYR F 357 27.03 -20.72 44.94
C TYR F 357 27.76 -20.45 46.26
N GLU F 358 27.27 -21.02 47.36
CA GLU F 358 27.97 -20.86 48.63
C GLU F 358 29.31 -21.59 48.63
N LEU F 359 29.36 -22.79 48.05
CA LEU F 359 30.64 -23.50 47.97
C LEU F 359 31.57 -22.90 46.93
N HIS F 360 31.04 -22.14 45.96
CA HIS F 360 31.95 -21.47 45.02
C HIS F 360 32.51 -20.18 45.61
N HIS F 361 31.63 -19.26 45.98
CA HIS F 361 32.07 -17.93 46.40
C HIS F 361 32.49 -17.86 47.86
N HIS F 362 32.44 -18.98 48.58
CA HIS F 362 32.90 -19.10 49.98
C HIS F 362 32.14 -18.17 50.92
N VAL F 363 30.86 -17.93 50.62
CA VAL F 363 30.04 -17.03 51.42
C VAL F 363 28.81 -17.78 51.91
N GLN F 364 27.95 -17.07 52.64
CA GLN F 364 26.72 -17.66 53.16
C GLN F 364 25.53 -16.85 52.66
N ILE F 365 24.43 -17.55 52.41
CA ILE F 365 23.22 -16.96 51.84
C ILE F 365 22.07 -17.23 52.80
N THR F 366 21.30 -16.19 53.11
CA THR F 366 20.25 -16.26 54.10
C THR F 366 18.90 -16.28 53.42
N ASP F 367 17.95 -17.05 53.96
CA ASP F 367 16.65 -17.26 53.34
C ASP F 367 15.72 -16.04 53.30
N PRO F 368 15.67 -15.16 54.32
CA PRO F 368 14.96 -13.89 54.11
C PRO F 368 15.57 -13.03 53.01
N ALA F 369 16.89 -13.08 52.82
CA ALA F 369 17.48 -12.42 51.66
C ALA F 369 17.03 -13.07 50.36
N ILE F 370 16.78 -14.38 50.36
CA ILE F 370 16.32 -15.06 49.16
C ILE F 370 14.89 -14.64 48.82
N VAL F 371 14.00 -14.63 49.81
CA VAL F 371 12.62 -14.26 49.51
C VAL F 371 12.52 -12.76 49.21
N ALA F 372 13.39 -11.94 49.80
CA ALA F 372 13.41 -10.52 49.46
C ALA F 372 13.94 -10.30 48.06
N ALA F 373 14.97 -11.06 47.66
CA ALA F 373 15.49 -10.98 46.30
C ALA F 373 14.45 -11.40 45.28
N ALA F 374 13.70 -12.45 45.59
CA ALA F 374 12.65 -12.93 44.67
C ALA F 374 11.52 -11.92 44.55
N THR F 375 11.06 -11.37 45.66
CA THR F 375 9.95 -10.42 45.64
C THR F 375 10.35 -9.11 44.98
N LEU F 376 11.55 -8.60 45.29
CA LEU F 376 11.99 -7.36 44.67
C LEU F 376 12.37 -7.53 43.21
N SER F 377 12.81 -8.73 42.80
CA SER F 377 13.08 -8.97 41.39
C SER F 377 11.77 -9.09 40.61
N HIS F 378 10.75 -9.67 41.22
CA HIS F 378 9.44 -9.72 40.57
C HIS F 378 8.80 -8.33 40.54
N ARG F 379 9.10 -7.48 41.51
CA ARG F 379 8.48 -6.17 41.56
C ARG F 379 9.17 -5.16 40.65
N TYR F 380 10.51 -5.19 40.61
CA TYR F 380 11.27 -4.10 40.01
C TYR F 380 11.77 -4.40 38.61
N ILE F 381 12.41 -5.55 38.41
CA ILE F 381 13.08 -5.82 37.14
C ILE F 381 12.03 -6.20 36.09
N ALA F 382 12.14 -5.61 34.90
CA ALA F 382 11.22 -5.88 33.82
C ALA F 382 11.87 -6.43 32.56
N ASP F 383 13.17 -6.24 32.38
CA ASP F 383 13.85 -6.78 31.21
C ASP F 383 13.99 -8.30 31.33
N ARG F 384 14.73 -8.76 32.31
CA ARG F 384 14.85 -10.19 32.51
C ARG F 384 13.64 -10.72 33.27
N GLN F 385 13.57 -12.04 33.38
CA GLN F 385 12.42 -12.69 33.97
C GLN F 385 12.88 -13.73 34.99
N LEU F 386 11.91 -14.24 35.73
CA LEU F 386 12.16 -15.29 36.70
C LEU F 386 12.54 -16.59 35.98
N PRO F 387 13.44 -17.39 36.56
CA PRO F 387 14.20 -17.15 37.79
C PRO F 387 15.62 -16.70 37.53
N ASP F 388 15.95 -16.33 36.29
CA ASP F 388 17.35 -16.05 35.97
C ASP F 388 17.80 -14.73 36.57
N LYS F 389 16.91 -13.75 36.66
CA LYS F 389 17.27 -12.46 37.25
C LYS F 389 17.53 -12.59 38.74
N ALA F 390 16.81 -13.47 39.44
CA ALA F 390 17.06 -13.67 40.86
C ALA F 390 18.38 -14.39 41.09
N ILE F 391 18.71 -15.34 40.21
CA ILE F 391 20.01 -16.02 40.27
C ILE F 391 21.14 -15.03 40.01
N ASP F 392 20.93 -14.10 39.08
CA ASP F 392 21.92 -13.07 38.82
C ASP F 392 22.09 -12.14 40.02
N LEU F 393 20.99 -11.81 40.71
CA LEU F 393 21.08 -11.01 41.94
C LEU F 393 21.87 -11.73 43.02
N ILE F 394 21.60 -13.02 43.21
CA ILE F 394 22.28 -13.79 44.25
C ILE F 394 23.77 -13.89 43.96
N ASP F 395 24.12 -14.19 42.71
CA ASP F 395 25.53 -14.40 42.40
C ASP F 395 26.29 -13.07 42.34
N GLU F 396 25.62 -11.98 41.94
CA GLU F 396 26.25 -10.67 41.94
C GLU F 396 26.48 -10.19 43.36
N ALA F 397 25.55 -10.48 44.27
CA ALA F 397 25.76 -10.17 45.68
C ALA F 397 26.88 -11.01 46.28
N ALA F 398 27.01 -12.26 45.82
CA ALA F 398 28.11 -13.12 46.30
C ALA F 398 29.46 -12.58 45.86
N SER F 399 29.58 -12.15 44.61
CA SER F 399 30.84 -11.56 44.17
C SER F 399 31.10 -10.21 44.83
N SER F 400 30.04 -9.48 45.19
CA SER F 400 30.22 -8.22 45.92
C SER F 400 30.77 -8.47 47.32
N ILE F 401 30.27 -9.51 48.00
CA ILE F 401 30.78 -9.86 49.32
C ILE F 401 32.22 -10.38 49.22
N ARG F 402 32.52 -11.09 48.12
CA ARG F 402 33.89 -11.55 47.89
C ARG F 402 34.84 -10.37 47.68
N MET F 403 34.40 -9.33 46.97
CA MET F 403 35.21 -8.12 46.84
C MET F 403 35.36 -7.38 48.15
N GLN F 404 34.32 -7.35 48.98
CA GLN F 404 34.43 -6.71 50.28
C GLN F 404 35.37 -7.47 51.20
N ILE F 405 35.49 -8.78 51.01
CA ILE F 405 36.54 -9.54 51.69
C ILE F 405 37.90 -9.14 51.13
N ASP F 406 38.02 -9.03 49.81
CA ASP F 406 39.31 -8.83 49.19
C ASP F 406 39.82 -7.39 49.36
N SER F 407 38.98 -6.40 49.09
CA SER F 407 39.47 -5.01 49.02
C SER F 407 39.66 -4.39 50.40
N LYS F 408 38.55 -4.19 51.13
CA LYS F 408 38.59 -3.59 52.47
C LYS F 408 37.30 -3.87 53.23
N LEU F 527 34.71 -7.51 56.57
CA LEU F 527 34.90 -8.94 56.69
C LEU F 527 33.59 -9.66 57.00
N ARG F 528 32.80 -9.90 55.96
CA ARG F 528 31.50 -10.55 56.11
C ARG F 528 31.39 -11.70 55.12
N ASN F 529 30.45 -12.61 55.41
CA ASN F 529 30.12 -13.68 54.48
C ASN F 529 28.63 -13.93 54.33
N LYS F 530 27.78 -13.38 55.19
CA LYS F 530 26.35 -13.64 55.14
C LYS F 530 25.67 -12.60 54.26
N VAL F 531 25.16 -13.05 53.13
CA VAL F 531 24.43 -12.17 52.21
C VAL F 531 23.05 -11.92 52.80
N THR F 532 22.80 -10.71 53.26
CA THR F 532 21.51 -10.34 53.81
C THR F 532 20.71 -9.58 52.77
N ASP F 533 19.45 -9.30 53.11
CA ASP F 533 18.58 -8.56 52.22
C ASP F 533 19.00 -7.10 52.05
N ALA F 534 19.75 -6.56 53.00
CA ALA F 534 20.35 -5.25 52.83
C ALA F 534 21.39 -5.27 51.72
N GLU F 535 22.15 -6.37 51.60
CA GLU F 535 23.09 -6.51 50.50
C GLU F 535 22.35 -6.62 49.16
N ILE F 536 21.20 -7.29 49.17
CA ILE F 536 20.37 -7.39 47.97
C ILE F 536 19.84 -6.03 47.58
N ALA F 537 19.45 -5.23 48.57
CA ALA F 537 19.00 -3.86 48.30
C ALA F 537 20.13 -3.00 47.76
N GLU F 538 21.35 -3.20 48.28
CA GLU F 538 22.51 -2.47 47.77
C GLU F 538 22.80 -2.80 46.32
N VAL F 539 22.78 -4.10 45.97
CA VAL F 539 23.03 -4.51 44.60
C VAL F 539 21.91 -4.02 43.68
N LEU F 540 20.67 -4.10 44.14
CA LEU F 540 19.53 -3.81 43.28
C LEU F 540 19.34 -2.31 43.06
N ALA F 541 19.51 -1.50 44.11
CA ALA F 541 19.49 -0.05 43.91
C ALA F 541 20.73 0.41 43.19
N ARG F 542 21.85 -0.31 43.35
CA ARG F 542 23.03 -0.03 42.55
C ARG F 542 22.81 -0.48 41.11
N TRP F 543 21.93 -1.45 40.89
CA TRP F 543 21.60 -1.84 39.53
C TRP F 543 20.57 -0.90 38.91
N GLU F 553 10.56 1.74 58.00
CA GLU F 553 11.41 2.38 56.99
C GLU F 553 10.69 2.49 55.65
N SER F 554 9.52 1.88 55.55
CA SER F 554 8.72 1.94 54.32
C SER F 554 7.41 2.68 54.50
N GLU F 555 6.56 2.25 55.43
CA GLU F 555 5.19 2.76 55.51
C GLU F 555 5.14 4.15 56.14
N ARG F 556 5.79 4.33 57.30
CA ARG F 556 5.74 5.61 57.99
C ARG F 556 6.52 6.69 57.24
N GLU F 557 7.70 6.34 56.73
CA GLU F 557 8.46 7.28 55.92
C GLU F 557 7.76 7.56 54.60
N LYS F 558 7.03 6.57 54.06
CA LYS F 558 6.20 6.79 52.89
C LYS F 558 5.09 7.80 53.17
N LEU F 559 4.44 7.68 54.33
CA LEU F 559 3.40 8.62 54.74
C LEU F 559 3.96 10.03 54.90
N LEU F 560 5.12 10.14 55.55
CA LEU F 560 5.71 11.46 55.80
C LEU F 560 6.18 12.11 54.52
N ARG F 561 6.83 11.36 53.63
CA ARG F 561 7.26 11.91 52.35
C ARG F 561 6.07 12.27 51.46
N MET F 562 4.98 11.50 51.56
CA MET F 562 3.76 11.84 50.82
C MET F 562 3.19 13.17 51.28
N GLU F 563 2.93 13.29 52.59
CA GLU F 563 2.33 14.50 53.12
C GLU F 563 3.27 15.69 53.12
N GLN F 564 4.57 15.47 52.91
CA GLN F 564 5.49 16.58 52.76
C GLN F 564 5.66 17.02 51.31
N GLU F 565 5.72 16.07 50.37
CA GLU F 565 5.90 16.41 48.97
C GLU F 565 4.59 16.80 48.28
N LEU F 566 3.44 16.59 48.93
CA LEU F 566 2.21 17.15 48.39
C LEU F 566 2.24 18.66 48.40
N HIS F 567 2.56 19.25 49.55
CA HIS F 567 2.56 20.71 49.67
C HIS F 567 3.72 21.37 48.94
N HIS F 568 4.70 20.59 48.48
CA HIS F 568 5.73 21.14 47.62
C HIS F 568 5.18 21.37 46.21
N ARG F 569 4.46 20.38 45.67
CA ARG F 569 3.91 20.48 44.32
C ARG F 569 2.47 20.95 44.32
N VAL F 570 1.58 20.23 45.00
CA VAL F 570 0.16 20.58 45.01
C VAL F 570 -0.06 21.47 46.24
N ILE F 571 0.13 22.76 46.08
CA ILE F 571 -0.06 23.70 47.17
C ILE F 571 -1.56 23.99 47.27
N GLY F 572 -2.02 24.28 48.49
CA GLY F 572 -3.44 24.47 48.71
C GLY F 572 -4.16 23.13 48.78
N GLN F 573 -5.50 23.23 48.85
CA GLN F 573 -6.42 22.09 48.89
C GLN F 573 -6.10 21.17 50.07
N ASN F 574 -6.10 21.73 51.29
CA ASN F 574 -5.67 20.98 52.46
C ASN F 574 -6.64 19.87 52.81
N GLU F 575 -7.94 20.09 52.56
CA GLU F 575 -8.94 19.03 52.69
C GLU F 575 -8.65 17.91 51.71
N ALA F 576 -8.22 18.26 50.49
CA ALA F 576 -7.85 17.25 49.53
C ALA F 576 -6.56 16.53 49.90
N VAL F 577 -5.63 17.24 50.54
CA VAL F 577 -4.41 16.60 51.05
C VAL F 577 -4.77 15.57 52.12
N ASP F 578 -5.70 15.92 53.00
CA ASP F 578 -6.16 14.97 54.01
C ASP F 578 -6.94 13.80 53.39
N ALA F 579 -7.70 14.07 52.32
CA ALA F 579 -8.47 13.02 51.67
C ALA F 579 -7.56 12.02 50.97
N VAL F 580 -6.55 12.52 50.25
CA VAL F 580 -5.58 11.66 49.59
C VAL F 580 -4.75 10.90 50.63
N SER F 581 -4.44 11.54 51.76
CA SER F 581 -3.69 10.86 52.82
C SER F 581 -4.51 9.74 53.45
N ASN F 582 -5.82 9.97 53.64
CA ASN F 582 -6.71 8.92 54.15
C ASN F 582 -6.82 7.78 53.16
N ALA F 583 -6.89 8.09 51.86
CA ALA F 583 -6.98 7.05 50.85
C ALA F 583 -5.71 6.21 50.80
N ILE F 584 -4.55 6.85 50.91
CA ILE F 584 -3.28 6.13 50.86
C ILE F 584 -3.08 5.30 52.13
N ARG F 585 -3.52 5.81 53.28
CA ARG F 585 -3.45 5.03 54.51
C ARG F 585 -4.38 3.83 54.47
N ARG F 586 -5.59 4.00 53.94
CA ARG F 586 -6.52 2.88 53.85
C ARG F 586 -6.12 1.89 52.76
N SER F 587 -5.32 2.31 51.78
CA SER F 587 -4.84 1.37 50.77
C SER F 587 -3.62 0.59 51.27
N ARG F 588 -2.59 1.29 51.72
CA ARG F 588 -1.35 0.66 52.15
C ARG F 588 -1.36 0.28 53.62
N ALA F 589 -2.53 0.30 54.28
CA ALA F 589 -2.62 -0.26 55.62
C ALA F 589 -2.63 -1.79 55.59
N GLY F 590 -3.00 -2.37 54.45
CA GLY F 590 -3.08 -3.80 54.32
C GLY F 590 -4.39 -4.42 54.78
N LEU F 591 -5.30 -3.62 55.33
CA LEU F 591 -6.58 -4.13 55.82
C LEU F 591 -7.64 -4.26 54.74
N ALA F 592 -7.38 -3.74 53.54
CA ALA F 592 -8.35 -3.77 52.46
C ALA F 592 -8.15 -5.03 51.62
N ASP F 593 -8.80 -5.08 50.47
CA ASP F 593 -8.70 -6.22 49.57
C ASP F 593 -7.55 -5.99 48.60
N PRO F 594 -6.54 -6.86 48.54
CA PRO F 594 -5.46 -6.71 47.55
C PRO F 594 -5.83 -7.16 46.14
N ASN F 595 -7.05 -7.63 45.90
CA ASN F 595 -7.51 -7.99 44.57
C ASN F 595 -8.18 -6.83 43.84
N ARG F 596 -7.92 -5.61 44.27
CA ARG F 596 -8.53 -4.40 43.73
C ARG F 596 -7.43 -3.40 43.40
N PRO F 597 -7.62 -2.55 42.39
CA PRO F 597 -6.63 -1.51 42.10
C PRO F 597 -6.67 -0.42 43.16
N ILE F 598 -5.50 0.18 43.39
CA ILE F 598 -5.40 1.26 44.37
C ILE F 598 -6.12 2.50 43.85
N GLY F 599 -5.90 2.84 42.58
CA GLY F 599 -6.58 3.96 41.97
C GLY F 599 -8.01 3.65 41.59
N SER F 600 -8.95 4.26 42.32
CA SER F 600 -10.38 4.16 42.01
C SER F 600 -10.99 5.50 42.41
N PHE F 601 -11.04 6.43 41.45
CA PHE F 601 -11.32 7.82 41.78
C PHE F 601 -12.10 8.51 40.67
N LEU F 602 -13.04 9.35 41.07
CA LEU F 602 -13.70 10.32 40.20
C LEU F 602 -13.49 11.71 40.79
N PHE F 603 -13.01 12.63 39.97
CA PHE F 603 -12.65 13.96 40.46
C PHE F 603 -13.65 15.00 39.98
N LEU F 604 -13.73 16.10 40.72
CA LEU F 604 -14.59 17.23 40.40
C LEU F 604 -13.83 18.53 40.55
N GLY F 605 -14.10 19.47 39.64
CA GLY F 605 -13.40 20.73 39.61
C GLY F 605 -13.17 21.23 38.20
N PRO F 606 -13.00 22.54 38.04
CA PRO F 606 -12.74 23.09 36.70
C PRO F 606 -11.30 22.86 36.27
N THR F 607 -10.95 23.44 35.12
CA THR F 607 -9.64 23.24 34.53
C THR F 607 -8.56 24.02 35.29
N GLY F 608 -7.46 23.34 35.60
CA GLY F 608 -6.38 23.98 36.32
C GLY F 608 -6.68 24.17 37.79
N VAL F 609 -7.10 23.11 38.46
CA VAL F 609 -7.26 23.09 39.91
C VAL F 609 -6.33 22.11 40.60
N GLY F 610 -5.36 21.57 39.87
CA GLY F 610 -4.39 20.68 40.44
C GLY F 610 -4.67 19.22 40.23
N LYS F 611 -5.59 18.88 39.33
CA LYS F 611 -5.91 17.48 39.06
C LYS F 611 -4.73 16.78 38.38
N THR F 612 -4.25 17.34 37.27
CA THR F 612 -3.08 16.80 36.60
C THR F 612 -1.84 16.94 37.47
N GLU F 613 -1.80 18.01 38.28
CA GLU F 613 -0.76 18.16 39.30
C GLU F 613 -0.82 17.03 40.31
N LEU F 614 -2.03 16.63 40.71
CA LEU F 614 -2.19 15.51 41.64
C LEU F 614 -1.78 14.19 41.00
N CYS F 615 -2.12 14.00 39.72
CA CYS F 615 -1.76 12.77 39.02
C CYS F 615 -0.26 12.63 38.87
N LYS F 616 0.42 13.70 38.43
CA LYS F 616 1.86 13.64 38.28
C LYS F 616 2.57 13.63 39.63
N ALA F 617 1.92 14.15 40.68
CA ALA F 617 2.49 14.03 42.02
C ALA F 617 2.43 12.60 42.51
N LEU F 618 1.31 11.91 42.26
CA LEU F 618 1.21 10.49 42.59
C LEU F 618 2.19 9.66 41.78
N ALA F 619 2.41 10.04 40.52
CA ALA F 619 3.39 9.34 39.68
C ALA F 619 4.80 9.55 40.21
N ASN F 620 5.18 10.79 40.50
CA ASN F 620 6.52 11.11 40.97
C ASN F 620 6.78 10.53 42.36
N PHE F 621 5.74 10.39 43.18
CA PHE F 621 5.95 9.78 44.49
C PHE F 621 6.01 8.26 44.37
N MET F 622 4.92 7.63 43.92
CA MET F 622 4.78 6.19 44.00
C MET F 622 5.64 5.46 42.97
N PHE F 623 5.97 6.10 41.86
CA PHE F 623 6.61 5.41 40.75
C PHE F 623 7.92 6.03 40.32
N ASP F 624 8.40 7.06 41.03
CA ASP F 624 9.74 7.63 40.89
C ASP F 624 10.02 8.20 39.49
N SER F 625 8.99 8.75 38.84
CA SER F 625 9.18 9.39 37.54
C SER F 625 8.09 10.42 37.32
N ASP F 626 8.45 11.48 36.60
CA ASP F 626 7.50 12.54 36.27
C ASP F 626 6.43 12.05 35.31
N GLU F 627 6.85 11.50 34.17
CA GLU F 627 5.91 10.95 33.20
C GLU F 627 5.67 9.46 33.45
N ALA F 628 5.36 9.10 34.69
CA ALA F 628 5.02 7.73 35.05
C ALA F 628 3.52 7.53 35.07
N MET F 629 2.85 7.91 33.97
CA MET F 629 1.40 7.85 33.92
C MET F 629 0.97 7.77 32.47
N VAL F 630 -0.35 7.61 32.28
CA VAL F 630 -0.99 7.61 30.97
C VAL F 630 -2.13 8.62 31.02
N ARG F 631 -2.11 9.59 30.10
CA ARG F 631 -3.10 10.67 30.06
C ARG F 631 -3.96 10.51 28.81
N ILE F 632 -5.21 10.09 29.00
CA ILE F 632 -6.19 9.94 27.93
C ILE F 632 -7.45 10.68 28.33
N ASP F 633 -8.02 11.45 27.41
CA ASP F 633 -9.22 12.22 27.68
C ASP F 633 -10.42 11.48 27.11
N MET F 634 -11.51 11.41 27.88
CA MET F 634 -12.74 10.77 27.46
C MET F 634 -13.72 11.73 26.80
N SER F 635 -13.25 12.87 26.29
CA SER F 635 -14.14 13.87 25.71
C SER F 635 -14.58 13.52 24.30
N GLU F 636 -13.97 12.51 23.67
CA GLU F 636 -14.18 12.23 22.27
C GLU F 636 -14.61 10.81 21.98
N PHE F 637 -14.87 9.99 23.00
CA PHE F 637 -15.27 8.61 22.84
C PHE F 637 -16.77 8.42 22.97
N MET F 638 -17.54 9.39 22.44
CA MET F 638 -19.00 9.39 22.54
C MET F 638 -19.67 8.36 21.64
N GLU F 639 -18.91 7.67 20.78
CA GLU F 639 -19.47 6.71 19.85
C GLU F 639 -19.03 5.29 20.20
N LYS F 640 -19.44 4.34 19.35
CA LYS F 640 -19.22 2.92 19.59
C LYS F 640 -17.75 2.53 19.51
N HIS F 641 -16.91 3.39 18.93
CA HIS F 641 -15.47 3.18 18.92
C HIS F 641 -14.85 3.81 20.18
N SER F 642 -15.35 3.38 21.33
CA SER F 642 -14.85 3.86 22.61
C SER F 642 -14.07 2.79 23.35
N VAL F 643 -14.67 1.61 23.55
CA VAL F 643 -13.93 0.49 24.12
C VAL F 643 -12.90 -0.04 23.14
N SER F 644 -13.17 0.05 21.83
CA SER F 644 -12.23 -0.47 20.84
C SER F 644 -11.05 0.45 20.62
N ARG F 645 -11.23 1.77 20.78
CA ARG F 645 -10.07 2.65 20.77
C ARG F 645 -9.34 2.60 22.11
N LEU F 646 -10.07 2.84 23.21
CA LEU F 646 -9.45 2.98 24.52
C LEU F 646 -8.92 1.65 25.04
N VAL F 647 -9.82 0.70 25.29
CA VAL F 647 -9.46 -0.51 26.01
C VAL F 647 -8.68 -1.47 25.10
N GLY F 648 -9.34 -1.96 24.06
CA GLY F 648 -8.72 -2.96 23.21
C GLY F 648 -9.56 -3.29 22.01
N ALA F 649 -8.93 -3.51 20.86
CA ALA F 649 -9.67 -3.63 19.62
C ALA F 649 -9.60 -5.04 19.10
N PRO F 650 -10.75 -5.68 18.85
CA PRO F 650 -10.77 -6.87 17.98
C PRO F 650 -10.42 -6.47 16.55
N PRO F 651 -9.99 -7.42 15.69
CA PRO F 651 -9.37 -7.05 14.40
C PRO F 651 -10.30 -6.33 13.42
N GLY F 652 -9.97 -5.06 13.16
CA GLY F 652 -10.65 -4.26 12.17
C GLY F 652 -10.87 -2.80 12.54
N TYR F 653 -10.50 -2.43 13.76
CA TYR F 653 -10.78 -1.09 14.27
C TYR F 653 -9.61 -0.13 14.03
N VAL F 654 -9.90 1.15 14.30
CA VAL F 654 -8.92 2.23 14.18
C VAL F 654 -7.83 2.09 15.23
N GLY F 655 -8.17 1.56 16.41
CA GLY F 655 -7.18 1.32 17.45
C GLY F 655 -6.64 -0.10 17.44
N TYR F 656 -6.70 -0.78 16.30
CA TYR F 656 -6.22 -2.15 16.21
C TYR F 656 -4.81 -2.24 15.63
N GLU F 657 -4.51 -1.51 14.55
CA GLU F 657 -3.17 -1.47 13.97
C GLU F 657 -2.30 -0.40 14.60
N GLU F 658 -2.60 0.01 15.82
CA GLU F 658 -1.80 0.98 16.56
C GLU F 658 -1.35 0.46 17.92
N GLY F 659 -1.73 -0.75 18.28
CA GLY F 659 -1.55 -1.24 19.64
C GLY F 659 -2.84 -1.15 20.43
N GLY F 660 -2.93 -0.15 21.30
CA GLY F 660 -4.12 0.08 22.10
C GLY F 660 -3.90 1.24 23.05
N TYR F 661 -4.96 1.95 23.42
CA TYR F 661 -4.78 3.16 24.22
C TYR F 661 -4.55 2.85 25.69
N LEU F 662 -5.29 1.89 26.26
CA LEU F 662 -5.24 1.63 27.69
C LEU F 662 -4.55 0.32 28.05
N THR F 663 -5.06 -0.81 27.54
CA THR F 663 -4.54 -2.11 27.96
C THR F 663 -3.14 -2.34 27.40
N GLU F 664 -2.87 -1.85 26.19
CA GLU F 664 -1.54 -2.00 25.64
C GLU F 664 -0.55 -0.99 26.24
N ALA F 665 -1.05 0.16 26.69
CA ALA F 665 -0.18 1.10 27.39
C ALA F 665 0.19 0.59 28.77
N VAL F 666 -0.74 -0.08 29.45
CA VAL F 666 -0.41 -0.73 30.71
C VAL F 666 0.40 -2.01 30.47
N ARG F 667 0.29 -2.60 29.28
CA ARG F 667 1.26 -3.62 28.88
C ARG F 667 2.66 -3.01 28.76
N ARG F 668 2.74 -1.77 28.27
CA ARG F 668 4.02 -1.07 28.28
C ARG F 668 4.43 -0.67 29.69
N ARG F 669 3.48 -0.15 30.48
CA ARG F 669 3.74 0.33 31.83
C ARG F 669 2.80 -0.33 32.83
N PRO F 670 3.19 -1.50 33.37
CA PRO F 670 2.39 -2.11 34.44
C PRO F 670 2.55 -1.43 35.78
N TYR F 671 3.43 -0.44 35.89
CA TYR F 671 3.81 0.22 37.14
C TYR F 671 3.64 1.72 36.87
N SER F 672 2.40 2.21 36.97
CA SER F 672 2.06 3.51 36.41
C SER F 672 0.72 4.01 36.97
N VAL F 673 0.20 5.08 36.38
CA VAL F 673 -1.03 5.76 36.78
C VAL F 673 -1.91 5.92 35.53
N ILE F 674 -3.22 5.71 35.67
CA ILE F 674 -4.16 5.79 34.56
C ILE F 674 -5.06 7.00 34.75
N LEU F 675 -5.11 7.89 33.76
CA LEU F 675 -5.95 9.09 33.79
C LEU F 675 -7.04 9.01 32.73
N LEU F 676 -8.27 9.32 33.13
CA LEU F 676 -9.42 9.45 32.24
C LEU F 676 -10.00 10.85 32.41
N ASP F 677 -9.52 11.79 31.60
CA ASP F 677 -9.97 13.17 31.71
C ASP F 677 -11.27 13.36 30.95
N ALA F 678 -12.08 14.33 31.42
CA ALA F 678 -13.33 14.79 30.79
C ALA F 678 -14.32 13.65 30.62
N VAL F 679 -14.78 13.10 31.75
CA VAL F 679 -15.57 11.87 31.74
C VAL F 679 -17.02 12.11 31.37
N GLU F 680 -17.44 13.38 31.21
CA GLU F 680 -18.83 13.69 30.90
C GLU F 680 -19.23 13.35 29.46
N LYS F 681 -18.27 12.94 28.61
CA LYS F 681 -18.55 12.58 27.22
C LYS F 681 -18.19 11.12 26.94
N ALA F 682 -18.54 10.23 27.87
CA ALA F 682 -18.17 8.82 27.77
C ALA F 682 -19.17 8.06 26.91
N HIS F 683 -19.10 6.73 26.95
CA HIS F 683 -19.99 5.87 26.20
C HIS F 683 -20.41 4.71 27.09
N PRO F 684 -21.64 4.21 26.94
CA PRO F 684 -22.13 3.14 27.85
C PRO F 684 -21.38 1.81 27.77
N ASP F 685 -20.63 1.52 26.72
CA ASP F 685 -19.79 0.30 26.77
C ASP F 685 -18.39 0.58 27.29
N VAL F 686 -18.31 1.37 28.36
CA VAL F 686 -17.07 1.65 29.09
C VAL F 686 -17.35 1.32 30.55
N PHE F 687 -18.55 1.71 31.01
CA PHE F 687 -18.99 1.49 32.40
C PHE F 687 -18.90 0.03 32.83
N ASN F 688 -19.16 -0.91 31.91
CA ASN F 688 -19.00 -2.32 32.22
C ASN F 688 -17.53 -2.66 32.43
N ILE F 689 -16.67 -2.18 31.54
CA ILE F 689 -15.22 -2.33 31.69
C ILE F 689 -14.75 -1.61 32.96
N LEU F 690 -15.32 -0.44 33.24
CA LEU F 690 -14.98 0.28 34.45
C LEU F 690 -15.48 -0.42 35.70
N LEU F 691 -16.63 -1.11 35.64
CA LEU F 691 -17.04 -1.92 36.78
C LEU F 691 -16.16 -3.14 36.96
N GLN F 692 -15.63 -3.68 35.86
CA GLN F 692 -14.65 -4.76 35.96
C GLN F 692 -13.36 -4.27 36.63
N VAL F 693 -12.96 -3.04 36.34
CA VAL F 693 -11.79 -2.45 36.99
C VAL F 693 -12.09 -2.17 38.47
N LEU F 694 -13.25 -1.60 38.77
CA LEU F 694 -13.63 -1.27 40.14
C LEU F 694 -13.92 -2.49 40.99
N ASP F 695 -14.20 -3.64 40.40
CA ASP F 695 -14.45 -4.85 41.17
C ASP F 695 -13.22 -5.74 41.27
N ASP F 696 -12.54 -6.01 40.16
CA ASP F 696 -11.42 -6.94 40.16
C ASP F 696 -10.12 -6.37 39.65
N GLY F 697 -10.16 -5.29 38.88
CA GLY F 697 -8.94 -4.67 38.38
C GLY F 697 -8.38 -5.26 37.11
N ARG F 698 -8.19 -6.58 37.09
CA ARG F 698 -7.68 -7.25 35.91
C ARG F 698 -8.69 -7.18 34.77
N LEU F 699 -8.18 -7.14 33.55
CA LEU F 699 -9.00 -6.75 32.42
C LEU F 699 -8.55 -7.50 31.17
N THR F 700 -9.51 -8.10 30.46
CA THR F 700 -9.25 -8.79 29.21
C THR F 700 -9.89 -7.99 28.09
N ASP F 701 -9.07 -7.57 27.12
CA ASP F 701 -9.53 -6.76 26.01
C ASP F 701 -10.15 -7.65 24.94
N GLY F 702 -10.45 -7.07 23.76
CA GLY F 702 -11.09 -7.81 22.70
C GLY F 702 -10.20 -8.82 22.01
N GLN F 703 -8.88 -8.75 22.22
CA GLN F 703 -7.96 -9.68 21.59
C GLN F 703 -7.79 -10.97 22.37
N GLY F 704 -8.08 -10.98 23.66
CA GLY F 704 -7.95 -12.18 24.44
C GLY F 704 -6.65 -12.27 25.22
N ARG F 705 -6.22 -11.15 25.78
CA ARG F 705 -5.07 -11.10 26.66
C ARG F 705 -5.43 -10.34 27.92
N THR F 706 -4.89 -10.79 29.05
CA THR F 706 -5.24 -10.24 30.35
C THR F 706 -4.26 -9.15 30.73
N VAL F 707 -4.80 -7.96 31.00
CA VAL F 707 -4.01 -6.81 31.45
C VAL F 707 -4.52 -6.40 32.82
N ASP F 708 -3.63 -6.46 33.81
CA ASP F 708 -4.00 -6.24 35.21
C ASP F 708 -3.78 -4.78 35.58
N PHE F 709 -4.66 -4.27 36.45
CA PHE F 709 -4.60 -2.88 36.90
C PHE F 709 -4.32 -2.75 38.39
N ARG F 710 -3.98 -3.85 39.08
CA ARG F 710 -3.78 -3.81 40.51
C ARG F 710 -2.49 -3.08 40.92
N ASN F 711 -1.59 -2.83 39.98
CA ASN F 711 -0.43 -1.98 40.23
C ASN F 711 -0.54 -0.62 39.54
N THR F 712 -1.71 -0.29 38.98
CA THR F 712 -1.91 1.01 38.37
C THR F 712 -2.88 1.85 39.19
N VAL F 713 -2.93 3.13 38.87
CA VAL F 713 -3.74 4.11 39.60
C VAL F 713 -4.72 4.72 38.60
N VAL F 714 -5.97 4.28 38.65
CA VAL F 714 -7.00 4.70 37.69
C VAL F 714 -7.67 5.97 38.21
N ILE F 715 -7.66 7.03 37.39
CA ILE F 715 -8.13 8.35 37.80
C ILE F 715 -9.08 8.90 36.74
N MET F 716 -10.24 9.37 37.19
CA MET F 716 -11.26 10.00 36.34
C MET F 716 -11.55 11.41 36.84
N THR F 717 -11.82 12.32 35.90
CA THR F 717 -12.14 13.70 36.24
C THR F 717 -13.45 14.11 35.59
N SER F 718 -14.23 14.93 36.30
CA SER F 718 -15.49 15.47 35.78
C SER F 718 -15.59 16.94 36.16
N ASN F 719 -16.49 17.64 35.48
CA ASN F 719 -16.64 19.08 35.69
C ASN F 719 -18.11 19.51 35.67
N LEU F 720 -19.03 18.63 36.05
CA LEU F 720 -20.45 18.96 35.96
C LEU F 720 -20.90 19.82 37.14
N GLY F 721 -20.48 19.45 38.35
CA GLY F 721 -20.90 20.18 39.53
C GLY F 721 -19.93 21.26 39.95
N SER F 722 -19.04 21.63 39.02
CA SER F 722 -18.02 22.63 39.30
C SER F 722 -18.56 24.04 39.31
N ASP F 723 -19.78 24.26 38.79
CA ASP F 723 -20.37 25.58 38.77
C ASP F 723 -20.72 26.04 40.18
N LEU F 724 -21.25 25.14 41.02
CA LEU F 724 -21.50 25.47 42.41
C LEU F 724 -20.20 25.69 43.17
N ILE F 725 -19.14 24.98 42.79
CA ILE F 725 -17.85 25.13 43.46
C ILE F 725 -17.25 26.49 43.15
N GLN F 726 -17.32 26.93 41.88
CA GLN F 726 -16.91 28.29 41.56
C GLN F 726 -17.89 29.33 42.09
N GLU F 727 -19.14 28.94 42.37
CA GLU F 727 -20.16 29.90 42.78
C GLU F 727 -20.04 30.23 44.26
N ARG F 728 -20.19 29.23 45.13
CA ARG F 728 -20.38 29.47 46.56
C ARG F 728 -19.45 28.59 47.40
N PHE F 729 -18.17 28.52 47.03
CA PHE F 729 -17.22 27.91 47.97
C PHE F 729 -16.96 28.84 49.15
N GLY F 730 -16.95 30.15 48.89
CA GLY F 730 -16.84 31.11 49.97
C GLY F 730 -18.04 31.07 50.88
N GLU F 731 -17.80 31.44 52.14
CA GLU F 731 -18.73 31.40 53.29
C GLU F 731 -19.50 30.08 53.42
N LEU F 732 -18.91 28.97 52.99
CA LEU F 732 -19.47 27.64 53.20
C LEU F 732 -18.37 26.70 53.66
N ASP F 733 -18.79 25.50 54.08
CA ASP F 733 -17.87 24.48 54.56
C ASP F 733 -17.46 23.56 53.41
N TYR F 734 -16.81 22.44 53.75
CA TYR F 734 -16.37 21.44 52.78
C TYR F 734 -17.20 20.17 52.80
N ALA F 735 -17.67 19.74 53.98
CA ALA F 735 -18.40 18.49 54.09
C ALA F 735 -19.79 18.59 53.50
N HIS F 736 -20.51 19.67 53.80
CA HIS F 736 -21.84 19.87 53.22
C HIS F 736 -21.77 20.15 51.73
N MET F 737 -20.70 20.81 51.29
CA MET F 737 -20.46 20.99 49.86
C MET F 737 -20.24 19.65 49.16
N LYS F 738 -19.45 18.76 49.77
CA LYS F 738 -19.22 17.44 49.19
C LYS F 738 -20.49 16.60 49.21
N GLU F 739 -21.31 16.74 50.25
CA GLU F 739 -22.57 16.01 50.31
C GLU F 739 -23.56 16.49 49.25
N LEU F 740 -23.65 17.81 49.07
CA LEU F 740 -24.57 18.36 48.07
C LEU F 740 -24.11 18.04 46.66
N VAL F 741 -22.79 18.07 46.41
CA VAL F 741 -22.33 17.73 45.07
C VAL F 741 -22.37 16.21 44.84
N LEU F 742 -22.33 15.39 45.90
CA LEU F 742 -22.58 13.97 45.73
C LEU F 742 -24.05 13.72 45.42
N GLY F 743 -24.93 14.55 45.97
CA GLY F 743 -26.32 14.52 45.55
C GLY F 743 -26.49 14.89 44.08
N VAL F 744 -25.73 15.87 43.61
CA VAL F 744 -25.76 16.25 42.18
C VAL F 744 -25.21 15.11 41.32
N VAL F 745 -24.18 14.40 41.81
CA VAL F 745 -23.68 13.20 41.13
C VAL F 745 -24.76 12.13 41.07
N SER F 746 -25.52 11.96 42.16
CA SER F 746 -26.64 11.02 42.17
C SER F 746 -27.76 11.46 41.24
N HIS F 747 -27.87 12.77 40.98
CA HIS F 747 -28.77 13.22 39.92
C HIS F 747 -28.25 12.82 38.55
N ASN F 748 -26.94 12.97 38.32
CA ASN F 748 -26.39 12.79 36.98
C ASN F 748 -25.85 11.37 36.73
N PHE F 749 -25.09 10.81 37.66
CA PHE F 749 -24.42 9.54 37.44
C PHE F 749 -25.17 8.41 38.14
N ARG F 750 -24.58 7.22 38.12
CA ARG F 750 -25.14 6.03 38.76
C ARG F 750 -24.76 6.00 40.23
N PRO F 751 -25.71 5.81 41.14
CA PRO F 751 -25.35 5.67 42.56
C PRO F 751 -24.61 4.39 42.87
N GLU F 752 -24.75 3.36 42.05
CA GLU F 752 -24.04 2.10 42.27
C GLU F 752 -22.63 2.14 41.69
N PHE F 753 -22.42 2.90 40.62
CA PHE F 753 -21.10 3.01 40.03
C PHE F 753 -20.17 3.86 40.90
N ILE F 754 -20.74 4.81 41.66
CA ILE F 754 -19.94 5.65 42.55
C ILE F 754 -19.73 5.03 43.92
N ASN F 755 -20.19 3.79 44.12
CA ASN F 755 -19.95 3.13 45.40
C ASN F 755 -18.52 2.62 45.50
N ARG F 756 -18.00 2.04 44.41
CA ARG F 756 -16.66 1.49 44.40
C ARG F 756 -15.58 2.55 44.25
N ILE F 757 -15.96 3.79 43.95
CA ILE F 757 -15.03 4.91 43.97
C ILE F 757 -14.61 5.18 45.41
N ASP F 758 -13.32 5.42 45.62
CA ASP F 758 -12.79 5.60 46.97
C ASP F 758 -13.30 6.90 47.58
N GLU F 759 -13.03 8.04 46.92
CA GLU F 759 -13.55 9.31 47.39
C GLU F 759 -13.62 10.28 46.22
N VAL F 760 -14.78 10.92 46.06
CA VAL F 760 -14.98 11.96 45.06
C VAL F 760 -14.73 13.30 45.73
N VAL F 761 -13.81 14.08 45.17
CA VAL F 761 -13.25 15.23 45.85
C VAL F 761 -13.86 16.51 45.30
N VAL F 762 -13.75 17.59 46.09
CA VAL F 762 -14.22 18.91 45.72
C VAL F 762 -13.01 19.83 45.66
N PHE F 763 -12.70 20.31 44.46
CA PHE F 763 -11.55 21.17 44.22
C PHE F 763 -12.00 22.61 44.04
N HIS F 764 -11.71 23.46 45.01
CA HIS F 764 -12.12 24.85 44.96
C HIS F 764 -11.11 25.72 44.21
N PRO F 765 -12.14 30.74 47.83
CA PRO F 765 -11.04 29.79 47.62
C PRO F 765 -9.68 30.42 47.91
N LEU F 766 -8.72 30.12 47.05
CA LEU F 766 -7.39 30.69 47.20
C LEU F 766 -7.38 32.15 46.75
N GLY F 767 -6.99 33.04 47.65
CA GLY F 767 -7.05 34.48 47.37
C GLY F 767 -5.68 35.15 47.35
N GLU F 768 -4.92 35.09 48.45
CA GLU F 768 -3.68 35.84 48.55
C GLU F 768 -2.46 34.95 48.73
N GLN F 769 -2.42 34.13 49.78
CA GLN F 769 -1.19 33.44 50.12
C GLN F 769 -0.93 32.24 49.22
N HIS F 770 -1.98 31.56 48.75
CA HIS F 770 -1.77 30.44 47.85
C HIS F 770 -1.42 30.93 46.45
N ILE F 771 -2.00 32.07 46.04
CA ILE F 771 -1.59 32.73 44.81
C ILE F 771 -0.14 33.17 44.89
N ALA F 772 0.27 33.68 46.05
CA ALA F 772 1.66 34.05 46.27
C ALA F 772 2.57 32.84 46.18
N SER F 773 2.13 31.70 46.70
CA SER F 773 2.94 30.48 46.65
C SER F 773 3.08 29.95 45.22
N ILE F 774 1.98 29.93 44.45
CA ILE F 774 2.08 29.36 43.11
C ILE F 774 2.80 30.32 42.16
N ALA F 775 2.64 31.64 42.35
CA ALA F 775 3.44 32.60 41.62
C ALA F 775 4.90 32.51 42.02
N GLN F 776 5.18 32.15 43.28
CA GLN F 776 6.55 31.93 43.69
C GLN F 776 7.13 30.67 43.04
N ILE F 777 6.29 29.65 42.79
CA ILE F 777 6.75 28.46 42.07
C ILE F 777 7.14 28.80 40.64
N GLN F 778 6.27 29.53 39.95
CA GLN F 778 6.57 29.93 38.58
C GLN F 778 7.77 30.86 38.51
N LEU F 779 7.90 31.74 39.51
CA LEU F 779 9.08 32.57 39.60
C LEU F 779 10.32 31.75 39.93
N LYS F 780 10.18 30.63 40.62
CA LYS F 780 11.34 29.77 40.89
C LYS F 780 11.87 29.13 39.62
N ARG F 781 10.98 28.68 38.74
CA ARG F 781 11.51 28.11 37.50
C ARG F 781 12.06 29.21 36.58
N LEU F 782 11.49 30.42 36.64
CA LEU F 782 12.08 31.55 35.93
C LEU F 782 13.45 31.92 36.48
N TYR F 783 13.60 31.85 37.81
CA TYR F 783 14.88 32.12 38.45
C TYR F 783 15.91 31.07 38.10
N LYS F 784 15.46 29.82 37.92
CA LYS F 784 16.36 28.76 37.50
C LYS F 784 16.89 29.04 36.10
N ARG F 785 16.01 29.47 35.19
CA ARG F 785 16.48 29.77 33.83
C ARG F 785 17.39 30.99 33.80
N LEU F 786 17.08 32.01 34.61
CA LEU F 786 17.92 33.21 34.62
C LEU F 786 19.24 32.98 35.33
N GLU F 787 19.27 32.09 36.32
CA GLU F 787 20.52 31.78 37.00
C GLU F 787 21.39 30.87 36.14
N GLU F 788 20.78 30.02 35.31
CA GLU F 788 21.56 29.35 34.28
C GLU F 788 22.08 30.34 33.25
N ARG F 789 21.34 31.43 33.00
CA ARG F 789 21.92 32.52 32.21
C ARG F 789 22.99 33.26 33.00
N GLY F 790 22.82 33.40 34.31
CA GLY F 790 23.82 34.06 35.12
C GLY F 790 23.31 35.30 35.81
N TYR F 791 22.01 35.35 36.08
CA TYR F 791 21.39 36.50 36.72
C TYR F 791 20.82 36.10 38.07
N GLU F 792 20.58 37.10 38.90
CA GLU F 792 20.04 36.90 40.25
C GLU F 792 18.89 37.89 40.44
N ILE F 793 17.66 37.41 40.38
CA ILE F 793 16.48 38.25 40.52
C ILE F 793 15.72 37.82 41.76
N HIS F 794 15.42 38.78 42.63
CA HIS F 794 14.51 38.59 43.75
C HIS F 794 13.29 39.47 43.54
N ILE F 795 12.13 38.89 43.65
CA ILE F 795 10.90 39.66 43.52
C ILE F 795 10.67 40.42 44.82
N SER F 796 10.19 41.65 44.71
CA SER F 796 9.76 42.40 45.87
C SER F 796 8.33 42.01 46.21
N ASP F 797 7.95 42.29 47.47
CA ASP F 797 6.61 41.95 47.91
C ASP F 797 5.55 42.83 47.24
N GLU F 798 5.89 44.09 46.96
CA GLU F 798 4.92 44.98 46.32
C GLU F 798 4.70 44.59 44.86
N ALA F 799 5.76 44.16 44.17
CA ALA F 799 5.59 43.68 42.81
C ALA F 799 4.81 42.38 42.75
N LEU F 800 4.97 41.53 43.76
CA LEU F 800 4.16 40.32 43.81
C LEU F 800 2.71 40.64 44.13
N LYS F 801 2.48 41.71 44.89
CA LYS F 801 1.10 42.17 45.11
C LYS F 801 0.49 42.73 43.82
N LEU F 802 1.29 43.45 43.02
CA LEU F 802 0.82 43.89 41.72
C LEU F 802 0.55 42.72 40.78
N LEU F 803 1.33 41.63 40.89
CA LEU F 803 1.01 40.44 40.12
C LEU F 803 -0.26 39.78 40.60
N SER F 804 -0.48 39.76 41.92
CA SER F 804 -1.66 39.15 42.47
C SER F 804 -2.92 39.94 42.13
N GLU F 805 -2.80 41.26 42.03
CA GLU F 805 -3.95 42.07 41.65
C GLU F 805 -4.17 42.04 40.15
N ASN F 806 -3.11 42.11 39.36
CA ASN F 806 -3.20 42.20 37.91
C ASN F 806 -3.35 40.84 37.25
N GLY F 807 -3.06 39.75 37.95
CA GLY F 807 -3.07 38.45 37.32
C GLY F 807 -4.21 37.54 37.75
N TYR F 808 -4.73 37.74 38.95
CA TYR F 808 -5.73 36.84 39.50
C TYR F 808 -7.13 37.40 39.33
N ASP F 809 -8.07 36.52 38.99
CA ASP F 809 -9.49 36.81 39.01
C ASP F 809 -10.24 35.59 39.52
N PRO F 810 -11.38 35.79 40.19
CA PRO F 810 -12.12 34.65 40.74
C PRO F 810 -12.84 33.82 39.69
N VAL F 811 -13.13 34.37 38.51
CA VAL F 811 -13.93 33.66 37.53
C VAL F 811 -13.13 32.60 36.79
N TYR F 812 -11.81 32.71 36.74
CA TYR F 812 -11.00 31.79 35.95
C TYR F 812 -10.09 30.93 36.82
N GLY F 813 -9.27 31.53 37.66
CA GLY F 813 -8.36 30.76 38.48
C GLY F 813 -6.93 31.21 38.38
N ALA F 814 -6.05 30.34 37.88
CA ALA F 814 -4.62 30.61 37.86
C ALA F 814 -4.02 30.72 36.47
N ARG F 815 -4.79 30.49 35.42
CA ARG F 815 -4.28 30.66 34.06
C ARG F 815 -4.08 32.13 33.66
N PRO F 816 -4.97 33.08 34.03
CA PRO F 816 -4.58 34.49 33.84
C PRO F 816 -3.38 34.90 34.63
N LEU F 817 -3.12 34.26 35.78
CA LEU F 817 -1.86 34.47 36.48
C LEU F 817 -0.68 34.02 35.63
N LYS F 818 -0.83 32.91 34.90
CA LYS F 818 0.26 32.40 34.08
C LYS F 818 0.58 33.34 32.92
N ARG F 819 -0.44 33.76 32.18
CA ARG F 819 -0.17 34.67 31.07
C ARG F 819 0.23 36.06 31.56
N ALA F 820 -0.21 36.45 32.76
CA ALA F 820 0.18 37.75 33.28
C ALA F 820 1.61 37.73 33.77
N ILE F 821 2.05 36.61 34.36
CA ILE F 821 3.45 36.42 34.69
C ILE F 821 4.30 36.51 33.44
N GLN F 822 3.88 35.78 32.38
CA GLN F 822 4.61 35.76 31.12
C GLN F 822 4.76 37.16 30.53
N GLN F 823 3.64 37.84 30.29
CA GLN F 823 3.66 39.19 29.75
C GLN F 823 4.37 40.17 30.67
N GLN F 824 3.77 40.47 31.84
CA GLN F 824 4.21 41.54 32.70
C GLN F 824 5.59 41.33 33.30
N ILE F 825 6.11 40.10 33.33
CA ILE F 825 7.47 39.95 33.81
C ILE F 825 8.38 39.80 32.60
N GLU F 826 8.20 38.72 31.83
CA GLU F 826 9.24 38.30 30.92
C GLU F 826 9.34 39.21 29.70
N ASN F 827 8.24 39.82 29.25
CA ASN F 827 8.40 40.62 28.04
C ASN F 827 9.14 41.94 28.25
N PRO F 828 8.90 42.75 29.30
CA PRO F 828 9.81 43.87 29.52
C PRO F 828 11.17 43.44 30.02
N LEU F 829 11.26 42.29 30.71
CA LEU F 829 12.57 41.87 31.20
C LEU F 829 13.45 41.41 30.06
N ALA F 830 12.91 40.65 29.11
CA ALA F 830 13.68 40.30 27.92
C ALA F 830 13.84 41.46 26.97
N GLN F 831 12.96 42.46 27.05
CA GLN F 831 13.22 43.73 26.38
C GLN F 831 14.45 44.40 26.95
N GLN F 832 14.66 44.29 28.26
CA GLN F 832 15.77 44.98 28.91
C GLN F 832 17.08 44.22 28.83
N ILE F 833 17.05 42.89 28.89
CA ILE F 833 18.28 42.09 28.91
C ILE F 833 19.00 42.19 27.57
N LEU F 834 18.27 42.10 26.47
CA LEU F 834 18.86 42.25 25.15
C LEU F 834 19.23 43.70 24.84
N SER F 835 18.79 44.65 25.65
CA SER F 835 19.10 46.05 25.41
C SER F 835 20.51 46.44 25.79
N GLY F 836 21.33 45.50 26.27
CA GLY F 836 22.64 45.84 26.78
C GLY F 836 22.59 46.63 28.06
N GLU F 837 21.52 46.48 28.82
CA GLU F 837 21.26 47.32 29.99
C GLU F 837 21.58 46.61 31.30
N LEU F 838 20.98 45.45 31.54
CA LEU F 838 21.13 44.79 32.83
C LEU F 838 22.43 43.98 32.83
N VAL F 839 23.40 44.46 33.59
CA VAL F 839 24.70 43.79 33.74
C VAL F 839 24.51 42.51 34.55
N PRO F 840 25.19 41.41 34.21
CA PRO F 840 25.18 40.24 35.08
C PRO F 840 25.81 40.51 36.44
N GLY F 841 25.40 39.72 37.42
CA GLY F 841 26.06 39.72 38.70
C GLY F 841 25.55 40.71 39.72
N LYS F 842 24.44 41.37 39.46
CA LYS F 842 23.87 42.31 40.41
C LYS F 842 22.51 41.82 40.88
N VAL F 843 22.13 42.24 42.08
CA VAL F 843 20.81 41.92 42.61
C VAL F 843 19.77 42.73 41.85
N ILE F 844 18.88 42.05 41.16
CA ILE F 844 17.88 42.70 40.32
C ILE F 844 16.56 42.64 41.09
N ARG F 845 16.27 43.69 41.83
CA ARG F 845 15.00 43.78 42.52
C ARG F 845 13.92 44.16 41.52
N LEU F 846 12.82 43.42 41.52
CA LEU F 846 11.67 43.80 40.70
C LEU F 846 10.87 44.83 41.48
N GLU F 847 11.10 46.10 41.16
CA GLU F 847 10.38 47.19 41.80
C GLU F 847 9.05 47.39 41.11
N VAL F 848 8.37 48.50 41.43
CA VAL F 848 7.10 48.82 40.78
C VAL F 848 7.20 50.19 40.12
N ASN F 849 6.46 50.32 39.03
CA ASN F 849 6.13 51.62 38.46
C ASN F 849 4.79 52.06 39.04
N GLU F 850 4.15 53.05 38.41
CA GLU F 850 2.81 53.44 38.82
C GLU F 850 1.81 52.30 38.63
N ASP F 851 1.88 51.63 37.47
CA ASP F 851 1.10 50.43 37.22
C ASP F 851 1.94 49.26 36.76
N ARG F 852 3.18 49.47 36.32
CA ARG F 852 4.00 48.43 35.75
C ARG F 852 4.96 47.87 36.79
N ILE F 853 5.78 46.91 36.35
CA ILE F 853 6.79 46.28 37.19
C ILE F 853 8.12 46.43 36.47
N VAL F 854 9.03 47.16 37.09
CA VAL F 854 10.30 47.50 36.45
C VAL F 854 11.43 46.75 37.17
N ALA F 855 12.47 46.42 36.42
CA ALA F 855 13.68 45.81 36.96
C ALA F 855 14.76 46.88 37.07
N VAL F 856 15.54 46.83 38.15
CA VAL F 856 16.53 47.86 38.42
C VAL F 856 17.89 47.22 38.63
N GLN F 857 18.92 48.04 38.47
CA GLN F 857 20.31 47.66 38.71
C GLN F 857 20.88 48.52 39.83
N HIS F 858 21.57 47.88 40.76
CA HIS F 858 22.23 48.60 41.84
C HIS F 858 23.58 48.00 42.15
N UNK G 1 48.91 -18.16 -3.07
CA UNK G 1 48.12 -16.96 -2.87
C UNK G 1 46.90 -16.97 -3.77
N UNK G 2 45.72 -17.08 -3.18
CA UNK G 2 44.48 -17.09 -3.93
C UNK G 2 43.76 -15.76 -3.76
N UNK G 3 42.88 -15.47 -4.72
CA UNK G 3 42.29 -14.15 -4.85
C UNK G 3 40.86 -14.12 -4.33
N UNK G 4 40.49 -12.99 -3.76
CA UNK G 4 39.15 -12.79 -3.20
C UNK G 4 38.25 -12.28 -4.31
N UNK G 5 37.34 -13.13 -4.77
CA UNK G 5 36.40 -12.70 -5.79
C UNK G 5 35.31 -11.85 -5.16
N UNK G 6 34.55 -11.16 -6.01
CA UNK G 6 33.46 -10.29 -5.58
C UNK G 6 32.14 -10.85 -6.09
N UNK G 7 31.22 -11.12 -5.18
CA UNK G 7 29.95 -11.75 -5.53
C UNK G 7 28.92 -10.69 -5.91
N UNK G 8 27.66 -11.09 -6.10
CA UNK G 8 26.67 -10.24 -6.73
C UNK G 8 25.52 -9.83 -5.82
N UNK G 9 24.77 -10.78 -5.24
CA UNK G 9 23.90 -10.56 -4.08
C UNK G 9 22.74 -9.57 -4.21
N UNK G 10 21.63 -9.95 -4.88
CA UNK G 10 20.44 -9.11 -5.04
C UNK G 10 19.74 -8.76 -3.70
N UNK G 11 18.70 -7.93 -3.79
CA UNK G 11 17.90 -7.50 -2.63
C UNK G 11 16.53 -7.00 -3.08
N UNK G 12 15.64 -6.72 -2.11
CA UNK G 12 14.24 -6.38 -2.39
C UNK G 12 13.67 -5.45 -1.32
N UNK G 13 12.37 -5.12 -1.45
CA UNK G 13 11.69 -4.15 -0.57
C UNK G 13 10.22 -4.56 -0.40
N UNK G 14 9.38 -3.63 0.07
CA UNK G 14 7.98 -3.92 0.39
C UNK G 14 7.15 -2.65 0.33
N UNK G 15 5.85 -2.81 0.07
CA UNK G 15 4.95 -1.68 -0.18
C UNK G 15 3.57 -1.94 0.41
N UNK G 16 2.96 -0.91 1.00
CA UNK G 16 1.65 -1.02 1.61
C UNK G 16 0.60 -0.35 0.74
N UNK G 17 -0.67 -0.63 0.99
CA UNK G 17 -1.75 -0.21 0.09
C UNK G 17 -2.95 0.23 0.90
N UNK G 18 -3.28 1.53 0.86
CA UNK G 18 -4.39 2.04 1.65
C UNK G 18 -5.71 1.61 1.04
N UNK G 19 -6.78 1.65 1.84
CA UNK G 19 -8.07 1.11 1.43
C UNK G 19 -9.16 2.02 1.96
N UNK G 20 -9.57 2.99 1.13
CA UNK G 20 -10.49 4.03 1.53
C UNK G 20 -11.87 3.47 1.81
N UNK G 21 -12.65 4.20 2.59
CA UNK G 21 -13.95 3.72 3.04
C UNK G 21 -14.99 4.82 2.85
N UNK G 22 -15.97 4.57 2.00
CA UNK G 22 -17.01 5.57 1.76
C UNK G 22 -17.91 5.67 2.97
N UNK G 23 -18.30 6.90 3.30
CA UNK G 23 -18.93 7.16 4.59
C UNK G 23 -20.45 7.17 4.51
N UNK G 24 -21.02 6.92 3.35
CA UNK G 24 -22.47 7.03 3.18
C UNK G 24 -23.24 5.85 3.77
#